data_6E6I
#
_entry.id   6E6I
#
_cell.length_a   180.645
_cell.length_b   195.099
_cell.length_c   179.917
_cell.angle_alpha   90.000
_cell.angle_beta   90.000
_cell.angle_gamma   90.000
#
_symmetry.space_group_name_H-M   'C 2 2 21'
#
loop_
_entity.id
_entity.type
_entity.pdbx_description
1 polymer "2,2',3-trihydroxy-3'-methoxy-5,5'-dicarboxybiphenyl meta-cleavage compound hydrolase"
2 non-polymer 'ZINC ION'
3 non-polymer (1Z,3E)-5-carboxy-3-methyl-5-oxo-1-phenylpenta-1,3-dien-1-olate
4 water water
#
_entity_poly.entity_id   1
_entity_poly.type   'polypeptide(L)'
_entity_poly.pdbx_seq_one_letter_code
;MIIDCHGHVSAPVELWAYKASLLAHRGSHGRGGVKVTDEQIIAAAHHKETWPDGHIELLHNHGTDMQLISPRPFQMMNSA
KPARVVHWFCEEVNTLIHRQCTLIPEMFIPVAGLPQVAGEPIENVFAEMDRCVSMGFKGFLLNPDPYENGAEEAPPLGDR
YWYPLYEKLCELDLPAHIHATGSQSERSPYSLHFINEETIATYNLCTSSVFDDFPQLKVVVSHGGGAIPYQLGRFESQSR
RSKHLFSERMAKLYFDTVLYTEGALRLLIETVGPERCLFGSECPGVGSTIDPATGKQMDHIAPFIQKFDFLSDADKKLIF
EDNARKVFNLEV
;
_entity_poly.pdbx_strand_id   A,B,C,D,E,F,G,H,I
#
loop_
_chem_comp.id
_chem_comp.type
_chem_comp.name
_chem_comp.formula
HVS non-polymer (1Z,3E)-5-carboxy-3-methyl-5-oxo-1-phenylpenta-1,3-dien-1-olate 'C13 H11 O4 -1'
ZN non-polymer 'ZINC ION' 'Zn 2'
#
# COMPACT_ATOMS: atom_id res chain seq x y z
N MET A 1 40.74 -20.98 46.55
CA MET A 1 40.25 -19.89 47.45
C MET A 1 38.74 -19.98 47.61
N ILE A 2 38.18 -19.16 48.49
CA ILE A 2 36.75 -19.10 48.75
C ILE A 2 36.26 -17.72 48.36
N ILE A 3 35.39 -17.68 47.34
CA ILE A 3 34.78 -16.44 46.87
C ILE A 3 33.30 -16.47 47.25
N ASP A 4 32.85 -15.43 47.95
CA ASP A 4 31.45 -15.30 48.37
C ASP A 4 30.75 -14.39 47.36
N CYS A 5 29.80 -14.95 46.62
CA CYS A 5 29.16 -14.25 45.53
C CYS A 5 27.95 -13.43 45.96
N HIS A 6 27.54 -13.50 47.23
CA HIS A 6 26.36 -12.78 47.72
C HIS A 6 26.74 -12.06 49.01
N GLY A 7 27.27 -10.85 48.86
CA GLY A 7 27.48 -9.96 49.99
C GLY A 7 26.86 -8.61 49.70
N HIS A 8 26.61 -7.86 50.77
CA HIS A 8 26.03 -6.53 50.66
C HIS A 8 26.91 -5.51 51.39
N VAL A 9 26.96 -4.30 50.83
CA VAL A 9 27.93 -3.31 51.24
C VAL A 9 27.68 -2.89 52.69
N SER A 10 28.75 -2.84 53.48
CA SER A 10 28.72 -2.19 54.78
C SER A 10 29.22 -0.76 54.55
N ALA A 11 28.29 0.18 54.50
CA ALA A 11 28.61 1.53 54.08
C ALA A 11 28.53 2.50 55.26
N PRO A 12 29.19 3.65 55.16
CA PRO A 12 29.06 4.66 56.22
C PRO A 12 27.60 5.06 56.39
N VAL A 13 27.24 5.46 57.62
CA VAL A 13 25.86 5.83 57.90
C VAL A 13 25.42 7.03 57.07
N GLU A 14 26.37 7.83 56.56
CA GLU A 14 26.01 8.98 55.74
C GLU A 14 25.20 8.58 54.51
N LEU A 15 25.34 7.34 54.03
CA LEU A 15 24.59 6.91 52.85
C LEU A 15 23.10 6.79 53.15
N TRP A 16 22.77 6.19 54.29
CA TRP A 16 21.36 6.04 54.66
C TRP A 16 20.76 7.39 55.04
N ALA A 17 21.55 8.27 55.67
CA ALA A 17 21.09 9.63 55.90
C ALA A 17 20.82 10.35 54.58
N TYR A 18 21.66 10.09 53.56
CA TYR A 18 21.41 10.70 52.26
C TYR A 18 20.10 10.20 51.66
N LYS A 19 19.81 8.90 51.83
CA LYS A 19 18.50 8.39 51.43
C LYS A 19 17.37 9.15 52.14
N ALA A 20 17.48 9.28 53.46
CA ALA A 20 16.46 10.00 54.22
C ALA A 20 16.27 11.41 53.69
N SER A 21 17.37 12.11 53.42
CA SER A 21 17.27 13.48 52.92
C SER A 21 16.61 13.52 51.54
N LEU A 22 16.98 12.58 50.66
CA LEU A 22 16.35 12.52 49.34
C LEU A 22 14.84 12.36 49.47
N LEU A 23 14.39 11.50 50.39
CA LEU A 23 12.95 11.36 50.60
C LEU A 23 12.37 12.61 51.24
N ALA A 24 13.16 13.34 52.02
CA ALA A 24 12.64 14.49 52.75
C ALA A 24 12.37 15.66 51.81
N HIS A 25 13.29 15.96 50.90
CA HIS A 25 13.12 17.10 50.00
C HIS A 25 12.73 16.69 48.58
N ARG A 26 12.69 15.39 48.28
CA ARG A 26 12.16 14.88 47.01
C ARG A 26 12.78 15.57 45.80
N GLY A 27 14.05 15.97 45.91
CA GLY A 27 14.78 16.54 44.80
C GLY A 27 14.83 18.05 44.75
N SER A 28 14.12 18.75 45.63
CA SER A 28 14.11 20.21 45.58
C SER A 28 15.42 20.84 46.01
N HIS A 29 16.31 20.07 46.65
CA HIS A 29 17.66 20.53 46.95
C HIS A 29 18.66 20.20 45.86
N GLY A 30 18.23 19.53 44.79
CA GLY A 30 19.13 19.04 43.78
C GLY A 30 19.62 17.64 44.09
N ARG A 31 20.31 17.05 43.10
CA ARG A 31 20.84 15.70 43.28
C ARG A 31 21.74 15.62 44.51
N GLY A 32 22.56 16.64 44.72
CA GLY A 32 23.53 16.57 45.80
C GLY A 32 24.36 15.32 45.67
N GLY A 33 24.55 14.64 46.79
CA GLY A 33 25.30 13.40 46.77
C GLY A 33 25.89 13.09 48.12
N VAL A 34 26.26 11.83 48.29
CA VAL A 34 26.91 11.39 49.52
C VAL A 34 28.26 12.07 49.62
N LYS A 35 28.51 12.72 50.76
CA LYS A 35 29.80 13.36 51.04
C LYS A 35 30.47 12.52 52.12
N VAL A 36 31.47 11.74 51.72
CA VAL A 36 32.10 10.76 52.61
C VAL A 36 33.52 10.53 52.13
N THR A 37 34.47 10.55 53.07
CA THR A 37 35.88 10.41 52.73
C THR A 37 36.27 8.94 52.62
N ASP A 38 37.46 8.70 52.05
CA ASP A 38 37.97 7.34 51.94
C ASP A 38 38.08 6.68 53.30
N GLU A 39 38.59 7.40 54.29
CA GLU A 39 38.80 6.80 55.61
C GLU A 39 37.48 6.35 56.21
N GLN A 40 36.39 7.07 55.96
CA GLN A 40 35.08 6.65 56.45
C GLN A 40 34.60 5.38 55.74
N ILE A 41 34.82 5.30 54.43
CA ILE A 41 34.44 4.09 53.69
C ILE A 41 35.20 2.89 54.21
N ILE A 42 36.48 3.07 54.52
CA ILE A 42 37.28 1.97 55.07
C ILE A 42 36.77 1.59 56.46
N ALA A 43 36.64 2.57 57.35
CA ALA A 43 36.19 2.30 58.71
C ALA A 43 34.86 1.58 58.73
N ALA A 44 33.96 1.87 57.78
CA ALA A 44 32.66 1.21 57.78
C ALA A 44 32.77 -0.29 57.56
N ALA A 45 33.78 -0.73 56.80
CA ALA A 45 33.98 -2.16 56.55
C ALA A 45 34.56 -2.89 57.74
N HIS A 46 34.92 -2.18 58.82
CA HIS A 46 35.41 -2.80 60.05
C HIS A 46 34.53 -2.54 61.25
N HIS A 47 33.65 -1.55 61.20
CA HIS A 47 32.80 -1.23 62.34
C HIS A 47 31.88 -2.39 62.67
N LYS A 48 31.71 -2.67 63.96
CA LYS A 48 30.95 -3.84 64.38
C LYS A 48 29.48 -3.74 63.98
N GLU A 49 28.92 -2.53 63.98
CA GLU A 49 27.50 -2.34 63.65
C GLU A 49 26.69 -3.22 64.60
N THR A 50 25.68 -3.94 64.11
CA THR A 50 24.95 -4.90 64.95
C THR A 50 25.51 -6.31 64.84
N TRP A 51 26.59 -6.50 64.10
CA TRP A 51 27.16 -7.83 63.96
C TRP A 51 28.12 -8.12 65.09
N PRO A 52 28.48 -9.39 65.30
CA PRO A 52 29.47 -9.70 66.35
C PRO A 52 30.82 -9.05 66.11
N ASP A 53 31.23 -8.90 64.87
CA ASP A 53 32.49 -8.25 64.54
C ASP A 53 32.30 -7.51 63.21
N GLY A 54 33.37 -6.86 62.75
CA GLY A 54 33.29 -6.13 61.51
C GLY A 54 33.13 -7.04 60.30
N HIS A 55 32.68 -6.42 59.21
CA HIS A 55 32.48 -7.15 57.96
C HIS A 55 33.74 -7.93 57.57
N ILE A 56 34.86 -7.21 57.43
CA ILE A 56 36.11 -7.83 57.00
C ILE A 56 36.59 -8.86 58.02
N GLU A 57 36.47 -8.53 59.31
CA GLU A 57 36.91 -9.46 60.34
C GLU A 57 36.11 -10.74 60.31
N LEU A 58 34.81 -10.64 60.05
CA LEU A 58 33.99 -11.84 59.93
C LEU A 58 34.41 -12.68 58.73
N LEU A 59 34.59 -12.02 57.57
CA LEU A 59 35.01 -12.77 56.39
C LEU A 59 36.36 -13.45 56.63
N HIS A 60 37.25 -12.81 57.37
CA HIS A 60 38.53 -13.43 57.72
C HIS A 60 38.30 -14.66 58.60
N ASN A 61 37.52 -14.50 59.67
CA ASN A 61 37.24 -15.62 60.56
C ASN A 61 36.68 -16.81 59.79
N HIS A 62 35.74 -16.56 58.89
CA HIS A 62 35.10 -17.64 58.15
C HIS A 62 35.96 -18.21 57.02
N GLY A 63 37.12 -17.62 56.76
CA GLY A 63 37.98 -18.11 55.71
C GLY A 63 37.61 -17.67 54.31
N THR A 64 36.71 -16.71 54.17
CA THR A 64 36.38 -16.16 52.86
C THR A 64 37.49 -15.22 52.40
N ASP A 65 38.00 -15.44 51.19
CA ASP A 65 39.09 -14.64 50.65
C ASP A 65 38.61 -13.40 49.92
N MET A 66 37.49 -13.50 49.19
CA MET A 66 36.95 -12.35 48.48
C MET A 66 35.43 -12.45 48.42
N GLN A 67 34.76 -11.30 48.47
CA GLN A 67 33.32 -11.24 48.43
C GLN A 67 32.86 -10.23 47.39
N LEU A 68 31.83 -10.59 46.63
CA LEU A 68 31.18 -9.69 45.70
C LEU A 68 30.13 -8.91 46.48
N ILE A 69 30.33 -7.59 46.61
CA ILE A 69 29.42 -6.76 47.39
C ILE A 69 28.53 -5.95 46.45
N SER A 70 27.25 -5.96 46.75
CA SER A 70 26.21 -5.27 46.01
C SER A 70 25.45 -4.41 47.01
N PRO A 71 24.51 -3.59 46.56
CA PRO A 71 23.73 -2.77 47.52
C PRO A 71 22.92 -3.63 48.48
N ARG A 72 22.65 -3.08 49.66
CA ARG A 72 21.70 -3.74 50.55
C ARG A 72 20.34 -3.60 49.88
N PRO A 73 19.76 -4.65 49.31
CA PRO A 73 18.64 -4.44 48.39
C PRO A 73 17.35 -3.95 49.05
N PHE A 74 17.14 -4.17 50.35
CA PHE A 74 15.90 -3.70 50.97
C PHE A 74 15.87 -2.20 51.21
N GLN A 75 16.92 -1.48 50.82
CA GLN A 75 16.98 -0.03 50.95
C GLN A 75 16.74 0.70 49.63
N MET A 76 16.61 -0.02 48.52
CA MET A 76 16.66 0.61 47.20
C MET A 76 15.32 1.18 46.73
N MET A 77 14.25 1.03 47.51
CA MET A 77 13.00 1.77 47.36
C MET A 77 12.60 1.95 45.89
N ASN A 78 12.50 0.83 45.18
CA ASN A 78 12.14 0.89 43.77
C ASN A 78 10.72 1.41 43.54
N SER A 79 9.86 1.40 44.56
CA SER A 79 8.49 1.85 44.44
C SER A 79 8.30 3.30 44.90
N ALA A 80 9.39 4.00 45.21
CA ALA A 80 9.26 5.33 45.77
C ALA A 80 9.10 6.38 44.67
N LYS A 81 8.49 7.49 45.03
CA LYS A 81 8.29 8.61 44.13
C LYS A 81 8.93 9.87 44.71
N PRO A 82 9.50 10.75 43.88
CA PRO A 82 9.59 10.67 42.42
C PRO A 82 10.72 9.76 41.93
N ALA A 83 10.63 9.35 40.66
CA ALA A 83 11.57 8.38 40.09
C ALA A 83 13.03 8.81 40.25
N ARG A 84 13.29 10.11 40.19
CA ARG A 84 14.67 10.56 40.17
C ARG A 84 15.38 10.24 41.47
N VAL A 85 14.66 10.11 42.58
CA VAL A 85 15.35 9.81 43.83
C VAL A 85 15.83 8.36 43.84
N VAL A 86 15.05 7.43 43.28
CA VAL A 86 15.55 6.05 43.23
C VAL A 86 16.73 5.97 42.27
N HIS A 87 16.67 6.68 41.14
CA HIS A 87 17.84 6.73 40.26
C HIS A 87 19.07 7.26 41.00
N TRP A 88 18.94 8.43 41.64
CA TRP A 88 20.08 9.06 42.28
C TRP A 88 20.65 8.17 43.38
N PHE A 89 19.77 7.55 44.18
CA PHE A 89 20.27 6.74 45.28
C PHE A 89 20.99 5.51 44.77
N CYS A 90 20.42 4.83 43.77
CA CYS A 90 21.11 3.69 43.17
C CYS A 90 22.48 4.10 42.66
N GLU A 91 22.55 5.23 41.95
CA GLU A 91 23.84 5.70 41.43
C GLU A 91 24.83 5.94 42.56
N GLU A 92 24.39 6.60 43.63
CA GLU A 92 25.29 6.90 44.73
C GLU A 92 25.79 5.62 45.38
N VAL A 93 24.90 4.66 45.61
CA VAL A 93 25.32 3.39 46.19
C VAL A 93 26.35 2.73 45.29
N ASN A 94 26.10 2.74 43.98
CA ASN A 94 27.05 2.11 43.05
C ASN A 94 28.41 2.77 43.13
N THR A 95 28.46 4.11 43.15
CA THR A 95 29.78 4.74 43.19
C THR A 95 30.47 4.48 44.52
N LEU A 96 29.70 4.45 45.62
CA LEU A 96 30.33 4.16 46.90
C LEU A 96 30.89 2.74 46.93
N ILE A 97 30.16 1.79 46.35
CA ILE A 97 30.67 0.43 46.25
C ILE A 97 31.96 0.41 45.43
N HIS A 98 31.96 1.12 44.30
CA HIS A 98 33.15 1.20 43.48
C HIS A 98 34.34 1.71 44.28
N ARG A 99 34.11 2.78 45.05
CA ARG A 99 35.19 3.35 45.86
C ARG A 99 35.68 2.36 46.90
N GLN A 100 34.76 1.65 47.57
CA GLN A 100 35.17 0.71 48.60
C GLN A 100 35.97 -0.44 48.01
N CYS A 101 35.56 -0.94 46.84
CA CYS A 101 36.31 -2.01 46.19
C CYS A 101 37.65 -1.51 45.67
N THR A 102 37.74 -0.24 45.28
CA THR A 102 39.01 0.33 44.87
C THR A 102 39.96 0.49 46.06
N LEU A 103 39.42 0.82 47.23
CA LEU A 103 40.22 1.03 48.43
C LEU A 103 40.60 -0.29 49.12
N ILE A 104 39.73 -1.29 49.05
CA ILE A 104 40.00 -2.59 49.66
C ILE A 104 39.92 -3.66 48.58
N PRO A 105 40.78 -3.59 47.56
CA PRO A 105 40.63 -4.52 46.42
C PRO A 105 40.97 -5.96 46.74
N GLU A 106 41.74 -6.23 47.79
CA GLU A 106 42.08 -7.61 48.11
C GLU A 106 40.90 -8.39 48.68
N MET A 107 39.79 -7.71 48.98
CA MET A 107 38.66 -8.32 49.66
C MET A 107 37.35 -8.22 48.90
N PHE A 108 37.09 -7.10 48.23
CA PHE A 108 35.76 -6.78 47.74
C PHE A 108 35.74 -6.60 46.23
N ILE A 109 34.68 -7.11 45.61
CA ILE A 109 34.50 -7.04 44.16
C ILE A 109 33.16 -6.37 43.88
N PRO A 110 33.08 -5.42 42.94
CA PRO A 110 31.87 -4.60 42.82
C PRO A 110 30.77 -5.27 42.00
N VAL A 111 29.55 -5.28 42.55
CA VAL A 111 28.35 -5.72 41.87
C VAL A 111 27.31 -4.60 42.01
N ALA A 112 26.70 -4.22 40.89
CA ALA A 112 25.89 -3.01 40.82
C ALA A 112 24.42 -3.30 41.06
N GLY A 113 23.73 -2.32 41.64
CA GLY A 113 22.30 -2.30 41.58
C GLY A 113 21.79 -1.62 40.32
N LEU A 114 20.57 -1.94 39.95
CA LEU A 114 19.92 -1.31 38.81
C LEU A 114 18.91 -0.28 39.30
N PRO A 115 18.87 0.92 38.72
CA PRO A 115 17.87 1.92 39.15
C PRO A 115 16.49 1.63 38.55
N GLN A 116 15.89 0.54 39.04
CA GLN A 116 14.59 0.09 38.55
C GLN A 116 13.49 0.89 39.23
N VAL A 117 12.78 1.70 38.45
CA VAL A 117 11.63 2.45 38.92
C VAL A 117 10.38 1.68 38.49
N ALA A 118 9.58 1.26 39.45
CA ALA A 118 8.33 0.58 39.15
C ALA A 118 7.58 1.31 38.04
N GLY A 119 7.38 0.63 36.92
CA GLY A 119 6.65 1.16 35.80
C GLY A 119 7.51 1.73 34.69
N GLU A 120 8.77 2.03 34.97
CA GLU A 120 9.61 2.56 33.91
C GLU A 120 10.06 1.44 32.97
N PRO A 121 10.25 1.74 31.69
CA PRO A 121 10.87 0.76 30.80
C PRO A 121 12.25 0.38 31.31
N ILE A 122 12.63 -0.88 31.09
CA ILE A 122 13.89 -1.36 31.65
C ILE A 122 15.08 -0.63 31.02
N GLU A 123 14.92 -0.16 29.78
CA GLU A 123 15.98 0.59 29.11
C GLU A 123 16.52 1.73 29.99
N ASN A 124 15.70 2.22 30.92
CA ASN A 124 16.10 3.35 31.76
C ASN A 124 17.22 2.99 32.74
N VAL A 125 17.62 1.72 32.84
CA VAL A 125 18.77 1.36 33.65
C VAL A 125 20.06 1.30 32.83
N PHE A 126 19.97 1.27 31.50
CA PHE A 126 21.14 1.01 30.68
C PHE A 126 22.24 2.02 30.95
N ALA A 127 21.88 3.31 30.98
CA ALA A 127 22.88 4.36 31.21
C ALA A 127 23.69 4.06 32.46
N GLU A 128 23.04 3.59 33.53
CA GLU A 128 23.78 3.27 34.74
C GLU A 128 24.63 2.02 34.54
N MET A 129 24.05 0.98 33.93
CA MET A 129 24.80 -0.23 33.64
C MET A 129 26.10 0.11 32.92
N ASP A 130 26.00 0.83 31.78
CA ASP A 130 27.18 1.26 31.06
C ASP A 130 28.20 1.87 32.01
N ARG A 131 27.77 2.84 32.82
CA ARG A 131 28.69 3.48 33.75
C ARG A 131 29.36 2.43 34.62
N CYS A 132 28.56 1.57 35.24
CA CYS A 132 29.11 0.53 36.11
C CYS A 132 30.04 -0.39 35.32
N VAL A 133 29.73 -0.66 34.05
CA VAL A 133 30.61 -1.53 33.27
C VAL A 133 31.98 -0.89 33.14
N SER A 134 32.03 0.43 32.97
CA SER A 134 33.32 1.11 32.84
C SER A 134 34.03 1.29 34.19
N MET A 135 33.31 1.13 35.30
CA MET A 135 33.91 1.16 36.62
C MET A 135 34.38 -0.22 37.07
N GLY A 136 34.30 -1.23 36.21
CA GLY A 136 34.77 -2.56 36.52
C GLY A 136 33.77 -3.48 37.18
N PHE A 137 32.50 -3.06 37.29
CA PHE A 137 31.50 -3.89 37.96
C PHE A 137 31.36 -5.22 37.23
N LYS A 138 31.01 -6.26 37.99
CA LYS A 138 31.04 -7.64 37.51
C LYS A 138 29.67 -8.29 37.46
N GLY A 139 28.61 -7.55 37.74
CA GLY A 139 27.27 -8.12 37.71
C GLY A 139 26.26 -7.06 38.11
N PHE A 140 24.98 -7.44 38.03
CA PHE A 140 23.89 -6.54 38.34
C PHE A 140 22.82 -7.28 39.12
N LEU A 141 22.35 -6.68 40.22
CA LEU A 141 21.18 -7.19 40.90
C LEU A 141 19.93 -6.87 40.09
N LEU A 142 19.10 -7.88 39.85
CA LEU A 142 17.89 -7.73 39.06
C LEU A 142 16.70 -7.97 39.97
N ASN A 143 15.83 -6.97 40.08
CA ASN A 143 14.68 -7.05 40.97
C ASN A 143 13.44 -7.38 40.14
N PRO A 144 12.81 -8.55 40.33
CA PRO A 144 11.60 -8.87 39.56
C PRO A 144 10.36 -8.14 40.04
N ASP A 145 10.42 -7.49 41.21
CA ASP A 145 9.25 -6.79 41.77
C ASP A 145 9.66 -5.38 42.18
N PRO A 146 9.94 -4.51 41.20
CA PRO A 146 10.23 -3.11 41.55
C PRO A 146 9.05 -2.41 42.23
N TYR A 147 7.84 -2.96 42.13
CA TYR A 147 6.70 -2.43 42.85
C TYR A 147 6.73 -2.76 44.34
N GLU A 148 7.63 -3.65 44.77
CA GLU A 148 7.85 -3.93 46.19
C GLU A 148 6.56 -4.34 46.90
N ASN A 149 5.95 -5.41 46.39
CA ASN A 149 4.75 -6.01 46.99
C ASN A 149 3.66 -4.95 47.17
N GLY A 150 3.37 -4.24 46.08
CA GLY A 150 2.37 -3.22 46.07
C GLY A 150 1.06 -3.70 45.48
N ALA A 151 0.21 -2.74 45.09
CA ALA A 151 -1.08 -3.05 44.49
C ALA A 151 -0.95 -3.52 43.06
N GLU A 152 0.14 -3.17 42.38
CA GLU A 152 0.45 -3.64 41.04
C GLU A 152 1.70 -4.52 41.08
N GLU A 153 1.97 -5.18 39.96
CA GLU A 153 3.18 -5.96 39.83
C GLU A 153 3.74 -5.76 38.43
N ALA A 154 5.02 -6.06 38.28
CA ALA A 154 5.70 -5.96 36.99
C ALA A 154 5.34 -7.16 36.14
N PRO A 155 5.65 -7.11 34.85
CA PRO A 155 5.47 -8.29 34.01
C PRO A 155 6.36 -9.43 34.50
N PRO A 156 5.94 -10.68 34.30
CA PRO A 156 6.83 -11.80 34.61
C PRO A 156 8.11 -11.71 33.79
N LEU A 157 9.13 -12.43 34.26
CA LEU A 157 10.44 -12.33 33.60
C LEU A 157 10.44 -12.87 32.18
N GLY A 158 9.45 -13.68 31.81
CA GLY A 158 9.34 -14.14 30.44
C GLY A 158 8.81 -13.11 29.46
N ASP A 159 8.23 -12.02 29.96
CA ASP A 159 7.64 -11.01 29.11
C ASP A 159 8.72 -10.20 28.40
N ARG A 160 8.42 -9.77 27.18
CA ARG A 160 9.39 -9.01 26.39
C ARG A 160 9.73 -7.67 27.01
N TYR A 161 8.97 -7.22 28.02
CA TYR A 161 9.38 -6.06 28.79
C TYR A 161 10.83 -6.15 29.21
N TRP A 162 11.28 -7.35 29.57
CA TRP A 162 12.65 -7.56 30.05
C TRP A 162 13.64 -7.88 28.94
N TYR A 163 13.16 -8.14 27.73
CA TYR A 163 14.04 -8.66 26.69
C TYR A 163 15.18 -7.70 26.33
N PRO A 164 14.97 -6.38 26.26
CA PRO A 164 16.13 -5.50 26.04
C PRO A 164 17.25 -5.73 27.03
N LEU A 165 16.92 -5.83 28.34
CA LEU A 165 17.95 -6.10 29.34
C LEU A 165 18.67 -7.41 29.06
N TYR A 166 17.90 -8.49 28.86
CA TYR A 166 18.51 -9.78 28.52
C TYR A 166 19.45 -9.62 27.34
N GLU A 167 19.10 -8.76 26.38
CA GLU A 167 19.99 -8.52 25.25
C GLU A 167 21.28 -7.86 25.73
N LYS A 168 21.16 -6.74 26.44
CA LYS A 168 22.34 -6.00 26.86
C LYS A 168 23.27 -6.88 27.70
N LEU A 169 22.71 -7.63 28.66
CA LEU A 169 23.53 -8.51 29.46
C LEU A 169 24.35 -9.45 28.59
N CYS A 170 23.72 -10.04 27.57
CA CYS A 170 24.45 -10.92 26.67
C CYS A 170 25.48 -10.14 25.87
N GLU A 171 25.15 -8.90 25.48
CA GLU A 171 26.15 -8.02 24.88
C GLU A 171 27.35 -7.88 25.79
N LEU A 172 27.11 -7.73 27.09
CA LEU A 172 28.19 -7.52 28.05
C LEU A 172 28.81 -8.81 28.55
N ASP A 173 28.12 -9.94 28.40
CA ASP A 173 28.53 -11.20 29.01
C ASP A 173 28.74 -11.01 30.51
N LEU A 174 27.77 -10.36 31.15
CA LEU A 174 27.73 -10.18 32.59
C LEU A 174 26.40 -10.67 33.14
N PRO A 175 26.38 -11.16 34.37
CA PRO A 175 25.19 -11.84 34.88
C PRO A 175 24.20 -10.92 35.58
N ALA A 176 22.95 -11.36 35.56
CA ALA A 176 21.92 -10.81 36.44
C ALA A 176 21.85 -11.67 37.70
N HIS A 177 21.74 -11.02 38.84
CA HIS A 177 21.68 -11.70 40.14
C HIS A 177 20.31 -11.38 40.73
N ILE A 178 19.38 -12.34 40.60
CA ILE A 178 18.00 -12.14 41.02
C ILE A 178 17.95 -11.80 42.49
N HIS A 179 17.37 -10.65 42.82
CA HIS A 179 17.24 -10.21 44.21
C HIS A 179 16.10 -9.23 44.29
N ALA A 180 15.09 -9.54 45.11
CA ALA A 180 14.02 -8.58 45.36
C ALA A 180 14.52 -7.50 46.31
N THR A 181 13.74 -6.43 46.44
CA THR A 181 14.13 -5.30 47.29
C THR A 181 13.23 -5.22 48.53
N GLY A 182 12.44 -4.16 48.66
CA GLY A 182 11.56 -4.02 49.80
C GLY A 182 10.21 -4.67 49.56
N SER A 183 9.41 -4.71 50.63
CA SER A 183 8.07 -5.28 50.59
C SER A 183 7.14 -4.39 51.40
N GLN A 184 6.06 -3.94 50.78
CA GLN A 184 5.08 -3.10 51.46
C GLN A 184 4.00 -3.91 52.18
N SER A 185 4.00 -5.23 52.05
CA SER A 185 2.97 -6.05 52.65
C SER A 185 3.10 -6.11 54.17
N GLU A 186 1.96 -6.08 54.86
CA GLU A 186 1.90 -6.31 56.30
C GLU A 186 1.83 -7.79 56.67
N ARG A 187 1.75 -8.68 55.67
CA ARG A 187 1.81 -10.13 55.89
C ARG A 187 3.19 -10.70 55.62
N SER A 188 3.81 -10.25 54.53
CA SER A 188 5.09 -10.81 54.07
C SER A 188 6.14 -9.71 54.11
N PRO A 189 6.98 -9.66 55.17
CA PRO A 189 8.05 -8.65 55.21
C PRO A 189 9.17 -8.94 54.20
N TYR A 190 10.17 -8.06 54.16
CA TYR A 190 11.14 -8.08 53.07
C TYR A 190 11.91 -9.41 53.03
N SER A 191 12.29 -9.96 54.18
CA SER A 191 13.12 -11.16 54.18
C SER A 191 12.40 -12.35 53.57
N LEU A 192 11.08 -12.44 53.80
CA LEU A 192 10.27 -13.52 53.23
C LEU A 192 9.88 -13.22 51.78
N HIS A 193 9.66 -11.94 51.48
CA HIS A 193 9.42 -11.55 50.09
C HIS A 193 10.61 -11.90 49.21
N PHE A 194 11.83 -11.85 49.75
CA PHE A 194 12.99 -12.33 49.01
C PHE A 194 12.72 -13.73 48.47
N ILE A 195 12.32 -14.64 49.35
CA ILE A 195 12.12 -16.03 48.98
C ILE A 195 11.00 -16.16 47.97
N ASN A 196 9.86 -15.50 48.25
CA ASN A 196 8.71 -15.63 47.35
C ASN A 196 9.04 -15.11 45.96
N GLU A 197 9.77 -14.00 45.88
CA GLU A 197 10.11 -13.43 44.58
C GLU A 197 11.17 -14.25 43.86
N GLU A 198 12.10 -14.86 44.58
CA GLU A 198 13.01 -15.80 43.94
C GLU A 198 12.23 -16.97 43.34
N THR A 199 11.25 -17.48 44.09
CA THR A 199 10.43 -18.56 43.56
C THR A 199 9.70 -18.12 42.29
N ILE A 200 9.09 -16.94 42.31
CA ILE A 200 8.33 -16.47 41.16
C ILE A 200 9.24 -16.23 39.97
N ALA A 201 10.38 -15.59 40.18
CA ALA A 201 11.30 -15.32 39.08
C ALA A 201 11.83 -16.61 38.46
N THR A 202 12.25 -17.56 39.31
CA THR A 202 12.71 -18.84 38.80
C THR A 202 11.63 -19.54 38.00
N TYR A 203 10.40 -19.57 38.53
CA TYR A 203 9.30 -20.17 37.79
C TYR A 203 9.08 -19.48 36.46
N ASN A 204 9.10 -18.14 36.43
CA ASN A 204 8.94 -17.42 35.19
C ASN A 204 10.01 -17.84 34.17
N LEU A 205 11.26 -17.90 34.63
CA LEU A 205 12.37 -18.19 33.72
C LEU A 205 12.34 -19.63 33.23
N CYS A 206 11.78 -20.55 34.03
CA CYS A 206 11.78 -21.96 33.68
C CYS A 206 10.49 -22.39 32.97
N THR A 207 9.59 -21.46 32.67
CA THR A 207 8.37 -21.78 31.95
C THR A 207 8.16 -20.85 30.75
N SER A 208 9.17 -20.09 30.35
CA SER A 208 9.09 -19.20 29.21
C SER A 208 10.21 -19.57 28.23
N SER A 209 10.35 -18.77 27.17
CA SER A 209 11.37 -19.02 26.15
C SER A 209 12.56 -18.06 26.28
N VAL A 210 12.82 -17.58 27.49
CA VAL A 210 13.96 -16.68 27.69
C VAL A 210 15.25 -17.34 27.21
N PHE A 211 15.50 -18.58 27.65
CA PHE A 211 16.76 -19.24 27.34
C PHE A 211 16.80 -19.79 25.93
N ASP A 212 15.65 -19.99 25.29
CA ASP A 212 15.68 -20.27 23.85
C ASP A 212 16.17 -19.05 23.08
N ASP A 213 15.70 -17.85 23.48
CA ASP A 213 16.04 -16.64 22.75
C ASP A 213 17.37 -16.06 23.21
N PHE A 214 17.76 -16.28 24.47
CA PHE A 214 19.01 -15.78 25.02
C PHE A 214 19.79 -16.95 25.62
N PRO A 215 20.39 -17.80 24.78
CA PRO A 215 21.03 -19.01 25.29
C PRO A 215 22.20 -18.74 26.24
N GLN A 216 22.96 -17.67 26.02
CA GLN A 216 24.14 -17.37 26.82
C GLN A 216 23.84 -16.43 27.98
N LEU A 217 22.58 -16.29 28.39
CA LEU A 217 22.24 -15.38 29.48
C LEU A 217 22.63 -16.00 30.81
N LYS A 218 23.36 -15.23 31.62
CA LYS A 218 23.86 -15.71 32.91
C LYS A 218 23.01 -15.14 34.03
N VAL A 219 22.34 -16.02 34.76
CA VAL A 219 21.40 -15.63 35.81
C VAL A 219 21.71 -16.44 37.07
N VAL A 220 21.87 -15.75 38.19
CA VAL A 220 22.12 -16.37 39.49
C VAL A 220 20.94 -16.04 40.39
N VAL A 221 20.22 -17.07 40.83
CA VAL A 221 19.07 -16.87 41.71
C VAL A 221 19.55 -16.92 43.16
N SER A 222 19.08 -15.97 43.97
CA SER A 222 19.57 -15.83 45.34
C SER A 222 18.92 -16.82 46.27
N HIS A 223 19.59 -17.07 47.41
CA HIS A 223 19.04 -17.87 48.50
C HIS A 223 18.62 -19.27 48.03
N GLY A 224 19.52 -19.92 47.30
CA GLY A 224 19.27 -21.28 46.87
C GLY A 224 18.00 -21.45 46.06
N GLY A 225 17.59 -20.43 45.33
CA GLY A 225 16.42 -20.54 44.49
C GLY A 225 15.09 -20.41 45.20
N GLY A 226 15.06 -19.78 46.37
CA GLY A 226 13.82 -19.61 47.10
C GLY A 226 13.22 -20.93 47.53
N ALA A 227 12.07 -21.28 46.97
CA ALA A 227 11.39 -22.53 47.32
C ALA A 227 11.57 -23.61 46.26
N ILE A 228 12.17 -23.28 45.11
CA ILE A 228 12.06 -24.16 43.94
C ILE A 228 12.73 -25.51 44.17
N PRO A 229 13.99 -25.61 44.59
CA PRO A 229 14.58 -26.94 44.80
C PRO A 229 13.78 -27.79 45.76
N TYR A 230 13.13 -27.18 46.74
CA TYR A 230 12.29 -27.91 47.68
C TYR A 230 10.95 -28.30 47.07
N GLN A 231 10.44 -27.49 46.14
CA GLN A 231 9.12 -27.69 45.54
C GLN A 231 9.21 -28.08 44.07
N LEU A 232 10.37 -28.56 43.62
CA LEU A 232 10.59 -28.80 42.20
C LEU A 232 9.62 -29.84 41.63
N GLY A 233 9.22 -30.82 42.44
CA GLY A 233 8.44 -31.93 41.90
C GLY A 233 7.16 -31.50 41.23
N ARG A 234 6.37 -30.65 41.92
CA ARG A 234 5.08 -30.24 41.37
C ARG A 234 5.26 -29.45 40.08
N PHE A 235 6.30 -28.62 40.01
CA PHE A 235 6.51 -27.79 38.83
C PHE A 235 6.99 -28.62 37.65
N GLU A 236 7.87 -29.59 37.89
CA GLU A 236 8.24 -30.53 36.85
C GLU A 236 7.01 -31.28 36.34
N SER A 237 6.21 -31.81 37.26
CA SER A 237 5.01 -32.55 36.88
C SER A 237 4.11 -31.70 35.99
N GLN A 238 3.84 -30.46 36.40
CA GLN A 238 2.97 -29.62 35.58
C GLN A 238 3.62 -29.26 34.26
N SER A 239 4.96 -29.15 34.22
CA SER A 239 5.63 -28.81 32.98
C SER A 239 5.57 -29.96 31.98
N ARG A 240 5.41 -31.19 32.44
CA ARG A 240 5.32 -32.32 31.50
C ARG A 240 4.30 -32.04 30.41
N ARG A 241 3.20 -31.34 30.74
CA ARG A 241 2.21 -31.01 29.73
C ARG A 241 2.76 -30.02 28.70
N SER A 242 3.73 -29.19 29.08
CA SER A 242 4.28 -28.21 28.16
C SER A 242 5.22 -28.88 27.17
N LYS A 243 5.87 -28.07 26.33
CA LYS A 243 6.82 -28.57 25.36
C LYS A 243 8.22 -28.74 25.92
N HIS A 244 8.55 -28.03 27.00
CA HIS A 244 9.83 -28.15 27.67
C HIS A 244 9.61 -28.48 29.15
N LEU A 245 10.45 -29.37 29.67
CA LEU A 245 10.39 -29.69 31.09
C LEU A 245 10.93 -28.52 31.92
N PHE A 246 10.39 -28.38 33.13
CA PHE A 246 10.89 -27.37 34.05
C PHE A 246 12.39 -27.52 34.26
N SER A 247 12.85 -28.76 34.46
CA SER A 247 14.27 -29.02 34.65
C SER A 247 15.09 -28.63 33.42
N GLU A 248 14.51 -28.79 32.22
CA GLU A 248 15.22 -28.43 31.00
C GLU A 248 15.71 -26.98 31.05
N ARG A 249 14.83 -26.05 31.42
CA ARG A 249 15.22 -24.65 31.52
C ARG A 249 15.97 -24.38 32.82
N MET A 250 15.62 -25.07 33.90
CA MET A 250 16.27 -24.83 35.18
C MET A 250 17.75 -25.17 35.12
N ALA A 251 18.15 -26.12 34.28
CA ALA A 251 19.55 -26.48 34.15
C ALA A 251 20.40 -25.33 33.61
N LYS A 252 19.78 -24.35 32.95
CA LYS A 252 20.53 -23.19 32.46
C LYS A 252 20.82 -22.18 33.57
N LEU A 253 20.21 -22.33 34.74
CA LEU A 253 20.30 -21.35 35.80
C LEU A 253 21.36 -21.69 36.82
N TYR A 254 21.95 -20.64 37.40
CA TYR A 254 22.84 -20.75 38.55
C TYR A 254 22.10 -20.34 39.81
N PHE A 255 22.54 -20.89 40.95
CA PHE A 255 21.97 -20.59 42.25
C PHE A 255 23.10 -20.34 43.24
N ASP A 256 22.91 -19.37 44.14
CA ASP A 256 23.85 -19.20 45.23
C ASP A 256 23.38 -20.02 46.43
N THR A 257 24.32 -20.24 47.37
CA THR A 257 24.10 -21.17 48.48
C THR A 257 23.75 -20.45 49.77
N VAL A 258 23.04 -19.33 49.71
CA VAL A 258 22.69 -18.60 50.93
C VAL A 258 21.55 -19.33 51.61
N LEU A 259 21.86 -20.47 52.21
CA LEU A 259 20.95 -21.23 53.05
C LEU A 259 21.66 -21.52 54.37
N TYR A 260 20.97 -21.31 55.49
CA TYR A 260 21.58 -21.40 56.80
C TYR A 260 21.23 -22.70 57.52
N THR A 261 20.92 -23.76 56.78
CA THR A 261 20.77 -25.10 57.35
C THR A 261 21.51 -26.10 56.47
N GLU A 262 22.19 -27.06 57.12
CA GLU A 262 22.93 -28.07 56.36
C GLU A 262 22.02 -28.85 55.42
N GLY A 263 20.80 -29.18 55.88
CA GLY A 263 19.89 -29.93 55.03
C GLY A 263 19.51 -29.18 53.76
N ALA A 264 19.26 -27.88 53.88
CA ALA A 264 18.89 -27.10 52.70
C ALA A 264 20.04 -27.05 51.69
N LEU A 265 21.27 -26.84 52.18
CA LEU A 265 22.42 -26.84 51.30
C LEU A 265 22.59 -28.18 50.61
N ARG A 266 22.42 -29.27 51.36
CA ARG A 266 22.48 -30.61 50.78
C ARG A 266 21.47 -30.75 49.65
N LEU A 267 20.22 -30.35 49.93
CA LEU A 267 19.16 -30.48 48.92
C LEU A 267 19.51 -29.67 47.68
N LEU A 268 19.92 -28.41 47.86
CA LEU A 268 20.24 -27.56 46.73
C LEU A 268 21.32 -28.19 45.86
N ILE A 269 22.43 -28.59 46.48
CA ILE A 269 23.55 -29.09 45.70
C ILE A 269 23.18 -30.39 45.01
N GLU A 270 22.46 -31.28 45.70
CA GLU A 270 22.05 -32.53 45.07
C GLU A 270 21.01 -32.32 44.00
N THR A 271 20.31 -31.18 44.01
CA THR A 271 19.23 -30.94 43.06
C THR A 271 19.72 -30.28 41.77
N VAL A 272 20.55 -29.24 41.89
CA VAL A 272 21.01 -28.52 40.69
C VAL A 272 22.43 -28.92 40.27
N GLY A 273 23.18 -29.59 41.13
CA GLY A 273 24.51 -30.04 40.78
C GLY A 273 25.58 -29.01 41.12
N PRO A 274 26.81 -29.48 41.38
CA PRO A 274 27.87 -28.52 41.72
C PRO A 274 28.26 -27.61 40.57
N GLU A 275 27.89 -27.95 39.32
CA GLU A 275 28.22 -27.09 38.20
C GLU A 275 27.39 -25.81 38.17
N ARG A 276 26.29 -25.75 38.94
CA ARG A 276 25.37 -24.60 38.90
C ARG A 276 25.18 -23.97 40.28
N CYS A 277 26.11 -24.20 41.21
CA CYS A 277 26.04 -23.63 42.54
C CYS A 277 27.25 -22.74 42.79
N LEU A 278 26.99 -21.50 43.22
CA LEU A 278 28.03 -20.55 43.58
C LEU A 278 27.94 -20.25 45.07
N PHE A 279 29.05 -20.42 45.78
CA PHE A 279 29.03 -20.19 47.23
C PHE A 279 28.61 -18.75 47.53
N GLY A 280 27.69 -18.60 48.46
CA GLY A 280 27.27 -17.29 48.92
C GLY A 280 26.73 -17.40 50.33
N SER A 281 26.87 -16.32 51.10
CA SER A 281 26.47 -16.36 52.51
C SER A 281 25.71 -15.13 52.99
N GLU A 282 25.83 -13.98 52.33
CA GLU A 282 25.24 -12.72 52.81
C GLU A 282 25.78 -12.35 54.18
N CYS A 283 27.03 -12.70 54.44
CA CYS A 283 27.69 -12.31 55.67
C CYS A 283 28.37 -10.97 55.49
N PRO A 284 28.13 -9.97 56.36
CA PRO A 284 27.22 -10.02 57.51
C PRO A 284 25.80 -9.67 57.11
N GLY A 285 24.81 -10.19 57.86
CA GLY A 285 23.43 -9.94 57.52
C GLY A 285 22.46 -10.75 58.34
N VAL A 286 21.37 -11.18 57.70
CA VAL A 286 20.30 -11.88 58.41
C VAL A 286 20.82 -13.11 59.15
N GLY A 287 21.86 -13.75 58.61
CA GLY A 287 22.41 -14.96 59.18
C GLY A 287 23.54 -14.75 60.16
N SER A 288 23.80 -13.52 60.57
CA SER A 288 24.92 -13.22 61.45
C SER A 288 24.50 -13.28 62.91
N THR A 289 23.99 -14.45 63.30
CA THR A 289 23.69 -14.74 64.69
C THR A 289 24.28 -16.10 65.06
N ILE A 290 24.46 -16.30 66.36
CA ILE A 290 25.14 -17.50 66.85
C ILE A 290 24.16 -18.65 66.92
N ASP A 291 24.50 -19.76 66.28
CA ASP A 291 23.81 -21.03 66.51
C ASP A 291 24.28 -21.58 67.84
N PRO A 292 23.45 -21.59 68.88
CA PRO A 292 23.94 -22.05 70.19
C PRO A 292 24.41 -23.48 70.18
N ALA A 293 23.80 -24.34 69.36
CA ALA A 293 24.21 -25.75 69.30
C ALA A 293 25.62 -25.92 68.76
N THR A 294 26.16 -24.90 68.09
CA THR A 294 27.49 -24.99 67.48
C THR A 294 28.45 -23.89 67.91
N GLY A 295 27.95 -22.80 68.50
CA GLY A 295 28.77 -21.65 68.78
C GLY A 295 29.24 -20.87 67.57
N LYS A 296 28.97 -21.37 66.37
CA LYS A 296 29.43 -20.72 65.15
C LYS A 296 28.29 -19.93 64.50
N GLN A 297 28.67 -18.85 63.83
CA GLN A 297 27.70 -18.00 63.17
C GLN A 297 26.93 -18.79 62.12
N MET A 298 25.63 -18.52 62.02
CA MET A 298 24.78 -19.33 61.15
C MET A 298 25.16 -19.17 59.68
N ASP A 299 25.72 -18.02 59.30
CA ASP A 299 26.13 -17.80 57.92
C ASP A 299 27.56 -18.23 57.65
N HIS A 300 28.20 -18.91 58.62
CA HIS A 300 29.49 -19.57 58.39
C HIS A 300 29.22 -20.99 57.87
N ILE A 301 28.74 -21.04 56.62
CA ILE A 301 28.22 -22.27 56.06
C ILE A 301 29.22 -22.99 55.17
N ALA A 302 30.36 -22.37 54.85
CA ALA A 302 31.36 -23.03 54.01
C ALA A 302 31.78 -24.40 54.55
N PRO A 303 31.94 -24.61 55.85
CA PRO A 303 32.36 -25.95 56.31
C PRO A 303 31.37 -27.04 55.98
N PHE A 304 30.06 -26.75 56.02
CA PHE A 304 29.08 -27.74 55.61
C PHE A 304 29.39 -28.26 54.20
N ILE A 305 29.63 -27.34 53.27
CA ILE A 305 29.95 -27.75 51.90
C ILE A 305 31.30 -28.46 51.86
N GLN A 306 32.26 -28.01 52.66
CA GLN A 306 33.57 -28.65 52.67
C GLN A 306 33.49 -30.08 53.18
N LYS A 307 32.55 -30.37 54.09
CA LYS A 307 32.44 -31.67 54.73
C LYS A 307 31.38 -32.56 54.10
N PHE A 308 30.88 -32.21 52.91
CA PHE A 308 29.89 -33.04 52.23
C PHE A 308 30.59 -34.22 51.58
N ASP A 309 30.24 -35.43 52.02
CA ASP A 309 30.88 -36.64 51.53
C ASP A 309 30.66 -36.86 50.04
N PHE A 310 29.54 -36.38 49.50
CA PHE A 310 29.13 -36.71 48.14
C PHE A 310 29.70 -35.76 47.08
N LEU A 311 30.68 -34.93 47.44
CA LEU A 311 31.26 -33.97 46.53
C LEU A 311 32.77 -34.20 46.44
N SER A 312 33.29 -34.24 45.22
CA SER A 312 34.73 -34.28 45.02
C SER A 312 35.35 -32.93 45.35
N ASP A 313 36.65 -32.95 45.63
CA ASP A 313 37.37 -31.69 45.82
C ASP A 313 37.23 -30.79 44.60
N ALA A 314 37.09 -31.38 43.41
CA ALA A 314 36.91 -30.57 42.20
C ALA A 314 35.52 -29.94 42.17
N ASP A 315 34.48 -30.68 42.59
CA ASP A 315 33.15 -30.08 42.70
C ASP A 315 33.15 -28.94 43.71
N LYS A 316 33.84 -29.13 44.83
CA LYS A 316 33.91 -28.08 45.84
C LYS A 316 34.66 -26.86 45.31
N LYS A 317 35.69 -27.08 44.49
CA LYS A 317 36.38 -25.95 43.87
C LYS A 317 35.47 -25.23 42.88
N LEU A 318 34.63 -25.96 42.16
CA LEU A 318 33.62 -25.31 41.32
C LEU A 318 32.72 -24.42 42.18
N ILE A 319 32.23 -24.96 43.29
CA ILE A 319 31.29 -24.22 44.12
C ILE A 319 31.95 -22.99 44.73
N PHE A 320 33.21 -23.10 45.11
CA PHE A 320 33.86 -22.08 45.93
C PHE A 320 34.58 -21.00 45.12
N GLU A 321 34.86 -21.22 43.83
CA GLU A 321 35.56 -20.20 43.08
C GLU A 321 35.34 -20.26 41.57
N ASP A 322 35.55 -21.43 40.95
CA ASP A 322 35.56 -21.49 39.49
C ASP A 322 34.23 -20.98 38.90
N ASN A 323 33.11 -21.40 39.49
CA ASN A 323 31.82 -20.98 38.96
C ASN A 323 31.65 -19.46 39.08
N ALA A 324 32.00 -18.89 40.22
CA ALA A 324 31.93 -17.44 40.36
C ALA A 324 32.90 -16.75 39.41
N ARG A 325 34.12 -17.29 39.29
CA ARG A 325 35.12 -16.67 38.43
C ARG A 325 34.66 -16.63 36.97
N LYS A 326 33.91 -17.65 36.54
CA LYS A 326 33.45 -17.68 35.15
C LYS A 326 32.16 -16.90 34.95
N VAL A 327 31.24 -16.92 35.94
CA VAL A 327 29.95 -16.27 35.78
C VAL A 327 30.08 -14.75 35.93
N PHE A 328 30.95 -14.30 36.82
CA PHE A 328 31.13 -12.88 37.10
C PHE A 328 32.39 -12.31 36.45
N ASN A 329 33.02 -13.06 35.55
CA ASN A 329 34.14 -12.55 34.76
C ASN A 329 35.23 -11.97 35.64
N LEU A 330 35.57 -12.71 36.70
CA LEU A 330 36.57 -12.24 37.65
C LEU A 330 37.98 -12.47 37.13
N GLU A 331 38.90 -11.63 37.60
CA GLU A 331 40.31 -11.80 37.28
C GLU A 331 40.95 -12.83 38.20
N VAL A 332 42.16 -13.24 37.84
CA VAL A 332 42.89 -14.22 38.63
C VAL A 332 44.36 -13.82 38.73
N MET B 1 9.93 -56.49 -3.37
CA MET B 1 8.86 -55.64 -3.95
C MET B 1 9.38 -54.26 -4.34
N ILE B 2 8.94 -53.76 -5.49
CA ILE B 2 9.40 -52.48 -6.03
C ILE B 2 8.20 -51.56 -6.16
N ILE B 3 8.22 -50.46 -5.43
CA ILE B 3 7.17 -49.43 -5.49
C ILE B 3 7.79 -48.18 -6.09
N ASP B 4 7.23 -47.73 -7.20
CA ASP B 4 7.67 -46.52 -7.90
C ASP B 4 6.80 -45.35 -7.43
N CYS B 5 7.43 -44.36 -6.80
CA CYS B 5 6.70 -43.29 -6.16
C CYS B 5 6.49 -42.07 -7.05
N HIS B 6 6.98 -42.09 -8.28
CA HIS B 6 6.86 -40.94 -9.19
C HIS B 6 6.41 -41.47 -10.55
N GLY B 7 5.09 -41.56 -10.72
CA GLY B 7 4.51 -41.83 -12.02
C GLY B 7 3.34 -40.89 -12.26
N HIS B 8 3.02 -40.70 -13.53
CA HIS B 8 1.93 -39.83 -13.92
C HIS B 8 0.89 -40.60 -14.72
N VAL B 9 -0.38 -40.20 -14.55
CA VAL B 9 -1.49 -40.93 -15.13
C VAL B 9 -1.38 -40.96 -16.64
N SER B 10 -1.61 -42.13 -17.22
CA SER B 10 -1.91 -42.27 -18.65
C SER B 10 -3.42 -42.23 -18.80
N ALA B 11 -3.94 -41.12 -19.30
CA ALA B 11 -5.38 -40.87 -19.27
C ALA B 11 -6.00 -41.01 -20.66
N PRO B 12 -7.32 -41.25 -20.72
CA PRO B 12 -8.00 -41.22 -22.03
C PRO B 12 -7.89 -39.84 -22.65
N VAL B 13 -7.87 -39.82 -23.98
CA VAL B 13 -7.74 -38.56 -24.71
C VAL B 13 -8.82 -37.57 -24.28
N GLU B 14 -10.01 -38.08 -23.95
CA GLU B 14 -11.11 -37.20 -23.58
C GLU B 14 -10.73 -36.26 -22.45
N LEU B 15 -9.79 -36.66 -21.59
CA LEU B 15 -9.36 -35.78 -20.51
C LEU B 15 -8.73 -34.51 -21.06
N TRP B 16 -7.73 -34.67 -21.94
CA TRP B 16 -7.03 -33.50 -22.44
C TRP B 16 -7.93 -32.64 -23.31
N ALA B 17 -8.77 -33.28 -24.14
CA ALA B 17 -9.81 -32.55 -24.84
C ALA B 17 -10.60 -31.69 -23.87
N TYR B 18 -10.98 -32.25 -22.72
CA TYR B 18 -11.77 -31.49 -21.76
C TYR B 18 -11.04 -30.21 -21.37
N LYS B 19 -9.73 -30.31 -21.13
CA LYS B 19 -8.95 -29.11 -20.84
C LYS B 19 -9.13 -28.09 -21.96
N ALA B 20 -8.89 -28.53 -23.20
CA ALA B 20 -9.07 -27.65 -24.34
C ALA B 20 -10.44 -26.99 -24.28
N SER B 21 -11.48 -27.80 -24.03
CA SER B 21 -12.82 -27.23 -24.01
C SER B 21 -12.94 -26.16 -22.94
N LEU B 22 -12.42 -26.43 -21.74
CA LEU B 22 -12.48 -25.45 -20.67
C LEU B 22 -11.81 -24.15 -21.10
N LEU B 23 -10.70 -24.25 -21.85
CA LEU B 23 -10.01 -23.04 -22.26
C LEU B 23 -10.77 -22.32 -23.36
N ALA B 24 -11.58 -23.06 -24.14
CA ALA B 24 -12.27 -22.45 -25.26
C ALA B 24 -13.44 -21.59 -24.79
N HIS B 25 -14.23 -22.09 -23.85
CA HIS B 25 -15.41 -21.38 -23.36
C HIS B 25 -15.22 -20.77 -21.97
N ARG B 26 -14.15 -21.13 -21.26
CA ARG B 26 -13.77 -20.46 -20.01
C ARG B 26 -14.92 -20.41 -19.01
N GLY B 27 -15.74 -21.46 -19.00
CA GLY B 27 -16.80 -21.60 -18.02
C GLY B 27 -18.19 -21.23 -18.50
N SER B 28 -18.34 -20.70 -19.72
CA SER B 28 -19.66 -20.29 -20.18
C SER B 28 -20.55 -21.48 -20.53
N HIS B 29 -19.99 -22.67 -20.69
CA HIS B 29 -20.78 -23.89 -20.85
C HIS B 29 -21.11 -24.57 -19.52
N GLY B 30 -20.60 -24.04 -18.41
CA GLY B 30 -20.70 -24.71 -17.13
C GLY B 30 -19.49 -25.59 -16.84
N ARG B 31 -19.44 -26.08 -15.60
N ARG B 31 -19.43 -26.09 -15.61
CA ARG B 31 -18.35 -26.97 -15.19
CA ARG B 31 -18.32 -26.96 -15.23
C ARG B 31 -18.24 -28.17 -16.12
C ARG B 31 -18.22 -28.17 -16.15
N GLY B 32 -19.36 -28.83 -16.40
CA GLY B 32 -19.33 -30.01 -17.23
C GLY B 32 -18.51 -31.09 -16.55
N GLY B 33 -17.75 -31.83 -17.35
CA GLY B 33 -16.94 -32.91 -16.83
C GLY B 33 -16.50 -33.84 -17.94
N VAL B 34 -15.52 -34.67 -17.60
CA VAL B 34 -15.00 -35.66 -18.54
C VAL B 34 -15.99 -36.82 -18.59
N LYS B 35 -16.42 -37.16 -19.80
CA LYS B 35 -17.29 -38.32 -20.02
C LYS B 35 -16.43 -39.46 -20.55
N VAL B 36 -16.10 -40.41 -19.67
CA VAL B 36 -15.32 -41.58 -20.06
C VAL B 36 -15.82 -42.78 -19.27
N THR B 37 -15.87 -43.93 -19.92
CA THR B 37 -16.26 -45.18 -19.27
C THR B 37 -15.06 -45.83 -18.59
N ASP B 38 -15.35 -46.81 -17.74
CA ASP B 38 -14.29 -47.61 -17.15
C ASP B 38 -13.42 -48.26 -18.21
N GLU B 39 -14.04 -48.71 -19.30
CA GLU B 39 -13.28 -49.36 -20.37
C GLU B 39 -12.24 -48.42 -20.95
N GLN B 40 -12.59 -47.15 -21.16
CA GLN B 40 -11.64 -46.20 -21.73
C GLN B 40 -10.52 -45.89 -20.75
N ILE B 41 -10.86 -45.72 -19.47
CA ILE B 41 -9.85 -45.49 -18.44
C ILE B 41 -8.86 -46.65 -18.42
N ILE B 42 -9.38 -47.89 -18.51
CA ILE B 42 -8.51 -49.05 -18.47
C ILE B 42 -7.64 -49.11 -19.72
N ALA B 43 -8.25 -48.95 -20.89
CA ALA B 43 -7.52 -49.01 -22.15
C ALA B 43 -6.38 -48.00 -22.17
N ALA B 44 -6.60 -46.82 -21.57
CA ALA B 44 -5.54 -45.80 -21.58
C ALA B 44 -4.28 -46.29 -20.88
N ALA B 45 -4.41 -47.15 -19.86
CA ALA B 45 -3.25 -47.67 -19.15
C ALA B 45 -2.50 -48.76 -19.92
N HIS B 46 -3.03 -49.20 -21.06
CA HIS B 46 -2.38 -50.22 -21.88
C HIS B 46 -2.08 -49.75 -23.29
N HIS B 47 -2.43 -48.52 -23.65
CA HIS B 47 -2.26 -48.03 -25.01
C HIS B 47 -0.81 -47.67 -25.28
N LYS B 48 -0.31 -48.08 -26.46
CA LYS B 48 1.08 -47.79 -26.82
C LYS B 48 1.38 -46.29 -26.75
N GLU B 49 0.60 -45.48 -27.43
CA GLU B 49 0.78 -44.02 -27.41
C GLU B 49 2.12 -43.66 -28.01
N THR B 50 2.88 -42.77 -27.38
CA THR B 50 4.20 -42.39 -27.85
C THR B 50 5.31 -43.27 -27.29
N TRP B 51 4.99 -44.23 -26.43
CA TRP B 51 5.98 -45.01 -25.72
C TRP B 51 6.31 -46.30 -26.45
N PRO B 52 7.45 -46.93 -26.13
CA PRO B 52 7.75 -48.24 -26.73
C PRO B 52 6.67 -49.28 -26.47
N ASP B 53 5.93 -49.17 -25.38
CA ASP B 53 4.86 -50.12 -25.07
C ASP B 53 3.83 -49.40 -24.21
N GLY B 54 2.85 -50.16 -23.72
CA GLY B 54 1.86 -49.60 -22.83
C GLY B 54 2.43 -49.33 -21.45
N HIS B 55 1.74 -48.44 -20.73
CA HIS B 55 2.16 -48.05 -19.39
C HIS B 55 2.37 -49.26 -18.49
N ILE B 56 1.32 -50.04 -18.30
CA ILE B 56 1.37 -51.21 -17.42
C ILE B 56 2.36 -52.24 -17.96
N GLU B 57 2.36 -52.45 -19.27
CA GLU B 57 3.29 -53.39 -19.86
C GLU B 57 4.72 -52.99 -19.56
N LEU B 58 5.01 -51.68 -19.63
CA LEU B 58 6.35 -51.20 -19.31
C LEU B 58 6.70 -51.43 -17.84
N LEU B 59 5.75 -51.13 -16.93
CA LEU B 59 6.00 -51.40 -15.52
C LEU B 59 6.36 -52.88 -15.32
N HIS B 60 5.58 -53.78 -15.93
CA HIS B 60 5.88 -55.21 -15.84
C HIS B 60 7.27 -55.52 -16.40
N ASN B 61 7.58 -55.00 -17.60
CA ASN B 61 8.87 -55.28 -18.21
C ASN B 61 10.02 -54.83 -17.32
N HIS B 62 9.83 -53.75 -16.55
CA HIS B 62 10.89 -53.24 -15.68
C HIS B 62 10.84 -53.81 -14.27
N GLY B 63 9.89 -54.70 -13.96
CA GLY B 63 9.80 -55.29 -12.64
C GLY B 63 9.21 -54.41 -11.57
N THR B 64 8.56 -53.31 -11.94
CA THR B 64 7.84 -52.50 -10.97
C THR B 64 6.50 -53.17 -10.64
N ASP B 65 6.23 -53.34 -9.35
CA ASP B 65 5.02 -54.02 -8.91
C ASP B 65 3.83 -53.07 -8.78
N MET B 66 4.05 -51.87 -8.23
CA MET B 66 3.00 -50.87 -8.10
C MET B 66 3.62 -49.50 -8.31
N GLN B 67 2.78 -48.55 -8.69
CA GLN B 67 3.24 -47.19 -8.96
C GLN B 67 2.22 -46.19 -8.44
N LEU B 68 2.71 -45.18 -7.74
CA LEU B 68 1.89 -44.04 -7.34
C LEU B 68 1.75 -43.11 -8.54
N ILE B 69 0.53 -42.96 -9.04
CA ILE B 69 0.27 -42.13 -10.22
C ILE B 69 -0.41 -40.84 -9.78
N SER B 70 0.10 -39.72 -10.31
CA SER B 70 -0.37 -38.38 -10.04
C SER B 70 -0.73 -37.71 -11.37
N PRO B 71 -1.29 -36.50 -11.36
CA PRO B 71 -1.52 -35.78 -12.62
C PRO B 71 -0.22 -35.60 -13.39
N ARG B 72 -0.34 -35.45 -14.73
CA ARG B 72 0.84 -35.04 -15.50
C ARG B 72 1.02 -33.55 -15.20
N PRO B 73 2.04 -33.15 -14.44
CA PRO B 73 2.05 -31.77 -13.92
C PRO B 73 2.07 -30.69 -15.00
N PHE B 74 2.71 -30.92 -16.14
CA PHE B 74 2.82 -29.82 -17.11
C PHE B 74 1.51 -29.50 -17.81
N GLN B 75 0.42 -30.21 -17.50
CA GLN B 75 -0.89 -29.90 -18.06
C GLN B 75 -1.79 -29.10 -17.12
N MET B 76 -1.36 -28.87 -15.88
CA MET B 76 -2.25 -28.40 -14.83
C MET B 76 -2.45 -26.88 -14.82
N MET B 77 -1.71 -26.14 -15.64
CA MET B 77 -2.01 -24.75 -15.99
C MET B 77 -2.43 -23.91 -14.79
N ASN B 78 -1.54 -23.86 -13.78
CA ASN B 78 -1.85 -23.12 -12.57
C ASN B 78 -1.88 -21.61 -12.78
N SER B 79 -1.33 -21.11 -13.88
CA SER B 79 -1.32 -19.68 -14.17
C SER B 79 -2.45 -19.26 -15.09
N ALA B 80 -3.29 -20.19 -15.53
CA ALA B 80 -4.35 -19.88 -16.47
C ALA B 80 -5.50 -19.17 -15.77
N LYS B 81 -6.32 -18.50 -16.58
CA LYS B 81 -7.47 -17.73 -16.13
C LYS B 81 -8.69 -18.15 -16.96
N PRO B 82 -9.88 -18.14 -16.35
CA PRO B 82 -10.18 -17.81 -14.96
C PRO B 82 -9.81 -18.94 -13.99
N ALA B 83 -9.74 -18.62 -12.70
CA ALA B 83 -9.27 -19.58 -11.71
C ALA B 83 -10.10 -20.86 -11.71
N ARG B 84 -11.40 -20.74 -11.97
CA ARG B 84 -12.27 -21.89 -11.81
C ARG B 84 -11.94 -22.99 -12.82
N VAL B 85 -11.35 -22.65 -13.96
CA VAL B 85 -10.97 -23.73 -14.88
C VAL B 85 -9.81 -24.51 -14.30
N VAL B 86 -8.89 -23.84 -13.60
CA VAL B 86 -7.80 -24.55 -12.92
C VAL B 86 -8.36 -25.50 -11.89
N HIS B 87 -9.26 -24.99 -11.02
CA HIS B 87 -9.89 -25.85 -10.03
C HIS B 87 -10.60 -27.04 -10.69
N TRP B 88 -11.46 -26.76 -11.67
CA TRP B 88 -12.27 -27.80 -12.30
C TRP B 88 -11.39 -28.86 -12.95
N PHE B 89 -10.35 -28.45 -13.66
CA PHE B 89 -9.53 -29.44 -14.34
C PHE B 89 -8.78 -30.29 -13.32
N CYS B 90 -8.21 -29.67 -12.28
CA CYS B 90 -7.56 -30.45 -11.24
C CYS B 90 -8.52 -31.49 -10.64
N GLU B 91 -9.76 -31.08 -10.38
CA GLU B 91 -10.72 -32.00 -9.78
C GLU B 91 -11.03 -33.16 -10.71
N GLU B 92 -11.19 -32.87 -12.01
CA GLU B 92 -11.48 -33.94 -12.95
C GLU B 92 -10.31 -34.90 -13.08
N VAL B 93 -9.07 -34.38 -13.08
CA VAL B 93 -7.91 -35.26 -13.14
C VAL B 93 -7.86 -36.16 -11.91
N ASN B 94 -8.10 -35.58 -10.73
CA ASN B 94 -8.07 -36.39 -9.51
C ASN B 94 -9.14 -37.48 -9.55
N THR B 95 -10.36 -37.13 -9.97
CA THR B 95 -11.42 -38.12 -10.07
C THR B 95 -11.03 -39.25 -11.02
N LEU B 96 -10.45 -38.90 -12.16
CA LEU B 96 -10.08 -39.93 -13.13
C LEU B 96 -8.97 -40.83 -12.59
N ILE B 97 -7.98 -40.24 -11.92
CA ILE B 97 -6.93 -41.05 -11.28
C ILE B 97 -7.55 -42.01 -10.27
N HIS B 98 -8.49 -41.51 -9.48
CA HIS B 98 -9.16 -42.37 -8.50
C HIS B 98 -9.87 -43.53 -9.19
N ARG B 99 -10.61 -43.25 -10.26
CA ARG B 99 -11.27 -44.32 -10.99
C ARG B 99 -10.26 -45.34 -11.54
N GLN B 100 -9.14 -44.85 -12.07
CA GLN B 100 -8.16 -45.77 -12.65
C GLN B 100 -7.53 -46.65 -11.57
N CYS B 101 -7.22 -46.07 -10.41
CA CYS B 101 -6.66 -46.85 -9.32
C CYS B 101 -7.69 -47.80 -8.71
N THR B 102 -8.97 -47.46 -8.81
CA THR B 102 -10.00 -48.38 -8.34
C THR B 102 -10.17 -49.55 -9.29
N LEU B 103 -10.04 -49.30 -10.59
CA LEU B 103 -10.20 -50.36 -11.59
C LEU B 103 -8.96 -51.24 -11.71
N ILE B 104 -7.79 -50.72 -11.36
CA ILE B 104 -6.55 -51.49 -11.47
C ILE B 104 -5.78 -51.35 -10.15
N PRO B 105 -6.38 -51.78 -9.02
CA PRO B 105 -5.72 -51.57 -7.72
C PRO B 105 -4.50 -52.44 -7.50
N GLU B 106 -4.24 -53.42 -8.36
CA GLU B 106 -3.02 -54.22 -8.27
C GLU B 106 -1.80 -53.48 -8.81
N MET B 107 -1.98 -52.32 -9.42
CA MET B 107 -0.90 -51.64 -10.12
C MET B 107 -0.74 -50.19 -9.69
N PHE B 108 -1.83 -49.49 -9.38
CA PHE B 108 -1.80 -48.03 -9.30
C PHE B 108 -2.32 -47.54 -7.95
N ILE B 109 -1.57 -46.62 -7.35
CA ILE B 109 -1.95 -45.99 -6.08
C ILE B 109 -2.16 -44.50 -6.34
N PRO B 110 -3.25 -43.91 -5.85
CA PRO B 110 -3.61 -42.55 -6.26
C PRO B 110 -2.86 -41.47 -5.47
N VAL B 111 -2.24 -40.54 -6.20
CA VAL B 111 -1.66 -39.32 -5.64
C VAL B 111 -2.28 -38.13 -6.34
N ALA B 112 -2.62 -37.11 -5.57
CA ALA B 112 -3.50 -36.05 -6.03
C ALA B 112 -2.73 -34.79 -6.44
N GLY B 113 -3.34 -34.03 -7.34
CA GLY B 113 -2.88 -32.68 -7.61
C GLY B 113 -3.62 -31.67 -6.76
N LEU B 114 -2.98 -30.53 -6.51
CA LEU B 114 -3.61 -29.44 -5.78
C LEU B 114 -4.10 -28.37 -6.74
N PRO B 115 -5.32 -27.82 -6.56
CA PRO B 115 -5.82 -26.78 -7.47
C PRO B 115 -5.20 -25.41 -7.19
N GLN B 116 -3.88 -25.34 -7.32
CA GLN B 116 -3.15 -24.11 -7.02
C GLN B 116 -3.39 -23.08 -8.11
N VAL B 117 -4.05 -21.99 -7.75
CA VAL B 117 -4.27 -20.87 -8.66
C VAL B 117 -3.27 -19.78 -8.28
N ALA B 118 -2.39 -19.44 -9.22
CA ALA B 118 -1.42 -18.38 -8.99
C ALA B 118 -2.08 -17.19 -8.31
N GLY B 119 -1.61 -16.86 -7.11
CA GLY B 119 -2.11 -15.72 -6.37
C GLY B 119 -3.20 -16.03 -5.36
N GLU B 120 -3.79 -17.21 -5.41
CA GLU B 120 -4.83 -17.52 -4.44
C GLU B 120 -4.19 -18.00 -3.13
N PRO B 121 -4.77 -17.65 -1.98
CA PRO B 121 -4.29 -18.23 -0.71
C PRO B 121 -4.41 -19.75 -0.72
N ILE B 122 -3.40 -20.41 -0.15
CA ILE B 122 -3.30 -21.86 -0.28
C ILE B 122 -4.49 -22.57 0.36
N GLU B 123 -5.16 -21.92 1.32
CA GLU B 123 -6.37 -22.47 1.89
C GLU B 123 -7.35 -22.93 0.82
N ASN B 124 -7.33 -22.29 -0.35
CA ASN B 124 -8.29 -22.60 -1.40
C ASN B 124 -8.13 -24.00 -1.98
N VAL B 125 -7.07 -24.73 -1.61
CA VAL B 125 -6.95 -26.13 -2.04
C VAL B 125 -7.48 -27.11 -1.00
N PHE B 126 -7.72 -26.66 0.23
CA PHE B 126 -8.06 -27.57 1.32
C PHE B 126 -9.26 -28.44 0.96
N ALA B 127 -10.35 -27.81 0.52
CA ALA B 127 -11.53 -28.57 0.13
C ALA B 127 -11.15 -29.75 -0.75
N GLU B 128 -10.43 -29.48 -1.84
CA GLU B 128 -10.08 -30.56 -2.76
C GLU B 128 -9.26 -31.62 -2.03
N MET B 129 -8.29 -31.20 -1.23
CA MET B 129 -7.51 -32.15 -0.43
C MET B 129 -8.45 -33.05 0.36
N ASP B 130 -9.41 -32.45 1.07
CA ASP B 130 -10.34 -33.26 1.85
C ASP B 130 -11.02 -34.29 0.96
N ARG B 131 -11.55 -33.85 -0.19
CA ARG B 131 -12.19 -34.80 -1.09
C ARG B 131 -11.24 -35.93 -1.42
N CYS B 132 -9.99 -35.59 -1.75
CA CYS B 132 -9.03 -36.62 -2.13
C CYS B 132 -8.68 -37.52 -0.95
N VAL B 133 -8.65 -36.98 0.26
CA VAL B 133 -8.41 -37.84 1.42
C VAL B 133 -9.54 -38.85 1.53
N SER B 134 -10.78 -38.41 1.28
CA SER B 134 -11.92 -39.30 1.39
C SER B 134 -11.84 -40.42 0.36
N MET B 135 -11.26 -40.15 -0.80
CA MET B 135 -11.16 -41.13 -1.86
C MET B 135 -9.96 -42.07 -1.71
N GLY B 136 -9.13 -41.89 -0.69
CA GLY B 136 -8.01 -42.77 -0.46
C GLY B 136 -6.68 -42.29 -1.01
N PHE B 137 -6.58 -41.05 -1.47
CA PHE B 137 -5.32 -40.55 -1.99
C PHE B 137 -4.25 -40.53 -0.91
N LYS B 138 -3.00 -40.74 -1.33
CA LYS B 138 -1.89 -40.97 -0.42
C LYS B 138 -0.89 -39.83 -0.39
N GLY B 139 -1.12 -38.76 -1.14
CA GLY B 139 -0.19 -37.65 -1.18
C GLY B 139 -0.68 -36.59 -2.14
N PHE B 140 0.10 -35.51 -2.23
CA PHE B 140 -0.26 -34.34 -3.01
C PHE B 140 0.97 -33.78 -3.69
N LEU B 141 0.83 -33.45 -4.97
CA LEU B 141 1.87 -32.69 -5.66
C LEU B 141 1.82 -31.24 -5.21
N LEU B 142 2.97 -30.71 -4.80
CA LEU B 142 3.09 -29.34 -4.34
C LEU B 142 3.91 -28.55 -5.35
N ASN B 143 3.28 -27.55 -5.96
CA ASN B 143 3.92 -26.76 -7.00
C ASN B 143 4.47 -25.49 -6.38
N PRO B 144 5.80 -25.29 -6.36
CA PRO B 144 6.33 -24.06 -5.78
C PRO B 144 6.19 -22.85 -6.69
N ASP B 145 5.77 -23.02 -7.94
CA ASP B 145 5.68 -21.93 -8.91
C ASP B 145 4.36 -22.03 -9.67
N PRO B 146 3.24 -21.76 -9.00
CA PRO B 146 1.95 -21.72 -9.71
C PRO B 146 1.88 -20.62 -10.77
N TYR B 147 2.81 -19.67 -10.76
CA TYR B 147 2.87 -18.65 -11.80
C TYR B 147 3.50 -19.18 -13.09
N GLU B 148 4.12 -20.36 -13.04
CA GLU B 148 4.61 -21.07 -14.23
C GLU B 148 5.59 -20.22 -15.02
N ASN B 149 6.71 -19.91 -14.35
CA ASN B 149 7.80 -19.13 -14.91
C ASN B 149 7.25 -17.91 -15.64
N GLY B 150 6.57 -17.06 -14.86
CA GLY B 150 5.97 -15.85 -15.37
C GLY B 150 6.65 -14.61 -14.81
N ALA B 151 6.01 -13.47 -15.08
CA ALA B 151 6.56 -12.19 -14.64
C ALA B 151 6.57 -12.08 -13.12
N GLU B 152 5.68 -12.79 -12.43
CA GLU B 152 5.65 -12.82 -10.97
C GLU B 152 6.00 -14.21 -10.46
N GLU B 153 6.21 -14.31 -9.16
CA GLU B 153 6.46 -15.59 -8.53
C GLU B 153 5.83 -15.61 -7.14
N ALA B 154 5.55 -16.82 -6.66
CA ALA B 154 4.92 -17.00 -5.36
C ALA B 154 5.96 -16.87 -4.25
N PRO B 155 5.51 -16.68 -3.00
CA PRO B 155 6.46 -16.56 -1.90
C PRO B 155 7.31 -17.81 -1.79
N PRO B 156 8.55 -17.68 -1.31
CA PRO B 156 9.36 -18.88 -1.07
C PRO B 156 8.64 -19.82 -0.12
N LEU B 157 8.98 -21.11 -0.22
CA LEU B 157 8.26 -22.11 0.55
C LEU B 157 8.38 -21.90 2.07
N GLY B 158 9.36 -21.13 2.53
CA GLY B 158 9.48 -20.84 3.94
C GLY B 158 8.62 -19.69 4.43
N ASP B 159 7.73 -19.20 3.58
CA ASP B 159 6.91 -18.03 3.90
C ASP B 159 5.61 -18.47 4.55
N ARG B 160 5.02 -17.57 5.34
CA ARG B 160 3.78 -17.91 6.06
C ARG B 160 2.64 -18.23 5.10
N TYR B 161 2.69 -17.70 3.87
CA TYR B 161 1.69 -18.03 2.87
C TYR B 161 1.44 -19.53 2.82
N TRP B 162 2.48 -20.34 2.96
CA TRP B 162 2.37 -21.78 2.84
C TRP B 162 2.05 -22.49 4.14
N TYR B 163 2.21 -21.82 5.28
CA TYR B 163 2.14 -22.52 6.57
C TYR B 163 0.83 -23.24 6.81
N PRO B 164 -0.34 -22.68 6.52
CA PRO B 164 -1.59 -23.45 6.69
C PRO B 164 -1.55 -24.80 6.01
N LEU B 165 -1.12 -24.85 4.74
CA LEU B 165 -0.98 -26.12 4.04
C LEU B 165 -0.14 -27.09 4.85
N TYR B 166 1.06 -26.67 5.25
CA TYR B 166 1.92 -27.54 6.05
C TYR B 166 1.13 -28.07 7.24
N GLU B 167 0.44 -27.17 7.96
CA GLU B 167 -0.33 -27.61 9.12
C GLU B 167 -1.29 -28.71 8.71
N LYS B 168 -2.09 -28.47 7.66
CA LYS B 168 -3.03 -29.49 7.23
C LYS B 168 -2.32 -30.79 6.91
N LEU B 169 -1.19 -30.71 6.19
CA LEU B 169 -0.46 -31.92 5.86
C LEU B 169 -0.12 -32.69 7.14
N CYS B 170 0.37 -31.98 8.16
CA CYS B 170 0.68 -32.63 9.43
C CYS B 170 -0.59 -33.17 10.09
N GLU B 171 -1.70 -32.45 9.98
CA GLU B 171 -2.95 -32.99 10.49
C GLU B 171 -3.25 -34.33 9.83
N LEU B 172 -3.01 -34.43 8.52
CA LEU B 172 -3.32 -35.64 7.77
C LEU B 172 -2.21 -36.68 7.83
N ASP B 173 -1.00 -36.27 8.20
CA ASP B 173 0.18 -37.12 8.11
C ASP B 173 0.30 -37.71 6.70
N LEU B 174 0.14 -36.83 5.70
CA LEU B 174 0.31 -37.16 4.30
C LEU B 174 1.39 -36.27 3.68
N PRO B 175 2.11 -36.76 2.68
CA PRO B 175 3.27 -36.02 2.17
C PRO B 175 2.91 -35.03 1.07
N ALA B 176 3.77 -34.04 0.94
CA ALA B 176 3.79 -33.16 -0.22
C ALA B 176 4.93 -33.60 -1.14
N HIS B 177 4.64 -33.74 -2.42
CA HIS B 177 5.61 -34.16 -3.42
C HIS B 177 5.89 -32.98 -4.33
N ILE B 178 7.06 -32.36 -4.15
CA ILE B 178 7.41 -31.14 -4.87
C ILE B 178 7.45 -31.42 -6.35
N HIS B 179 6.66 -30.69 -7.13
CA HIS B 179 6.65 -30.85 -8.58
C HIS B 179 6.11 -29.56 -9.20
N ALA B 180 6.95 -28.86 -9.95
CA ALA B 180 6.51 -27.72 -10.74
C ALA B 180 5.61 -28.19 -11.88
N THR B 181 4.98 -27.24 -12.57
CA THR B 181 4.01 -27.56 -13.62
C THR B 181 4.58 -27.04 -14.94
N GLY B 182 3.88 -26.14 -15.62
CA GLY B 182 4.37 -25.61 -16.87
C GLY B 182 5.37 -24.50 -16.67
N SER B 183 5.88 -24.02 -17.79
CA SER B 183 6.81 -22.89 -17.83
C SER B 183 6.53 -22.05 -19.06
N GLN B 184 6.36 -20.75 -18.86
CA GLN B 184 6.10 -19.83 -19.96
C GLN B 184 7.38 -19.29 -20.59
N SER B 185 8.53 -19.61 -20.02
CA SER B 185 9.80 -19.09 -20.52
C SER B 185 10.14 -19.71 -21.88
N GLU B 186 10.48 -18.85 -22.84
CA GLU B 186 11.06 -19.30 -24.10
C GLU B 186 12.51 -19.73 -23.95
N ARG B 187 13.08 -19.50 -22.77
CA ARG B 187 14.47 -19.85 -22.48
C ARG B 187 14.60 -21.17 -21.74
N SER B 188 13.62 -21.49 -20.90
CA SER B 188 13.67 -22.66 -20.02
C SER B 188 12.35 -23.42 -20.16
N PRO B 189 12.30 -24.49 -20.97
CA PRO B 189 11.07 -25.26 -21.09
C PRO B 189 10.74 -26.05 -19.83
N TYR B 190 9.59 -26.73 -19.84
CA TYR B 190 9.02 -27.26 -18.60
C TYR B 190 9.93 -28.31 -17.97
N SER B 191 10.57 -29.15 -18.80
CA SER B 191 11.37 -30.24 -18.23
C SER B 191 12.55 -29.70 -17.44
N LEU B 192 13.14 -28.59 -17.89
CA LEU B 192 14.24 -27.97 -17.17
C LEU B 192 13.74 -27.13 -16.00
N HIS B 193 12.59 -26.48 -16.19
CA HIS B 193 11.97 -25.73 -15.11
C HIS B 193 11.71 -26.64 -13.91
N PHE B 194 11.30 -27.89 -14.17
CA PHE B 194 11.13 -28.86 -13.09
C PHE B 194 12.34 -28.84 -12.16
N ILE B 195 13.54 -28.96 -12.75
CA ILE B 195 14.75 -29.11 -11.97
C ILE B 195 15.09 -27.81 -11.26
N ASN B 196 15.03 -26.69 -11.99
CA ASN B 196 15.31 -25.41 -11.35
C ASN B 196 14.40 -25.17 -10.16
N GLU B 197 13.12 -25.49 -10.31
CA GLU B 197 12.15 -25.22 -9.25
C GLU B 197 12.33 -26.16 -8.07
N GLU B 198 12.71 -27.41 -8.33
CA GLU B 198 13.09 -28.30 -7.24
C GLU B 198 14.28 -27.74 -6.48
N THR B 199 15.25 -27.16 -7.19
CA THR B 199 16.40 -26.55 -6.54
C THR B 199 15.95 -25.41 -5.64
N ILE B 200 15.11 -24.52 -6.16
CA ILE B 200 14.66 -23.36 -5.39
C ILE B 200 13.85 -23.82 -4.17
N ALA B 201 12.97 -24.80 -4.36
CA ALA B 201 12.12 -25.26 -3.27
C ALA B 201 12.95 -25.89 -2.16
N THR B 202 13.89 -26.77 -2.54
CA THR B 202 14.75 -27.38 -1.54
C THR B 202 15.56 -26.33 -0.80
N TYR B 203 16.11 -25.34 -1.52
CA TYR B 203 16.83 -24.27 -0.86
C TYR B 203 15.94 -23.55 0.14
N ASN B 204 14.73 -23.17 -0.28
CA ASN B 204 13.82 -22.47 0.62
C ASN B 204 13.55 -23.29 1.86
N LEU B 205 13.25 -24.58 1.68
CA LEU B 205 12.94 -25.44 2.82
C LEU B 205 14.14 -25.63 3.73
N CYS B 206 15.36 -25.57 3.19
CA CYS B 206 16.55 -25.82 3.99
C CYS B 206 17.18 -24.57 4.58
N THR B 207 16.68 -23.38 4.24
CA THR B 207 17.17 -22.14 4.83
C THR B 207 16.08 -21.38 5.59
N SER B 208 15.03 -22.07 6.01
CA SER B 208 13.90 -21.47 6.70
C SER B 208 13.57 -22.29 7.95
N SER B 209 12.54 -21.85 8.67
CA SER B 209 12.12 -22.47 9.93
C SER B 209 11.08 -23.57 9.73
N VAL B 210 10.74 -23.91 8.50
CA VAL B 210 9.61 -24.79 8.24
C VAL B 210 9.69 -26.03 9.13
N PHE B 211 10.83 -26.71 9.13
CA PHE B 211 10.94 -27.96 9.87
C PHE B 211 11.08 -27.75 11.37
N ASP B 212 11.46 -26.55 11.80
CA ASP B 212 11.38 -26.23 13.23
C ASP B 212 9.92 -26.17 13.67
N ASP B 213 9.06 -25.59 12.83
CA ASP B 213 7.65 -25.40 13.16
C ASP B 213 6.76 -26.56 12.76
N PHE B 214 7.24 -27.43 11.87
CA PHE B 214 6.49 -28.61 11.43
C PHE B 214 7.45 -29.78 11.36
N PRO B 215 7.91 -30.29 12.51
CA PRO B 215 8.88 -31.40 12.49
C PRO B 215 8.38 -32.64 11.76
N GLN B 216 7.09 -32.93 11.85
CA GLN B 216 6.54 -34.15 11.24
C GLN B 216 6.22 -33.98 9.76
N LEU B 217 6.50 -32.82 9.17
CA LEU B 217 6.15 -32.61 7.78
C LEU B 217 6.92 -33.55 6.88
N LYS B 218 6.21 -34.21 5.97
CA LYS B 218 6.79 -35.16 5.04
C LYS B 218 6.82 -34.53 3.66
N VAL B 219 8.02 -34.27 3.15
CA VAL B 219 8.21 -33.67 1.83
C VAL B 219 9.11 -34.58 1.01
N VAL B 220 8.71 -34.85 -0.23
CA VAL B 220 9.49 -35.61 -1.19
C VAL B 220 9.82 -34.68 -2.35
N VAL B 221 11.11 -34.45 -2.58
CA VAL B 221 11.54 -33.58 -3.67
C VAL B 221 11.78 -34.43 -4.91
N SER B 222 11.22 -34.02 -6.03
CA SER B 222 11.27 -34.82 -7.25
C SER B 222 12.63 -34.70 -7.93
N HIS B 223 12.91 -35.71 -8.77
CA HIS B 223 14.09 -35.71 -9.64
C HIS B 223 15.38 -35.53 -8.85
N GLY B 224 15.52 -36.30 -7.78
CA GLY B 224 16.76 -36.32 -7.03
C GLY B 224 17.12 -34.99 -6.42
N GLY B 225 16.13 -34.15 -6.13
CA GLY B 225 16.39 -32.87 -5.50
C GLY B 225 16.85 -31.78 -6.43
N GLY B 226 16.60 -31.90 -7.72
CA GLY B 226 17.03 -30.90 -8.67
C GLY B 226 18.53 -30.88 -8.84
N ALA B 227 19.17 -29.79 -8.39
CA ALA B 227 20.61 -29.66 -8.42
C ALA B 227 21.26 -29.78 -7.05
N ILE B 228 20.46 -29.89 -5.98
CA ILE B 228 21.00 -29.66 -4.64
C ILE B 228 22.04 -30.69 -4.25
N PRO B 229 21.80 -32.00 -4.38
CA PRO B 229 22.85 -32.95 -3.98
C PRO B 229 24.15 -32.74 -4.72
N TYR B 230 24.07 -32.28 -5.97
CA TYR B 230 25.26 -31.98 -6.76
C TYR B 230 25.92 -30.68 -6.32
N GLN B 231 25.12 -29.70 -5.87
CA GLN B 231 25.61 -28.38 -5.50
C GLN B 231 25.54 -28.13 -4.00
N LEU B 232 25.54 -29.19 -3.18
CA LEU B 232 25.34 -29.03 -1.74
C LEU B 232 26.45 -28.21 -1.11
N GLY B 233 27.67 -28.29 -1.65
CA GLY B 233 28.81 -27.68 -0.99
C GLY B 233 28.64 -26.19 -0.77
N ARG B 234 28.34 -25.45 -1.84
CA ARG B 234 28.23 -23.99 -1.74
C ARG B 234 27.14 -23.59 -0.76
N PHE B 235 26.03 -24.32 -0.76
CA PHE B 235 24.90 -23.95 0.10
C PHE B 235 25.20 -24.25 1.56
N GLU B 236 25.80 -25.41 1.85
CA GLU B 236 26.27 -25.68 3.21
C GLU B 236 27.23 -24.60 3.67
N SER B 237 28.16 -24.22 2.79
CA SER B 237 29.15 -23.21 3.15
C SER B 237 28.49 -21.90 3.54
N GLN B 238 27.58 -21.41 2.68
CA GLN B 238 26.93 -20.14 2.98
C GLN B 238 26.02 -20.26 4.21
N SER B 239 25.46 -21.44 4.46
CA SER B 239 24.59 -21.60 5.63
C SER B 239 25.39 -21.57 6.92
N ARG B 240 26.68 -21.96 6.87
CA ARG B 240 27.50 -21.90 8.08
C ARG B 240 27.31 -20.60 8.84
N ARG B 241 27.02 -19.50 8.14
CA ARG B 241 26.86 -18.19 8.75
C ARG B 241 25.49 -17.96 9.35
N SER B 242 24.76 -19.02 9.71
CA SER B 242 23.39 -18.88 10.19
C SER B 242 23.12 -19.86 11.32
N LYS B 243 21.95 -19.68 11.94
CA LYS B 243 21.56 -20.48 13.10
C LYS B 243 21.70 -21.97 12.83
N HIS B 244 21.25 -22.43 11.67
CA HIS B 244 21.25 -23.84 11.32
C HIS B 244 22.03 -24.06 10.03
N LEU B 245 22.51 -25.29 9.85
CA LEU B 245 23.20 -25.67 8.63
C LEU B 245 22.19 -26.14 7.58
N PHE B 246 22.56 -25.95 6.31
CA PHE B 246 21.76 -26.50 5.22
C PHE B 246 21.54 -27.99 5.42
N SER B 247 22.60 -28.72 5.82
CA SER B 247 22.50 -30.16 5.97
C SER B 247 21.52 -30.56 7.07
N GLU B 248 21.46 -29.78 8.16
CA GLU B 248 20.56 -30.10 9.25
C GLU B 248 19.12 -30.18 8.77
N ARG B 249 18.64 -29.12 8.11
CA ARG B 249 17.30 -29.16 7.54
C ARG B 249 17.19 -30.23 6.46
N MET B 250 18.23 -30.38 5.64
CA MET B 250 18.13 -31.29 4.50
C MET B 250 17.91 -32.72 4.96
N ALA B 251 18.46 -33.10 6.11
CA ALA B 251 18.27 -34.45 6.62
C ALA B 251 16.80 -34.78 6.91
N LYS B 252 15.93 -33.77 6.97
CA LYS B 252 14.51 -33.99 7.18
C LYS B 252 13.75 -34.28 5.87
N LEU B 253 14.40 -34.09 4.73
CA LEU B 253 13.75 -34.21 3.43
C LEU B 253 13.91 -35.60 2.84
N TYR B 254 12.90 -36.00 2.07
CA TYR B 254 12.97 -37.19 1.24
C TYR B 254 13.16 -36.78 -0.22
N PHE B 255 13.78 -37.67 -0.99
CA PHE B 255 14.06 -37.44 -2.40
C PHE B 255 13.68 -38.67 -3.19
N ASP B 256 13.06 -38.48 -4.34
CA ASP B 256 12.83 -39.62 -5.23
C ASP B 256 14.01 -39.77 -6.19
N THR B 257 14.19 -40.98 -6.69
CA THR B 257 15.35 -41.31 -7.50
C THR B 257 15.10 -41.16 -8.99
N VAL B 258 14.30 -40.19 -9.43
CA VAL B 258 14.05 -40.03 -10.85
C VAL B 258 15.29 -39.42 -11.50
N LEU B 259 16.30 -40.26 -11.71
CA LEU B 259 17.54 -39.87 -12.39
C LEU B 259 17.89 -40.99 -13.36
N TYR B 260 18.27 -40.62 -14.58
CA TYR B 260 18.43 -41.59 -15.66
C TYR B 260 19.90 -41.85 -15.97
N THR B 261 20.79 -41.57 -15.03
CA THR B 261 22.20 -41.93 -15.14
C THR B 261 22.64 -42.62 -13.86
N GLU B 262 23.49 -43.63 -14.01
CA GLU B 262 23.98 -44.37 -12.85
C GLU B 262 24.72 -43.45 -11.87
N GLY B 263 25.60 -42.60 -12.40
CA GLY B 263 26.39 -41.74 -11.53
C GLY B 263 25.54 -40.79 -10.71
N ALA B 264 24.48 -40.26 -11.30
CA ALA B 264 23.59 -39.35 -10.58
C ALA B 264 22.87 -40.08 -9.44
N LEU B 265 22.36 -41.29 -9.72
CA LEU B 265 21.71 -42.08 -8.67
C LEU B 265 22.68 -42.38 -7.54
N ARG B 266 23.92 -42.76 -7.88
CA ARG B 266 24.93 -43.03 -6.87
C ARG B 266 25.18 -41.79 -6.00
N LEU B 267 25.31 -40.63 -6.64
CA LEU B 267 25.56 -39.39 -5.88
C LEU B 267 24.40 -39.07 -4.96
N LEU B 268 23.17 -39.16 -5.47
CA LEU B 268 22.01 -38.92 -4.62
C LEU B 268 22.05 -39.82 -3.39
N ILE B 269 22.18 -41.13 -3.61
CA ILE B 269 22.06 -42.07 -2.50
C ILE B 269 23.20 -41.87 -1.50
N GLU B 270 24.42 -41.62 -1.99
CA GLU B 270 25.52 -41.42 -1.06
C GLU B 270 25.44 -40.08 -0.35
N THR B 271 24.72 -39.11 -0.92
CA THR B 271 24.62 -37.80 -0.29
C THR B 271 23.57 -37.80 0.82
N VAL B 272 22.36 -38.27 0.52
CA VAL B 272 21.27 -38.20 1.50
C VAL B 272 21.02 -39.53 2.20
N GLY B 273 21.66 -40.62 1.78
CA GLY B 273 21.51 -41.89 2.44
C GLY B 273 20.28 -42.66 2.00
N PRO B 274 20.33 -43.99 2.10
CA PRO B 274 19.15 -44.78 1.70
C PRO B 274 17.92 -44.49 2.53
N GLU B 275 18.10 -44.04 3.77
CA GLU B 275 16.98 -43.78 4.66
C GLU B 275 16.09 -42.62 4.19
N ARG B 276 16.54 -41.85 3.19
CA ARG B 276 15.79 -40.69 2.71
C ARG B 276 15.56 -40.71 1.20
N CYS B 277 15.77 -41.84 0.54
CA CYS B 277 15.53 -41.98 -0.89
C CYS B 277 14.36 -42.93 -1.15
N LEU B 278 13.48 -42.54 -2.06
CA LEU B 278 12.37 -43.37 -2.50
C LEU B 278 12.53 -43.65 -4.00
N PHE B 279 12.46 -44.92 -4.38
CA PHE B 279 12.58 -45.26 -5.80
C PHE B 279 11.50 -44.55 -6.60
N GLY B 280 11.89 -44.03 -7.76
CA GLY B 280 10.96 -43.37 -8.66
C GLY B 280 11.58 -43.23 -10.03
N SER B 281 10.74 -43.26 -11.07
CA SER B 281 11.25 -43.28 -12.43
C SER B 281 10.48 -42.43 -13.43
N GLU B 282 9.22 -42.09 -13.19
CA GLU B 282 8.42 -41.33 -14.15
C GLU B 282 8.18 -42.12 -15.42
N CYS B 283 8.12 -43.44 -15.31
CA CYS B 283 7.83 -44.31 -16.44
C CYS B 283 6.33 -44.50 -16.57
N PRO B 284 5.73 -44.25 -17.75
CA PRO B 284 6.36 -43.71 -18.97
C PRO B 284 6.45 -42.20 -18.97
N GLY B 285 7.35 -41.64 -19.75
CA GLY B 285 7.53 -40.20 -19.79
C GLY B 285 8.82 -39.76 -20.44
N VAL B 286 9.48 -38.79 -19.81
CA VAL B 286 10.67 -38.16 -20.40
C VAL B 286 11.76 -39.21 -20.65
N GLY B 287 11.86 -40.18 -19.77
CA GLY B 287 12.88 -41.20 -19.88
C GLY B 287 12.49 -42.42 -20.68
N SER B 288 11.33 -42.41 -21.32
CA SER B 288 10.84 -43.60 -22.02
C SER B 288 11.36 -43.65 -23.45
N THR B 289 12.67 -43.49 -23.61
CA THR B 289 13.35 -43.68 -24.88
C THR B 289 14.38 -44.80 -24.73
N ILE B 290 14.67 -45.47 -25.85
CA ILE B 290 15.68 -46.52 -25.84
C ILE B 290 17.04 -45.87 -25.99
N ASP B 291 17.99 -46.31 -25.15
CA ASP B 291 19.38 -45.90 -25.31
C ASP B 291 20.04 -46.85 -26.30
N PRO B 292 20.27 -46.45 -27.56
CA PRO B 292 20.86 -47.38 -28.53
C PRO B 292 22.12 -48.07 -28.03
N ALA B 293 22.85 -47.45 -27.10
CA ALA B 293 24.10 -48.03 -26.62
C ALA B 293 23.89 -49.13 -25.57
N THR B 294 22.66 -49.37 -25.15
CA THR B 294 22.37 -50.45 -24.20
C THR B 294 21.10 -51.23 -24.51
N GLY B 295 20.26 -50.77 -25.43
CA GLY B 295 19.01 -51.43 -25.72
C GLY B 295 17.92 -51.20 -24.70
N LYS B 296 18.28 -50.86 -23.48
CA LYS B 296 17.29 -50.70 -22.42
C LYS B 296 16.74 -49.28 -22.40
N GLN B 297 15.55 -49.15 -21.81
CA GLN B 297 14.92 -47.85 -21.66
C GLN B 297 15.61 -47.07 -20.55
N MET B 298 15.79 -45.77 -20.77
CA MET B 298 16.55 -44.96 -19.82
C MET B 298 15.89 -44.93 -18.45
N ASP B 299 14.56 -44.99 -18.40
CA ASP B 299 13.87 -44.92 -17.11
C ASP B 299 13.76 -46.27 -16.42
N HIS B 300 14.37 -47.32 -16.98
CA HIS B 300 14.51 -48.60 -16.28
C HIS B 300 15.79 -48.52 -15.45
N ILE B 301 15.69 -47.88 -14.30
CA ILE B 301 16.85 -47.54 -13.48
C ILE B 301 16.95 -48.39 -12.23
N ALA B 302 15.99 -49.28 -11.97
CA ALA B 302 16.07 -50.14 -10.80
C ALA B 302 17.33 -51.00 -10.78
N PRO B 303 17.74 -51.65 -11.87
CA PRO B 303 18.96 -52.47 -11.83
C PRO B 303 20.19 -51.72 -11.33
N PHE B 304 20.35 -50.45 -11.71
CA PHE B 304 21.47 -49.66 -11.20
C PHE B 304 21.50 -49.69 -9.69
N ILE B 305 20.34 -49.47 -9.06
CA ILE B 305 20.26 -49.42 -7.61
C ILE B 305 20.51 -50.80 -7.02
N GLN B 306 19.87 -51.82 -7.58
CA GLN B 306 20.04 -53.18 -7.07
C GLN B 306 21.48 -53.66 -7.17
N LYS B 307 22.27 -53.10 -8.07
CA LYS B 307 23.65 -53.55 -8.28
C LYS B 307 24.69 -52.64 -7.63
N PHE B 308 24.26 -51.64 -6.86
CA PHE B 308 25.21 -50.88 -6.04
C PHE B 308 25.70 -51.75 -4.89
N ASP B 309 27.01 -51.99 -4.83
CA ASP B 309 27.55 -52.86 -3.80
C ASP B 309 27.79 -52.14 -2.47
N PHE B 310 27.70 -50.81 -2.45
CA PHE B 310 27.82 -50.08 -1.19
C PHE B 310 26.49 -50.04 -0.44
N LEU B 311 25.45 -50.69 -0.94
CA LEU B 311 24.15 -50.74 -0.31
C LEU B 311 23.86 -52.16 0.16
N SER B 312 23.40 -52.28 1.40
CA SER B 312 22.95 -53.57 1.89
C SER B 312 21.59 -53.92 1.24
N ASP B 313 21.23 -55.20 1.33
CA ASP B 313 19.91 -55.60 0.87
C ASP B 313 18.81 -54.87 1.64
N ALA B 314 19.06 -54.58 2.92
CA ALA B 314 18.11 -53.79 3.70
C ALA B 314 17.99 -52.37 3.17
N ASP B 315 19.11 -51.73 2.82
CA ASP B 315 19.05 -50.39 2.26
C ASP B 315 18.28 -50.39 0.94
N LYS B 316 18.49 -51.41 0.11
CA LYS B 316 17.77 -51.49 -1.16
C LYS B 316 16.29 -51.70 -0.93
N LYS B 317 15.92 -52.48 0.10
CA LYS B 317 14.50 -52.63 0.41
C LYS B 317 13.91 -51.31 0.91
N LEU B 318 14.69 -50.51 1.65
CA LEU B 318 14.23 -49.18 2.00
C LEU B 318 13.94 -48.36 0.75
N ILE B 319 14.88 -48.36 -0.19
CA ILE B 319 14.74 -47.50 -1.37
C ILE B 319 13.58 -47.97 -2.24
N PHE B 320 13.37 -49.29 -2.31
CA PHE B 320 12.41 -49.85 -3.26
C PHE B 320 11.00 -49.98 -2.71
N GLU B 321 10.80 -50.04 -1.39
CA GLU B 321 9.45 -50.19 -0.88
C GLU B 321 9.20 -49.58 0.50
N ASP B 322 10.06 -49.86 1.48
CA ASP B 322 9.74 -49.47 2.86
C ASP B 322 9.58 -47.96 2.99
N ASN B 323 10.46 -47.18 2.36
CA ASN B 323 10.40 -45.74 2.50
C ASN B 323 9.10 -45.18 1.93
N ALA B 324 8.70 -45.66 0.74
CA ALA B 324 7.43 -45.20 0.17
C ALA B 324 6.26 -45.69 1.00
N ARG B 325 6.36 -46.92 1.53
CA ARG B 325 5.28 -47.45 2.35
C ARG B 325 5.09 -46.61 3.62
N LYS B 326 6.16 -46.06 4.17
CA LYS B 326 6.07 -45.19 5.34
C LYS B 326 5.58 -43.79 4.96
N VAL B 327 6.16 -43.20 3.91
CA VAL B 327 5.90 -41.80 3.60
C VAL B 327 4.49 -41.60 3.07
N PHE B 328 4.02 -42.51 2.22
CA PHE B 328 2.71 -42.39 1.59
C PHE B 328 1.64 -43.25 2.26
N ASN B 329 1.87 -43.69 3.50
CA ASN B 329 0.90 -44.46 4.28
C ASN B 329 0.23 -45.56 3.45
N LEU B 330 1.05 -46.44 2.89
CA LEU B 330 0.56 -47.48 2.00
C LEU B 330 0.12 -48.71 2.80
N GLU B 331 -0.95 -49.35 2.32
N GLU B 331 -0.94 -49.36 2.32
CA GLU B 331 -1.43 -50.58 2.96
CA GLU B 331 -1.43 -50.58 2.95
C GLU B 331 -0.38 -51.68 2.84
C GLU B 331 -0.38 -51.68 2.84
N VAL B 332 0.26 -52.01 3.96
CA VAL B 332 1.32 -53.02 3.98
C VAL B 332 0.79 -54.37 3.53
N MET C 1 51.89 -27.54 -12.55
CA MET C 1 51.45 -26.48 -11.60
C MET C 1 49.94 -26.48 -11.47
N ILE C 2 49.41 -25.59 -10.63
CA ILE C 2 47.98 -25.50 -10.38
C ILE C 2 47.51 -24.11 -10.79
N ILE C 3 46.63 -24.05 -11.78
CA ILE C 3 46.05 -22.81 -12.27
C ILE C 3 44.56 -22.84 -11.94
N ASP C 4 44.10 -21.83 -11.21
CA ASP C 4 42.71 -21.73 -10.77
C ASP C 4 41.98 -20.81 -11.76
N CYS C 5 41.08 -21.39 -12.55
CA CYS C 5 40.45 -20.66 -13.64
C CYS C 5 39.22 -19.86 -13.22
N HIS C 6 38.80 -19.94 -11.96
CA HIS C 6 37.61 -19.25 -11.49
C HIS C 6 37.93 -18.54 -10.17
N GLY C 7 38.42 -17.32 -10.28
CA GLY C 7 38.59 -16.46 -9.13
C GLY C 7 38.04 -15.07 -9.43
N HIS C 8 37.74 -14.34 -8.36
CA HIS C 8 37.17 -13.01 -8.47
C HIS C 8 38.02 -12.01 -7.71
N VAL C 9 38.09 -10.79 -8.25
CA VAL C 9 39.04 -9.80 -7.76
C VAL C 9 38.74 -9.43 -6.32
N SER C 10 39.80 -9.36 -5.51
CA SER C 10 39.74 -8.74 -4.18
C SER C 10 40.17 -7.29 -4.36
N ALA C 11 39.21 -6.42 -4.59
CA ALA C 11 39.50 -5.05 -4.98
C ALA C 11 39.53 -4.15 -3.75
N PRO C 12 40.22 -3.00 -3.86
CA PRO C 12 40.13 -2.01 -2.78
C PRO C 12 38.71 -1.48 -2.66
N VAL C 13 38.37 -1.08 -1.43
CA VAL C 13 37.00 -0.64 -1.12
C VAL C 13 36.57 0.52 -2.01
N GLU C 14 37.53 1.32 -2.50
CA GLU C 14 37.18 2.47 -3.31
C GLU C 14 36.33 2.10 -4.53
N LEU C 15 36.46 0.86 -5.03
CA LEU C 15 35.72 0.46 -6.23
C LEU C 15 34.23 0.31 -5.95
N TRP C 16 33.89 -0.36 -4.85
CA TRP C 16 32.48 -0.54 -4.50
C TRP C 16 31.85 0.78 -4.11
N ALA C 17 32.60 1.63 -3.42
CA ALA C 17 32.13 2.99 -3.17
C ALA C 17 31.86 3.73 -4.47
N TYR C 18 32.70 3.53 -5.48
CA TYR C 18 32.46 4.17 -6.76
C TYR C 18 31.15 3.71 -7.37
N LYS C 19 30.86 2.41 -7.25
CA LYS C 19 29.56 1.91 -7.70
C LYS C 19 28.41 2.61 -6.96
N ALA C 20 28.53 2.72 -5.64
CA ALA C 20 27.51 3.40 -4.85
C ALA C 20 27.31 4.84 -5.32
N SER C 21 28.40 5.55 -5.60
CA SER C 21 28.30 6.93 -6.05
C SER C 21 27.61 7.01 -7.41
N LEU C 22 28.01 6.13 -8.34
CA LEU C 22 27.35 6.07 -9.64
C LEU C 22 25.86 5.91 -9.48
N LEU C 23 25.43 5.02 -8.59
CA LEU C 23 24.00 4.81 -8.39
C LEU C 23 23.35 6.00 -7.71
N ALA C 24 24.10 6.74 -6.89
CA ALA C 24 23.54 7.88 -6.19
C ALA C 24 23.28 9.05 -7.14
N HIS C 25 24.28 9.46 -7.91
CA HIS C 25 24.12 10.60 -8.80
C HIS C 25 23.78 10.21 -10.23
N ARG C 26 23.76 8.91 -10.54
CA ARG C 26 23.25 8.40 -11.81
C ARG C 26 23.86 9.12 -13.02
N GLY C 27 25.05 9.68 -12.86
CA GLY C 27 25.77 10.31 -13.94
C GLY C 27 25.85 11.82 -13.87
N SER C 28 25.00 12.47 -13.06
CA SER C 28 25.00 13.92 -13.03
C SER C 28 26.32 14.51 -12.55
N HIS C 29 27.23 13.68 -12.03
CA HIS C 29 28.59 14.12 -11.74
C HIS C 29 29.56 13.79 -12.86
N GLY C 30 29.11 13.12 -13.92
CA GLY C 30 30.00 12.64 -14.95
C GLY C 30 30.48 11.23 -14.69
N ARG C 31 31.25 10.71 -15.65
N ARG C 31 31.26 10.72 -15.65
CA ARG C 31 31.79 9.36 -15.50
CA ARG C 31 31.81 9.38 -15.53
C ARG C 31 32.70 9.27 -14.28
C ARG C 31 32.71 9.25 -14.32
N GLY C 32 33.65 10.19 -14.16
CA GLY C 32 34.59 10.11 -13.07
C GLY C 32 35.44 8.87 -13.21
N GLY C 33 35.68 8.19 -12.10
CA GLY C 33 36.46 6.97 -12.12
C GLY C 33 36.99 6.65 -10.75
N VAL C 34 37.52 5.43 -10.64
CA VAL C 34 38.13 4.96 -9.40
C VAL C 34 39.52 5.58 -9.29
N LYS C 35 39.73 6.37 -8.25
CA LYS C 35 41.06 6.90 -7.92
C LYS C 35 41.65 6.05 -6.80
N VAL C 36 42.70 5.31 -7.10
CA VAL C 36 43.27 4.38 -6.14
C VAL C 36 44.71 4.11 -6.54
N THR C 37 45.59 4.03 -5.54
CA THR C 37 47.01 3.86 -5.77
C THR C 37 47.38 2.39 -5.83
N ASP C 38 48.58 2.12 -6.36
CA ASP C 38 49.07 0.75 -6.45
C ASP C 38 49.22 0.14 -5.05
N GLU C 39 49.68 0.93 -4.08
CA GLU C 39 49.76 0.46 -2.71
C GLU C 39 48.43 -0.16 -2.28
N GLN C 40 47.33 0.54 -2.56
CA GLN C 40 46.02 0.07 -2.13
C GLN C 40 45.58 -1.17 -2.90
N ILE C 41 45.83 -1.18 -4.22
CA ILE C 41 45.50 -2.35 -5.03
C ILE C 41 46.18 -3.59 -4.46
N ILE C 42 47.47 -3.47 -4.14
CA ILE C 42 48.22 -4.61 -3.65
C ILE C 42 47.76 -5.00 -2.25
N ALA C 43 47.57 -4.00 -1.37
CA ALA C 43 47.07 -4.29 -0.03
C ALA C 43 45.78 -5.09 -0.08
N ALA C 44 44.88 -4.71 -1.00
CA ALA C 44 43.58 -5.40 -1.08
C ALA C 44 43.74 -6.90 -1.25
N ALA C 45 44.76 -7.33 -2.00
CA ALA C 45 44.99 -8.75 -2.24
C ALA C 45 45.63 -9.45 -1.05
N HIS C 46 45.95 -8.74 0.02
CA HIS C 46 46.44 -9.32 1.26
C HIS C 46 45.53 -9.06 2.44
N HIS C 47 44.53 -8.20 2.30
N HIS C 47 44.54 -8.16 2.31
CA HIS C 47 43.61 -7.92 3.39
CA HIS C 47 43.60 -7.93 3.39
C HIS C 47 42.74 -9.14 3.70
C HIS C 47 42.82 -9.20 3.70
N LYS C 48 42.58 -9.44 4.98
CA LYS C 48 41.74 -10.57 5.38
C LYS C 48 40.32 -10.42 4.83
N GLU C 49 39.75 -9.22 4.96
CA GLU C 49 38.35 -8.99 4.59
C GLU C 49 37.50 -9.91 5.49
N THR C 50 36.45 -10.52 4.96
CA THR C 50 35.68 -11.49 5.72
C THR C 50 36.23 -12.91 5.59
N TRP C 51 37.41 -13.07 5.01
CA TRP C 51 37.97 -14.40 4.79
C TRP C 51 38.85 -14.81 5.97
N PRO C 52 39.14 -16.10 6.10
CA PRO C 52 40.06 -16.54 7.16
C PRO C 52 41.46 -15.96 7.01
N ASP C 53 41.87 -15.58 5.80
CA ASP C 53 43.17 -14.98 5.57
C ASP C 53 43.09 -14.21 4.24
N GLY C 54 44.18 -13.55 3.90
CA GLY C 54 44.21 -12.76 2.69
C GLY C 54 44.15 -13.62 1.43
N HIS C 55 43.71 -12.97 0.35
CA HIS C 55 43.57 -13.63 -0.94
C HIS C 55 44.82 -14.42 -1.30
N ILE C 56 45.94 -13.71 -1.46
CA ILE C 56 47.18 -14.34 -1.89
C ILE C 56 47.65 -15.36 -0.87
N GLU C 57 47.46 -15.08 0.41
CA GLU C 57 47.85 -16.03 1.45
C GLU C 57 47.07 -17.33 1.30
N LEU C 58 45.75 -17.22 1.10
CA LEU C 58 44.93 -18.42 0.92
C LEU C 58 45.38 -19.20 -0.31
N LEU C 59 45.65 -18.52 -1.43
CA LEU C 59 46.13 -19.22 -2.60
C LEU C 59 47.43 -19.97 -2.30
N HIS C 60 48.38 -19.30 -1.63
CA HIS C 60 49.63 -19.95 -1.27
C HIS C 60 49.37 -21.20 -0.43
N ASN C 61 48.48 -21.08 0.57
CA ASN C 61 48.23 -22.21 1.46
C ASN C 61 47.69 -23.41 0.69
N HIS C 62 46.69 -23.19 -0.18
CA HIS C 62 46.09 -24.27 -0.93
C HIS C 62 47.01 -24.84 -2.02
N GLY C 63 48.20 -24.30 -2.18
CA GLY C 63 49.08 -24.77 -3.24
C GLY C 63 48.72 -24.30 -4.63
N THR C 64 47.93 -23.23 -4.74
CA THR C 64 47.58 -22.66 -6.03
C THR C 64 48.64 -21.67 -6.45
N ASP C 65 49.11 -21.80 -7.70
CA ASP C 65 50.23 -21.01 -8.20
C ASP C 65 49.77 -19.75 -8.94
N MET C 66 48.73 -19.86 -9.77
CA MET C 66 48.18 -18.72 -10.48
C MET C 66 46.67 -18.88 -10.58
N GLN C 67 45.98 -17.74 -10.68
CA GLN C 67 44.53 -17.71 -10.68
C GLN C 67 44.04 -16.66 -11.66
N LEU C 68 43.03 -17.04 -12.46
CA LEU C 68 42.35 -16.10 -13.34
C LEU C 68 41.32 -15.32 -12.51
N ILE C 69 41.55 -14.02 -12.33
CA ILE C 69 40.64 -13.18 -11.56
C ILE C 69 39.76 -12.38 -12.51
N SER C 70 38.48 -12.34 -12.21
CA SER C 70 37.46 -11.67 -12.99
C SER C 70 36.63 -10.80 -12.06
N PRO C 71 35.72 -9.98 -12.60
CA PRO C 71 34.84 -9.20 -11.72
C PRO C 71 34.09 -10.09 -10.75
N ARG C 72 33.76 -9.55 -9.57
CA ARG C 72 32.84 -10.26 -8.69
C ARG C 72 31.47 -10.13 -9.35
N PRO C 73 30.91 -11.20 -9.95
CA PRO C 73 29.76 -11.01 -10.85
C PRO C 73 28.51 -10.44 -10.20
N PHE C 74 28.27 -10.69 -8.90
CA PHE C 74 27.02 -10.23 -8.32
C PHE C 74 26.99 -8.73 -8.05
N GLN C 75 28.06 -8.00 -8.36
CA GLN C 75 28.10 -6.55 -8.23
C GLN C 75 27.83 -5.82 -9.54
N MET C 76 27.85 -6.52 -10.67
CA MET C 76 27.88 -5.89 -11.99
C MET C 76 26.54 -5.32 -12.44
N MET C 77 25.47 -5.51 -11.67
CA MET C 77 24.20 -4.78 -11.82
C MET C 77 23.81 -4.58 -13.28
N ASN C 78 23.78 -5.68 -14.04
CA ASN C 78 23.44 -5.60 -15.46
C ASN C 78 22.03 -5.07 -15.69
N SER C 79 21.16 -5.09 -14.68
CA SER C 79 19.79 -4.65 -14.83
C SER C 79 19.54 -3.25 -14.29
N ALA C 80 20.60 -2.54 -13.88
CA ALA C 80 20.43 -1.22 -13.30
C ALA C 80 20.22 -0.17 -14.40
N LYS C 81 19.70 0.99 -13.98
CA LYS C 81 19.48 2.14 -14.83
C LYS C 81 20.18 3.35 -14.23
N PRO C 82 20.71 4.27 -15.06
CA PRO C 82 20.77 4.23 -16.53
C PRO C 82 21.89 3.32 -17.03
N ALA C 83 21.84 2.98 -18.33
CA ALA C 83 22.77 2.01 -18.90
C ALA C 83 24.23 2.45 -18.73
N ARG C 84 24.48 3.75 -18.84
CA ARG C 84 25.87 4.22 -18.86
C ARG C 84 26.58 3.91 -17.55
N VAL C 85 25.85 3.77 -16.44
CA VAL C 85 26.53 3.44 -15.20
C VAL C 85 26.95 1.97 -15.21
N VAL C 86 26.13 1.10 -15.79
CA VAL C 86 26.55 -0.29 -16.00
C VAL C 86 27.83 -0.34 -16.81
N HIS C 87 27.85 0.34 -17.96
CA HIS C 87 29.06 0.37 -18.78
C HIS C 87 30.25 0.90 -18.00
N TRP C 88 30.10 2.06 -17.36
CA TRP C 88 31.22 2.70 -16.70
C TRP C 88 31.78 1.83 -15.58
N PHE C 89 30.90 1.23 -14.77
CA PHE C 89 31.38 0.42 -13.68
C PHE C 89 32.10 -0.83 -14.20
N CYS C 90 31.54 -1.49 -15.23
CA CYS C 90 32.24 -2.64 -15.79
C CYS C 90 33.62 -2.25 -16.29
N GLU C 91 33.71 -1.08 -16.95
CA GLU C 91 35.00 -0.63 -17.46
C GLU C 91 35.99 -0.40 -16.32
N GLU C 92 35.53 0.23 -15.23
CA GLU C 92 36.43 0.50 -14.11
C GLU C 92 36.88 -0.79 -13.45
N VAL C 93 35.98 -1.79 -13.36
CA VAL C 93 36.38 -3.06 -12.79
C VAL C 93 37.44 -3.72 -13.66
N ASN C 94 37.25 -3.68 -14.98
CA ASN C 94 38.24 -4.27 -15.87
C ASN C 94 39.58 -3.55 -15.74
N THR C 95 39.56 -2.23 -15.60
CA THR C 95 40.79 -1.47 -15.44
C THR C 95 41.51 -1.84 -14.15
N LEU C 96 40.77 -1.94 -13.05
CA LEU C 96 41.39 -2.29 -11.78
C LEU C 96 41.97 -3.70 -11.82
N ILE C 97 41.26 -4.64 -12.45
CA ILE C 97 41.78 -5.98 -12.61
C ILE C 97 43.08 -5.96 -13.41
N HIS C 98 43.11 -5.17 -14.50
CA HIS C 98 44.31 -5.07 -15.30
C HIS C 98 45.48 -4.59 -14.47
N ARG C 99 45.27 -3.49 -13.73
CA ARG C 99 46.34 -2.95 -12.89
C ARG C 99 46.82 -3.99 -11.88
N GLN C 100 45.88 -4.74 -11.28
CA GLN C 100 46.27 -5.70 -10.26
C GLN C 100 47.09 -6.84 -10.87
N CYS C 101 46.66 -7.37 -12.02
CA CYS C 101 47.44 -8.42 -12.68
C CYS C 101 48.79 -7.90 -13.14
N THR C 102 48.90 -6.61 -13.43
CA THR C 102 50.19 -6.05 -13.81
C THR C 102 51.12 -5.93 -12.61
N LEU C 103 50.58 -5.51 -11.46
CA LEU C 103 51.41 -5.37 -10.26
C LEU C 103 51.78 -6.72 -9.66
N ILE C 104 50.99 -7.76 -9.89
CA ILE C 104 51.24 -9.07 -9.29
C ILE C 104 51.20 -10.13 -10.38
N PRO C 105 52.07 -10.04 -11.39
CA PRO C 105 51.98 -10.98 -12.53
C PRO C 105 52.29 -12.41 -12.17
N GLU C 106 52.92 -12.67 -11.02
CA GLU C 106 53.24 -14.04 -10.63
C GLU C 106 52.03 -14.78 -10.09
N MET C 107 50.99 -14.05 -9.66
CA MET C 107 49.83 -14.64 -9.00
C MET C 107 48.56 -14.57 -9.84
N PHE C 108 48.27 -13.43 -10.47
CA PHE C 108 46.95 -13.16 -11.03
C PHE C 108 47.01 -12.99 -12.55
N ILE C 109 45.99 -13.52 -13.21
CA ILE C 109 45.84 -13.45 -14.67
C ILE C 109 44.48 -12.83 -14.96
N PRO C 110 44.38 -11.85 -15.87
CA PRO C 110 43.13 -11.09 -15.98
C PRO C 110 42.08 -11.71 -16.89
N VAL C 111 40.83 -11.64 -16.44
CA VAL C 111 39.65 -12.04 -17.20
C VAL C 111 38.59 -10.96 -17.01
N ALA C 112 37.95 -10.54 -18.10
CA ALA C 112 37.15 -9.33 -18.11
C ALA C 112 35.66 -9.62 -18.01
N GLY C 113 34.92 -8.64 -17.51
CA GLY C 113 33.48 -8.64 -17.61
C GLY C 113 33.02 -7.88 -18.84
N LEU C 114 31.83 -8.25 -19.31
CA LEU C 114 31.21 -7.57 -20.44
C LEU C 114 30.20 -6.53 -19.92
N PRO C 115 30.18 -5.33 -20.50
CA PRO C 115 29.16 -4.35 -20.11
C PRO C 115 27.80 -4.69 -20.67
N GLN C 116 27.20 -5.77 -20.18
CA GLN C 116 25.91 -6.23 -20.67
C GLN C 116 24.79 -5.44 -20.00
N VAL C 117 24.13 -4.58 -20.77
CA VAL C 117 22.97 -3.83 -20.31
C VAL C 117 21.72 -4.56 -20.80
N ALA C 118 20.93 -5.07 -19.85
CA ALA C 118 19.70 -5.77 -20.20
C ALA C 118 18.94 -5.02 -21.28
N GLY C 119 18.67 -5.71 -22.40
CA GLY C 119 17.92 -5.15 -23.50
C GLY C 119 18.76 -4.60 -24.64
N GLU C 120 20.03 -4.29 -24.39
CA GLU C 120 20.88 -3.73 -25.43
C GLU C 120 21.42 -4.84 -26.34
N PRO C 121 21.57 -4.56 -27.64
CA PRO C 121 22.22 -5.53 -28.52
C PRO C 121 23.63 -5.83 -28.05
N ILE C 122 24.05 -7.08 -28.24
CA ILE C 122 25.31 -7.53 -27.67
C ILE C 122 26.50 -6.84 -28.31
N GLU C 123 26.35 -6.33 -29.53
CA GLU C 123 27.42 -5.56 -30.16
C GLU C 123 27.94 -4.47 -29.23
N ASN C 124 27.09 -3.97 -28.34
CA ASN C 124 27.44 -2.86 -27.47
C ASN C 124 28.56 -3.19 -26.48
N VAL C 125 28.93 -4.47 -26.34
CA VAL C 125 30.07 -4.82 -25.50
C VAL C 125 31.38 -4.86 -26.28
N PHE C 126 31.31 -4.90 -27.61
CA PHE C 126 32.50 -5.18 -28.43
C PHE C 126 33.63 -4.21 -28.15
N ALA C 127 33.33 -2.92 -28.07
CA ALA C 127 34.36 -1.93 -27.76
C ALA C 127 35.13 -2.35 -26.50
N GLU C 128 34.40 -2.58 -25.40
CA GLU C 128 35.07 -2.93 -24.16
C GLU C 128 35.83 -4.25 -24.31
N MET C 129 35.37 -5.13 -25.19
CA MET C 129 36.14 -6.34 -25.48
C MET C 129 37.46 -5.98 -26.14
N ASP C 130 37.41 -5.17 -27.21
CA ASP C 130 38.64 -4.78 -27.88
C ASP C 130 39.63 -4.16 -26.90
N ARG C 131 39.17 -3.19 -26.10
CA ARG C 131 40.03 -2.60 -25.08
C ARG C 131 40.68 -3.69 -24.25
N CYS C 132 39.88 -4.63 -23.74
CA CYS C 132 40.41 -5.68 -22.88
C CYS C 132 41.39 -6.59 -23.60
N VAL C 133 41.29 -6.70 -24.92
CA VAL C 133 42.28 -7.48 -25.65
C VAL C 133 43.63 -6.77 -25.62
N SER C 134 43.62 -5.43 -25.73
CA SER C 134 44.88 -4.68 -25.71
C SER C 134 45.57 -4.78 -24.35
N MET C 135 44.80 -4.89 -23.27
CA MET C 135 45.36 -5.01 -21.93
C MET C 135 45.77 -6.44 -21.57
N GLY C 136 45.59 -7.39 -22.49
CA GLY C 136 46.06 -8.74 -22.27
C GLY C 136 45.06 -9.66 -21.59
N PHE C 137 43.81 -9.24 -21.43
CA PHE C 137 42.81 -10.11 -20.85
C PHE C 137 42.68 -11.39 -21.67
N LYS C 138 42.37 -12.48 -20.98
CA LYS C 138 42.41 -13.81 -21.57
C LYS C 138 41.02 -14.43 -21.72
N GLY C 139 39.96 -13.68 -21.43
CA GLY C 139 38.62 -14.22 -21.55
C GLY C 139 37.58 -13.20 -21.15
N PHE C 140 36.32 -13.64 -21.20
CA PHE C 140 35.19 -12.79 -20.86
C PHE C 140 34.13 -13.59 -20.13
N LEU C 141 33.57 -13.01 -19.08
CA LEU C 141 32.39 -13.58 -18.45
C LEU C 141 31.16 -13.26 -19.29
N LEU C 142 30.32 -14.27 -19.51
CA LEU C 142 29.12 -14.14 -20.33
C LEU C 142 27.90 -14.39 -19.45
N ASN C 143 27.09 -13.35 -19.25
CA ASN C 143 25.92 -13.44 -18.39
C ASN C 143 24.69 -13.78 -19.23
N PRO C 144 24.08 -14.95 -19.06
CA PRO C 144 22.89 -15.27 -19.86
C PRO C 144 21.63 -14.59 -19.38
N ASP C 145 21.64 -13.94 -18.21
CA ASP C 145 20.47 -13.26 -17.67
C ASP C 145 20.87 -11.87 -17.19
N PRO C 146 21.12 -10.95 -18.12
CA PRO C 146 21.38 -9.55 -17.73
C PRO C 146 20.18 -8.86 -17.11
N TYR C 147 18.98 -9.45 -17.21
CA TYR C 147 17.83 -8.93 -16.49
C TYR C 147 17.86 -9.29 -15.02
N GLU C 148 18.80 -10.13 -14.59
CA GLU C 148 19.06 -10.39 -13.17
C GLU C 148 17.80 -10.85 -12.45
N ASN C 149 17.22 -11.92 -12.98
CA ASN C 149 16.02 -12.55 -12.41
C ASN C 149 14.93 -11.50 -12.18
N GLY C 150 14.52 -10.88 -13.28
CA GLY C 150 13.47 -9.89 -13.23
C GLY C 150 12.26 -10.33 -14.03
N ALA C 151 11.37 -9.38 -14.33
CA ALA C 151 10.15 -9.72 -15.04
C ALA C 151 10.42 -10.26 -16.44
N GLU C 152 11.45 -9.77 -17.10
CA GLU C 152 11.77 -10.14 -18.47
C GLU C 152 12.98 -11.07 -18.52
N GLU C 153 13.22 -11.64 -19.70
CA GLU C 153 14.34 -12.53 -19.94
C GLU C 153 15.04 -12.11 -21.22
N ALA C 154 16.34 -12.41 -21.30
CA ALA C 154 17.07 -12.28 -22.53
C ALA C 154 16.77 -13.47 -23.45
N PRO C 155 17.05 -13.35 -24.74
CA PRO C 155 16.87 -14.51 -25.62
C PRO C 155 17.77 -15.64 -25.17
N PRO C 156 17.36 -16.89 -25.41
CA PRO C 156 18.24 -18.02 -25.08
C PRO C 156 19.55 -17.92 -25.85
N LEU C 157 20.56 -18.62 -25.33
CA LEU C 157 21.90 -18.52 -25.90
C LEU C 157 21.96 -19.04 -27.34
N GLY C 158 20.96 -19.81 -27.77
CA GLY C 158 20.89 -20.26 -29.13
C GLY C 158 20.30 -19.26 -30.09
N ASP C 159 19.82 -18.15 -29.58
CA ASP C 159 19.09 -17.18 -30.38
C ASP C 159 20.05 -16.29 -31.17
N ARG C 160 19.57 -15.83 -32.32
CA ARG C 160 20.36 -14.96 -33.20
C ARG C 160 21.00 -13.81 -32.43
N TYR C 161 20.30 -13.30 -31.41
CA TYR C 161 20.78 -12.18 -30.61
C TYR C 161 22.26 -12.31 -30.24
N TRP C 162 22.68 -13.50 -29.81
CA TRP C 162 24.03 -13.71 -29.30
C TRP C 162 25.05 -14.03 -30.39
N TYR C 163 24.60 -14.30 -31.61
CA TYR C 163 25.52 -14.79 -32.64
C TYR C 163 26.69 -13.87 -32.91
N PRO C 164 26.52 -12.56 -33.09
CA PRO C 164 27.70 -11.71 -33.33
C PRO C 164 28.76 -11.85 -32.25
N LEU C 165 28.36 -11.85 -30.97
CA LEU C 165 29.32 -12.08 -29.90
C LEU C 165 30.11 -13.35 -30.15
N TYR C 166 29.40 -14.49 -30.28
CA TYR C 166 30.05 -15.73 -30.64
C TYR C 166 31.05 -15.50 -31.78
N GLU C 167 30.57 -14.89 -32.87
CA GLU C 167 31.44 -14.62 -34.00
C GLU C 167 32.71 -13.92 -33.54
N LYS C 168 32.56 -12.79 -32.87
CA LYS C 168 33.74 -12.03 -32.44
C LYS C 168 34.64 -12.88 -31.57
N LEU C 169 34.06 -13.67 -30.67
CA LEU C 169 34.90 -14.51 -29.82
C LEU C 169 35.75 -15.46 -30.66
N CYS C 170 35.15 -16.08 -31.67
CA CYS C 170 35.92 -16.96 -32.54
C CYS C 170 37.02 -16.21 -33.26
N GLU C 171 36.80 -14.92 -33.56
CA GLU C 171 37.87 -14.12 -34.14
C GLU C 171 39.02 -13.98 -33.16
N LEU C 172 38.72 -13.72 -31.89
CA LEU C 172 39.76 -13.55 -30.89
C LEU C 172 40.31 -14.88 -30.40
N ASP C 173 39.59 -15.98 -30.63
CA ASP C 173 39.95 -17.27 -30.07
C ASP C 173 40.09 -17.17 -28.56
N LEU C 174 39.19 -16.41 -27.93
CA LEU C 174 39.12 -16.26 -26.49
C LEU C 174 37.80 -16.79 -25.97
N PRO C 175 37.77 -17.35 -24.76
CA PRO C 175 36.59 -18.08 -24.30
C PRO C 175 35.59 -17.18 -23.60
N ALA C 176 34.33 -17.64 -23.64
CA ALA C 176 33.25 -17.06 -22.84
C ALA C 176 33.05 -17.93 -21.61
N HIS C 177 33.12 -17.31 -20.44
CA HIS C 177 32.95 -18.00 -19.17
C HIS C 177 31.56 -17.68 -18.63
N ILE C 178 30.68 -18.68 -18.65
CA ILE C 178 29.28 -18.48 -18.28
C ILE C 178 29.18 -18.18 -16.79
N HIS C 179 28.71 -16.98 -16.45
CA HIS C 179 28.52 -16.60 -15.06
C HIS C 179 27.36 -15.61 -15.00
N ALA C 180 26.30 -15.99 -14.29
CA ALA C 180 25.25 -15.04 -13.99
C ALA C 180 25.78 -13.97 -13.03
N THR C 181 24.95 -12.95 -12.78
CA THR C 181 25.35 -11.84 -11.92
C THR C 181 24.43 -11.74 -10.71
N GLY C 182 23.59 -10.70 -10.65
CA GLY C 182 22.68 -10.55 -9.54
C GLY C 182 21.35 -11.26 -9.78
N SER C 183 20.53 -11.28 -8.72
CA SER C 183 19.22 -11.89 -8.78
C SER C 183 18.25 -11.04 -7.97
N GLN C 184 17.19 -10.57 -8.62
CA GLN C 184 16.18 -9.76 -7.95
C GLN C 184 15.11 -10.58 -7.26
N SER C 185 15.13 -11.91 -7.41
CA SER C 185 14.11 -12.75 -6.82
C SER C 185 14.29 -12.88 -5.31
N GLU C 186 13.17 -12.88 -4.59
CA GLU C 186 13.17 -13.15 -3.16
C GLU C 186 13.16 -14.65 -2.86
N ARG C 187 12.71 -15.48 -3.81
CA ARG C 187 12.83 -16.91 -3.66
C ARG C 187 14.25 -17.39 -3.91
N SER C 188 14.91 -16.84 -4.93
CA SER C 188 16.16 -17.38 -5.45
C SER C 188 17.26 -16.33 -5.34
N PRO C 189 18.06 -16.34 -4.26
CA PRO C 189 19.17 -15.38 -4.16
C PRO C 189 20.27 -15.65 -5.19
N TYR C 190 21.29 -14.79 -5.23
CA TYR C 190 22.24 -14.81 -6.33
C TYR C 190 23.01 -16.13 -6.38
N SER C 191 23.40 -16.67 -5.23
CA SER C 191 24.25 -17.86 -5.22
C SER C 191 23.55 -19.07 -5.84
N LEU C 192 22.22 -19.13 -5.73
CA LEU C 192 21.44 -20.19 -6.35
C LEU C 192 21.07 -19.85 -7.80
N HIS C 193 20.81 -18.57 -8.06
CA HIS C 193 20.56 -18.13 -9.42
C HIS C 193 21.74 -18.49 -10.32
N PHE C 194 22.96 -18.39 -9.80
CA PHE C 194 24.13 -18.86 -10.54
C PHE C 194 23.87 -20.25 -11.13
N ILE C 195 23.49 -21.19 -10.27
CA ILE C 195 23.32 -22.59 -10.67
C ILE C 195 22.19 -22.71 -11.69
N ASN C 196 21.04 -22.10 -11.39
CA ASN C 196 19.91 -22.20 -12.30
C ASN C 196 20.26 -21.65 -13.69
N GLU C 197 20.99 -20.54 -13.73
CA GLU C 197 21.29 -19.91 -15.01
C GLU C 197 22.34 -20.70 -15.77
N GLU C 198 23.31 -21.28 -15.07
CA GLU C 198 24.26 -22.16 -15.75
C GLU C 198 23.52 -23.34 -16.37
N THR C 199 22.53 -23.90 -15.65
CA THR C 199 21.73 -24.98 -16.21
C THR C 199 21.00 -24.52 -17.47
N ILE C 200 20.38 -23.34 -17.42
CA ILE C 200 19.62 -22.86 -18.57
C ILE C 200 20.55 -22.59 -19.75
N ALA C 201 21.68 -21.95 -19.51
CA ALA C 201 22.61 -21.62 -20.59
C ALA C 201 23.17 -22.89 -21.22
N THR C 202 23.53 -23.88 -20.41
CA THR C 202 24.04 -25.13 -20.95
C THR C 202 22.97 -25.84 -21.77
N TYR C 203 21.74 -25.89 -21.25
CA TYR C 203 20.65 -26.49 -22.01
C TYR C 203 20.45 -25.77 -23.33
N ASN C 204 20.50 -24.44 -23.33
CA ASN C 204 20.32 -23.69 -24.56
C ASN C 204 21.40 -24.03 -25.57
N LEU C 205 22.66 -24.02 -25.12
CA LEU C 205 23.77 -24.28 -26.03
C LEU C 205 23.76 -25.70 -26.56
N CYS C 206 23.24 -26.66 -25.77
CA CYS C 206 23.27 -28.06 -26.18
C CYS C 206 22.03 -28.49 -26.95
N THR C 207 21.04 -27.60 -27.10
CA THR C 207 19.84 -27.89 -27.89
C THR C 207 19.67 -26.92 -29.05
N SER C 208 20.71 -26.17 -29.40
CA SER C 208 20.65 -25.20 -30.48
C SER C 208 21.78 -25.47 -31.46
N SER C 209 21.76 -24.74 -32.58
CA SER C 209 22.75 -24.89 -33.63
C SER C 209 24.01 -24.05 -33.38
N VAL C 210 24.23 -23.60 -32.15
CA VAL C 210 25.36 -22.73 -31.86
C VAL C 210 26.67 -23.38 -32.31
N PHE C 211 26.92 -24.61 -31.86
CA PHE C 211 28.21 -25.24 -32.15
C PHE C 211 28.31 -25.78 -33.56
N ASP C 212 27.20 -25.84 -34.31
CA ASP C 212 27.32 -26.10 -35.74
C ASP C 212 27.81 -24.87 -36.48
N ASP C 213 27.43 -23.68 -36.02
CA ASP C 213 27.78 -22.44 -36.72
C ASP C 213 29.07 -21.83 -36.22
N PHE C 214 29.51 -22.17 -35.01
CA PHE C 214 30.77 -21.69 -34.45
C PHE C 214 31.49 -22.87 -33.81
N PRO C 215 31.91 -23.85 -34.62
CA PRO C 215 32.53 -25.06 -34.06
C PRO C 215 33.73 -24.80 -33.17
N GLN C 216 34.41 -23.66 -33.33
CA GLN C 216 35.57 -23.33 -32.52
C GLN C 216 35.23 -22.53 -31.27
N LEU C 217 33.95 -22.34 -30.98
CA LEU C 217 33.55 -21.50 -29.85
C LEU C 217 33.96 -22.14 -28.54
N LYS C 218 34.77 -21.44 -27.76
CA LYS C 218 35.24 -21.91 -26.47
C LYS C 218 34.34 -21.36 -25.37
N VAL C 219 33.64 -22.25 -24.67
CA VAL C 219 32.72 -21.86 -23.60
C VAL C 219 33.06 -22.66 -22.35
N VAL C 220 33.14 -21.99 -21.22
CA VAL C 220 33.45 -22.60 -19.94
C VAL C 220 32.26 -22.35 -19.01
N VAL C 221 31.51 -23.39 -18.70
CA VAL C 221 30.36 -23.25 -17.80
C VAL C 221 30.85 -23.30 -16.36
N SER C 222 30.33 -22.39 -15.54
CA SER C 222 30.79 -22.25 -14.17
C SER C 222 30.13 -23.30 -13.26
N HIS C 223 30.78 -23.52 -12.11
CA HIS C 223 30.23 -24.34 -11.04
C HIS C 223 29.82 -25.72 -11.56
N GLY C 224 30.72 -26.34 -12.32
CA GLY C 224 30.48 -27.70 -12.78
C GLY C 224 29.26 -27.87 -13.64
N GLY C 225 28.77 -26.80 -14.27
CA GLY C 225 27.63 -26.89 -15.15
C GLY C 225 26.28 -26.80 -14.49
N GLY C 226 26.18 -26.14 -13.34
CA GLY C 226 24.92 -26.04 -12.64
C GLY C 226 24.37 -27.40 -12.23
N ALA C 227 23.25 -27.79 -12.83
CA ALA C 227 22.63 -29.08 -12.56
C ALA C 227 22.90 -30.10 -13.65
N ILE C 228 23.51 -29.70 -14.77
CA ILE C 228 23.46 -30.51 -15.98
C ILE C 228 24.15 -31.86 -15.83
N PRO C 229 25.40 -31.94 -15.35
CA PRO C 229 26.03 -33.26 -15.21
C PRO C 229 25.25 -34.20 -14.33
N TYR C 230 24.53 -33.68 -13.34
CA TYR C 230 23.71 -34.49 -12.44
C TYR C 230 22.35 -34.83 -13.04
N GLN C 231 21.82 -33.98 -13.92
CA GLN C 231 20.51 -34.18 -14.53
C GLN C 231 20.60 -34.53 -16.01
N LEU C 232 21.80 -34.94 -16.48
CA LEU C 232 22.02 -35.11 -17.91
C LEU C 232 21.08 -36.12 -18.54
N GLY C 233 20.67 -37.15 -17.77
CA GLY C 233 19.92 -38.23 -18.37
C GLY C 233 18.62 -37.78 -19.03
N ARG C 234 17.83 -36.98 -18.33
CA ARG C 234 16.53 -36.57 -18.86
C ARG C 234 16.70 -35.74 -20.13
N PHE C 235 17.71 -34.86 -20.15
CA PHE C 235 17.92 -34.01 -21.32
C PHE C 235 18.42 -34.83 -22.51
N GLU C 236 19.31 -35.80 -22.26
CA GLU C 236 19.73 -36.69 -23.33
C GLU C 236 18.55 -37.46 -23.90
N SER C 237 17.72 -38.02 -23.01
CA SER C 237 16.54 -38.76 -23.45
C SER C 237 15.66 -37.89 -24.34
N GLN C 238 15.30 -36.71 -23.85
CA GLN C 238 14.41 -35.84 -24.64
C GLN C 238 15.09 -35.39 -25.94
N SER C 239 16.42 -35.26 -25.93
CA SER C 239 17.12 -34.88 -27.14
C SER C 239 17.11 -35.97 -28.18
N ARG C 240 16.96 -37.24 -27.76
CA ARG C 240 16.86 -38.31 -28.75
C ARG C 240 15.79 -38.00 -29.80
N ARG C 241 14.77 -37.21 -29.43
CA ARG C 241 13.70 -36.83 -30.35
C ARG C 241 14.06 -35.61 -31.18
N SER C 242 15.27 -35.53 -31.70
CA SER C 242 15.72 -34.37 -32.47
C SER C 242 16.94 -34.77 -33.30
N LYS C 243 17.59 -33.78 -33.92
CA LYS C 243 18.65 -34.04 -34.87
C LYS C 243 19.96 -34.42 -34.17
N HIS C 244 20.22 -33.82 -33.01
CA HIS C 244 21.51 -33.94 -32.34
C HIS C 244 21.29 -34.25 -30.87
N LEU C 245 22.00 -35.24 -30.36
CA LEU C 245 21.91 -35.58 -28.95
C LEU C 245 22.46 -34.45 -28.09
N PHE C 246 21.88 -34.31 -26.90
CA PHE C 246 22.40 -33.38 -25.92
C PHE C 246 23.89 -33.59 -25.71
N SER C 247 24.33 -34.86 -25.62
CA SER C 247 25.72 -35.16 -25.37
C SER C 247 26.63 -34.76 -26.53
N GLU C 248 26.12 -34.84 -27.77
CA GLU C 248 26.94 -34.48 -28.92
C GLU C 248 27.34 -33.01 -28.86
N ARG C 249 26.43 -32.13 -28.43
CA ARG C 249 26.79 -30.73 -28.24
C ARG C 249 27.59 -30.53 -26.96
N MET C 250 27.22 -31.24 -25.89
CA MET C 250 27.89 -31.05 -24.62
C MET C 250 29.37 -31.40 -24.70
N ALA C 251 29.73 -32.37 -25.53
CA ALA C 251 31.14 -32.71 -25.71
C ALA C 251 31.98 -31.50 -26.08
N LYS C 252 31.36 -30.47 -26.67
CA LYS C 252 32.08 -29.27 -27.08
C LYS C 252 32.36 -28.32 -25.93
N LEU C 253 31.62 -28.44 -24.83
CA LEU C 253 31.70 -27.50 -23.73
C LEU C 253 32.81 -27.86 -22.76
N TYR C 254 33.40 -26.84 -22.14
CA TYR C 254 34.24 -27.01 -20.98
C TYR C 254 33.47 -26.65 -19.72
N PHE C 255 33.93 -27.17 -18.60
CA PHE C 255 33.32 -26.91 -17.30
C PHE C 255 34.43 -26.68 -16.28
N ASP C 256 34.22 -25.75 -15.35
CA ASP C 256 35.16 -25.61 -14.25
C ASP C 256 34.67 -26.42 -13.05
N THR C 257 35.60 -26.69 -12.13
CA THR C 257 35.38 -27.64 -11.04
C THR C 257 35.03 -26.95 -9.72
N VAL C 258 34.34 -25.82 -9.77
CA VAL C 258 33.97 -25.12 -8.55
C VAL C 258 32.83 -25.89 -7.90
N LEU C 259 33.19 -26.92 -7.14
CA LEU C 259 32.25 -27.77 -6.43
C LEU C 259 32.93 -28.17 -5.12
N TYR C 260 32.25 -27.97 -4.00
CA TYR C 260 32.88 -28.14 -2.70
C TYR C 260 32.51 -29.47 -2.05
N THR C 261 32.03 -30.43 -2.82
CA THR C 261 31.88 -31.81 -2.36
C THR C 261 32.70 -32.73 -3.26
N GLU C 262 33.34 -33.73 -2.65
CA GLU C 262 34.15 -34.68 -3.42
C GLU C 262 33.28 -35.46 -4.40
N GLY C 263 32.10 -35.89 -3.97
CA GLY C 263 31.23 -36.65 -4.85
C GLY C 263 30.83 -35.88 -6.09
N ALA C 264 30.53 -34.59 -5.92
CA ALA C 264 30.16 -33.77 -7.07
C ALA C 264 31.31 -33.63 -8.05
N LEU C 265 32.52 -33.42 -7.54
CA LEU C 265 33.70 -33.36 -8.41
C LEU C 265 33.89 -34.67 -9.16
N ARG C 266 33.76 -35.80 -8.46
CA ARG C 266 33.86 -37.10 -9.09
C ARG C 266 32.85 -37.23 -10.23
N LEU C 267 31.59 -36.86 -9.96
CA LEU C 267 30.55 -36.97 -10.98
C LEU C 267 30.84 -36.07 -12.17
N LEU C 268 31.26 -34.83 -11.92
CA LEU C 268 31.61 -33.93 -13.02
C LEU C 268 32.69 -34.54 -13.90
N ILE C 269 33.79 -34.97 -13.29
CA ILE C 269 34.94 -35.42 -14.07
C ILE C 269 34.60 -36.71 -14.81
N GLU C 270 33.88 -37.63 -14.17
CA GLU C 270 33.51 -38.87 -14.85
C GLU C 270 32.42 -38.66 -15.90
N THR C 271 31.66 -37.57 -15.81
CA THR C 271 30.59 -37.34 -16.78
C THR C 271 31.12 -36.65 -18.03
N VAL C 272 31.97 -35.63 -17.88
CA VAL C 272 32.41 -34.85 -19.02
C VAL C 272 33.83 -35.19 -19.46
N GLY C 273 34.58 -35.94 -18.66
CA GLY C 273 35.92 -36.33 -19.02
C GLY C 273 36.95 -35.33 -18.54
N PRO C 274 38.18 -35.81 -18.28
CA PRO C 274 39.23 -34.88 -17.83
C PRO C 274 39.66 -33.89 -18.90
N GLU C 275 39.44 -34.19 -20.18
CA GLU C 275 39.82 -33.28 -21.26
C GLU C 275 38.90 -32.06 -21.36
N ARG C 276 37.91 -31.93 -20.47
CA ARG C 276 36.96 -30.83 -20.52
C ARG C 276 36.73 -30.21 -19.14
N CYS C 277 37.67 -30.41 -18.20
CA CYS C 277 37.55 -29.89 -16.85
C CYS C 277 38.72 -28.97 -16.54
N LEU C 278 38.43 -27.77 -16.05
CA LEU C 278 39.44 -26.80 -15.64
C LEU C 278 39.29 -26.56 -14.15
N PHE C 279 40.37 -26.80 -13.39
CA PHE C 279 40.30 -26.60 -11.95
C PHE C 279 39.90 -25.17 -11.62
N GLY C 280 38.92 -25.03 -10.74
CA GLY C 280 38.50 -23.73 -10.25
C GLY C 280 38.01 -23.88 -8.83
N SER C 281 38.09 -22.78 -8.06
CA SER C 281 37.74 -22.84 -6.65
C SER C 281 36.94 -21.64 -6.15
N GLU C 282 36.95 -20.52 -6.85
CA GLU C 282 36.32 -19.29 -6.37
C GLU C 282 36.86 -18.92 -4.99
N CYS C 283 38.13 -19.20 -4.78
CA CYS C 283 38.81 -18.83 -3.54
C CYS C 283 39.45 -17.46 -3.71
N PRO C 284 39.12 -16.47 -2.86
CA PRO C 284 38.18 -16.52 -1.74
C PRO C 284 36.76 -16.15 -2.12
N GLY C 285 35.78 -16.69 -1.39
CA GLY C 285 34.38 -16.47 -1.72
C GLY C 285 33.42 -17.35 -0.96
N VAL C 286 32.40 -17.85 -1.65
CA VAL C 286 31.33 -18.61 -1.00
C VAL C 286 31.89 -19.79 -0.22
N GLY C 287 32.92 -20.44 -0.76
CA GLY C 287 33.53 -21.58 -0.11
C GLY C 287 34.63 -21.23 0.87
N SER C 288 34.82 -19.94 1.19
CA SER C 288 35.86 -19.52 2.11
C SER C 288 35.39 -19.62 3.56
N THR C 289 34.78 -20.75 3.90
CA THR C 289 34.42 -21.06 5.27
C THR C 289 35.19 -22.31 5.70
N ILE C 290 35.51 -22.37 6.98
CA ILE C 290 36.16 -23.54 7.54
C ILE C 290 35.11 -24.60 7.81
N ASP C 291 35.46 -25.86 7.60
CA ASP C 291 34.58 -26.98 7.87
C ASP C 291 34.79 -27.45 9.31
N PRO C 292 34.05 -26.88 10.30
CA PRO C 292 34.34 -27.20 11.72
C PRO C 292 34.56 -28.67 12.00
N ALA C 293 33.89 -29.55 11.25
CA ALA C 293 34.12 -30.98 11.41
C ALA C 293 35.58 -31.32 11.15
N THR C 294 36.13 -30.85 10.03
CA THR C 294 37.51 -31.12 9.66
C THR C 294 38.46 -29.96 9.93
N GLY C 295 37.95 -28.74 10.09
CA GLY C 295 38.79 -27.56 10.23
C GLY C 295 39.42 -27.08 8.94
N LYS C 296 39.05 -27.66 7.80
CA LYS C 296 39.64 -27.32 6.52
C LYS C 296 38.69 -26.45 5.71
N GLN C 297 39.26 -25.59 4.87
CA GLN C 297 38.48 -24.66 4.09
C GLN C 297 37.82 -25.39 2.92
N MET C 298 36.51 -25.17 2.74
CA MET C 298 35.75 -25.96 1.79
C MET C 298 36.21 -25.76 0.35
N ASP C 299 36.77 -24.60 0.03
CA ASP C 299 37.20 -24.34 -1.34
C ASP C 299 38.63 -24.79 -1.61
N HIS C 300 39.30 -25.41 -0.63
CA HIS C 300 40.58 -26.07 -0.85
C HIS C 300 40.28 -27.49 -1.33
N ILE C 301 39.95 -27.60 -2.61
CA ILE C 301 39.44 -28.84 -3.19
C ILE C 301 40.45 -29.52 -4.09
N ALA C 302 41.64 -28.95 -4.28
CA ALA C 302 42.66 -29.61 -5.07
C ALA C 302 42.98 -31.02 -4.57
N PRO C 303 43.10 -31.27 -3.27
CA PRO C 303 43.47 -32.62 -2.82
C PRO C 303 42.47 -33.69 -3.23
N PHE C 304 41.18 -33.38 -3.24
CA PHE C 304 40.20 -34.35 -3.71
C PHE C 304 40.54 -34.85 -5.11
N ILE C 305 40.91 -33.92 -6.00
CA ILE C 305 41.25 -34.29 -7.37
C ILE C 305 42.60 -35.00 -7.39
N GLN C 306 43.59 -34.49 -6.65
CA GLN C 306 44.90 -35.13 -6.61
C GLN C 306 44.81 -36.55 -6.07
N LYS C 307 43.83 -36.84 -5.21
CA LYS C 307 43.70 -38.14 -4.58
C LYS C 307 42.69 -39.04 -5.26
N PHE C 308 42.16 -38.65 -6.43
CA PHE C 308 41.17 -39.48 -7.10
C PHE C 308 41.85 -40.71 -7.71
N ASP C 309 41.41 -41.88 -7.28
CA ASP C 309 42.01 -43.14 -7.71
C ASP C 309 41.96 -43.31 -9.22
N PHE C 310 40.88 -42.83 -9.85
CA PHE C 310 40.56 -43.21 -11.23
C PHE C 310 41.18 -42.28 -12.27
N LEU C 311 41.93 -41.26 -11.86
CA LEU C 311 42.56 -40.33 -12.79
C LEU C 311 44.05 -40.59 -12.84
N SER C 312 44.59 -40.67 -14.05
CA SER C 312 46.03 -40.77 -14.24
C SER C 312 46.67 -39.40 -14.07
N ASP C 313 47.98 -39.40 -13.78
CA ASP C 313 48.69 -38.15 -13.60
C ASP C 313 48.50 -37.21 -14.79
N ALA C 314 48.42 -37.76 -16.01
CA ALA C 314 48.20 -36.92 -17.18
C ALA C 314 46.86 -36.22 -17.13
N ASP C 315 45.81 -36.94 -16.70
CA ASP C 315 44.50 -36.32 -16.59
C ASP C 315 44.48 -35.24 -15.50
N LYS C 316 45.13 -35.52 -14.36
CA LYS C 316 45.24 -34.51 -13.32
C LYS C 316 45.95 -33.27 -13.83
N LYS C 317 47.02 -33.45 -14.61
CA LYS C 317 47.72 -32.30 -15.17
C LYS C 317 46.82 -31.53 -16.13
N LEU C 318 46.06 -32.24 -16.97
CA LEU C 318 45.09 -31.59 -17.83
C LEU C 318 44.16 -30.71 -17.00
N ILE C 319 43.58 -31.27 -15.94
CA ILE C 319 42.63 -30.53 -15.13
C ILE C 319 43.29 -29.32 -14.48
N PHE C 320 44.55 -29.47 -14.06
CA PHE C 320 45.19 -28.46 -13.24
C PHE C 320 45.87 -27.35 -14.04
N GLU C 321 46.24 -27.59 -15.31
CA GLU C 321 46.88 -26.51 -16.06
C GLU C 321 46.70 -26.57 -17.58
N ASP C 322 46.90 -27.75 -18.20
CA ASP C 322 46.94 -27.81 -19.66
C ASP C 322 45.67 -27.23 -20.26
N ASN C 323 44.51 -27.62 -19.73
CA ASN C 323 43.24 -27.17 -20.32
C ASN C 323 43.08 -25.67 -20.18
N ALA C 324 43.37 -25.12 -18.99
CA ALA C 324 43.33 -23.68 -18.82
C ALA C 324 44.31 -22.99 -19.77
N ARG C 325 45.52 -23.54 -19.90
CA ARG C 325 46.51 -22.94 -20.79
C ARG C 325 46.03 -22.92 -22.23
N LYS C 326 45.27 -23.92 -22.65
CA LYS C 326 44.76 -23.98 -24.01
C LYS C 326 43.58 -23.04 -24.21
N VAL C 327 42.62 -23.08 -23.28
CA VAL C 327 41.36 -22.36 -23.46
C VAL C 327 41.55 -20.86 -23.27
N PHE C 328 42.41 -20.46 -22.33
CA PHE C 328 42.63 -19.06 -22.02
C PHE C 328 43.91 -18.50 -22.62
N ASN C 329 44.48 -19.19 -23.61
CA ASN C 329 45.64 -18.68 -24.34
C ASN C 329 46.71 -18.15 -23.37
N LEU C 330 47.09 -18.99 -22.41
CA LEU C 330 48.06 -18.59 -21.42
C LEU C 330 49.48 -18.80 -21.94
N GLU C 331 50.41 -17.98 -21.45
CA GLU C 331 51.80 -18.06 -21.84
C GLU C 331 52.60 -18.85 -20.81
N VAL C 332 53.62 -19.55 -21.28
CA VAL C 332 54.45 -20.38 -20.42
C VAL C 332 55.84 -19.74 -20.29
N MET D 1 28.61 32.28 18.42
CA MET D 1 29.13 31.12 17.65
C MET D 1 28.27 30.90 16.40
N ILE D 2 28.79 30.12 15.45
CA ILE D 2 28.10 29.82 14.21
C ILE D 2 27.76 28.34 14.21
N ILE D 3 26.47 28.02 14.10
CA ILE D 3 26.00 26.65 14.01
C ILE D 3 25.41 26.44 12.62
N ASP D 4 26.02 25.54 11.85
CA ASP D 4 25.57 25.19 10.51
C ASP D 4 24.60 24.02 10.63
N CYS D 5 23.32 24.26 10.35
CA CYS D 5 22.29 23.25 10.56
C CYS D 5 22.14 22.28 9.39
N HIS D 6 22.82 22.52 8.27
CA HIS D 6 22.69 21.67 7.08
C HIS D 6 24.08 21.18 6.68
N GLY D 7 24.49 20.04 7.23
CA GLY D 7 25.69 19.38 6.83
C GLY D 7 25.45 17.90 6.63
N HIS D 8 26.33 17.27 5.85
CA HIS D 8 26.20 15.85 5.52
C HIS D 8 27.50 15.13 5.87
N VAL D 9 27.35 13.92 6.40
CA VAL D 9 28.49 13.22 6.97
C VAL D 9 29.54 12.94 5.92
N SER D 10 30.81 13.20 6.28
CA SER D 10 31.95 12.72 5.51
C SER D 10 32.39 11.40 6.14
N ALA D 11 31.92 10.31 5.58
CA ALA D 11 32.12 8.99 6.16
C ALA D 11 33.31 8.28 5.54
N PRO D 12 33.86 7.29 6.23
CA PRO D 12 34.85 6.42 5.59
C PRO D 12 34.24 5.67 4.41
N VAL D 13 35.08 5.35 3.43
CA VAL D 13 34.63 4.72 2.20
C VAL D 13 33.94 3.39 2.45
N GLU D 14 34.19 2.76 3.60
CA GLU D 14 33.58 1.47 3.90
C GLU D 14 32.06 1.55 3.89
N LEU D 15 31.48 2.69 4.26
CA LEU D 15 30.02 2.81 4.35
C LEU D 15 29.37 2.65 2.99
N TRP D 16 29.89 3.36 1.98
CA TRP D 16 29.29 3.29 0.65
C TRP D 16 29.54 1.93 0.01
N ALA D 17 30.70 1.32 0.28
CA ALA D 17 30.92 -0.05 -0.17
C ALA D 17 29.95 -1.01 0.48
N TYR D 18 29.59 -0.76 1.74
CA TYR D 18 28.56 -1.57 2.38
C TYR D 18 27.24 -1.43 1.64
N LYS D 19 26.91 -0.21 1.21
CA LYS D 19 25.72 -0.03 0.37
C LYS D 19 25.81 -0.89 -0.88
N ALA D 20 26.94 -0.82 -1.59
CA ALA D 20 27.11 -1.59 -2.82
C ALA D 20 26.92 -3.08 -2.56
N SER D 21 27.49 -3.58 -1.46
CA SER D 21 27.38 -5.02 -1.18
C SER D 21 25.94 -5.41 -0.83
N LEU D 22 25.23 -4.57 -0.07
CA LEU D 22 23.82 -4.82 0.19
C LEU D 22 23.04 -4.93 -1.12
N LEU D 23 23.31 -4.03 -2.06
CA LEU D 23 22.66 -4.14 -3.36
C LEU D 23 23.11 -5.37 -4.14
N ALA D 24 24.31 -5.88 -3.84
CA ALA D 24 24.81 -7.05 -4.57
C ALA D 24 24.14 -8.33 -4.11
N HIS D 25 24.07 -8.57 -2.79
CA HIS D 25 23.47 -9.80 -2.30
C HIS D 25 22.03 -9.63 -1.82
N ARG D 26 21.56 -8.40 -1.67
CA ARG D 26 20.14 -8.12 -1.38
C ARG D 26 19.65 -8.81 -0.11
N GLY D 27 20.56 -9.14 0.80
CA GLY D 27 20.21 -9.76 2.07
C GLY D 27 20.63 -11.20 2.22
N SER D 28 21.01 -11.88 1.14
CA SER D 28 21.34 -13.30 1.25
C SER D 28 22.57 -13.54 2.12
N HIS D 29 23.36 -12.50 2.40
CA HIS D 29 24.44 -12.60 3.38
C HIS D 29 24.01 -12.14 4.76
N GLY D 30 22.72 -11.82 4.94
CA GLY D 30 22.27 -11.24 6.19
C GLY D 30 22.60 -9.77 6.28
N ARG D 31 22.18 -9.17 7.40
CA ARG D 31 22.35 -7.73 7.59
C ARG D 31 23.83 -7.34 7.54
N GLY D 32 24.64 -7.96 8.39
CA GLY D 32 26.04 -7.56 8.48
C GLY D 32 26.18 -6.19 9.09
N GLY D 33 27.10 -5.39 8.55
CA GLY D 33 27.30 -4.05 9.04
C GLY D 33 28.64 -3.48 8.62
N VAL D 34 28.84 -2.22 8.96
CA VAL D 34 30.04 -1.48 8.58
C VAL D 34 31.11 -1.71 9.64
N LYS D 35 32.23 -2.30 9.22
CA LYS D 35 33.38 -2.53 10.10
C LYS D 35 34.40 -1.43 9.85
N VAL D 36 34.43 -0.44 10.74
CA VAL D 36 35.40 0.65 10.68
C VAL D 36 35.82 1.00 12.10
N THR D 37 37.09 1.39 12.24
CA THR D 37 37.61 1.83 13.52
C THR D 37 37.35 3.33 13.71
N ASP D 38 37.35 3.75 14.97
CA ASP D 38 37.17 5.16 15.29
C ASP D 38 38.18 6.02 14.53
N GLU D 39 39.44 5.56 14.48
CA GLU D 39 40.47 6.31 13.78
C GLU D 39 40.09 6.54 12.32
N GLN D 40 39.47 5.55 11.69
CA GLN D 40 39.06 5.70 10.30
C GLN D 40 37.97 6.74 10.14
N ILE D 41 37.03 6.79 11.09
CA ILE D 41 35.96 7.78 11.02
C ILE D 41 36.51 9.18 11.18
N ILE D 42 37.41 9.37 12.14
CA ILE D 42 38.04 10.67 12.32
C ILE D 42 38.80 11.06 11.04
N ALA D 43 39.63 10.14 10.53
CA ALA D 43 40.38 10.42 9.30
C ALA D 43 39.43 10.82 8.17
N ALA D 44 38.28 10.15 8.06
CA ALA D 44 37.31 10.51 7.03
C ALA D 44 36.80 11.93 7.24
N ALA D 45 36.64 12.34 8.49
CA ALA D 45 36.28 13.73 8.75
C ALA D 45 37.41 14.68 8.38
N HIS D 46 38.65 14.21 8.34
CA HIS D 46 39.79 15.04 7.97
C HIS D 46 40.23 14.89 6.52
N HIS D 47 39.85 13.79 5.86
CA HIS D 47 40.34 13.53 4.51
C HIS D 47 39.84 14.59 3.52
N LYS D 48 40.67 14.88 2.51
CA LYS D 48 40.33 15.92 1.55
C LYS D 48 39.16 15.52 0.67
N GLU D 49 39.18 14.29 0.15
CA GLU D 49 38.15 13.82 -0.78
C GLU D 49 38.22 14.73 -2.02
N THR D 50 37.08 15.11 -2.60
CA THR D 50 37.07 15.95 -3.79
C THR D 50 37.09 17.45 -3.46
N TRP D 51 37.08 17.83 -2.20
CA TRP D 51 36.94 19.21 -1.79
C TRP D 51 38.31 19.89 -1.75
N PRO D 52 38.34 21.22 -1.65
CA PRO D 52 39.63 21.92 -1.54
C PRO D 52 40.35 21.70 -0.22
N ASP D 53 39.75 21.02 0.73
CA ASP D 53 40.38 20.71 2.01
C ASP D 53 39.48 19.69 2.72
N GLY D 54 39.83 19.37 3.97
CA GLY D 54 39.01 18.46 4.73
C GLY D 54 37.76 19.10 5.28
N HIS D 55 36.81 18.25 5.67
CA HIS D 55 35.54 18.72 6.23
C HIS D 55 35.79 19.64 7.43
N ILE D 56 36.50 19.12 8.43
CA ILE D 56 36.79 19.88 9.64
C ILE D 56 37.60 21.13 9.30
N GLU D 57 38.58 20.98 8.42
CA GLU D 57 39.43 22.12 8.07
C GLU D 57 38.62 23.21 7.36
N LEU D 58 37.71 22.82 6.46
CA LEU D 58 36.90 23.82 5.77
C LEU D 58 35.98 24.55 6.76
N LEU D 59 35.36 23.81 7.68
CA LEU D 59 34.53 24.49 8.67
C LEU D 59 35.36 25.44 9.53
N HIS D 60 36.58 25.04 9.90
CA HIS D 60 37.46 25.95 10.63
C HIS D 60 37.73 27.22 9.81
N ASN D 61 37.99 27.06 8.50
CA ASN D 61 38.30 28.21 7.67
C ASN D 61 37.12 29.18 7.59
N HIS D 62 35.91 28.66 7.51
CA HIS D 62 34.73 29.50 7.36
C HIS D 62 34.22 30.08 8.68
N GLY D 63 34.89 29.79 9.78
CA GLY D 63 34.44 30.27 11.07
C GLY D 63 33.27 29.53 11.67
N THR D 64 32.95 28.34 11.14
CA THR D 64 31.86 27.54 11.67
C THR D 64 32.37 26.74 12.86
N ASP D 65 31.71 26.91 14.00
CA ASP D 65 32.14 26.24 15.23
C ASP D 65 31.59 24.83 15.32
N MET D 66 30.33 24.63 14.91
CA MET D 66 29.72 23.30 14.93
C MET D 66 28.77 23.18 13.76
N GLN D 67 28.50 21.93 13.39
CA GLN D 67 27.62 21.63 12.26
C GLN D 67 26.79 20.41 12.57
N LEU D 68 25.51 20.46 12.19
CA LEU D 68 24.62 19.31 12.29
C LEU D 68 24.79 18.47 11.04
N ILE D 69 25.29 17.24 11.20
CA ILE D 69 25.60 16.37 10.07
C ILE D 69 24.55 15.26 10.01
N SER D 70 23.98 15.10 8.83
CA SER D 70 22.97 14.09 8.53
C SER D 70 23.48 13.21 7.40
N PRO D 71 22.75 12.18 7.00
CA PRO D 71 23.21 11.37 5.86
C PRO D 71 23.33 12.21 4.61
N ARG D 72 24.22 11.80 3.70
CA ARG D 72 24.25 12.35 2.36
C ARG D 72 22.98 11.87 1.65
N PRO D 73 21.97 12.72 1.47
CA PRO D 73 20.64 12.18 1.11
C PRO D 73 20.58 11.48 -0.24
N PHE D 74 21.41 11.87 -1.21
CA PHE D 74 21.27 11.22 -2.53
C PHE D 74 21.80 9.78 -2.54
N GLN D 75 22.26 9.25 -1.42
CA GLN D 75 22.72 7.87 -1.34
C GLN D 75 21.71 6.94 -0.68
N MET D 76 20.60 7.47 -0.16
CA MET D 76 19.73 6.72 0.74
C MET D 76 18.73 5.82 0.01
N MET D 77 18.68 5.87 -1.31
CA MET D 77 18.00 4.88 -2.16
C MET D 77 16.66 4.42 -1.57
N ASN D 78 15.77 5.39 -1.36
CA ASN D 78 14.46 5.10 -0.78
C ASN D 78 13.56 4.29 -1.71
N SER D 79 13.89 4.18 -3.00
CA SER D 79 13.08 3.42 -3.95
C SER D 79 13.68 2.07 -4.28
N ALA D 80 14.78 1.68 -3.63
CA ALA D 80 15.43 0.41 -3.94
C ALA D 80 14.68 -0.75 -3.31
N LYS D 81 14.82 -1.92 -3.94
CA LYS D 81 14.23 -3.15 -3.42
C LYS D 81 15.33 -4.16 -3.16
N PRO D 82 15.17 -5.04 -2.16
CA PRO D 82 14.02 -5.13 -1.25
C PRO D 82 14.09 -4.12 -0.11
N ALA D 83 12.95 -3.89 0.56
CA ALA D 83 12.86 -2.84 1.57
C ALA D 83 13.97 -2.95 2.60
N ARG D 84 14.32 -4.17 3.00
CA ARG D 84 15.20 -4.32 4.14
C ARG D 84 16.57 -3.72 3.89
N VAL D 85 17.02 -3.63 2.63
CA VAL D 85 18.32 -3.01 2.40
C VAL D 85 18.24 -1.49 2.61
N VAL D 86 17.11 -0.88 2.27
CA VAL D 86 16.90 0.53 2.58
C VAL D 86 16.96 0.74 4.09
N HIS D 87 16.22 -0.09 4.83
CA HIS D 87 16.26 0.00 6.29
C HIS D 87 17.68 -0.18 6.83
N TRP D 88 18.36 -1.24 6.40
CA TRP D 88 19.68 -1.56 6.94
C TRP D 88 20.68 -0.45 6.64
N PHE D 89 20.64 0.10 5.43
CA PHE D 89 21.61 1.14 5.12
C PHE D 89 21.33 2.40 5.92
N CYS D 90 20.06 2.79 6.04
CA CYS D 90 19.73 3.93 6.89
C CYS D 90 20.26 3.72 8.31
N GLU D 91 20.05 2.53 8.86
CA GLU D 91 20.48 2.27 10.24
C GLU D 91 22.00 2.38 10.37
N GLU D 92 22.74 1.83 9.41
CA GLU D 92 24.20 1.89 9.50
C GLU D 92 24.72 3.30 9.32
N VAL D 93 24.11 4.08 8.42
CA VAL D 93 24.51 5.48 8.28
C VAL D 93 24.30 6.22 9.59
N ASN D 94 23.14 6.02 10.23
CA ASN D 94 22.87 6.70 11.49
C ASN D 94 23.87 6.27 12.57
N THR D 95 24.18 4.98 12.64
CA THR D 95 25.15 4.52 13.63
C THR D 95 26.51 5.17 13.41
N LEU D 96 26.95 5.27 12.15
CA LEU D 96 28.24 5.88 11.86
C LEU D 96 28.24 7.36 12.22
N ILE D 97 27.15 8.07 11.90
CA ILE D 97 27.05 9.48 12.28
C ILE D 97 27.15 9.61 13.80
N HIS D 98 26.45 8.75 14.53
CA HIS D 98 26.51 8.80 15.99
C HIS D 98 27.93 8.58 16.49
N ARG D 99 28.64 7.61 15.90
CA ARG D 99 30.01 7.35 16.31
C ARG D 99 30.89 8.58 16.04
N GLN D 100 30.76 9.18 14.87
CA GLN D 100 31.60 10.34 14.53
C GLN D 100 31.30 11.51 15.46
N CYS D 101 30.03 11.73 15.79
CA CYS D 101 29.68 12.85 16.67
C CYS D 101 30.13 12.58 18.10
N THR D 102 30.14 11.31 18.53
CA THR D 102 30.67 10.99 19.84
C THR D 102 32.20 11.16 19.87
N LEU D 103 32.87 10.85 18.76
CA LEU D 103 34.32 11.00 18.68
C LEU D 103 34.73 12.46 18.52
N ILE D 104 33.96 13.23 17.74
CA ILE D 104 34.29 14.63 17.47
C ILE D 104 33.17 15.52 18.01
N PRO D 105 32.86 15.47 19.31
CA PRO D 105 31.73 16.26 19.81
C PRO D 105 31.98 17.75 19.84
N GLU D 106 33.24 18.16 19.68
CA GLU D 106 33.58 19.59 19.66
C GLU D 106 33.15 20.29 18.38
N MET D 107 32.46 19.60 17.47
CA MET D 107 32.10 20.21 16.19
C MET D 107 30.85 19.61 15.56
N PHE D 108 30.68 18.30 15.63
CA PHE D 108 29.62 17.63 14.88
C PHE D 108 28.46 17.24 15.79
N ILE D 109 27.25 17.50 15.32
CA ILE D 109 26.01 17.22 16.05
C ILE D 109 25.21 16.26 15.19
N PRO D 110 24.60 15.22 15.76
CA PRO D 110 23.98 14.19 14.92
C PRO D 110 22.53 14.48 14.51
N VAL D 111 22.26 14.37 13.21
CA VAL D 111 20.92 14.39 12.65
C VAL D 111 20.72 13.11 11.86
N ALA D 112 19.53 12.52 11.99
CA ALA D 112 19.30 11.16 11.52
C ALA D 112 18.50 11.12 10.22
N GLY D 113 18.74 10.06 9.45
CA GLY D 113 17.88 9.75 8.32
C GLY D 113 16.74 8.84 8.73
N LEU D 114 15.64 8.92 7.99
CA LEU D 114 14.53 8.00 8.20
C LEU D 114 14.58 6.86 7.19
N PRO D 115 14.30 5.62 7.60
CA PRO D 115 14.27 4.49 6.64
C PRO D 115 12.98 4.44 5.84
N GLN D 116 12.72 5.51 5.09
CA GLN D 116 11.51 5.62 4.28
C GLN D 116 11.63 4.71 3.07
N VAL D 117 10.81 3.66 3.04
CA VAL D 117 10.68 2.80 1.88
C VAL D 117 9.45 3.25 1.11
N ALA D 118 9.63 3.58 -0.17
CA ALA D 118 8.51 3.97 -1.01
C ALA D 118 7.36 2.99 -0.85
N GLY D 119 6.20 3.51 -0.46
CA GLY D 119 5.00 2.71 -0.33
C GLY D 119 4.77 2.11 1.04
N GLU D 120 5.79 2.08 1.90
CA GLU D 120 5.59 1.56 3.24
C GLU D 120 4.92 2.61 4.13
N PRO D 121 4.02 2.20 5.04
CA PRO D 121 3.44 3.18 5.97
C PRO D 121 4.52 3.86 6.79
N ILE D 122 4.30 5.12 7.12
CA ILE D 122 5.36 5.91 7.76
C ILE D 122 5.69 5.33 9.13
N GLU D 123 4.73 4.67 9.77
CA GLU D 123 4.98 4.02 11.05
C GLU D 123 6.25 3.17 11.02
N ASN D 124 6.60 2.61 9.87
CA ASN D 124 7.75 1.72 9.78
C ASN D 124 9.07 2.41 10.06
N VAL D 125 9.10 3.74 10.25
CA VAL D 125 10.32 4.42 10.64
C VAL D 125 10.42 4.63 12.15
N PHE D 126 9.31 4.48 12.88
CA PHE D 126 9.28 4.83 14.29
C PHE D 126 10.36 4.11 15.07
N ALA D 127 10.52 2.80 14.84
CA ALA D 127 11.55 2.05 15.54
C ALA D 127 12.90 2.76 15.42
N GLU D 128 13.34 3.04 14.19
CA GLU D 128 14.64 3.68 14.02
C GLU D 128 14.65 5.04 14.71
N MET D 129 13.56 5.80 14.58
CA MET D 129 13.48 7.07 15.30
C MET D 129 13.78 6.86 16.77
N ASP D 130 13.11 5.88 17.40
CA ASP D 130 13.37 5.62 18.81
C ASP D 130 14.85 5.36 19.05
N ARG D 131 15.45 4.47 18.24
CA ARG D 131 16.86 4.15 18.44
C ARG D 131 17.70 5.41 18.33
N CYS D 132 17.32 6.33 17.44
CA CYS D 132 18.11 7.54 17.26
C CYS D 132 17.91 8.51 18.40
N VAL D 133 16.73 8.53 19.01
CA VAL D 133 16.50 9.43 20.13
C VAL D 133 17.39 9.04 21.32
N SER D 134 17.45 7.74 21.62
CA SER D 134 18.30 7.27 22.71
C SER D 134 19.76 7.64 22.48
N MET D 135 20.21 7.64 21.22
CA MET D 135 21.59 7.95 20.89
C MET D 135 21.88 9.45 20.90
N GLY D 136 20.86 10.29 21.07
CA GLY D 136 21.06 11.72 21.19
C GLY D 136 20.88 12.50 19.90
N PHE D 137 20.24 11.92 18.88
CA PHE D 137 20.00 12.65 17.64
C PHE D 137 19.06 13.82 17.88
N LYS D 138 19.25 14.88 17.10
CA LYS D 138 18.56 16.14 17.30
C LYS D 138 17.54 16.43 16.20
N GLY D 139 17.30 15.50 15.28
CA GLY D 139 16.38 15.76 14.20
C GLY D 139 16.39 14.64 13.18
N PHE D 140 15.49 14.76 12.21
CA PHE D 140 15.32 13.74 11.18
C PHE D 140 15.10 14.40 9.83
N LEU D 141 15.82 13.91 8.81
CA LEU D 141 15.53 14.31 7.44
C LEU D 141 14.22 13.67 6.98
N LEU D 142 13.35 14.46 6.37
CA LEU D 142 12.03 14.00 5.93
C LEU D 142 11.98 14.12 4.42
N ASN D 143 11.89 12.97 3.73
CA ASN D 143 11.89 12.94 2.28
C ASN D 143 10.46 12.93 1.77
N PRO D 144 10.01 13.97 1.06
CA PRO D 144 8.64 13.93 0.53
C PRO D 144 8.46 13.01 -0.66
N ASP D 145 9.55 12.49 -1.23
CA ASP D 145 9.50 11.68 -2.44
C ASP D 145 10.36 10.43 -2.28
N PRO D 146 9.94 9.50 -1.41
CA PRO D 146 10.67 8.24 -1.28
C PRO D 146 10.66 7.42 -2.56
N TYR D 147 9.81 7.75 -3.53
CA TYR D 147 9.82 7.09 -4.82
C TYR D 147 10.95 7.58 -5.71
N GLU D 148 11.63 8.66 -5.32
CA GLU D 148 12.81 9.17 -6.03
C GLU D 148 12.50 9.42 -7.51
N ASN D 149 11.51 10.29 -7.72
CA ASN D 149 11.14 10.77 -9.05
C ASN D 149 10.91 9.60 -10.01
N GLY D 150 10.06 8.67 -9.57
CA GLY D 150 9.66 7.55 -10.39
C GLY D 150 8.32 7.78 -11.05
N ALA D 151 7.70 6.69 -11.51
CA ALA D 151 6.38 6.78 -12.12
C ALA D 151 5.28 6.98 -11.11
N GLU D 152 5.56 6.74 -9.83
CA GLU D 152 4.59 6.93 -8.77
C GLU D 152 5.11 7.97 -7.78
N GLU D 153 4.17 8.56 -7.06
CA GLU D 153 4.45 9.55 -6.05
C GLU D 153 3.88 9.11 -4.71
N ALA D 154 4.43 9.69 -3.65
CA ALA D 154 3.85 9.56 -2.33
C ALA D 154 2.68 10.51 -2.18
N PRO D 155 1.89 10.38 -1.12
CA PRO D 155 0.84 11.36 -0.86
C PRO D 155 1.44 12.70 -0.50
N PRO D 156 0.73 13.79 -0.77
CA PRO D 156 1.22 15.11 -0.35
C PRO D 156 1.38 15.17 1.16
N LEU D 157 2.24 16.09 1.62
CA LEU D 157 2.55 16.15 3.03
C LEU D 157 1.33 16.46 3.90
N GLY D 158 0.29 17.08 3.34
CA GLY D 158 -0.92 17.28 4.09
C GLY D 158 -1.78 16.05 4.27
N ASP D 159 -1.48 14.97 3.56
CA ASP D 159 -2.28 13.76 3.61
C ASP D 159 -2.06 13.01 4.92
N ARG D 160 -3.12 12.38 5.42
CA ARG D 160 -3.06 11.70 6.70
C ARG D 160 -2.04 10.56 6.72
N TYR D 161 -1.58 10.10 5.55
CA TYR D 161 -0.49 9.14 5.51
C TYR D 161 0.67 9.59 6.39
N TRP D 162 0.93 10.90 6.40
CA TRP D 162 2.06 11.47 7.16
C TRP D 162 1.70 11.84 8.58
N TYR D 163 0.41 11.81 8.95
CA TYR D 163 0.00 12.35 10.25
C TYR D 163 0.65 11.64 11.43
N PRO D 164 0.74 10.31 11.48
CA PRO D 164 1.41 9.68 12.63
C PRO D 164 2.81 10.23 12.87
N LEU D 165 3.61 10.38 11.81
CA LEU D 165 4.94 10.97 11.95
C LEU D 165 4.88 12.31 12.68
N TYR D 166 4.06 13.24 12.16
CA TYR D 166 3.92 14.53 12.82
C TYR D 166 3.61 14.33 14.30
N GLU D 167 2.66 13.45 14.61
CA GLU D 167 2.32 13.21 16.00
C GLU D 167 3.57 12.82 16.78
N LYS D 168 4.32 11.83 16.28
CA LYS D 168 5.51 11.40 17.00
C LYS D 168 6.51 12.53 17.11
N LEU D 169 6.66 13.32 16.05
CA LEU D 169 7.62 14.42 16.12
C LEU D 169 7.21 15.42 17.19
N CYS D 170 5.91 15.58 17.43
CA CYS D 170 5.46 16.47 18.49
C CYS D 170 5.66 15.82 19.86
N GLU D 171 5.55 14.50 19.95
CA GLU D 171 5.84 13.83 21.22
C GLU D 171 7.31 13.97 21.58
N LEU D 172 8.20 13.82 20.60
CA LEU D 172 9.62 14.00 20.82
C LEU D 172 10.03 15.47 20.83
N ASP D 173 9.16 16.35 20.34
CA ASP D 173 9.51 17.76 20.09
C ASP D 173 10.84 17.84 19.33
N LEU D 174 10.91 17.09 18.23
CA LEU D 174 12.08 17.10 17.37
C LEU D 174 11.67 17.46 15.94
N PRO D 175 12.53 18.14 15.20
CA PRO D 175 12.12 18.67 13.90
C PRO D 175 12.31 17.69 12.75
N ALA D 176 11.61 17.99 11.66
CA ALA D 176 11.75 17.29 10.38
C ALA D 176 12.46 18.23 9.42
N HIS D 177 13.58 17.78 8.86
CA HIS D 177 14.39 18.57 7.94
C HIS D 177 14.07 18.08 6.53
N ILE D 178 13.25 18.86 5.82
CA ILE D 178 12.80 18.47 4.49
C ILE D 178 14.00 18.33 3.57
N HIS D 179 14.20 17.13 3.03
CA HIS D 179 15.30 16.89 2.10
C HIS D 179 14.94 15.70 1.23
N ALA D 180 14.83 15.93 -0.08
CA ALA D 180 14.68 14.84 -1.02
C ALA D 180 15.96 14.01 -1.07
N THR D 181 15.90 12.89 -1.79
CA THR D 181 17.04 11.97 -1.85
C THR D 181 17.48 11.87 -3.30
N GLY D 182 17.49 10.67 -3.88
CA GLY D 182 17.88 10.52 -5.26
C GLY D 182 16.75 10.84 -6.22
N SER D 183 17.10 10.86 -7.50
CA SER D 183 16.12 11.08 -8.57
C SER D 183 16.43 10.12 -9.71
N GLN D 184 15.40 9.46 -10.21
CA GLN D 184 15.52 8.54 -11.33
C GLN D 184 15.35 9.22 -12.69
N SER D 185 15.11 10.53 -12.71
CA SER D 185 14.78 11.22 -13.95
C SER D 185 16.05 11.56 -14.71
N GLU D 186 15.99 11.42 -16.03
CA GLU D 186 17.03 11.90 -16.93
C GLU D 186 16.83 13.36 -17.32
N ARG D 187 15.77 14.00 -16.82
CA ARG D 187 15.54 15.42 -17.04
C ARG D 187 16.06 16.26 -15.88
N SER D 188 15.73 15.89 -14.66
CA SER D 188 16.12 16.64 -13.46
C SER D 188 16.95 15.74 -12.56
N PRO D 189 18.28 15.91 -12.52
CA PRO D 189 19.09 15.11 -11.60
C PRO D 189 18.82 15.44 -10.15
N TYR D 190 19.51 14.77 -9.23
CA TYR D 190 19.17 14.85 -7.80
C TYR D 190 19.25 16.28 -7.28
N SER D 191 20.24 17.06 -7.74
CA SER D 191 20.44 18.39 -7.17
C SER D 191 19.30 19.34 -7.50
N LEU D 192 18.71 19.19 -8.70
CA LEU D 192 17.54 19.98 -9.08
C LEU D 192 16.26 19.42 -8.46
N HIS D 193 16.18 18.09 -8.37
CA HIS D 193 15.06 17.45 -7.69
C HIS D 193 14.95 17.95 -6.25
N PHE D 194 16.08 18.18 -5.58
CA PHE D 194 16.04 18.77 -4.24
C PHE D 194 15.14 20.00 -4.22
N ILE D 195 15.40 20.92 -5.15
CA ILE D 195 14.69 22.20 -5.17
C ILE D 195 13.21 21.99 -5.47
N ASN D 196 12.91 21.23 -6.52
CA ASN D 196 11.51 21.01 -6.88
C ASN D 196 10.74 20.36 -5.74
N GLU D 197 11.36 19.39 -5.07
CA GLU D 197 10.66 18.70 -3.98
C GLU D 197 10.50 19.59 -2.77
N GLU D 198 11.47 20.46 -2.50
CA GLU D 198 11.29 21.43 -1.42
C GLU D 198 10.12 22.35 -1.73
N THR D 199 10.01 22.80 -2.99
CA THR D 199 8.87 23.62 -3.39
C THR D 199 7.56 22.88 -3.17
N ILE D 200 7.49 21.62 -3.62
CA ILE D 200 6.26 20.83 -3.49
C ILE D 200 5.90 20.65 -2.02
N ALA D 201 6.88 20.27 -1.19
CA ALA D 201 6.61 20.01 0.21
C ALA D 201 6.13 21.26 0.93
N THR D 202 6.76 22.41 0.63
CA THR D 202 6.34 23.66 1.26
C THR D 202 4.94 24.04 0.83
N TYR D 203 4.63 23.93 -0.47
CA TYR D 203 3.28 24.17 -0.94
C TYR D 203 2.27 23.28 -0.21
N ASN D 204 2.55 21.97 -0.15
CA ASN D 204 1.68 21.05 0.57
C ASN D 204 1.42 21.52 1.99
N LEU D 205 2.49 21.82 2.73
CA LEU D 205 2.34 22.20 4.13
C LEU D 205 1.61 23.51 4.28
N CYS D 206 1.68 24.39 3.28
CA CYS D 206 1.08 25.71 3.41
C CYS D 206 -0.33 25.79 2.87
N THR D 207 -0.81 24.76 2.19
CA THR D 207 -2.17 24.73 1.66
C THR D 207 -3.03 23.65 2.31
N SER D 208 -2.54 23.04 3.38
CA SER D 208 -3.26 22.01 4.11
C SER D 208 -3.45 22.44 5.56
N SER D 209 -4.15 21.60 6.32
CA SER D 209 -4.46 21.87 7.71
C SER D 209 -3.42 21.29 8.67
N VAL D 210 -2.23 20.95 8.18
CA VAL D 210 -1.23 20.29 9.02
C VAL D 210 -0.97 21.10 10.29
N PHE D 211 -0.69 22.40 10.13
CA PHE D 211 -0.35 23.22 11.29
C PHE D 211 -1.56 23.58 12.13
N ASP D 212 -2.78 23.33 11.64
CA ASP D 212 -3.96 23.41 12.50
C ASP D 212 -4.05 22.19 13.40
N ASP D 213 -3.55 21.05 12.94
CA ASP D 213 -3.61 19.80 13.68
C ASP D 213 -2.35 19.52 14.49
N PHE D 214 -1.21 20.10 14.09
CA PHE D 214 0.05 19.98 14.83
C PHE D 214 0.67 21.37 14.93
N PRO D 215 0.08 22.25 15.75
CA PRO D 215 0.57 23.64 15.80
C PRO D 215 2.01 23.75 16.26
N GLN D 216 2.53 22.77 17.00
CA GLN D 216 3.90 22.82 17.49
C GLN D 216 4.85 21.98 16.64
N LEU D 217 4.43 21.58 15.44
CA LEU D 217 5.30 20.80 14.57
C LEU D 217 6.44 21.68 14.04
N LYS D 218 7.67 21.19 14.18
CA LYS D 218 8.85 21.92 13.74
C LYS D 218 9.34 21.32 12.43
N VAL D 219 9.37 22.15 11.39
CA VAL D 219 9.80 21.75 10.06
C VAL D 219 10.82 22.75 9.55
N VAL D 220 11.94 22.25 9.02
CA VAL D 220 13.00 23.08 8.46
C VAL D 220 13.13 22.73 6.99
N VAL D 221 12.83 23.67 6.11
CA VAL D 221 12.84 23.43 4.67
C VAL D 221 14.21 23.78 4.11
N SER D 222 14.81 22.84 3.38
CA SER D 222 16.17 22.98 2.91
C SER D 222 16.27 23.95 1.74
N HIS D 223 17.51 24.43 1.51
CA HIS D 223 17.86 25.28 0.38
C HIS D 223 16.90 26.47 0.25
N GLY D 224 16.72 27.18 1.36
CA GLY D 224 15.92 28.39 1.35
C GLY D 224 14.51 28.19 0.85
N GLY D 225 13.94 27.00 1.05
CA GLY D 225 12.57 26.76 0.64
C GLY D 225 12.38 26.46 -0.83
N GLY D 226 13.40 25.93 -1.49
CA GLY D 226 13.30 25.64 -2.91
C GLY D 226 13.03 26.88 -3.74
N ALA D 227 11.80 27.03 -4.24
CA ALA D 227 11.42 28.15 -5.07
C ALA D 227 10.42 29.09 -4.40
N ILE D 228 9.99 28.80 -3.18
CA ILE D 228 8.80 29.44 -2.62
C ILE D 228 9.03 30.92 -2.32
N PRO D 229 10.07 31.31 -1.57
CA PRO D 229 10.26 32.75 -1.30
C PRO D 229 10.31 33.59 -2.57
N TYR D 230 10.89 33.03 -3.63
CA TYR D 230 10.99 33.74 -4.91
C TYR D 230 9.63 33.78 -5.61
N GLN D 231 8.81 32.74 -5.46
CA GLN D 231 7.53 32.63 -6.12
C GLN D 231 6.35 32.85 -5.18
N LEU D 232 6.59 33.48 -4.03
CA LEU D 232 5.56 33.54 -2.99
C LEU D 232 4.31 34.24 -3.48
N GLY D 233 4.46 35.24 -4.35
CA GLY D 233 3.32 36.08 -4.70
C GLY D 233 2.17 35.30 -5.31
N ARG D 234 2.48 34.42 -6.27
CA ARG D 234 1.42 33.70 -6.97
C ARG D 234 0.64 32.79 -6.02
N PHE D 235 1.35 32.12 -5.11
CA PHE D 235 0.67 31.22 -4.19
C PHE D 235 -0.11 31.99 -3.13
N GLU D 236 0.38 33.15 -2.70
CA GLU D 236 -0.40 33.98 -1.79
C GLU D 236 -1.67 34.49 -2.47
N SER D 237 -1.55 34.95 -3.72
CA SER D 237 -2.71 35.42 -4.45
C SER D 237 -3.74 34.31 -4.58
N GLN D 238 -3.32 33.13 -5.03
CA GLN D 238 -4.26 32.02 -5.17
C GLN D 238 -4.83 31.61 -3.81
N SER D 239 -4.06 31.73 -2.73
CA SER D 239 -4.59 31.40 -1.41
C SER D 239 -5.64 32.41 -0.97
N ARG D 240 -5.59 33.65 -1.47
CA ARG D 240 -6.66 34.60 -1.16
C ARG D 240 -8.02 34.07 -1.57
N ARG D 241 -8.07 33.24 -2.61
CA ARG D 241 -9.32 32.62 -3.05
C ARG D 241 -9.75 31.46 -2.15
N SER D 242 -9.11 31.28 -0.99
CA SER D 242 -9.46 30.19 -0.08
C SER D 242 -9.68 30.72 1.33
N LYS D 243 -9.75 29.80 2.30
CA LYS D 243 -10.08 30.13 3.67
C LYS D 243 -8.85 30.32 4.56
N HIS D 244 -7.65 30.15 4.02
CA HIS D 244 -6.42 30.39 4.76
C HIS D 244 -5.37 30.92 3.79
N LEU D 245 -4.67 31.96 4.20
CA LEU D 245 -3.61 32.52 3.36
C LEU D 245 -2.37 31.62 3.40
N PHE D 246 -1.67 31.55 2.27
CA PHE D 246 -0.39 30.86 2.21
C PHE D 246 0.55 31.41 3.29
N SER D 247 0.54 32.73 3.48
CA SER D 247 1.41 33.36 4.48
C SER D 247 1.09 32.88 5.89
N GLU D 248 -0.18 32.59 6.18
CA GLU D 248 -0.54 32.13 7.52
C GLU D 248 0.21 30.85 7.87
N ARG D 249 0.15 29.85 6.99
CA ARG D 249 0.87 28.61 7.26
C ARG D 249 2.37 28.80 7.15
N MET D 250 2.82 29.56 6.15
CA MET D 250 4.26 29.69 5.93
C MET D 250 4.94 30.36 7.12
N ALA D 251 4.20 31.17 7.90
CA ALA D 251 4.79 31.78 9.09
C ALA D 251 5.26 30.74 10.10
N LYS D 252 4.75 29.50 10.01
CA LYS D 252 5.11 28.46 10.97
C LYS D 252 6.38 27.72 10.57
N LEU D 253 6.84 27.85 9.33
CA LEU D 253 7.95 27.08 8.82
C LEU D 253 9.28 27.73 9.15
N TYR D 254 10.31 26.89 9.22
CA TYR D 254 11.70 27.34 9.27
C TYR D 254 12.36 27.02 7.94
N PHE D 255 13.39 27.81 7.60
CA PHE D 255 14.14 27.64 6.37
C PHE D 255 15.62 27.70 6.69
N ASP D 256 16.40 26.76 6.15
CA ASP D 256 17.84 26.96 6.24
C ASP D 256 18.31 27.85 5.09
N THR D 257 19.51 28.40 5.25
CA THR D 257 20.04 29.42 4.34
C THR D 257 21.05 28.86 3.37
N VAL D 258 20.88 27.61 2.93
CA VAL D 258 21.77 27.02 1.93
C VAL D 258 21.46 27.64 0.58
N LEU D 259 21.96 28.87 0.37
CA LEU D 259 21.89 29.57 -0.90
C LEU D 259 23.25 30.21 -1.14
N TYR D 260 23.70 30.23 -2.39
CA TYR D 260 25.07 30.61 -2.72
C TYR D 260 25.15 31.92 -3.49
N THR D 261 24.09 32.74 -3.48
CA THR D 261 24.16 34.10 -3.99
C THR D 261 23.65 35.07 -2.92
N GLU D 262 24.32 36.22 -2.79
CA GLU D 262 23.92 37.20 -1.81
C GLU D 262 22.47 37.65 -2.03
N GLY D 263 22.08 37.87 -3.29
CA GLY D 263 20.72 38.31 -3.56
C GLY D 263 19.69 37.30 -3.09
N ALA D 264 19.96 36.01 -3.27
CA ALA D 264 19.02 34.99 -2.84
C ALA D 264 18.90 34.95 -1.32
N LEU D 265 20.04 35.07 -0.62
CA LEU D 265 20.01 35.12 0.83
C LEU D 265 19.21 36.33 1.31
N ARG D 266 19.46 37.49 0.70
CA ARG D 266 18.71 38.69 1.06
C ARG D 266 17.21 38.47 0.88
N LEU D 267 16.82 37.91 -0.27
CA LEU D 267 15.39 37.70 -0.52
C LEU D 267 14.80 36.73 0.49
N LEU D 268 15.50 35.63 0.79
CA LEU D 268 15.00 34.68 1.77
C LEU D 268 14.76 35.35 3.12
N ILE D 269 15.77 36.07 3.62
CA ILE D 269 15.68 36.64 4.96
C ILE D 269 14.64 37.75 5.00
N GLU D 270 14.58 38.57 3.95
CA GLU D 270 13.56 39.62 3.92
C GLU D 270 12.16 39.02 3.82
N THR D 271 12.02 37.85 3.20
CA THR D 271 10.71 37.25 2.99
C THR D 271 10.20 36.60 4.27
N VAL D 272 10.96 35.67 4.86
CA VAL D 272 10.47 34.93 6.01
C VAL D 272 10.90 35.53 7.34
N GLY D 273 11.86 36.45 7.34
CA GLY D 273 12.31 37.08 8.56
C GLY D 273 13.42 36.29 9.22
N PRO D 274 14.31 36.97 9.96
CA PRO D 274 15.38 36.25 10.64
C PRO D 274 14.90 35.30 11.72
N GLU D 275 13.66 35.44 12.18
CA GLU D 275 13.12 34.54 13.19
C GLU D 275 12.82 33.14 12.64
N ARG D 276 12.88 32.95 11.33
CA ARG D 276 12.57 31.66 10.72
C ARG D 276 13.73 31.11 9.88
N CYS D 277 14.91 31.71 9.97
CA CYS D 277 16.05 31.31 9.16
C CYS D 277 17.14 30.71 10.04
N LEU D 278 17.60 29.52 9.66
CA LEU D 278 18.71 28.84 10.33
C LEU D 278 19.88 28.76 9.37
N PHE D 279 21.06 29.16 9.82
CA PHE D 279 22.22 29.17 8.94
C PHE D 279 22.58 27.76 8.50
N GLY D 280 22.82 27.59 7.20
CA GLY D 280 23.28 26.33 6.66
C GLY D 280 24.04 26.55 5.37
N SER D 281 24.96 25.63 5.06
CA SER D 281 25.82 25.81 3.88
C SER D 281 25.96 24.55 3.03
N GLU D 282 25.81 23.37 3.65
CA GLU D 282 26.08 22.09 2.97
C GLU D 282 27.56 21.96 2.62
N CYS D 283 28.44 22.56 3.43
CA CYS D 283 29.88 22.46 3.24
C CYS D 283 30.43 21.29 4.07
N PRO D 284 31.17 20.35 3.48
CA PRO D 284 31.58 20.32 2.07
C PRO D 284 30.51 19.70 1.20
N GLY D 285 30.41 20.13 -0.05
CA GLY D 285 29.43 19.58 -0.95
C GLY D 285 29.27 20.35 -2.25
N VAL D 286 28.01 20.49 -2.67
CA VAL D 286 27.69 21.08 -3.97
C VAL D 286 28.40 22.42 -4.15
N GLY D 287 28.40 23.25 -3.12
CA GLY D 287 28.92 24.60 -3.26
C GLY D 287 30.38 24.77 -2.93
N SER D 288 31.13 23.67 -2.89
CA SER D 288 32.52 23.71 -2.47
C SER D 288 33.46 23.90 -3.67
N THR D 289 33.20 24.98 -4.41
CA THR D 289 34.02 25.36 -5.55
C THR D 289 34.47 26.81 -5.39
N ILE D 290 35.53 27.16 -6.11
CA ILE D 290 36.19 28.44 -5.96
C ILE D 290 35.69 29.39 -7.05
N ASP D 291 35.20 30.55 -6.65
CA ASP D 291 34.91 31.62 -7.58
C ASP D 291 36.22 32.12 -8.17
N PRO D 292 36.52 31.86 -9.45
CA PRO D 292 37.85 32.22 -9.98
C PRO D 292 38.13 33.71 -9.99
N ALA D 293 37.10 34.54 -9.89
CA ALA D 293 37.31 35.99 -9.91
C ALA D 293 37.77 36.50 -8.54
N THR D 294 37.30 35.89 -7.46
CA THR D 294 37.61 36.35 -6.11
C THR D 294 38.32 35.30 -5.27
N GLY D 295 38.52 34.09 -5.80
CA GLY D 295 39.16 33.03 -5.03
C GLY D 295 38.36 32.51 -3.86
N LYS D 296 37.16 33.04 -3.62
CA LYS D 296 36.36 32.62 -2.48
C LYS D 296 35.58 31.35 -2.80
N GLN D 297 35.41 30.50 -1.79
CA GLN D 297 34.60 29.30 -1.93
C GLN D 297 33.13 29.67 -1.78
N MET D 298 32.29 29.12 -2.67
CA MET D 298 30.91 29.59 -2.78
C MET D 298 30.11 29.30 -1.51
N ASP D 299 30.32 28.15 -0.88
CA ASP D 299 29.55 27.84 0.32
C ASP D 299 30.08 28.52 1.58
N HIS D 300 31.04 29.43 1.44
CA HIS D 300 31.48 30.29 2.54
C HIS D 300 30.59 31.54 2.56
N ILE D 301 29.34 31.33 2.97
CA ILE D 301 28.30 32.35 2.83
C ILE D 301 28.00 33.08 4.13
N ALA D 302 28.61 32.68 5.24
CA ALA D 302 28.38 33.39 6.49
C ALA D 302 28.72 34.87 6.38
N PRO D 303 29.78 35.31 5.70
CA PRO D 303 30.06 36.74 5.63
C PRO D 303 28.94 37.56 4.99
N PHE D 304 28.24 37.00 4.01
CA PHE D 304 27.11 37.70 3.40
C PHE D 304 26.07 38.06 4.45
N ILE D 305 25.71 37.10 5.30
CA ILE D 305 24.72 37.36 6.34
C ILE D 305 25.31 38.24 7.44
N GLN D 306 26.61 38.15 7.66
CA GLN D 306 27.25 38.98 8.68
C GLN D 306 27.28 40.45 8.26
N LYS D 307 27.29 40.73 6.96
CA LYS D 307 27.43 42.10 6.47
C LYS D 307 26.11 42.75 6.07
N PHE D 308 24.99 42.01 6.09
CA PHE D 308 23.69 42.62 5.79
C PHE D 308 23.40 43.73 6.79
N ASP D 309 23.16 44.94 6.29
CA ASP D 309 22.99 46.12 7.13
C ASP D 309 21.53 46.38 7.49
N PHE D 310 20.63 45.43 7.23
CA PHE D 310 19.24 45.53 7.67
C PHE D 310 18.92 44.56 8.80
N LEU D 311 19.92 43.89 9.34
CA LEU D 311 19.75 42.94 10.44
C LEU D 311 20.54 43.44 11.65
N SER D 312 19.90 43.42 12.82
CA SER D 312 20.58 43.78 14.04
C SER D 312 21.53 42.66 14.46
N ASP D 313 22.31 42.94 15.51
CA ASP D 313 23.15 41.89 16.09
C ASP D 313 22.29 40.73 16.59
N ALA D 314 21.13 41.03 17.17
CA ALA D 314 20.25 39.98 17.66
C ALA D 314 19.68 39.14 16.52
N ASP D 315 19.33 39.77 15.40
CA ASP D 315 18.84 39.00 14.25
C ASP D 315 19.91 38.04 13.75
N LYS D 316 21.16 38.50 13.68
CA LYS D 316 22.23 37.64 13.21
C LYS D 316 22.50 36.52 14.21
N LYS D 317 22.39 36.81 15.51
CA LYS D 317 22.53 35.75 16.49
C LYS D 317 21.41 34.72 16.35
N LEU D 318 20.19 35.17 16.05
CA LEU D 318 19.11 34.25 15.75
C LEU D 318 19.48 33.34 14.58
N ILE D 319 19.91 33.92 13.47
CA ILE D 319 20.19 33.14 12.27
C ILE D 319 21.34 32.17 12.52
N PHE D 320 22.34 32.58 13.31
CA PHE D 320 23.58 31.82 13.40
C PHE D 320 23.58 30.77 14.51
N GLU D 321 22.71 30.86 15.51
CA GLU D 321 22.73 29.82 16.54
C GLU D 321 21.45 29.65 17.35
N ASP D 322 20.76 30.73 17.70
CA ASP D 322 19.62 30.59 18.59
C ASP D 322 18.50 29.79 17.95
N ASN D 323 18.24 30.03 16.66
CA ASN D 323 17.18 29.29 15.98
C ASN D 323 17.50 27.80 15.93
N ALA D 324 18.74 27.45 15.56
CA ALA D 324 19.14 26.05 15.58
C ALA D 324 19.09 25.48 17.01
N ARG D 325 19.52 26.27 17.99
CA ARG D 325 19.51 25.81 19.38
C ARG D 325 18.08 25.47 19.82
N LYS D 326 17.09 26.23 19.35
CA LYS D 326 15.70 25.96 19.72
C LYS D 326 15.14 24.79 18.92
N VAL D 327 15.22 24.87 17.59
CA VAL D 327 14.55 23.89 16.74
C VAL D 327 15.12 22.50 16.95
N PHE D 328 16.44 22.40 17.05
CA PHE D 328 17.13 21.12 17.20
C PHE D 328 17.48 20.79 18.64
N ASN D 329 16.94 21.53 19.60
CA ASN D 329 17.12 21.25 21.02
C ASN D 329 18.59 20.99 21.37
N LEU D 330 19.44 21.96 21.03
CA LEU D 330 20.86 21.82 21.23
C LEU D 330 21.25 22.16 22.66
N GLU D 331 22.21 21.42 23.19
CA GLU D 331 22.63 21.55 24.58
C GLU D 331 23.52 22.79 24.73
N VAL D 332 23.20 23.62 25.73
CA VAL D 332 24.01 24.79 26.04
C VAL D 332 23.46 25.51 27.27
N MET E 1 -30.73 -27.07 -54.60
CA MET E 1 -30.07 -27.62 -53.40
C MET E 1 -29.93 -26.55 -52.32
N ILE E 2 -29.62 -26.98 -51.10
CA ILE E 2 -29.41 -26.07 -49.97
C ILE E 2 -27.93 -26.16 -49.59
N ILE E 3 -27.25 -25.03 -49.62
CA ILE E 3 -25.85 -24.93 -49.22
C ILE E 3 -25.79 -24.13 -47.93
N ASP E 4 -25.25 -24.74 -46.88
CA ASP E 4 -25.05 -24.08 -45.59
C ASP E 4 -23.65 -23.50 -45.57
N CYS E 5 -23.55 -22.16 -45.55
CA CYS E 5 -22.27 -21.49 -45.64
C CYS E 5 -21.60 -21.29 -44.28
N HIS E 6 -22.23 -21.69 -43.19
CA HIS E 6 -21.67 -21.49 -41.84
C HIS E 6 -21.82 -22.80 -41.07
N GLY E 7 -20.76 -23.59 -41.11
CA GLY E 7 -20.66 -24.76 -40.26
C GLY E 7 -19.23 -24.88 -39.76
N HIS E 8 -19.08 -25.68 -38.71
CA HIS E 8 -17.76 -25.87 -38.11
C HIS E 8 -17.48 -27.36 -37.97
N VAL E 9 -16.20 -27.73 -38.15
CA VAL E 9 -15.82 -29.13 -38.29
C VAL E 9 -16.16 -29.92 -37.03
N SER E 10 -16.80 -31.06 -37.22
CA SER E 10 -16.90 -32.07 -36.17
C SER E 10 -15.66 -32.95 -36.26
N ALA E 11 -14.75 -32.81 -35.31
CA ALA E 11 -13.41 -33.39 -35.40
C ALA E 11 -13.21 -34.55 -34.44
N PRO E 12 -12.29 -35.46 -34.76
CA PRO E 12 -11.88 -36.46 -33.78
C PRO E 12 -11.37 -35.78 -32.51
N VAL E 13 -11.69 -36.38 -31.36
CA VAL E 13 -11.29 -35.80 -30.08
C VAL E 13 -9.79 -35.54 -30.03
N GLU E 14 -9.02 -36.37 -30.75
CA GLU E 14 -7.56 -36.20 -30.78
C GLU E 14 -7.17 -34.76 -31.12
N LEU E 15 -7.82 -34.17 -32.13
CA LEU E 15 -7.50 -32.79 -32.50
C LEU E 15 -7.45 -31.90 -31.26
N TRP E 16 -8.52 -31.92 -30.46
CA TRP E 16 -8.57 -31.02 -29.32
C TRP E 16 -7.51 -31.39 -28.30
N ALA E 17 -7.28 -32.70 -28.09
CA ALA E 17 -6.20 -33.10 -27.20
C ALA E 17 -4.88 -32.51 -27.66
N TYR E 18 -4.66 -32.48 -28.97
CA TYR E 18 -3.43 -31.91 -29.49
C TYR E 18 -3.26 -30.47 -29.02
N LYS E 19 -4.34 -29.68 -29.10
CA LYS E 19 -4.28 -28.31 -28.59
C LYS E 19 -3.71 -28.31 -27.18
N ALA E 20 -4.31 -29.12 -26.30
CA ALA E 20 -3.86 -29.14 -24.92
C ALA E 20 -2.38 -29.48 -24.85
N SER E 21 -1.96 -30.51 -25.60
CA SER E 21 -0.56 -30.88 -25.60
C SER E 21 0.32 -29.69 -25.96
N LEU E 22 -0.06 -28.96 -27.02
CA LEU E 22 0.73 -27.81 -27.45
C LEU E 22 0.87 -26.82 -26.32
N LEU E 23 -0.21 -26.57 -25.58
CA LEU E 23 -0.17 -25.58 -24.51
C LEU E 23 0.59 -26.11 -23.31
N ALA E 24 0.76 -27.43 -23.18
CA ALA E 24 1.47 -27.96 -22.03
C ALA E 24 2.99 -27.85 -22.20
N HIS E 25 3.50 -28.28 -23.36
CA HIS E 25 4.94 -28.20 -23.61
C HIS E 25 5.36 -26.95 -24.37
N ARG E 26 4.40 -26.16 -24.87
CA ARG E 26 4.65 -24.88 -25.53
C ARG E 26 5.67 -24.99 -26.66
N GLY E 27 5.82 -26.19 -27.23
CA GLY E 27 6.69 -26.41 -28.36
C GLY E 27 7.98 -27.15 -28.06
N SER E 28 8.26 -27.47 -26.79
CA SER E 28 9.49 -28.18 -26.47
C SER E 28 9.44 -29.65 -26.86
N HIS E 29 8.27 -30.16 -27.24
CA HIS E 29 8.15 -31.49 -27.84
C HIS E 29 8.23 -31.44 -29.36
N GLY E 30 8.54 -30.28 -29.94
CA GLY E 30 8.43 -30.08 -31.35
C GLY E 30 6.99 -29.88 -31.79
N ARG E 31 6.83 -29.58 -33.08
CA ARG E 31 5.50 -29.34 -33.63
C ARG E 31 4.61 -30.57 -33.47
N GLY E 32 5.06 -31.72 -33.97
CA GLY E 32 4.24 -32.92 -33.93
C GLY E 32 3.05 -32.78 -34.88
N GLY E 33 1.93 -33.34 -34.47
CA GLY E 33 0.74 -33.27 -35.29
C GLY E 33 -0.33 -34.21 -34.78
N VAL E 34 -1.50 -34.10 -35.39
CA VAL E 34 -2.64 -34.96 -35.04
C VAL E 34 -2.49 -36.28 -35.78
N LYS E 35 -2.55 -37.38 -35.04
CA LYS E 35 -2.47 -38.73 -35.61
C LYS E 35 -3.88 -39.32 -35.57
N VAL E 36 -4.55 -39.33 -36.71
CA VAL E 36 -5.89 -39.89 -36.82
C VAL E 36 -6.04 -40.54 -38.18
N THR E 37 -6.82 -41.62 -38.22
CA THR E 37 -7.06 -42.32 -39.47
C THR E 37 -8.21 -41.66 -40.22
N ASP E 38 -8.39 -42.10 -41.47
CA ASP E 38 -9.52 -41.64 -42.26
C ASP E 38 -10.83 -42.07 -41.61
N GLU E 39 -10.86 -43.30 -41.07
CA GLU E 39 -12.07 -43.80 -40.44
C GLU E 39 -12.46 -42.94 -39.24
N GLN E 40 -11.48 -42.52 -38.43
CA GLN E 40 -11.79 -41.70 -37.28
C GLN E 40 -12.34 -40.34 -37.71
N ILE E 41 -11.79 -39.77 -38.79
CA ILE E 41 -12.26 -38.48 -39.26
C ILE E 41 -13.67 -38.59 -39.80
N ILE E 42 -13.98 -39.69 -40.49
CA ILE E 42 -15.34 -39.90 -40.97
C ILE E 42 -16.29 -40.08 -39.79
N ALA E 43 -15.87 -40.87 -38.80
CA ALA E 43 -16.72 -41.19 -37.66
C ALA E 43 -17.01 -39.96 -36.82
N ALA E 44 -16.07 -39.01 -36.76
CA ALA E 44 -16.30 -37.80 -35.99
C ALA E 44 -17.51 -37.02 -36.51
N ALA E 45 -17.80 -37.14 -37.81
CA ALA E 45 -18.97 -36.46 -38.36
C ALA E 45 -20.26 -37.24 -38.15
N HIS E 46 -20.19 -38.40 -37.49
CA HIS E 46 -21.38 -39.18 -37.15
C HIS E 46 -21.62 -39.30 -35.65
N HIS E 47 -20.63 -38.99 -34.82
N HIS E 47 -20.62 -39.00 -34.82
CA HIS E 47 -20.82 -39.12 -33.38
CA HIS E 47 -20.80 -39.08 -33.38
C HIS E 47 -21.84 -38.10 -32.88
C HIS E 47 -21.87 -38.11 -32.91
N LYS E 48 -22.75 -38.58 -32.03
CA LYS E 48 -23.78 -37.71 -31.47
C LYS E 48 -23.16 -36.53 -30.73
N GLU E 49 -22.05 -36.74 -30.03
N GLU E 49 -22.07 -36.76 -30.01
CA GLU E 49 -21.41 -35.71 -29.22
CA GLU E 49 -21.42 -35.74 -29.17
C GLU E 49 -22.48 -35.16 -28.27
C GLU E 49 -22.50 -35.16 -28.26
N THR E 50 -22.61 -33.85 -28.11
CA THR E 50 -23.62 -33.24 -27.26
C THR E 50 -24.92 -32.96 -28.00
N TRP E 51 -25.00 -33.30 -29.28
CA TRP E 51 -26.13 -32.93 -30.13
C TRP E 51 -27.21 -33.99 -30.09
N PRO E 52 -28.38 -33.71 -30.67
CA PRO E 52 -29.42 -34.75 -30.78
C PRO E 52 -29.10 -35.84 -31.79
N ASP E 53 -28.11 -35.65 -32.66
CA ASP E 53 -27.70 -36.69 -33.59
C ASP E 53 -26.34 -36.31 -34.14
N GLY E 54 -25.83 -37.14 -35.04
CA GLY E 54 -24.56 -36.85 -35.67
C GLY E 54 -24.65 -35.64 -36.58
N HIS E 55 -23.48 -35.06 -36.87
CA HIS E 55 -23.39 -33.90 -37.77
C HIS E 55 -24.09 -34.19 -39.09
N ILE E 56 -23.62 -35.22 -39.81
CA ILE E 56 -24.19 -35.54 -41.11
C ILE E 56 -25.66 -35.91 -40.97
N GLU E 57 -26.01 -36.64 -39.91
CA GLU E 57 -27.39 -37.04 -39.72
C GLU E 57 -28.30 -35.84 -39.54
N LEU E 58 -27.85 -34.84 -38.78
CA LEU E 58 -28.64 -33.64 -38.59
C LEU E 58 -28.80 -32.88 -39.90
N LEU E 59 -27.70 -32.71 -40.65
CA LEU E 59 -27.81 -32.05 -41.94
C LEU E 59 -28.81 -32.76 -42.85
N HIS E 60 -28.76 -34.09 -42.90
CA HIS E 60 -29.72 -34.82 -43.70
C HIS E 60 -31.15 -34.59 -43.21
N ASN E 61 -31.34 -34.65 -41.90
CA ASN E 61 -32.65 -34.34 -41.31
C ASN E 61 -33.17 -32.99 -41.78
N HIS E 62 -32.29 -31.99 -41.86
CA HIS E 62 -32.71 -30.63 -42.15
C HIS E 62 -32.84 -30.32 -43.63
N GLY E 63 -32.53 -31.28 -44.49
CA GLY E 63 -32.57 -31.04 -45.93
C GLY E 63 -31.40 -30.28 -46.48
N THR E 64 -30.30 -30.17 -45.72
CA THR E 64 -29.11 -29.47 -46.19
C THR E 64 -28.26 -30.43 -47.01
N ASP E 65 -27.96 -30.05 -48.25
CA ASP E 65 -27.21 -30.91 -49.15
C ASP E 65 -25.71 -30.80 -48.92
N MET E 66 -25.20 -29.59 -48.72
CA MET E 66 -23.79 -29.38 -48.51
C MET E 66 -23.60 -28.26 -47.49
N GLN E 67 -22.47 -28.32 -46.79
CA GLN E 67 -22.12 -27.34 -45.77
C GLN E 67 -20.65 -26.97 -45.88
N LEU E 68 -20.38 -25.67 -45.79
CA LEU E 68 -19.00 -25.19 -45.71
C LEU E 68 -18.56 -25.27 -44.25
N ILE E 69 -17.53 -26.06 -43.98
CA ILE E 69 -17.05 -26.27 -42.61
C ILE E 69 -15.72 -25.57 -42.45
N SER E 70 -15.57 -24.86 -41.35
CA SER E 70 -14.37 -24.12 -40.98
C SER E 70 -14.03 -24.52 -39.55
N PRO E 71 -12.91 -24.03 -38.99
CA PRO E 71 -12.57 -24.40 -37.61
C PRO E 71 -13.66 -24.00 -36.62
N ARG E 72 -13.74 -24.72 -35.51
CA ARG E 72 -14.61 -24.24 -34.43
C ARG E 72 -13.91 -23.01 -33.85
N PRO E 73 -14.43 -21.79 -34.05
CA PRO E 73 -13.60 -20.60 -33.81
C PRO E 73 -13.17 -20.40 -32.36
N PHE E 74 -13.98 -20.78 -31.37
CA PHE E 74 -13.61 -20.48 -29.98
C PHE E 74 -12.47 -21.36 -29.46
N GLN E 75 -11.89 -22.23 -30.29
CA GLN E 75 -10.73 -23.03 -29.91
C GLN E 75 -9.41 -22.49 -30.43
N MET E 76 -9.44 -21.48 -31.30
CA MET E 76 -8.28 -21.10 -32.09
C MET E 76 -7.28 -20.21 -31.35
N MET E 77 -7.60 -19.80 -30.12
CA MET E 77 -6.64 -19.23 -29.19
C MET E 77 -5.66 -18.27 -29.87
N ASN E 78 -6.23 -17.27 -30.56
CA ASN E 78 -5.40 -16.29 -31.25
C ASN E 78 -4.56 -15.45 -30.30
N SER E 79 -4.93 -15.37 -29.02
CA SER E 79 -4.20 -14.56 -28.06
C SER E 79 -3.24 -15.39 -27.19
N ALA E 80 -3.13 -16.69 -27.45
CA ALA E 80 -2.26 -17.54 -26.65
C ALA E 80 -0.80 -17.37 -27.08
N LYS E 81 0.10 -17.59 -26.12
CA LYS E 81 1.52 -17.57 -26.39
C LYS E 81 2.11 -18.95 -26.14
N PRO E 82 3.22 -19.31 -26.81
CA PRO E 82 3.91 -18.54 -27.85
C PRO E 82 3.24 -18.61 -29.21
N ALA E 83 3.59 -17.70 -30.12
CA ALA E 83 2.89 -17.59 -31.40
C ALA E 83 2.88 -18.90 -32.17
N ARG E 84 3.94 -19.70 -32.04
CA ARG E 84 4.05 -20.88 -32.88
C ARG E 84 2.97 -21.91 -32.55
N VAL E 85 2.48 -21.96 -31.31
CA VAL E 85 1.41 -22.91 -31.02
C VAL E 85 0.13 -22.49 -31.72
N VAL E 86 -0.13 -21.17 -31.79
CA VAL E 86 -1.27 -20.67 -32.53
C VAL E 86 -1.17 -21.09 -33.99
N HIS E 87 -0.02 -20.81 -34.61
CA HIS E 87 0.19 -21.21 -36.01
C HIS E 87 -0.01 -22.71 -36.19
N TRP E 88 0.67 -23.50 -35.37
CA TRP E 88 0.64 -24.96 -35.53
C TRP E 88 -0.77 -25.49 -35.42
N PHE E 89 -1.53 -25.02 -34.42
CA PHE E 89 -2.88 -25.55 -34.25
C PHE E 89 -3.78 -25.15 -35.40
N CYS E 90 -3.67 -23.90 -35.87
CA CYS E 90 -4.45 -23.51 -37.05
C CYS E 90 -4.11 -24.43 -38.23
N GLU E 91 -2.82 -24.67 -38.46
CA GLU E 91 -2.39 -25.55 -39.55
C GLU E 91 -3.00 -26.94 -39.41
N GLU E 92 -2.99 -27.49 -38.19
CA GLU E 92 -3.50 -28.85 -38.01
C GLU E 92 -5.00 -28.91 -38.23
N VAL E 93 -5.74 -27.91 -37.74
CA VAL E 93 -7.18 -27.90 -37.97
C VAL E 93 -7.47 -27.80 -39.46
N ASN E 94 -6.74 -26.93 -40.17
CA ASN E 94 -6.96 -26.80 -41.61
C ASN E 94 -6.71 -28.12 -42.32
N THR E 95 -5.61 -28.79 -41.98
CA THR E 95 -5.30 -30.08 -42.58
C THR E 95 -6.41 -31.09 -42.32
N LEU E 96 -6.91 -31.13 -41.09
CA LEU E 96 -7.97 -32.08 -40.76
C LEU E 96 -9.24 -31.78 -41.53
N ILE E 97 -9.62 -30.49 -41.64
CA ILE E 97 -10.79 -30.12 -42.44
C ILE E 97 -10.61 -30.56 -43.88
N HIS E 98 -9.41 -30.35 -44.43
CA HIS E 98 -9.14 -30.78 -45.81
C HIS E 98 -9.33 -32.28 -45.96
N ARG E 99 -8.82 -33.06 -45.01
CA ARG E 99 -8.99 -34.51 -45.08
C ARG E 99 -10.46 -34.89 -45.02
N GLN E 100 -11.20 -34.31 -44.08
CA GLN E 100 -12.62 -34.63 -43.95
C GLN E 100 -13.37 -34.30 -45.23
N CYS E 101 -13.09 -33.13 -45.83
CA CYS E 101 -13.78 -32.75 -47.06
C CYS E 101 -13.38 -33.63 -48.23
N THR E 102 -12.15 -34.16 -48.22
CA THR E 102 -11.75 -35.08 -49.27
C THR E 102 -12.44 -36.44 -49.11
N LEU E 103 -12.67 -36.86 -47.86
CA LEU E 103 -13.30 -38.15 -47.60
C LEU E 103 -14.81 -38.08 -47.73
N ILE E 104 -15.40 -36.92 -47.48
CA ILE E 104 -16.85 -36.75 -47.58
C ILE E 104 -17.12 -35.60 -48.55
N PRO E 105 -16.66 -35.68 -49.81
CA PRO E 105 -16.85 -34.56 -50.74
C PRO E 105 -18.31 -34.31 -51.11
N GLU E 106 -19.19 -35.27 -50.84
CA GLU E 106 -20.60 -35.11 -51.18
C GLU E 106 -21.30 -34.09 -50.29
N MET E 107 -20.70 -33.71 -49.16
CA MET E 107 -21.40 -32.88 -48.18
C MET E 107 -20.59 -31.70 -47.68
N PHE E 108 -19.29 -31.84 -47.48
CA PHE E 108 -18.49 -30.86 -46.77
C PHE E 108 -17.55 -30.14 -47.72
N ILE E 109 -17.50 -28.82 -47.58
CA ILE E 109 -16.68 -27.95 -48.42
C ILE E 109 -15.72 -27.20 -47.51
N PRO E 110 -14.43 -27.11 -47.86
CA PRO E 110 -13.43 -26.61 -46.90
C PRO E 110 -13.33 -25.09 -46.85
N VAL E 111 -13.46 -24.54 -45.65
CA VAL E 111 -13.17 -23.14 -45.36
C VAL E 111 -12.09 -23.11 -44.30
N ALA E 112 -11.14 -22.18 -44.45
CA ALA E 112 -9.90 -22.23 -43.70
C ALA E 112 -9.91 -21.24 -42.54
N GLY E 113 -9.13 -21.55 -41.53
CA GLY E 113 -8.81 -20.59 -40.49
C GLY E 113 -7.50 -19.87 -40.80
N LEU E 114 -7.38 -18.63 -40.30
CA LEU E 114 -6.14 -17.88 -40.46
C LEU E 114 -5.33 -17.95 -39.18
N PRO E 115 -4.01 -18.22 -39.24
CA PRO E 115 -3.18 -18.23 -38.01
C PRO E 115 -2.89 -16.83 -37.51
N GLN E 116 -3.93 -16.14 -37.07
CA GLN E 116 -3.81 -14.77 -36.58
C GLN E 116 -3.29 -14.80 -35.16
N VAL E 117 -2.06 -14.37 -34.97
CA VAL E 117 -1.48 -14.14 -33.65
C VAL E 117 -1.65 -12.66 -33.33
N ALA E 118 -2.21 -12.35 -32.16
CA ALA E 118 -2.38 -10.97 -31.74
C ALA E 118 -1.06 -10.22 -31.83
N GLY E 119 -1.07 -9.08 -32.50
CA GLY E 119 0.09 -8.22 -32.62
C GLY E 119 0.99 -8.53 -33.79
N GLU E 120 0.84 -9.68 -34.44
CA GLU E 120 1.69 -10.01 -35.57
C GLU E 120 1.16 -9.33 -36.84
N PRO E 121 2.05 -8.85 -37.72
CA PRO E 121 1.59 -8.36 -39.02
C PRO E 121 0.74 -9.40 -39.74
N ILE E 122 -0.29 -8.94 -40.45
CA ILE E 122 -1.24 -9.86 -41.06
C ILE E 122 -0.55 -10.68 -42.15
N GLU E 123 0.51 -10.15 -42.75
CA GLU E 123 1.28 -10.92 -43.73
C GLU E 123 1.63 -12.31 -43.21
N ASN E 124 1.78 -12.46 -41.90
CA ASN E 124 2.21 -13.71 -41.30
C ASN E 124 1.22 -14.85 -41.50
N VAL E 125 0.06 -14.59 -42.12
CA VAL E 125 -0.87 -15.66 -42.45
C VAL E 125 -0.82 -16.06 -43.92
N PHE E 126 -0.20 -15.26 -44.78
CA PHE E 126 -0.25 -15.51 -46.21
C PHE E 126 0.22 -16.92 -46.56
N ALA E 127 1.34 -17.35 -45.97
CA ALA E 127 1.84 -18.69 -46.26
C ALA E 127 0.75 -19.72 -46.05
N GLU E 128 0.10 -19.70 -44.89
CA GLU E 128 -0.96 -20.67 -44.64
C GLU E 128 -2.07 -20.51 -45.65
N MET E 129 -2.45 -19.27 -45.97
CA MET E 129 -3.44 -19.04 -47.00
C MET E 129 -3.03 -19.74 -48.28
N ASP E 130 -1.78 -19.54 -48.71
CA ASP E 130 -1.31 -20.18 -49.93
C ASP E 130 -1.50 -21.68 -49.83
N ARG E 131 -1.07 -22.28 -48.72
CA ARG E 131 -1.23 -23.72 -48.56
C ARG E 131 -2.69 -24.10 -48.72
N CYS E 132 -3.58 -23.35 -48.07
CA CYS E 132 -4.99 -23.69 -48.12
C CYS E 132 -5.56 -23.50 -49.51
N VAL E 133 -5.02 -22.55 -50.28
CA VAL E 133 -5.48 -22.39 -51.65
C VAL E 133 -5.16 -23.63 -52.46
N SER E 134 -4.00 -24.25 -52.18
CA SER E 134 -3.59 -25.42 -52.94
C SER E 134 -4.45 -26.63 -52.62
N MET E 135 -4.92 -26.73 -51.38
CA MET E 135 -5.83 -27.79 -50.96
C MET E 135 -7.26 -27.54 -51.40
N GLY E 136 -7.53 -26.45 -52.12
CA GLY E 136 -8.85 -26.17 -52.63
C GLY E 136 -9.80 -25.49 -51.68
N PHE E 137 -9.29 -24.86 -50.63
CA PHE E 137 -10.16 -24.14 -49.70
C PHE E 137 -10.87 -23.01 -50.44
N LYS E 138 -12.08 -22.71 -49.98
CA LYS E 138 -12.97 -21.77 -50.67
C LYS E 138 -13.18 -20.48 -49.90
N GLY E 139 -12.49 -20.28 -48.79
CA GLY E 139 -12.66 -19.06 -48.02
C GLY E 139 -11.82 -19.08 -46.77
N PHE E 140 -11.93 -17.99 -46.01
CA PHE E 140 -11.14 -17.83 -44.80
C PHE E 140 -11.96 -17.13 -43.73
N LEU E 141 -11.94 -17.67 -42.51
CA LEU E 141 -12.46 -16.94 -41.38
C LEU E 141 -11.49 -15.82 -41.01
N LEU E 142 -12.01 -14.60 -40.90
CA LEU E 142 -11.23 -13.45 -40.48
C LEU E 142 -11.69 -13.01 -39.11
N ASN E 143 -10.77 -12.98 -38.15
CA ASN E 143 -11.07 -12.60 -36.78
C ASN E 143 -10.73 -11.14 -36.56
N PRO E 144 -11.69 -10.26 -36.32
CA PRO E 144 -11.36 -8.84 -36.09
C PRO E 144 -10.74 -8.56 -34.73
N ASP E 145 -10.64 -9.56 -33.86
CA ASP E 145 -10.15 -9.38 -32.49
C ASP E 145 -9.28 -10.56 -32.11
N PRO E 146 -8.09 -10.67 -32.71
CA PRO E 146 -7.16 -11.73 -32.30
C PRO E 146 -6.70 -11.60 -30.86
N TYR E 147 -6.90 -10.43 -30.24
CA TYR E 147 -6.62 -10.21 -28.83
C TYR E 147 -7.66 -10.85 -27.93
N GLU E 148 -8.76 -11.35 -28.49
CA GLU E 148 -9.74 -12.17 -27.77
C GLU E 148 -10.22 -11.46 -26.51
N ASN E 149 -10.75 -10.26 -26.71
CA ASN E 149 -11.33 -9.45 -25.65
C ASN E 149 -10.38 -9.32 -24.46
N GLY E 150 -9.17 -8.85 -24.76
CA GLY E 150 -8.16 -8.62 -23.75
C GLY E 150 -8.01 -7.16 -23.42
N ALA E 151 -6.88 -6.83 -22.78
CA ALA E 151 -6.60 -5.44 -22.44
C ALA E 151 -6.33 -4.60 -23.67
N GLU E 152 -5.99 -5.22 -24.79
CA GLU E 152 -5.64 -4.50 -26.01
C GLU E 152 -6.60 -4.90 -27.13
N GLU E 153 -6.56 -4.10 -28.19
CA GLU E 153 -7.37 -4.31 -29.37
C GLU E 153 -6.49 -4.29 -30.61
N ALA E 154 -6.96 -4.95 -31.65
CA ALA E 154 -6.38 -4.83 -32.97
C ALA E 154 -6.83 -3.51 -33.60
N PRO E 155 -6.19 -3.09 -34.69
CA PRO E 155 -6.67 -1.92 -35.41
C PRO E 155 -8.05 -2.17 -35.99
N PRO E 156 -8.87 -1.14 -36.13
CA PRO E 156 -10.16 -1.33 -36.80
C PRO E 156 -9.94 -1.84 -38.22
N LEU E 157 -10.95 -2.53 -38.75
CA LEU E 157 -10.81 -3.18 -40.06
C LEU E 157 -10.52 -2.19 -41.17
N GLY E 158 -10.80 -0.91 -40.98
CA GLY E 158 -10.48 0.07 -42.00
C GLY E 158 -9.05 0.57 -41.96
N ASP E 159 -8.27 0.10 -41.01
CA ASP E 159 -6.88 0.53 -40.86
C ASP E 159 -6.00 -0.24 -41.83
N ARG E 160 -4.94 0.42 -42.32
CA ARG E 160 -4.11 -0.19 -43.34
C ARG E 160 -3.36 -1.43 -42.84
N TYR E 161 -3.33 -1.67 -41.52
CA TYR E 161 -2.80 -2.93 -41.01
C TYR E 161 -3.41 -4.12 -41.74
N TRP E 162 -4.68 -4.01 -42.13
CA TRP E 162 -5.39 -5.08 -42.81
C TRP E 162 -5.27 -5.02 -44.33
N TYR E 163 -4.80 -3.91 -44.88
CA TYR E 163 -4.85 -3.74 -46.34
C TYR E 163 -4.11 -4.84 -47.10
N PRO E 164 -2.90 -5.26 -46.71
CA PRO E 164 -2.29 -6.40 -47.42
C PRO E 164 -3.23 -7.58 -47.55
N LEU E 165 -3.87 -8.00 -46.45
CA LEU E 165 -4.79 -9.12 -46.50
C LEU E 165 -5.84 -8.93 -47.58
N TYR E 166 -6.57 -7.80 -47.51
CA TYR E 166 -7.56 -7.51 -48.53
C TYR E 166 -6.96 -7.66 -49.92
N GLU E 167 -5.78 -7.07 -50.13
CA GLU E 167 -5.12 -7.20 -51.43
C GLU E 167 -5.04 -8.66 -51.83
N LYS E 168 -4.45 -9.50 -50.96
CA LYS E 168 -4.32 -10.91 -51.28
C LYS E 168 -5.68 -11.52 -51.54
N LEU E 169 -6.68 -11.21 -50.71
CA LEU E 169 -8.00 -11.77 -50.93
C LEU E 169 -8.51 -11.42 -52.32
N CYS E 170 -8.32 -10.15 -52.72
CA CYS E 170 -8.74 -9.75 -54.06
C CYS E 170 -7.92 -10.45 -55.12
N GLU E 171 -6.62 -10.67 -54.86
CA GLU E 171 -5.81 -11.45 -55.79
C GLU E 171 -6.39 -12.84 -55.98
N LEU E 172 -6.93 -13.42 -54.90
CA LEU E 172 -7.43 -14.78 -54.95
C LEU E 172 -8.89 -14.86 -55.36
N ASP E 173 -9.62 -13.75 -55.26
CA ASP E 173 -11.08 -13.75 -55.39
C ASP E 173 -11.71 -14.77 -54.44
N LEU E 174 -11.23 -14.78 -53.20
CA LEU E 174 -11.79 -15.62 -52.15
C LEU E 174 -12.28 -14.76 -50.99
N PRO E 175 -13.36 -15.15 -50.33
CA PRO E 175 -13.98 -14.27 -49.33
C PRO E 175 -13.38 -14.40 -47.95
N ALA E 176 -13.56 -13.34 -47.16
CA ALA E 176 -13.29 -13.36 -45.74
C ALA E 176 -14.62 -13.50 -45.00
N HIS E 177 -14.70 -14.44 -44.07
CA HIS E 177 -15.88 -14.69 -43.27
C HIS E 177 -15.60 -14.17 -41.87
N ILE E 178 -16.23 -13.04 -41.52
CA ILE E 178 -16.02 -12.42 -40.22
C ILE E 178 -16.50 -13.37 -39.15
N HIS E 179 -15.61 -13.73 -38.23
CA HIS E 179 -15.96 -14.59 -37.11
C HIS E 179 -14.93 -14.37 -36.03
N ALA E 180 -15.37 -13.87 -34.87
CA ALA E 180 -14.49 -13.80 -33.72
C ALA E 180 -14.18 -15.21 -33.21
N THR E 181 -13.25 -15.29 -32.27
CA THR E 181 -12.85 -16.57 -31.72
C THR E 181 -13.23 -16.65 -30.25
N GLY E 182 -12.25 -16.60 -29.36
CA GLY E 182 -12.50 -16.66 -27.93
C GLY E 182 -12.59 -15.26 -27.31
N SER E 183 -12.98 -15.25 -26.04
CA SER E 183 -13.08 -14.02 -25.27
C SER E 183 -12.58 -14.27 -23.85
N GLN E 184 -11.69 -13.40 -23.39
CA GLN E 184 -11.16 -13.48 -22.05
C GLN E 184 -12.00 -12.75 -21.02
N SER E 185 -13.09 -12.13 -21.44
CA SER E 185 -13.90 -11.32 -20.53
C SER E 185 -14.79 -12.21 -19.66
N GLU E 186 -14.94 -11.82 -18.39
CA GLU E 186 -15.93 -12.42 -17.52
C GLU E 186 -17.33 -11.86 -17.76
N ARG E 187 -17.45 -10.74 -18.47
CA ARG E 187 -18.75 -10.17 -18.80
C ARG E 187 -19.31 -10.73 -20.09
N SER E 188 -18.47 -10.82 -21.14
CA SER E 188 -18.90 -11.25 -22.46
C SER E 188 -18.27 -12.60 -22.76
N PRO E 189 -19.00 -13.71 -22.60
CA PRO E 189 -18.50 -15.00 -23.10
C PRO E 189 -18.42 -15.00 -24.62
N TYR E 190 -17.77 -16.04 -25.15
CA TYR E 190 -17.43 -16.07 -26.58
C TYR E 190 -18.67 -15.95 -27.46
N SER E 191 -19.79 -16.53 -27.04
CA SER E 191 -20.98 -16.54 -27.89
C SER E 191 -21.57 -15.15 -28.06
N LEU E 192 -21.48 -14.31 -27.04
CA LEU E 192 -21.94 -12.92 -27.14
C LEU E 192 -20.87 -12.04 -27.78
N HIS E 193 -19.61 -12.35 -27.51
CA HIS E 193 -18.52 -11.64 -28.15
C HIS E 193 -18.58 -11.79 -29.67
N PHE E 194 -18.97 -12.97 -30.17
CA PHE E 194 -19.20 -13.13 -31.61
C PHE E 194 -20.02 -11.98 -32.16
N ILE E 195 -21.15 -11.68 -31.49
CA ILE E 195 -22.11 -10.72 -32.00
C ILE E 195 -21.55 -9.31 -31.89
N ASN E 196 -20.96 -8.97 -30.74
CA ASN E 196 -20.39 -7.64 -30.58
C ASN E 196 -19.30 -7.38 -31.62
N GLU E 197 -18.47 -8.40 -31.89
CA GLU E 197 -17.37 -8.23 -32.83
C GLU E 197 -17.88 -8.14 -34.26
N GLU E 198 -18.93 -8.89 -34.60
CA GLU E 198 -19.53 -8.72 -35.92
C GLU E 198 -20.06 -7.30 -36.09
N THR E 199 -20.69 -6.76 -35.04
CA THR E 199 -21.16 -5.38 -35.10
C THR E 199 -20.00 -4.42 -35.33
N ILE E 200 -18.91 -4.59 -34.59
CA ILE E 200 -17.78 -3.67 -34.70
C ILE E 200 -17.12 -3.79 -36.08
N ALA E 201 -16.92 -5.02 -36.57
CA ALA E 201 -16.30 -5.22 -37.87
C ALA E 201 -17.14 -4.60 -38.98
N THR E 202 -18.45 -4.84 -38.95
CA THR E 202 -19.33 -4.26 -39.97
C THR E 202 -19.28 -2.74 -39.91
N TYR E 203 -19.35 -2.17 -38.71
CA TYR E 203 -19.22 -0.72 -38.56
C TYR E 203 -17.92 -0.23 -39.19
N ASN E 204 -16.79 -0.83 -38.83
CA ASN E 204 -15.50 -0.40 -39.38
C ASN E 204 -15.54 -0.43 -40.90
N LEU E 205 -16.06 -1.53 -41.46
CA LEU E 205 -16.04 -1.70 -42.91
C LEU E 205 -16.99 -0.75 -43.61
N CYS E 206 -18.04 -0.28 -42.93
CA CYS E 206 -19.04 0.58 -43.55
C CYS E 206 -18.80 2.07 -43.32
N THR E 207 -17.82 2.43 -42.49
CA THR E 207 -17.45 3.82 -42.26
C THR E 207 -16.00 4.09 -42.65
N SER E 208 -15.41 3.23 -43.47
CA SER E 208 -14.04 3.38 -43.93
C SER E 208 -14.05 3.38 -45.46
N SER E 209 -12.86 3.51 -46.03
CA SER E 209 -12.70 3.48 -47.49
C SER E 209 -12.29 2.11 -48.00
N VAL E 210 -12.50 1.06 -47.22
CA VAL E 210 -12.06 -0.28 -47.63
C VAL E 210 -12.66 -0.65 -48.98
N PHE E 211 -13.92 -0.31 -49.20
CA PHE E 211 -14.59 -0.67 -50.45
C PHE E 211 -14.33 0.34 -51.56
N ASP E 212 -13.77 1.51 -51.25
CA ASP E 212 -13.25 2.37 -52.30
C ASP E 212 -11.91 1.84 -52.83
N ASP E 213 -11.10 1.24 -51.97
CA ASP E 213 -9.80 0.73 -52.36
C ASP E 213 -9.83 -0.74 -52.80
N PHE E 214 -10.85 -1.49 -52.39
CA PHE E 214 -11.00 -2.89 -52.78
C PHE E 214 -12.44 -3.13 -53.16
N PRO E 215 -12.89 -2.58 -54.29
CA PRO E 215 -14.30 -2.74 -54.68
C PRO E 215 -14.70 -4.19 -54.92
N GLN E 216 -13.75 -5.10 -55.11
CA GLN E 216 -14.05 -6.51 -55.34
C GLN E 216 -13.84 -7.37 -54.10
N LEU E 217 -13.52 -6.77 -52.95
CA LEU E 217 -13.36 -7.54 -51.72
C LEU E 217 -14.68 -8.18 -51.33
N LYS E 218 -14.65 -9.49 -51.06
CA LYS E 218 -15.82 -10.25 -50.67
C LYS E 218 -15.77 -10.56 -49.18
N VAL E 219 -16.75 -10.05 -48.43
CA VAL E 219 -16.82 -10.23 -46.99
C VAL E 219 -18.19 -10.75 -46.63
N VAL E 220 -18.24 -11.87 -45.90
CA VAL E 220 -19.49 -12.44 -45.37
C VAL E 220 -19.47 -12.26 -43.86
N VAL E 221 -20.47 -11.56 -43.33
CA VAL E 221 -20.54 -11.31 -41.89
C VAL E 221 -21.41 -12.38 -41.24
N SER E 222 -20.93 -12.92 -40.12
CA SER E 222 -21.62 -14.02 -39.47
C SER E 222 -22.78 -13.53 -38.61
N HIS E 223 -23.72 -14.45 -38.37
CA HIS E 223 -24.85 -14.24 -37.47
C HIS E 223 -25.65 -12.99 -37.85
N GLY E 224 -25.96 -12.86 -39.13
CA GLY E 224 -26.80 -11.78 -39.61
C GLY E 224 -26.25 -10.40 -39.34
N GLY E 225 -24.93 -10.24 -39.30
CA GLY E 225 -24.34 -8.96 -39.06
C GLY E 225 -24.37 -8.50 -37.61
N GLY E 226 -24.39 -9.44 -36.67
CA GLY E 226 -24.46 -9.09 -35.26
C GLY E 226 -25.70 -8.29 -34.94
N ALA E 227 -25.52 -7.00 -34.67
CA ALA E 227 -26.62 -6.10 -34.33
C ALA E 227 -26.98 -5.14 -35.46
N ILE E 228 -26.19 -5.08 -36.52
CA ILE E 228 -26.30 -3.98 -37.48
C ILE E 228 -27.70 -3.89 -38.11
N PRO E 229 -28.25 -4.95 -38.71
CA PRO E 229 -29.57 -4.78 -39.35
C PRO E 229 -30.62 -4.26 -38.38
N TYR E 230 -30.56 -4.69 -37.13
CA TYR E 230 -31.53 -4.27 -36.13
C TYR E 230 -31.28 -2.83 -35.70
N GLN E 231 -30.02 -2.42 -35.63
CA GLN E 231 -29.64 -1.07 -35.19
C GLN E 231 -29.21 -0.16 -36.33
N LEU E 232 -29.56 -0.51 -37.57
CA LEU E 232 -29.03 0.23 -38.71
C LEU E 232 -29.42 1.70 -38.68
N GLY E 233 -30.53 2.04 -38.03
CA GLY E 233 -31.05 3.39 -38.12
C GLY E 233 -30.09 4.43 -37.58
N ARG E 234 -29.57 4.20 -36.36
CA ARG E 234 -28.68 5.17 -35.74
C ARG E 234 -27.40 5.35 -36.56
N PHE E 235 -26.88 4.26 -37.12
CA PHE E 235 -25.64 4.35 -37.89
C PHE E 235 -25.85 5.06 -39.21
N GLU E 236 -26.97 4.80 -39.89
CA GLU E 236 -27.26 5.56 -41.11
C GLU E 236 -27.46 7.04 -40.81
N SER E 237 -28.16 7.36 -39.73
CA SER E 237 -28.37 8.76 -39.37
C SER E 237 -27.05 9.47 -39.11
N GLN E 238 -26.15 8.82 -38.37
CA GLN E 238 -24.84 9.44 -38.15
C GLN E 238 -24.06 9.56 -39.45
N SER E 239 -24.14 8.55 -40.32
CA SER E 239 -23.41 8.60 -41.57
C SER E 239 -23.88 9.74 -42.46
N ARG E 240 -25.15 10.15 -42.33
CA ARG E 240 -25.63 11.29 -43.11
C ARG E 240 -24.71 12.50 -42.96
N ARG E 241 -24.07 12.64 -41.80
CA ARG E 241 -23.20 13.78 -41.52
C ARG E 241 -21.83 13.67 -42.19
N SER E 242 -21.59 12.62 -42.98
CA SER E 242 -20.27 12.40 -43.56
C SER E 242 -20.34 12.38 -45.08
N LYS E 243 -19.47 11.61 -45.72
CA LYS E 243 -19.29 11.64 -47.17
C LYS E 243 -19.93 10.47 -47.89
N HIS E 244 -20.06 9.32 -47.24
CA HIS E 244 -20.76 8.17 -47.77
C HIS E 244 -21.76 7.69 -46.73
N LEU E 245 -22.94 7.27 -47.18
CA LEU E 245 -23.92 6.72 -46.26
C LEU E 245 -23.50 5.33 -45.81
N PHE E 246 -23.79 5.02 -44.55
CA PHE E 246 -23.57 3.68 -44.03
C PHE E 246 -24.09 2.63 -45.00
N SER E 247 -25.28 2.87 -45.56
CA SER E 247 -25.90 1.89 -46.44
C SER E 247 -25.12 1.72 -47.74
N GLU E 248 -24.49 2.77 -48.24
CA GLU E 248 -23.69 2.65 -49.47
C GLU E 248 -22.66 1.54 -49.33
N ARG E 249 -21.89 1.58 -48.24
CA ARG E 249 -20.91 0.51 -48.01
C ARG E 249 -21.59 -0.80 -47.65
N MET E 250 -22.60 -0.76 -46.78
CA MET E 250 -23.23 -1.99 -46.33
C MET E 250 -23.78 -2.80 -47.52
N ALA E 251 -24.14 -2.13 -48.61
CA ALA E 251 -24.63 -2.82 -49.79
C ALA E 251 -23.57 -3.75 -50.38
N LYS E 252 -22.30 -3.44 -50.17
CA LYS E 252 -21.23 -4.30 -50.66
C LYS E 252 -21.09 -5.59 -49.84
N LEU E 253 -21.58 -5.59 -48.61
CA LEU E 253 -21.35 -6.69 -47.69
C LEU E 253 -22.33 -7.83 -47.92
N TYR E 254 -21.87 -9.04 -47.61
CA TYR E 254 -22.72 -10.21 -47.55
C TYR E 254 -22.95 -10.60 -46.09
N PHE E 255 -24.05 -11.30 -45.84
CA PHE E 255 -24.42 -11.73 -44.50
C PHE E 255 -24.96 -13.14 -44.56
N ASP E 256 -24.54 -13.99 -43.62
CA ASP E 256 -25.17 -15.29 -43.49
C ASP E 256 -26.39 -15.18 -42.56
N THR E 257 -27.19 -16.25 -42.54
CA THR E 257 -28.50 -16.24 -41.87
C THR E 257 -28.49 -17.09 -40.61
N VAL E 258 -27.38 -17.11 -39.89
CA VAL E 258 -27.32 -17.82 -38.61
C VAL E 258 -28.08 -17.00 -37.58
N LEU E 259 -29.41 -17.02 -37.69
CA LEU E 259 -30.33 -16.44 -36.72
C LEU E 259 -31.39 -17.49 -36.45
N TYR E 260 -31.80 -17.61 -35.19
CA TYR E 260 -32.67 -18.72 -34.80
C TYR E 260 -34.07 -18.26 -34.38
N THR E 261 -34.51 -17.08 -34.84
CA THR E 261 -35.89 -16.66 -34.72
C THR E 261 -36.39 -16.21 -36.08
N GLU E 262 -37.66 -16.50 -36.37
CA GLU E 262 -38.23 -16.11 -37.66
C GLU E 262 -38.17 -14.60 -37.87
N GLY E 263 -38.54 -13.83 -36.84
CA GLY E 263 -38.54 -12.39 -36.97
C GLY E 263 -37.17 -11.83 -37.34
N ALA E 264 -36.11 -12.40 -36.78
CA ALA E 264 -34.77 -11.91 -37.07
C ALA E 264 -34.37 -12.22 -38.51
N LEU E 265 -34.69 -13.43 -38.98
CA LEU E 265 -34.43 -13.76 -40.38
C LEU E 265 -35.18 -12.81 -41.31
N ARG E 266 -36.45 -12.55 -41.00
CA ARG E 266 -37.24 -11.62 -41.82
C ARG E 266 -36.60 -10.24 -41.84
N LEU E 267 -36.25 -9.71 -40.68
CA LEU E 267 -35.64 -8.38 -40.63
C LEU E 267 -34.33 -8.33 -41.41
N LEU E 268 -33.49 -9.37 -41.27
CA LEU E 268 -32.23 -9.39 -42.01
C LEU E 268 -32.48 -9.35 -43.52
N ILE E 269 -33.33 -10.25 -44.01
CA ILE E 269 -33.54 -10.35 -45.45
C ILE E 269 -34.20 -9.09 -45.98
N GLU E 270 -35.13 -8.51 -45.21
CA GLU E 270 -35.79 -7.29 -45.64
C GLU E 270 -34.84 -6.10 -45.62
N THR E 271 -33.83 -6.14 -44.77
CA THR E 271 -32.93 -5.00 -44.63
C THR E 271 -31.81 -5.02 -45.67
N VAL E 272 -31.24 -6.19 -45.95
CA VAL E 272 -30.10 -6.26 -46.87
C VAL E 272 -30.48 -6.84 -48.24
N GLY E 273 -31.58 -7.55 -48.36
CA GLY E 273 -32.00 -8.11 -49.63
C GLY E 273 -31.50 -9.53 -49.81
N PRO E 274 -32.21 -10.32 -50.63
CA PRO E 274 -31.77 -11.70 -50.85
C PRO E 274 -30.46 -11.78 -51.61
N GLU E 275 -30.13 -10.77 -52.40
CA GLU E 275 -28.89 -10.76 -53.18
C GLU E 275 -27.65 -10.69 -52.30
N ARG E 276 -27.80 -10.47 -50.99
CA ARG E 276 -26.65 -10.35 -50.10
C ARG E 276 -26.78 -11.24 -48.88
N CYS E 277 -27.68 -12.23 -48.92
CA CYS E 277 -27.89 -13.16 -47.82
C CYS E 277 -27.53 -14.57 -48.27
N LEU E 278 -26.66 -15.23 -47.51
CA LEU E 278 -26.30 -16.62 -47.75
C LEU E 278 -26.84 -17.47 -46.60
N PHE E 279 -27.47 -18.59 -46.94
CA PHE E 279 -28.02 -19.45 -45.90
C PHE E 279 -26.91 -20.00 -45.01
N GLY E 280 -27.15 -19.98 -43.71
CA GLY E 280 -26.23 -20.59 -42.75
C GLY E 280 -26.98 -20.91 -41.47
N SER E 281 -26.48 -21.93 -40.75
CA SER E 281 -27.15 -22.39 -39.53
C SER E 281 -26.23 -22.70 -38.37
N GLU E 282 -24.94 -22.92 -38.58
CA GLU E 282 -24.02 -23.36 -37.52
C GLU E 282 -24.47 -24.67 -36.90
N CYS E 283 -25.20 -25.47 -37.65
CA CYS E 283 -25.61 -26.79 -37.22
C CYS E 283 -24.52 -27.81 -37.55
N PRO E 284 -24.07 -28.62 -36.59
CA PRO E 284 -24.48 -28.64 -35.18
C PRO E 284 -23.74 -27.59 -34.36
N GLY E 285 -24.40 -27.03 -33.35
CA GLY E 285 -23.76 -26.05 -32.49
C GLY E 285 -24.68 -25.43 -31.47
N VAL E 286 -24.52 -24.12 -31.25
CA VAL E 286 -25.27 -23.43 -30.21
C VAL E 286 -26.77 -23.66 -30.38
N GLY E 287 -27.24 -23.71 -31.62
CA GLY E 287 -28.65 -23.84 -31.91
C GLY E 287 -29.19 -25.25 -31.95
N SER E 288 -28.40 -26.24 -31.56
CA SER E 288 -28.81 -27.63 -31.70
C SER E 288 -29.56 -28.13 -30.46
N THR E 289 -30.60 -27.39 -30.07
CA THR E 289 -31.47 -27.77 -28.96
C THR E 289 -32.91 -27.86 -29.46
N ILE E 290 -33.72 -28.58 -28.70
CA ILE E 290 -35.09 -28.90 -29.09
C ILE E 290 -36.05 -28.00 -28.33
N ASP E 291 -37.04 -27.48 -29.03
CA ASP E 291 -38.13 -26.72 -28.44
C ASP E 291 -39.18 -27.69 -27.92
N PRO E 292 -39.39 -27.77 -26.60
CA PRO E 292 -40.36 -28.75 -26.08
C PRO E 292 -41.77 -28.58 -26.60
N ALA E 293 -42.16 -27.36 -26.97
CA ALA E 293 -43.52 -27.10 -27.43
C ALA E 293 -43.76 -27.61 -28.84
N THR E 294 -42.71 -27.76 -29.65
CA THR E 294 -42.85 -28.12 -31.05
C THR E 294 -41.98 -29.30 -31.46
N GLY E 295 -41.05 -29.73 -30.63
CA GLY E 295 -40.10 -30.77 -31.02
C GLY E 295 -39.11 -30.33 -32.08
N LYS E 296 -39.14 -29.07 -32.50
CA LYS E 296 -38.33 -28.58 -33.60
C LYS E 296 -36.96 -28.12 -33.10
N GLN E 297 -35.91 -28.44 -33.87
CA GLN E 297 -34.56 -28.05 -33.51
C GLN E 297 -34.32 -26.60 -33.92
N MET E 298 -33.75 -25.81 -33.00
CA MET E 298 -33.69 -24.37 -33.20
C MET E 298 -32.89 -23.98 -34.44
N ASP E 299 -31.84 -24.72 -34.78
CA ASP E 299 -31.03 -24.34 -35.93
C ASP E 299 -31.54 -24.95 -37.24
N HIS E 300 -32.74 -25.55 -37.22
CA HIS E 300 -33.40 -26.01 -38.43
C HIS E 300 -34.27 -24.88 -38.98
N ILE E 301 -33.59 -23.89 -39.58
CA ILE E 301 -34.22 -22.61 -39.91
C ILE E 301 -34.55 -22.46 -41.39
N ALA E 302 -34.11 -23.38 -42.24
CA ALA E 302 -34.43 -23.26 -43.66
C ALA E 302 -35.92 -23.17 -43.93
N PRO E 303 -36.79 -23.89 -43.22
CA PRO E 303 -38.23 -23.75 -43.49
C PRO E 303 -38.75 -22.33 -43.33
N PHE E 304 -38.18 -21.54 -42.42
CA PHE E 304 -38.61 -20.15 -42.27
C PHE E 304 -38.38 -19.37 -43.56
N ILE E 305 -37.17 -19.48 -44.12
CA ILE E 305 -36.85 -18.79 -45.36
C ILE E 305 -37.69 -19.32 -46.51
N GLN E 306 -37.92 -20.64 -46.53
N GLN E 306 -37.94 -20.63 -46.52
CA GLN E 306 -38.72 -21.25 -47.59
CA GLN E 306 -38.71 -21.23 -47.61
C GLN E 306 -40.16 -20.77 -47.56
C GLN E 306 -40.19 -20.88 -47.55
N LYS E 307 -40.71 -20.52 -46.37
CA LYS E 307 -42.11 -20.16 -46.23
C LYS E 307 -42.35 -18.65 -46.15
N PHE E 308 -41.31 -17.82 -46.31
CA PHE E 308 -41.52 -16.37 -46.36
C PHE E 308 -42.26 -16.00 -47.64
N ASP E 309 -43.46 -15.45 -47.51
CA ASP E 309 -44.31 -15.17 -48.65
C ASP E 309 -43.99 -13.86 -49.36
N PHE E 310 -42.92 -13.17 -48.96
CA PHE E 310 -42.45 -11.99 -49.67
C PHE E 310 -41.24 -12.27 -50.55
N LEU E 311 -40.80 -13.53 -50.63
CA LEU E 311 -39.62 -13.92 -51.40
C LEU E 311 -40.05 -14.80 -52.56
N SER E 312 -39.60 -14.46 -53.77
CA SER E 312 -39.88 -15.28 -54.93
C SER E 312 -38.99 -16.53 -54.90
N ASP E 313 -39.20 -17.41 -55.87
CA ASP E 313 -38.38 -18.62 -55.96
C ASP E 313 -36.93 -18.28 -56.30
N ALA E 314 -36.72 -17.26 -57.14
CA ALA E 314 -35.37 -16.85 -57.47
C ALA E 314 -34.63 -16.30 -56.26
N ASP E 315 -35.32 -15.54 -55.41
CA ASP E 315 -34.69 -15.03 -54.19
C ASP E 315 -34.30 -16.18 -53.27
N LYS E 316 -35.17 -17.18 -53.13
CA LYS E 316 -34.85 -18.33 -52.29
C LYS E 316 -33.69 -19.13 -52.86
N LYS E 317 -33.59 -19.20 -54.20
CA LYS E 317 -32.45 -19.85 -54.82
C LYS E 317 -31.17 -19.05 -54.59
N LEU E 318 -31.27 -17.72 -54.61
CA LEU E 318 -30.12 -16.88 -54.25
C LEU E 318 -29.67 -17.17 -52.83
N ILE E 319 -30.62 -17.27 -51.90
CA ILE E 319 -30.27 -17.39 -50.49
C ILE E 319 -29.74 -18.79 -50.18
N PHE E 320 -30.27 -19.81 -50.83
CA PHE E 320 -29.94 -21.18 -50.48
C PHE E 320 -28.73 -21.75 -51.22
N GLU E 321 -28.31 -21.16 -52.34
CA GLU E 321 -27.14 -21.72 -53.03
C GLU E 321 -26.38 -20.74 -53.92
N ASP E 322 -27.07 -19.95 -54.75
CA ASP E 322 -26.37 -19.18 -55.77
C ASP E 322 -25.41 -18.17 -55.15
N ASN E 323 -25.84 -17.47 -54.11
CA ASN E 323 -24.93 -16.52 -53.47
C ASN E 323 -23.69 -17.23 -52.92
N ALA E 324 -23.88 -18.40 -52.33
CA ALA E 324 -22.73 -19.16 -51.84
C ALA E 324 -21.84 -19.63 -52.99
N ARG E 325 -22.44 -20.09 -54.08
CA ARG E 325 -21.65 -20.47 -55.26
C ARG E 325 -20.78 -19.30 -55.72
N LYS E 326 -21.39 -18.11 -55.85
CA LYS E 326 -20.65 -16.96 -56.35
C LYS E 326 -19.54 -16.56 -55.40
N VAL E 327 -19.86 -16.47 -54.10
CA VAL E 327 -18.91 -15.89 -53.15
C VAL E 327 -17.77 -16.86 -52.86
N PHE E 328 -18.09 -18.12 -52.59
CA PHE E 328 -17.06 -19.11 -52.25
C PHE E 328 -16.55 -19.88 -53.47
N ASN E 329 -16.85 -19.41 -54.68
CA ASN E 329 -16.34 -20.04 -55.90
C ASN E 329 -16.53 -21.55 -55.87
N LEU E 330 -17.76 -21.98 -55.62
CA LEU E 330 -18.04 -23.40 -55.44
C LEU E 330 -18.08 -24.11 -56.79
N GLU E 331 -17.44 -25.27 -56.85
CA GLU E 331 -17.51 -26.12 -58.02
C GLU E 331 -18.97 -26.39 -58.35
N VAL E 332 -19.31 -26.27 -59.63
CA VAL E 332 -20.70 -26.42 -60.09
C VAL E 332 -21.30 -27.72 -59.56
N MET F 1 -41.94 -21.37 5.52
CA MET F 1 -41.38 -21.98 6.76
C MET F 1 -41.17 -20.91 7.83
N ILE F 2 -40.82 -21.34 9.03
CA ILE F 2 -40.57 -20.45 10.15
C ILE F 2 -39.10 -20.60 10.53
N ILE F 3 -38.34 -19.53 10.34
CA ILE F 3 -36.94 -19.45 10.77
C ILE F 3 -36.88 -18.55 11.97
N ASP F 4 -36.39 -19.08 13.09
CA ASP F 4 -36.23 -18.33 14.33
C ASP F 4 -34.81 -17.79 14.40
N CYS F 5 -34.67 -16.46 14.40
CA CYS F 5 -33.36 -15.84 14.27
C CYS F 5 -32.69 -15.54 15.61
N HIS F 6 -33.36 -15.76 16.73
CA HIS F 6 -32.79 -15.49 18.05
C HIS F 6 -32.88 -16.76 18.88
N GLY F 7 -31.89 -17.64 18.73
CA GLY F 7 -31.77 -18.82 19.56
C GLY F 7 -30.37 -18.94 20.11
N HIS F 8 -30.27 -19.61 21.26
CA HIS F 8 -29.00 -19.79 21.94
C HIS F 8 -28.73 -21.28 22.11
N VAL F 9 -27.45 -21.66 21.91
CA VAL F 9 -27.08 -23.06 21.83
C VAL F 9 -27.40 -23.77 23.14
N SER F 10 -27.99 -24.97 23.01
CA SER F 10 -28.10 -25.89 24.14
C SER F 10 -26.87 -26.80 24.08
N ALA F 11 -25.91 -26.55 24.96
CA ALA F 11 -24.60 -27.17 24.88
C ALA F 11 -24.46 -28.29 25.89
N PRO F 12 -23.53 -29.22 25.66
CA PRO F 12 -23.21 -30.19 26.71
C PRO F 12 -22.66 -29.50 27.95
N VAL F 13 -22.91 -30.11 29.11
CA VAL F 13 -22.45 -29.54 30.37
C VAL F 13 -20.95 -29.31 30.39
N GLU F 14 -20.19 -30.04 29.57
CA GLU F 14 -18.74 -29.92 29.59
C GLU F 14 -18.28 -28.51 29.20
N LEU F 15 -19.07 -27.79 28.41
CA LEU F 15 -18.69 -26.44 28.01
C LEU F 15 -18.61 -25.51 29.22
N TRP F 16 -19.64 -25.54 30.07
CA TRP F 16 -19.66 -24.65 31.22
C TRP F 16 -18.63 -25.05 32.26
N ALA F 17 -18.37 -26.36 32.41
CA ALA F 17 -17.26 -26.79 33.24
C ALA F 17 -15.93 -26.31 32.68
N TYR F 18 -15.80 -26.24 31.35
CA TYR F 18 -14.58 -25.68 30.75
C TYR F 18 -14.44 -24.22 31.12
N LYS F 19 -15.54 -23.47 31.13
CA LYS F 19 -15.50 -22.10 31.61
C LYS F 19 -14.99 -22.03 33.06
N ALA F 20 -15.58 -22.84 33.93
CA ALA F 20 -15.15 -22.86 35.32
C ALA F 20 -13.65 -23.17 35.43
N SER F 21 -13.17 -24.14 34.64
CA SER F 21 -11.76 -24.49 34.66
C SER F 21 -10.87 -23.33 34.24
N LEU F 22 -11.20 -22.69 33.10
CA LEU F 22 -10.46 -21.53 32.65
C LEU F 22 -10.37 -20.46 33.73
N LEU F 23 -11.50 -20.18 34.39
CA LEU F 23 -11.49 -19.17 35.44
C LEU F 23 -10.71 -19.64 36.66
N ALA F 24 -10.61 -20.95 36.88
CA ALA F 24 -9.86 -21.46 38.02
C ALA F 24 -8.35 -21.33 37.80
N HIS F 25 -7.84 -21.83 36.67
CA HIS F 25 -6.41 -21.83 36.42
C HIS F 25 -5.94 -20.65 35.57
N ARG F 26 -6.86 -19.91 34.96
CA ARG F 26 -6.57 -18.63 34.30
C ARG F 26 -5.48 -18.73 33.25
N GLY F 27 -5.24 -19.93 32.73
CA GLY F 27 -4.28 -20.15 31.66
C GLY F 27 -3.07 -20.97 32.05
N SER F 28 -2.83 -21.19 33.35
CA SER F 28 -1.65 -21.93 33.76
C SER F 28 -1.68 -23.37 33.25
N HIS F 29 -2.86 -23.90 32.95
CA HIS F 29 -2.98 -25.22 32.32
C HIS F 29 -2.90 -25.14 30.81
N GLY F 30 -2.70 -23.95 30.23
CA GLY F 30 -2.74 -23.78 28.80
C GLY F 30 -4.17 -23.79 28.30
N ARG F 31 -4.33 -23.48 27.00
CA ARG F 31 -5.66 -23.31 26.42
C ARG F 31 -6.53 -24.55 26.63
N GLY F 32 -6.02 -25.71 26.22
CA GLY F 32 -6.83 -26.92 26.29
C GLY F 32 -8.00 -26.80 25.33
N GLY F 33 -9.18 -27.17 25.81
CA GLY F 33 -10.38 -27.09 25.01
C GLY F 33 -11.42 -28.10 25.47
N VAL F 34 -12.61 -27.96 24.90
CA VAL F 34 -13.75 -28.79 25.27
C VAL F 34 -13.62 -30.14 24.58
N LYS F 35 -13.67 -31.22 25.36
CA LYS F 35 -13.61 -32.59 24.85
C LYS F 35 -15.00 -33.19 24.99
N VAL F 36 -15.72 -33.27 23.87
CA VAL F 36 -17.05 -33.86 23.86
C VAL F 36 -17.26 -34.56 22.53
N THR F 37 -17.97 -35.69 22.55
CA THR F 37 -18.28 -36.43 21.35
C THR F 37 -19.48 -35.81 20.63
N ASP F 38 -19.59 -36.12 19.34
CA ASP F 38 -20.76 -35.69 18.58
C ASP F 38 -22.04 -36.17 19.26
N GLU F 39 -22.03 -37.43 19.72
CA GLU F 39 -23.20 -37.98 20.41
C GLU F 39 -23.61 -37.10 21.58
N GLN F 40 -22.64 -36.59 22.34
CA GLN F 40 -22.96 -35.77 23.51
C GLN F 40 -23.58 -34.43 23.08
N ILE F 41 -23.10 -33.84 21.99
CA ILE F 41 -23.66 -32.59 21.50
C ILE F 41 -25.10 -32.79 21.06
N ILE F 42 -25.32 -33.83 20.24
CA ILE F 42 -26.68 -34.13 19.79
C ILE F 42 -27.59 -34.34 21.00
N ALA F 43 -27.13 -35.13 21.98
CA ALA F 43 -27.94 -35.39 23.16
C ALA F 43 -28.25 -34.10 23.91
N ALA F 44 -27.28 -33.18 23.98
CA ALA F 44 -27.53 -31.89 24.59
C ALA F 44 -28.65 -31.14 23.87
N ALA F 45 -28.71 -31.26 22.54
CA ALA F 45 -29.82 -30.64 21.82
C ALA F 45 -31.17 -31.29 22.14
N HIS F 46 -31.18 -32.44 22.85
CA HIS F 46 -32.42 -33.10 23.23
C HIS F 46 -32.70 -33.05 24.73
N HIS F 47 -31.68 -32.83 25.55
CA HIS F 47 -31.83 -32.89 26.99
C HIS F 47 -32.94 -31.94 27.45
N LYS F 48 -33.84 -32.45 28.29
CA LYS F 48 -34.86 -31.61 28.92
C LYS F 48 -34.17 -30.51 29.72
N GLU F 49 -33.49 -30.90 30.79
CA GLU F 49 -32.81 -29.95 31.67
C GLU F 49 -33.86 -29.16 32.45
N THR F 50 -33.85 -27.83 32.30
CA THR F 50 -34.77 -26.97 33.03
C THR F 50 -36.00 -26.56 32.23
N TRP F 51 -36.06 -26.92 30.94
CA TRP F 51 -37.17 -26.52 30.09
C TRP F 51 -38.27 -27.56 30.13
N PRO F 52 -39.49 -27.19 29.71
CA PRO F 52 -40.57 -28.19 29.68
C PRO F 52 -40.27 -29.38 28.77
N ASP F 53 -39.46 -29.17 27.74
CA ASP F 53 -39.07 -30.25 26.85
C ASP F 53 -37.68 -29.93 26.29
N GLY F 54 -37.20 -30.77 25.39
CA GLY F 54 -35.92 -30.54 24.77
C GLY F 54 -35.96 -29.40 23.77
N HIS F 55 -34.78 -28.85 23.50
CA HIS F 55 -34.64 -27.76 22.53
C HIS F 55 -35.27 -28.13 21.19
N ILE F 56 -34.80 -29.24 20.59
CA ILE F 56 -35.32 -29.68 19.30
C ILE F 56 -36.83 -29.93 19.40
N GLU F 57 -37.25 -30.64 20.44
CA GLU F 57 -38.67 -30.96 20.59
C GLU F 57 -39.52 -29.72 20.80
N LEU F 58 -38.99 -28.70 21.49
CA LEU F 58 -39.73 -27.46 21.65
C LEU F 58 -39.89 -26.75 20.31
N LEU F 59 -38.81 -26.65 19.54
CA LEU F 59 -38.94 -26.03 18.22
C LEU F 59 -39.94 -26.79 17.36
N HIS F 60 -39.95 -28.12 17.47
CA HIS F 60 -40.90 -28.92 16.71
C HIS F 60 -42.33 -28.63 17.14
N ASN F 61 -42.58 -28.57 18.45
CA ASN F 61 -43.94 -28.33 18.93
C ASN F 61 -44.45 -26.94 18.55
N HIS F 62 -43.54 -25.98 18.36
CA HIS F 62 -43.94 -24.61 18.02
C HIS F 62 -43.98 -24.37 16.52
N GLY F 63 -43.69 -25.37 15.71
CA GLY F 63 -43.70 -25.22 14.26
C GLY F 63 -42.46 -24.57 13.70
N THR F 64 -41.49 -24.21 14.53
CA THR F 64 -40.26 -23.61 14.05
C THR F 64 -39.47 -24.65 13.27
N ASP F 65 -39.16 -24.34 12.01
CA ASP F 65 -38.44 -25.28 11.16
C ASP F 65 -36.94 -25.22 11.41
N MET F 66 -36.38 -24.01 11.49
CA MET F 66 -34.96 -23.84 11.73
C MET F 66 -34.76 -22.66 12.67
N GLN F 67 -33.59 -22.64 13.31
CA GLN F 67 -33.26 -21.62 14.29
C GLN F 67 -31.79 -21.27 14.22
N LEU F 68 -31.51 -19.98 14.27
CA LEU F 68 -30.13 -19.48 14.33
C LEU F 68 -29.67 -19.50 15.78
N ILE F 69 -28.72 -20.37 16.09
CA ILE F 69 -28.24 -20.54 17.45
C ILE F 69 -26.90 -19.83 17.61
N SER F 70 -26.80 -18.99 18.63
CA SER F 70 -25.60 -18.25 18.98
C SER F 70 -25.20 -18.65 20.39
N PRO F 71 -24.06 -18.17 20.91
CA PRO F 71 -23.73 -18.43 22.31
C PRO F 71 -24.85 -17.97 23.24
N ARG F 72 -24.91 -18.57 24.45
CA ARG F 72 -25.81 -18.02 25.47
C ARG F 72 -25.10 -16.78 26.00
N PRO F 73 -25.55 -15.57 25.67
CA PRO F 73 -24.69 -14.38 25.87
C PRO F 73 -24.26 -14.11 27.31
N PHE F 74 -25.06 -14.48 28.31
CA PHE F 74 -24.69 -14.11 29.67
C PHE F 74 -23.58 -14.98 30.27
N GLN F 75 -23.05 -15.94 29.51
CA GLN F 75 -21.91 -16.74 29.94
C GLN F 75 -20.59 -16.22 29.42
N MET F 76 -20.59 -15.25 28.50
CA MET F 76 -19.42 -14.92 27.70
C MET F 76 -18.42 -14.02 28.43
N MET F 77 -18.78 -13.47 29.58
CA MET F 77 -17.84 -12.83 30.51
C MET F 77 -16.85 -11.93 29.79
N ASN F 78 -17.38 -10.93 29.07
CA ASN F 78 -16.53 -10.01 28.34
C ASN F 78 -15.69 -9.11 29.25
N SER F 79 -16.02 -9.02 30.55
CA SER F 79 -15.25 -8.21 31.48
C SER F 79 -14.29 -9.02 32.34
N ALA F 80 -14.20 -10.33 32.14
CA ALA F 80 -13.32 -11.16 32.95
C ALA F 80 -11.87 -11.00 32.53
N LYS F 81 -10.97 -11.21 33.49
CA LYS F 81 -9.53 -11.18 33.26
C LYS F 81 -8.92 -12.51 33.66
N PRO F 82 -7.83 -12.95 33.00
CA PRO F 82 -7.14 -12.26 31.90
C PRO F 82 -7.88 -12.39 30.57
N ALA F 83 -7.51 -11.58 29.58
CA ALA F 83 -8.26 -11.48 28.35
C ALA F 83 -8.30 -12.80 27.60
N ARG F 84 -7.20 -13.56 27.67
CA ARG F 84 -7.10 -14.76 26.85
C ARG F 84 -8.15 -15.80 27.22
N VAL F 85 -8.63 -15.80 28.48
CA VAL F 85 -9.69 -16.75 28.82
C VAL F 85 -10.99 -16.35 28.12
N VAL F 86 -11.23 -15.04 27.99
CA VAL F 86 -12.39 -14.57 27.24
C VAL F 86 -12.29 -15.03 25.79
N HIS F 87 -11.13 -14.80 25.16
CA HIS F 87 -10.94 -15.22 23.78
C HIS F 87 -11.13 -16.73 23.63
N TRP F 88 -10.45 -17.51 24.48
CA TRP F 88 -10.49 -18.96 24.40
C TRP F 88 -11.92 -19.49 24.56
N PHE F 89 -12.65 -18.97 25.55
CA PHE F 89 -14.00 -19.47 25.78
C PHE F 89 -14.90 -19.13 24.61
N CYS F 90 -14.78 -17.91 24.08
CA CYS F 90 -15.55 -17.56 22.88
C CYS F 90 -15.26 -18.54 21.75
N GLU F 91 -13.98 -18.80 21.49
CA GLU F 91 -13.60 -19.69 20.39
C GLU F 91 -14.17 -21.09 20.58
N GLU F 92 -14.15 -21.59 21.82
CA GLU F 92 -14.66 -22.94 22.05
C GLU F 92 -16.18 -23.00 21.93
N VAL F 93 -16.88 -21.97 22.42
CA VAL F 93 -18.32 -21.91 22.19
C VAL F 93 -18.63 -21.93 20.70
N ASN F 94 -17.89 -21.15 19.92
CA ASN F 94 -18.14 -21.11 18.48
C ASN F 94 -17.85 -22.46 17.84
N THR F 95 -16.76 -23.11 18.23
CA THR F 95 -16.46 -24.43 17.71
C THR F 95 -17.59 -25.41 17.99
N LEU F 96 -18.14 -25.35 19.21
CA LEU F 96 -19.20 -26.28 19.58
C LEU F 96 -20.48 -25.99 18.81
N ILE F 97 -20.80 -24.71 18.61
CA ILE F 97 -21.96 -24.36 17.79
C ILE F 97 -21.78 -24.90 16.38
N HIS F 98 -20.57 -24.78 15.83
CA HIS F 98 -20.30 -25.28 14.50
C HIS F 98 -20.50 -26.77 14.42
N ARG F 99 -19.96 -27.50 15.40
CA ARG F 99 -20.15 -28.95 15.43
C ARG F 99 -21.62 -29.32 15.51
N GLN F 100 -22.38 -28.65 16.39
CA GLN F 100 -23.79 -28.98 16.56
C GLN F 100 -24.57 -28.71 15.28
N CYS F 101 -24.31 -27.59 14.62
CA CYS F 101 -25.01 -27.28 13.37
C CYS F 101 -24.63 -28.25 12.26
N THR F 102 -23.36 -28.68 12.23
CA THR F 102 -22.97 -29.68 11.24
C THR F 102 -23.65 -31.02 11.52
N LEU F 103 -23.81 -31.37 12.80
CA LEU F 103 -24.45 -32.63 13.15
C LEU F 103 -25.97 -32.57 12.99
N ILE F 104 -26.56 -31.39 13.19
CA ILE F 104 -28.01 -31.23 13.11
C ILE F 104 -28.31 -30.12 12.11
N PRO F 105 -27.94 -30.28 10.82
CA PRO F 105 -28.17 -29.21 9.85
C PRO F 105 -29.64 -29.06 9.45
N GLU F 106 -30.48 -30.06 9.75
CA GLU F 106 -31.90 -29.97 9.42
C GLU F 106 -32.65 -28.95 10.27
N MET F 107 -31.96 -28.21 11.14
CA MET F 107 -32.67 -27.31 12.05
C MET F 107 -31.83 -26.14 12.52
N PHE F 108 -30.55 -26.34 12.78
CA PHE F 108 -29.73 -25.37 13.49
C PHE F 108 -28.77 -24.66 12.54
N ILE F 109 -28.70 -23.34 12.66
CA ILE F 109 -27.84 -22.50 11.83
C ILE F 109 -26.86 -21.76 12.73
N PRO F 110 -25.59 -21.63 12.33
CA PRO F 110 -24.60 -21.03 13.23
C PRO F 110 -24.51 -19.52 13.19
N VAL F 111 -24.59 -18.90 14.37
CA VAL F 111 -24.28 -17.48 14.56
C VAL F 111 -23.22 -17.39 15.65
N ALA F 112 -22.26 -16.48 15.47
CA ALA F 112 -21.02 -16.51 16.22
C ALA F 112 -20.99 -15.46 17.32
N GLY F 113 -20.29 -15.80 18.41
CA GLY F 113 -19.93 -14.82 19.40
C GLY F 113 -18.64 -14.11 19.03
N LEU F 114 -18.47 -12.90 19.56
CA LEU F 114 -17.25 -12.15 19.32
C LEU F 114 -16.41 -12.13 20.58
N PRO F 115 -15.10 -12.38 20.49
CA PRO F 115 -14.25 -12.34 21.68
C PRO F 115 -13.97 -10.91 22.14
N GLN F 116 -15.03 -10.20 22.51
CA GLN F 116 -14.93 -8.81 22.93
C GLN F 116 -14.39 -8.75 24.35
N VAL F 117 -13.16 -8.26 24.50
CA VAL F 117 -12.57 -8.02 25.79
C VAL F 117 -12.70 -6.52 26.07
N ALA F 118 -13.34 -6.19 27.19
CA ALA F 118 -13.49 -4.78 27.56
C ALA F 118 -12.16 -4.05 27.47
N GLY F 119 -12.15 -2.94 26.74
CA GLY F 119 -10.97 -2.12 26.60
C GLY F 119 -10.08 -2.45 25.43
N GLU F 120 -10.15 -3.67 24.90
CA GLU F 120 -9.34 -4.02 23.75
C GLU F 120 -9.89 -3.35 22.48
N PRO F 121 -9.03 -3.02 21.53
CA PRO F 121 -9.54 -2.49 20.25
C PRO F 121 -10.32 -3.56 19.50
N ILE F 122 -11.39 -3.14 18.84
CA ILE F 122 -12.33 -4.09 18.23
C ILE F 122 -11.62 -4.98 17.22
N GLU F 123 -10.57 -4.46 16.57
CA GLU F 123 -9.80 -5.27 15.64
C GLU F 123 -9.46 -6.65 16.20
N ASN F 124 -9.35 -6.76 17.53
CA ASN F 124 -8.92 -8.00 18.16
C ASN F 124 -9.93 -9.14 18.01
N VAL F 125 -11.12 -8.88 17.45
CA VAL F 125 -12.06 -9.96 17.15
C VAL F 125 -11.97 -10.43 15.70
N PHE F 126 -11.29 -9.68 14.82
CA PHE F 126 -11.32 -9.98 13.40
C PHE F 126 -10.88 -11.40 13.12
N ALA F 127 -9.75 -11.81 13.69
CA ALA F 127 -9.26 -13.17 13.49
C ALA F 127 -10.38 -14.18 13.72
N GLU F 128 -11.05 -14.10 14.87
CA GLU F 128 -12.08 -15.09 15.16
C GLU F 128 -13.21 -14.99 14.15
N MET F 129 -13.60 -13.77 13.79
CA MET F 129 -14.59 -13.59 12.73
C MET F 129 -14.17 -14.39 11.50
N ASP F 130 -12.91 -14.23 11.08
CA ASP F 130 -12.46 -14.96 9.90
C ASP F 130 -12.63 -16.46 10.11
N ARG F 131 -12.17 -16.98 11.26
CA ARG F 131 -12.31 -18.41 11.50
C ARG F 131 -13.76 -18.83 11.38
N CYS F 132 -14.67 -17.97 11.82
CA CYS F 132 -16.09 -18.31 11.78
C CYS F 132 -16.66 -18.20 10.37
N VAL F 133 -16.16 -17.25 9.57
CA VAL F 133 -16.63 -17.16 8.19
C VAL F 133 -16.32 -18.45 7.45
N SER F 134 -15.08 -18.93 7.57
CA SER F 134 -14.69 -20.17 6.90
C SER F 134 -15.58 -21.32 7.33
N MET F 135 -15.93 -21.38 8.62
CA MET F 135 -16.78 -22.44 9.14
C MET F 135 -18.24 -22.31 8.73
N GLY F 136 -18.61 -21.24 8.03
CA GLY F 136 -19.96 -21.09 7.53
C GLY F 136 -20.88 -20.28 8.41
N PHE F 137 -20.36 -19.51 9.36
CA PHE F 137 -21.21 -18.73 10.24
C PHE F 137 -21.92 -17.61 9.49
N LYS F 138 -23.14 -17.30 9.94
CA LYS F 138 -24.05 -16.42 9.21
C LYS F 138 -24.25 -15.07 9.89
N GLY F 139 -23.52 -14.79 10.96
CA GLY F 139 -23.71 -13.55 11.68
C GLY F 139 -22.90 -13.55 12.96
N PHE F 140 -22.96 -12.41 13.65
CA PHE F 140 -22.17 -12.20 14.86
C PHE F 140 -22.99 -11.43 15.88
N LEU F 141 -22.95 -11.88 17.13
CA LEU F 141 -23.51 -11.11 18.22
C LEU F 141 -22.58 -9.96 18.57
N LEU F 142 -23.12 -8.74 18.55
CA LEU F 142 -22.35 -7.54 18.89
C LEU F 142 -22.80 -7.03 20.25
N ASN F 143 -21.85 -6.97 21.18
CA ASN F 143 -22.15 -6.54 22.54
C ASN F 143 -21.76 -5.08 22.71
N PRO F 144 -22.70 -4.17 22.97
CA PRO F 144 -22.34 -2.77 23.17
C PRO F 144 -21.77 -2.46 24.55
N ASP F 145 -21.71 -3.42 25.46
CA ASP F 145 -21.19 -3.21 26.81
C ASP F 145 -20.30 -4.37 27.22
N PRO F 146 -19.12 -4.49 26.61
CA PRO F 146 -18.18 -5.52 27.06
C PRO F 146 -17.74 -5.34 28.50
N TYR F 147 -17.94 -4.17 29.08
CA TYR F 147 -17.62 -3.95 30.49
C TYR F 147 -18.64 -4.60 31.42
N GLU F 148 -19.79 -5.03 30.89
CA GLU F 148 -20.78 -5.80 31.64
C GLU F 148 -21.25 -5.04 32.87
N ASN F 149 -21.73 -3.81 32.62
CA ASN F 149 -22.27 -2.94 33.66
C ASN F 149 -21.29 -2.78 34.81
N GLY F 150 -20.05 -2.44 34.46
CA GLY F 150 -19.02 -2.16 35.43
C GLY F 150 -18.94 -0.68 35.74
N ALA F 151 -17.80 -0.29 36.31
CA ALA F 151 -17.55 1.12 36.59
C ALA F 151 -17.27 1.92 35.33
N GLU F 152 -16.89 1.25 34.24
CA GLU F 152 -16.54 1.92 32.99
C GLU F 152 -17.50 1.50 31.89
N GLU F 153 -17.52 2.30 30.83
CA GLU F 153 -18.32 2.02 29.65
C GLU F 153 -17.43 1.94 28.41
N ALA F 154 -17.88 1.17 27.44
CA ALA F 154 -17.32 1.26 26.10
C ALA F 154 -17.80 2.54 25.42
N PRO F 155 -17.15 2.95 24.33
CA PRO F 155 -17.66 4.10 23.58
C PRO F 155 -19.03 3.82 23.02
N PRO F 156 -19.82 4.86 22.77
CA PRO F 156 -21.11 4.65 22.08
C PRO F 156 -20.87 4.06 20.70
N LEU F 157 -21.91 3.40 20.17
CA LEU F 157 -21.77 2.67 18.91
C LEU F 157 -21.47 3.60 17.74
N GLY F 158 -21.68 4.91 17.90
CA GLY F 158 -21.31 5.83 16.84
C GLY F 158 -19.86 6.26 16.86
N ASP F 159 -19.13 5.93 17.92
CA ASP F 159 -17.73 6.30 18.03
C ASP F 159 -16.88 5.50 17.05
N ARG F 160 -15.88 6.15 16.47
CA ARG F 160 -15.06 5.45 15.49
C ARG F 160 -14.33 4.25 16.07
N TYR F 161 -14.32 4.08 17.39
CA TYR F 161 -13.81 2.84 17.98
C TYR F 161 -14.41 1.62 17.30
N TRP F 162 -15.70 1.68 16.94
CA TRP F 162 -16.40 0.58 16.33
C TRP F 162 -16.32 0.56 14.80
N TYR F 163 -15.78 1.62 14.19
CA TYR F 163 -15.81 1.69 12.73
C TYR F 163 -15.05 0.56 12.05
N PRO F 164 -13.86 0.16 12.50
CA PRO F 164 -13.20 -0.99 11.85
C PRO F 164 -14.07 -2.24 11.80
N LEU F 165 -14.92 -2.45 12.81
CA LEU F 165 -15.82 -3.61 12.78
C LEU F 165 -16.88 -3.44 11.71
N TYR F 166 -17.54 -2.27 11.67
CA TYR F 166 -18.58 -2.03 10.67
C TYR F 166 -18.03 -2.29 9.26
N GLU F 167 -16.91 -1.64 8.94
CA GLU F 167 -16.21 -1.91 7.69
C GLU F 167 -16.14 -3.40 7.41
N LYS F 168 -15.59 -4.17 8.35
CA LYS F 168 -15.41 -5.59 8.10
C LYS F 168 -16.76 -6.26 7.87
N LEU F 169 -17.76 -5.91 8.69
CA LEU F 169 -19.07 -6.53 8.52
C LEU F 169 -19.65 -6.23 7.15
N CYS F 170 -19.31 -5.08 6.57
CA CYS F 170 -19.78 -4.78 5.22
C CYS F 170 -18.98 -5.55 4.18
N GLU F 171 -17.68 -5.74 4.40
CA GLU F 171 -16.88 -6.51 3.46
C GLU F 171 -17.40 -7.94 3.37
N LEU F 172 -17.81 -8.50 4.52
CA LEU F 172 -18.39 -9.83 4.57
C LEU F 172 -19.88 -9.83 4.24
N ASP F 173 -20.51 -8.67 4.22
CA ASP F 173 -21.97 -8.54 4.13
C ASP F 173 -22.65 -9.49 5.11
N LEU F 174 -22.17 -9.46 6.35
CA LEU F 174 -22.77 -10.24 7.42
C LEU F 174 -23.24 -9.31 8.54
N PRO F 175 -24.29 -9.69 9.27
CA PRO F 175 -24.93 -8.77 10.20
C PRO F 175 -24.33 -8.82 11.60
N ALA F 176 -24.59 -7.76 12.35
CA ALA F 176 -24.35 -7.71 13.78
C ALA F 176 -25.69 -7.85 14.49
N HIS F 177 -25.78 -8.82 15.40
CA HIS F 177 -26.98 -9.02 16.19
C HIS F 177 -26.69 -8.45 17.57
N ILE F 178 -27.25 -7.27 17.84
CA ILE F 178 -27.03 -6.60 19.12
C ILE F 178 -27.48 -7.50 20.25
N HIS F 179 -26.56 -7.80 21.17
CA HIS F 179 -26.92 -8.58 22.35
C HIS F 179 -25.91 -8.28 23.43
N ALA F 180 -26.36 -7.75 24.56
CA ALA F 180 -25.50 -7.62 25.72
C ALA F 180 -25.24 -8.99 26.32
N THR F 181 -24.23 -9.07 27.19
CA THR F 181 -23.85 -10.34 27.78
C THR F 181 -24.27 -10.40 29.22
N GLY F 182 -23.38 -10.23 30.19
CA GLY F 182 -23.71 -10.23 31.59
C GLY F 182 -23.75 -8.83 32.17
N SER F 183 -24.12 -8.76 33.45
CA SER F 183 -24.19 -7.50 34.16
C SER F 183 -23.70 -7.68 35.58
N GLN F 184 -22.73 -6.85 35.98
CA GLN F 184 -22.21 -6.87 37.33
C GLN F 184 -23.07 -6.06 38.31
N SER F 185 -24.19 -5.50 37.89
CA SER F 185 -24.98 -4.63 38.75
C SER F 185 -25.92 -5.43 39.63
N GLU F 186 -26.06 -4.96 40.88
CA GLU F 186 -27.06 -5.51 41.79
C GLU F 186 -28.45 -4.94 41.52
N ARG F 187 -28.52 -3.74 40.95
CA ARG F 187 -29.81 -3.15 40.61
C ARG F 187 -30.42 -3.80 39.38
N SER F 188 -29.59 -4.05 38.37
CA SER F 188 -30.06 -4.40 37.03
C SER F 188 -29.38 -5.70 36.60
N PRO F 189 -30.03 -6.84 36.82
CA PRO F 189 -29.43 -8.12 36.40
C PRO F 189 -29.44 -8.31 34.89
N TYR F 190 -28.87 -9.43 34.43
CA TYR F 190 -28.56 -9.59 33.01
C TYR F 190 -29.81 -9.44 32.13
N SER F 191 -30.93 -10.04 32.54
CA SER F 191 -32.10 -10.08 31.67
C SER F 191 -32.68 -8.70 31.43
N LEU F 192 -32.53 -7.79 32.40
CA LEU F 192 -32.96 -6.40 32.26
C LEU F 192 -31.90 -5.56 31.59
N HIS F 193 -30.63 -5.87 31.87
CA HIS F 193 -29.53 -5.21 31.19
C HIS F 193 -29.64 -5.39 29.68
N PHE F 194 -30.05 -6.58 29.22
CA PHE F 194 -30.29 -6.79 27.79
C PHE F 194 -31.13 -5.67 27.22
N ILE F 195 -32.25 -5.37 27.89
CA ILE F 195 -33.20 -4.37 27.41
C ILE F 195 -32.57 -2.98 27.40
N ASN F 196 -31.96 -2.59 28.53
CA ASN F 196 -31.39 -1.25 28.59
C ASN F 196 -30.30 -1.06 27.54
N GLU F 197 -29.50 -2.10 27.31
CA GLU F 197 -28.40 -1.99 26.37
C GLU F 197 -28.91 -1.97 24.93
N GLU F 198 -29.97 -2.72 24.64
CA GLU F 198 -30.60 -2.61 23.33
C GLU F 198 -31.10 -1.19 23.10
N THR F 199 -31.74 -0.60 24.12
CA THR F 199 -32.20 0.78 23.99
C THR F 199 -31.03 1.72 23.69
N ILE F 200 -29.93 1.57 24.44
CA ILE F 200 -28.79 2.48 24.28
C ILE F 200 -28.16 2.31 22.91
N ALA F 201 -27.96 1.06 22.48
CA ALA F 201 -27.32 0.80 21.19
C ALA F 201 -28.18 1.36 20.05
N THR F 202 -29.49 1.17 20.13
CA THR F 202 -30.37 1.70 19.10
C THR F 202 -30.29 3.23 19.08
N TYR F 203 -30.35 3.85 20.26
CA TYR F 203 -30.23 5.30 20.31
C TYR F 203 -28.93 5.77 19.68
N ASN F 204 -27.80 5.16 20.08
CA ASN F 204 -26.51 5.50 19.50
C ASN F 204 -26.55 5.42 17.99
N LEU F 205 -27.05 4.30 17.45
CA LEU F 205 -27.03 4.11 16.01
C LEU F 205 -27.95 5.10 15.30
N CYS F 206 -29.00 5.57 15.98
CA CYS F 206 -29.98 6.44 15.34
C CYS F 206 -29.69 7.92 15.53
N THR F 207 -28.65 8.27 16.28
CA THR F 207 -28.25 9.66 16.47
C THR F 207 -26.81 9.89 16.06
N SER F 208 -26.25 9.01 15.24
CA SER F 208 -24.88 9.14 14.75
C SER F 208 -24.87 8.99 13.23
N SER F 209 -23.68 9.06 12.66
CA SER F 209 -23.46 8.98 11.22
C SER F 209 -23.13 7.57 10.75
N VAL F 210 -23.42 6.54 11.55
CA VAL F 210 -23.04 5.18 11.19
C VAL F 210 -23.59 4.80 9.82
N PHE F 211 -24.89 5.04 9.61
CA PHE F 211 -25.52 4.62 8.37
C PHE F 211 -25.21 5.55 7.20
N ASP F 212 -24.74 6.77 7.47
CA ASP F 212 -24.16 7.58 6.40
C ASP F 212 -22.85 6.96 5.90
N ASP F 213 -22.05 6.43 6.81
CA ASP F 213 -20.72 5.94 6.49
C ASP F 213 -20.69 4.46 6.12
N PHE F 214 -21.66 3.68 6.58
CA PHE F 214 -21.79 2.27 6.23
C PHE F 214 -23.24 2.00 5.83
N PRO F 215 -23.64 2.44 4.63
CA PRO F 215 -25.06 2.32 4.25
C PRO F 215 -25.55 0.88 4.13
N GLN F 216 -24.68 -0.08 3.90
CA GLN F 216 -25.06 -1.48 3.80
C GLN F 216 -24.88 -2.24 5.11
N LEU F 217 -24.61 -1.54 6.21
CA LEU F 217 -24.46 -2.21 7.49
C LEU F 217 -25.77 -2.85 7.92
N LYS F 218 -25.72 -4.14 8.23
CA LYS F 218 -26.90 -4.88 8.66
C LYS F 218 -26.83 -5.11 10.17
N VAL F 219 -27.84 -4.63 10.89
CA VAL F 219 -27.88 -4.70 12.34
C VAL F 219 -29.28 -5.19 12.74
N VAL F 220 -29.32 -6.27 13.52
CA VAL F 220 -30.56 -6.78 14.09
C VAL F 220 -30.54 -6.49 15.59
N VAL F 221 -31.54 -5.77 16.07
CA VAL F 221 -31.61 -5.40 17.48
C VAL F 221 -32.49 -6.41 18.21
N SER F 222 -31.96 -6.97 19.30
CA SER F 222 -32.66 -8.02 20.02
C SER F 222 -33.84 -7.47 20.82
N HIS F 223 -34.77 -8.38 21.13
CA HIS F 223 -35.89 -8.09 22.03
C HIS F 223 -36.66 -6.84 21.58
N GLY F 224 -37.02 -6.83 20.31
CA GLY F 224 -37.87 -5.78 19.76
C GLY F 224 -37.36 -4.37 20.01
N GLY F 225 -36.05 -4.20 20.06
CA GLY F 225 -35.49 -2.87 20.19
C GLY F 225 -35.43 -2.35 21.61
N GLY F 226 -35.43 -3.24 22.61
CA GLY F 226 -35.44 -2.82 23.99
C GLY F 226 -36.65 -1.99 24.35
N ALA F 227 -36.46 -0.70 24.56
CA ALA F 227 -37.54 0.22 24.88
C ALA F 227 -37.96 1.11 23.73
N ILE F 228 -37.20 1.11 22.63
CA ILE F 228 -37.26 2.19 21.65
C ILE F 228 -38.61 2.27 20.94
N PRO F 229 -39.15 1.19 20.37
CA PRO F 229 -40.46 1.32 19.71
C PRO F 229 -41.53 1.87 20.63
N TYR F 230 -41.50 1.49 21.92
CA TYR F 230 -42.47 1.99 22.89
C TYR F 230 -42.23 3.45 23.21
N GLN F 231 -40.97 3.87 23.27
CA GLN F 231 -40.60 5.23 23.66
C GLN F 231 -40.19 6.08 22.46
N LEU F 232 -40.52 5.64 21.24
CA LEU F 232 -40.01 6.31 20.05
C LEU F 232 -40.37 7.79 20.02
N GLY F 233 -41.48 8.16 20.66
CA GLY F 233 -41.99 9.52 20.50
C GLY F 233 -41.02 10.57 21.01
N ARG F 234 -40.54 10.40 22.25
CA ARG F 234 -39.65 11.41 22.84
C ARG F 234 -38.38 11.56 22.00
N PHE F 235 -37.87 10.45 21.48
CA PHE F 235 -36.60 10.50 20.74
C PHE F 235 -36.79 11.12 19.38
N GLU F 236 -37.93 10.86 18.72
CA GLU F 236 -38.22 11.54 17.46
C GLU F 236 -38.37 13.05 17.69
N SER F 237 -39.14 13.42 18.72
CA SER F 237 -39.34 14.83 19.03
C SER F 237 -37.99 15.53 19.25
N GLN F 238 -37.11 14.90 20.03
CA GLN F 238 -35.82 15.51 20.30
C GLN F 238 -34.92 15.51 19.05
N SER F 239 -35.09 14.53 18.16
CA SER F 239 -34.29 14.50 16.95
C SER F 239 -34.72 15.57 15.96
N ARG F 240 -35.94 16.10 16.09
CA ARG F 240 -36.32 17.24 15.26
C ARG F 240 -35.35 18.41 15.42
N ARG F 241 -34.77 18.59 16.60
CA ARG F 241 -33.80 19.66 16.84
C ARG F 241 -32.42 19.22 16.37
N SER F 242 -32.31 18.75 15.12
CA SER F 242 -31.07 18.18 14.61
C SER F 242 -31.21 17.99 13.11
N LYS F 243 -30.12 17.53 12.47
CA LYS F 243 -30.05 17.44 11.02
C LYS F 243 -30.73 16.21 10.44
N HIS F 244 -30.94 15.17 11.25
CA HIS F 244 -31.59 13.95 10.79
C HIS F 244 -32.61 13.49 11.82
N LEU F 245 -33.72 12.94 11.34
CA LEU F 245 -34.73 12.41 12.23
C LEU F 245 -34.28 11.06 12.79
N PHE F 246 -34.69 10.80 14.04
CA PHE F 246 -34.46 9.50 14.65
C PHE F 246 -35.02 8.39 13.77
N SER F 247 -36.23 8.58 13.24
CA SER F 247 -36.85 7.56 12.41
C SER F 247 -36.09 7.37 11.10
N GLU F 248 -35.40 8.42 10.62
CA GLU F 248 -34.60 8.31 9.41
C GLU F 248 -33.57 7.20 9.55
N ARG F 249 -32.75 7.26 10.60
CA ARG F 249 -31.78 6.19 10.85
C ARG F 249 -32.49 4.90 11.24
N MET F 250 -33.50 4.98 12.10
CA MET F 250 -34.14 3.78 12.61
C MET F 250 -34.73 2.93 11.49
N ALA F 251 -35.07 3.55 10.35
CA ALA F 251 -35.58 2.78 9.23
C ALA F 251 -34.53 1.86 8.62
N LYS F 252 -33.25 2.06 8.95
CA LYS F 252 -32.18 1.18 8.46
C LYS F 252 -32.02 -0.07 9.31
N LEU F 253 -32.61 -0.10 10.50
CA LEU F 253 -32.38 -1.17 11.46
C LEU F 253 -33.37 -2.31 11.27
N TYR F 254 -32.94 -3.50 11.66
CA TYR F 254 -33.81 -4.65 11.79
C TYR F 254 -34.00 -4.96 13.27
N PHE F 255 -35.16 -5.56 13.57
CA PHE F 255 -35.49 -5.94 14.94
C PHE F 255 -36.00 -7.38 14.94
N ASP F 256 -35.59 -8.15 15.94
CA ASP F 256 -36.18 -9.47 16.12
C ASP F 256 -37.40 -9.35 17.02
N THR F 257 -38.26 -10.37 16.96
CA THR F 257 -39.56 -10.32 17.64
C THR F 257 -39.56 -11.08 18.95
N VAL F 258 -38.45 -11.07 19.69
CA VAL F 258 -38.42 -11.74 20.99
C VAL F 258 -39.21 -10.88 21.97
N LEU F 259 -40.53 -10.95 21.88
CA LEU F 259 -41.45 -10.30 22.79
C LEU F 259 -42.53 -11.30 23.12
N TYR F 260 -42.91 -11.38 24.40
CA TYR F 260 -43.79 -12.43 24.87
C TYR F 260 -45.18 -11.92 25.27
N THR F 261 -45.61 -10.80 24.69
CA THR F 261 -47.01 -10.37 24.79
C THR F 261 -47.47 -9.92 23.41
N GLU F 262 -48.72 -10.25 23.09
CA GLU F 262 -49.27 -9.89 21.79
C GLU F 262 -49.23 -8.38 21.56
N GLY F 263 -49.53 -7.60 22.60
CA GLY F 263 -49.54 -6.15 22.44
C GLY F 263 -48.19 -5.59 22.03
N ALA F 264 -47.11 -6.12 22.62
CA ALA F 264 -45.78 -5.64 22.28
C ALA F 264 -45.41 -6.03 20.85
N LEU F 265 -45.76 -7.25 20.43
CA LEU F 265 -45.52 -7.65 19.04
C LEU F 265 -46.26 -6.75 18.08
N ARG F 266 -47.53 -6.45 18.38
CA ARG F 266 -48.31 -5.57 17.54
C ARG F 266 -47.65 -4.19 17.44
N LEU F 267 -47.24 -3.63 18.58
CA LEU F 267 -46.64 -2.30 18.56
C LEU F 267 -45.33 -2.31 17.78
N LEU F 268 -44.49 -3.33 17.97
CA LEU F 268 -43.25 -3.41 17.22
C LEU F 268 -43.51 -3.42 15.72
N ILE F 269 -44.39 -4.33 15.27
CA ILE F 269 -44.60 -4.48 13.83
C ILE F 269 -45.24 -3.24 13.24
N GLU F 270 -46.21 -2.64 13.96
CA GLU F 270 -46.83 -1.42 13.46
C GLU F 270 -45.85 -0.25 13.45
N THR F 271 -44.85 -0.27 14.33
CA THR F 271 -43.90 0.83 14.42
C THR F 271 -42.83 0.75 13.34
N VAL F 272 -42.24 -0.44 13.14
CA VAL F 272 -41.14 -0.56 12.20
C VAL F 272 -41.55 -1.21 10.89
N GLY F 273 -42.70 -1.88 10.83
CA GLY F 273 -43.17 -2.50 9.62
C GLY F 273 -42.60 -3.89 9.41
N PRO F 274 -43.36 -4.77 8.75
CA PRO F 274 -42.87 -6.14 8.56
C PRO F 274 -41.57 -6.23 7.77
N GLU F 275 -41.25 -5.23 6.95
CA GLU F 275 -40.01 -5.26 6.18
C GLU F 275 -38.77 -5.26 7.06
N ARG F 276 -38.90 -4.93 8.35
CA ARG F 276 -37.74 -4.81 9.23
C ARG F 276 -37.87 -5.66 10.49
N CYS F 277 -38.78 -6.63 10.51
CA CYS F 277 -38.96 -7.51 11.64
C CYS F 277 -38.59 -8.94 11.26
N LEU F 278 -37.75 -9.56 12.08
CA LEU F 278 -37.35 -10.95 11.90
C LEU F 278 -37.89 -11.77 13.07
N PHE F 279 -38.58 -12.87 12.75
CA PHE F 279 -39.13 -13.69 13.81
C PHE F 279 -38.02 -14.22 14.71
N GLY F 280 -38.21 -14.08 16.02
CA GLY F 280 -37.30 -14.67 17.00
C GLY F 280 -38.07 -15.00 18.24
N SER F 281 -37.53 -15.93 19.03
CA SER F 281 -38.23 -16.39 20.23
C SER F 281 -37.34 -16.66 21.43
N GLU F 282 -36.06 -16.99 21.26
CA GLU F 282 -35.17 -17.36 22.37
C GLU F 282 -35.66 -18.64 23.06
N CYS F 283 -36.39 -19.46 22.34
CA CYS F 283 -36.82 -20.77 22.84
C CYS F 283 -35.75 -21.81 22.55
N PRO F 284 -35.26 -22.56 23.56
CA PRO F 284 -35.66 -22.49 24.96
C PRO F 284 -34.93 -21.39 25.72
N GLY F 285 -35.60 -20.76 26.69
CA GLY F 285 -34.96 -19.73 27.47
C GLY F 285 -35.87 -19.03 28.46
N VAL F 286 -35.67 -17.72 28.61
CA VAL F 286 -36.42 -16.94 29.59
C VAL F 286 -37.92 -17.18 29.45
N GLY F 287 -38.40 -17.29 28.22
CA GLY F 287 -39.83 -17.39 27.97
C GLY F 287 -40.42 -18.78 28.01
N SER F 288 -39.64 -19.80 28.37
CA SER F 288 -40.11 -21.20 28.31
C SER F 288 -40.88 -21.58 29.58
N THR F 289 -41.94 -20.81 29.84
CA THR F 289 -42.87 -21.10 30.93
C THR F 289 -44.28 -21.16 30.39
N ILE F 290 -45.18 -21.71 31.20
CA ILE F 290 -46.56 -21.94 30.79
C ILE F 290 -47.42 -20.78 31.28
N ASP F 291 -48.16 -20.16 30.37
CA ASP F 291 -49.16 -19.17 30.74
C ASP F 291 -50.31 -19.89 31.43
N PRO F 292 -50.52 -19.69 32.74
CA PRO F 292 -51.57 -20.46 33.43
C PRO F 292 -52.98 -20.15 32.94
N ALA F 293 -53.17 -19.06 32.19
CA ALA F 293 -54.49 -18.75 31.64
C ALA F 293 -54.82 -19.65 30.45
N THR F 294 -53.86 -19.82 29.54
CA THR F 294 -54.07 -20.58 28.31
C THR F 294 -53.42 -21.94 28.30
N GLY F 295 -52.43 -22.18 29.15
CA GLY F 295 -51.66 -23.40 29.11
C GLY F 295 -50.56 -23.42 28.06
N LYS F 296 -50.48 -22.42 27.21
CA LYS F 296 -49.45 -22.37 26.18
C LYS F 296 -48.14 -21.83 26.75
N GLN F 297 -47.07 -22.05 25.99
CA GLN F 297 -45.74 -21.59 26.39
C GLN F 297 -45.53 -20.16 25.91
N MET F 298 -45.02 -19.31 26.80
CA MET F 298 -44.96 -17.88 26.53
C MET F 298 -44.10 -17.55 25.32
N ASP F 299 -43.07 -18.34 25.04
CA ASP F 299 -42.22 -18.10 23.89
C ASP F 299 -42.72 -18.80 22.62
N HIS F 300 -43.94 -19.33 22.66
CA HIS F 300 -44.61 -19.84 21.46
C HIS F 300 -45.46 -18.71 20.86
N ILE F 301 -44.76 -17.74 20.29
CA ILE F 301 -45.39 -16.49 19.87
C ILE F 301 -45.66 -16.42 18.38
N ALA F 302 -45.28 -17.44 17.62
CA ALA F 302 -45.56 -17.43 16.19
C ALA F 302 -47.05 -17.25 15.90
N PRO F 303 -47.98 -17.91 16.61
CA PRO F 303 -49.41 -17.72 16.29
C PRO F 303 -49.89 -16.29 16.44
N PHE F 304 -49.34 -15.53 17.39
CA PHE F 304 -49.72 -14.12 17.52
C PHE F 304 -49.47 -13.37 16.21
N ILE F 305 -48.32 -13.62 15.58
CA ILE F 305 -48.00 -12.97 14.32
C ILE F 305 -48.83 -13.56 13.19
N GLN F 306 -49.08 -14.87 13.23
N GLN F 306 -49.10 -14.87 13.23
CA GLN F 306 -49.89 -15.52 12.21
CA GLN F 306 -49.87 -15.48 12.17
C GLN F 306 -51.30 -14.96 12.16
C GLN F 306 -51.32 -15.01 12.16
N LYS F 307 -51.85 -14.56 13.30
CA LYS F 307 -53.24 -14.15 13.39
C LYS F 307 -53.47 -12.64 13.28
N PHE F 308 -52.41 -11.83 13.31
CA PHE F 308 -52.59 -10.40 13.12
C PHE F 308 -53.28 -10.14 11.78
N ASP F 309 -54.47 -9.55 11.82
CA ASP F 309 -55.25 -9.36 10.60
C ASP F 309 -54.83 -8.13 9.81
N PHE F 310 -53.78 -7.41 10.23
CA PHE F 310 -53.28 -6.26 9.51
C PHE F 310 -52.03 -6.57 8.69
N LEU F 311 -51.62 -7.85 8.67
CA LEU F 311 -50.47 -8.29 7.90
C LEU F 311 -50.94 -9.21 6.79
N SER F 312 -50.43 -9.01 5.58
CA SER F 312 -50.70 -9.93 4.49
C SER F 312 -49.87 -11.19 4.62
N ASP F 313 -50.14 -12.16 3.76
CA ASP F 313 -49.31 -13.36 3.72
C ASP F 313 -47.88 -13.01 3.33
N ALA F 314 -47.70 -12.01 2.45
CA ALA F 314 -46.36 -11.57 2.10
C ALA F 314 -45.64 -10.95 3.30
N ASP F 315 -46.35 -10.16 4.11
CA ASP F 315 -45.72 -9.57 5.29
C ASP F 315 -45.35 -10.65 6.31
N LYS F 316 -46.23 -11.63 6.50
CA LYS F 316 -45.91 -12.71 7.44
C LYS F 316 -44.76 -13.56 6.93
N LYS F 317 -44.63 -13.72 5.61
CA LYS F 317 -43.51 -14.46 5.07
C LYS F 317 -42.21 -13.67 5.21
N LEU F 318 -42.27 -12.35 5.01
CA LEU F 318 -41.14 -11.50 5.34
C LEU F 318 -40.69 -11.73 6.77
N ILE F 319 -41.64 -11.75 7.71
CA ILE F 319 -41.29 -11.83 9.12
C ILE F 319 -40.75 -13.23 9.45
N PHE F 320 -41.31 -14.28 8.84
CA PHE F 320 -41.00 -15.64 9.26
C PHE F 320 -39.79 -16.25 8.55
N GLU F 321 -39.35 -15.72 7.42
CA GLU F 321 -38.18 -16.31 6.78
C GLU F 321 -37.40 -15.39 5.85
N ASP F 322 -38.07 -14.65 4.96
CA ASP F 322 -37.34 -13.94 3.91
C ASP F 322 -36.35 -12.93 4.50
N ASN F 323 -36.76 -12.18 5.53
CA ASN F 323 -35.86 -11.21 6.12
C ASN F 323 -34.63 -11.90 6.71
N ALA F 324 -34.83 -13.04 7.37
CA ALA F 324 -33.70 -13.81 7.86
C ALA F 324 -32.82 -14.32 6.72
N ARG F 325 -33.45 -14.81 5.64
CA ARG F 325 -32.68 -15.28 4.49
C ARG F 325 -31.76 -14.20 3.96
N LYS F 326 -32.26 -12.97 3.85
CA LYS F 326 -31.45 -11.88 3.32
C LYS F 326 -30.40 -11.43 4.33
N VAL F 327 -30.84 -11.10 5.55
CA VAL F 327 -29.95 -10.51 6.55
C VAL F 327 -28.82 -11.47 6.92
N PHE F 328 -29.14 -12.75 7.08
CA PHE F 328 -28.16 -13.73 7.50
C PHE F 328 -27.62 -14.56 6.33
N ASN F 329 -27.92 -14.17 5.10
CA ASN F 329 -27.43 -14.84 3.90
C ASN F 329 -27.57 -16.36 4.02
N LEU F 330 -28.81 -16.79 4.22
CA LEU F 330 -29.12 -18.20 4.44
C LEU F 330 -29.33 -18.92 3.12
N GLU F 331 -28.81 -20.14 3.04
CA GLU F 331 -28.95 -20.99 1.86
C GLU F 331 -30.41 -21.38 1.65
N MET G 1 -3.87 59.03 33.33
CA MET G 1 -5.12 58.24 33.43
C MET G 1 -4.90 57.01 34.32
N ILE G 2 -5.99 56.34 34.68
CA ILE G 2 -5.94 55.15 35.53
C ILE G 2 -6.50 53.99 34.74
N ILE G 3 -5.67 52.99 34.47
CA ILE G 3 -6.08 51.76 33.80
C ILE G 3 -5.99 50.63 34.84
N ASP G 4 -7.11 49.94 35.04
CA ASP G 4 -7.22 48.84 35.99
C ASP G 4 -7.08 47.53 35.22
N CYS G 5 -5.97 46.83 35.43
CA CYS G 5 -5.63 45.66 34.63
C CYS G 5 -6.21 44.36 35.18
N HIS G 6 -7.06 44.42 36.21
CA HIS G 6 -7.62 43.20 36.83
C HIS G 6 -9.09 43.47 37.16
N GLY G 7 -9.95 43.28 36.16
CA GLY G 7 -11.37 43.32 36.37
C GLY G 7 -12.01 42.08 35.78
N HIS G 8 -13.24 41.81 36.23
CA HIS G 8 -13.99 40.65 35.77
C HIS G 8 -15.37 41.10 35.32
N VAL G 9 -15.82 40.52 34.20
CA VAL G 9 -17.05 40.94 33.56
C VAL G 9 -18.23 40.82 34.52
N SER G 10 -19.02 41.88 34.60
CA SER G 10 -20.37 41.80 35.17
C SER G 10 -21.29 41.37 34.05
N ALA G 11 -21.73 40.14 34.08
CA ALA G 11 -22.43 39.58 32.94
C ALA G 11 -23.93 39.48 33.21
N PRO G 12 -24.75 39.50 32.15
CA PRO G 12 -26.17 39.25 32.33
C PRO G 12 -26.39 37.86 32.92
N VAL G 13 -27.48 37.75 33.69
CA VAL G 13 -27.75 36.52 34.42
C VAL G 13 -27.88 35.32 33.48
N GLU G 14 -28.16 35.56 32.20
CA GLU G 14 -28.36 34.46 31.25
C GLU G 14 -27.08 33.65 31.03
N LEU G 15 -25.91 34.25 31.23
CA LEU G 15 -24.66 33.52 31.05
C LEU G 15 -24.53 32.39 32.07
N TRP G 16 -24.80 32.68 33.33
CA TRP G 16 -24.69 31.67 34.38
C TRP G 16 -25.77 30.61 34.23
N ALA G 17 -26.97 31.02 33.81
CA ALA G 17 -28.01 30.04 33.50
C ALA G 17 -27.57 29.13 32.36
N TYR G 18 -26.82 29.67 31.39
CA TYR G 18 -26.30 28.85 30.30
C TYR G 18 -25.29 27.85 30.81
N LYS G 19 -24.43 28.27 31.74
CA LYS G 19 -23.53 27.32 32.39
C LYS G 19 -24.30 26.18 33.03
N ALA G 20 -25.32 26.52 33.84
CA ALA G 20 -26.14 25.51 34.50
C ALA G 20 -26.77 24.58 33.48
N SER G 21 -27.26 25.12 32.37
CA SER G 21 -27.91 24.31 31.35
C SER G 21 -26.92 23.33 30.72
N LEU G 22 -25.73 23.82 30.36
CA LEU G 22 -24.71 22.95 29.81
C LEU G 22 -24.40 21.80 30.76
N LEU G 23 -24.25 22.11 32.05
CA LEU G 23 -23.98 21.04 33.01
C LEU G 23 -25.16 20.09 33.13
N ALA G 24 -26.38 20.60 32.93
CA ALA G 24 -27.55 19.74 33.06
C ALA G 24 -27.61 18.72 31.92
N HIS G 25 -27.54 19.19 30.67
CA HIS G 25 -27.68 18.26 29.54
C HIS G 25 -26.34 17.74 29.02
N ARG G 26 -25.22 18.33 29.45
CA ARG G 26 -23.89 17.78 29.17
C ARG G 26 -23.65 17.60 27.67
N GLY G 27 -24.31 18.41 26.84
CA GLY G 27 -24.09 18.42 25.41
C GLY G 27 -25.16 17.75 24.58
N SER G 28 -26.12 17.06 25.21
CA SER G 28 -27.14 16.35 24.44
C SER G 28 -28.11 17.29 23.73
N HIS G 29 -28.10 18.58 24.05
CA HIS G 29 -28.87 19.58 23.32
C HIS G 29 -28.02 20.32 22.30
N GLY G 30 -26.77 19.94 22.12
CA GLY G 30 -25.87 20.67 21.26
C GLY G 30 -25.20 21.82 21.97
N ARG G 31 -24.34 22.51 21.23
CA ARG G 31 -23.59 23.63 21.80
C ARG G 31 -24.51 24.76 22.21
N GLY G 32 -25.49 25.09 21.37
CA GLY G 32 -26.36 26.22 21.66
C GLY G 32 -25.54 27.48 21.84
N GLY G 33 -25.88 28.25 22.86
CA GLY G 33 -25.15 29.45 23.16
C GLY G 33 -25.98 30.42 23.97
N VAL G 34 -25.30 31.40 24.54
CA VAL G 34 -25.97 32.45 25.29
C VAL G 34 -26.85 33.25 24.33
N LYS G 35 -28.04 33.62 24.80
CA LYS G 35 -28.98 34.44 24.03
C LYS G 35 -29.24 35.71 24.84
N VAL G 36 -28.55 36.80 24.50
CA VAL G 36 -28.75 38.09 25.15
C VAL G 36 -28.55 39.18 24.12
N THR G 37 -29.21 40.30 24.33
CA THR G 37 -29.13 41.44 23.43
C THR G 37 -28.00 42.37 23.86
N ASP G 38 -27.62 43.27 22.95
CA ASP G 38 -26.66 44.31 23.32
C ASP G 38 -27.16 45.12 24.51
N GLU G 39 -28.48 45.37 24.56
CA GLU G 39 -29.03 46.15 25.66
C GLU G 39 -28.84 45.43 26.99
N GLN G 40 -29.07 44.12 27.04
CA GLN G 40 -28.90 43.39 28.29
C GLN G 40 -27.43 43.37 28.72
N ILE G 41 -26.52 43.22 27.76
CA ILE G 41 -25.09 43.24 28.06
C ILE G 41 -24.72 44.59 28.67
N ILE G 42 -25.21 45.68 28.10
CA ILE G 42 -24.88 47.00 28.62
C ILE G 42 -25.51 47.21 29.99
N ALA G 43 -26.76 46.75 30.16
CA ALA G 43 -27.45 46.93 31.43
C ALA G 43 -26.75 46.19 32.56
N ALA G 44 -26.21 45.01 32.27
CA ALA G 44 -25.50 44.25 33.30
C ALA G 44 -24.36 45.05 33.93
N ALA G 45 -23.70 45.90 33.15
CA ALA G 45 -22.59 46.70 33.65
C ALA G 45 -23.02 47.89 34.48
N HIS G 46 -24.33 48.15 34.57
CA HIS G 46 -24.85 49.23 35.41
C HIS G 46 -25.71 48.73 36.55
N HIS G 47 -26.04 47.44 36.60
CA HIS G 47 -26.90 46.91 37.64
C HIS G 47 -26.16 46.82 38.96
N LYS G 48 -26.84 47.19 40.05
CA LYS G 48 -26.20 47.18 41.36
C LYS G 48 -25.84 45.76 41.78
N GLU G 49 -26.81 44.86 41.75
CA GLU G 49 -26.60 43.46 42.17
C GLU G 49 -26.19 43.52 43.64
N THR G 50 -25.15 42.79 44.07
CA THR G 50 -24.70 42.87 45.45
C THR G 50 -23.78 44.06 45.69
N TRP G 51 -23.21 44.63 44.64
CA TRP G 51 -22.27 45.71 44.79
C TRP G 51 -22.97 46.94 45.37
N PRO G 52 -22.21 47.88 45.95
CA PRO G 52 -22.82 49.16 46.36
C PRO G 52 -23.33 50.00 45.21
N ASP G 53 -23.00 49.66 43.97
CA ASP G 53 -23.43 50.42 42.80
C ASP G 53 -23.09 49.59 41.57
N GLY G 54 -23.37 50.14 40.40
CA GLY G 54 -23.03 49.45 39.17
C GLY G 54 -21.52 49.42 38.94
N HIS G 55 -21.09 48.41 38.20
CA HIS G 55 -19.67 48.23 37.87
C HIS G 55 -19.07 49.53 37.31
N ILE G 56 -19.68 50.06 36.25
CA ILE G 56 -19.17 51.28 35.63
C ILE G 56 -19.26 52.45 36.59
N GLU G 57 -20.33 52.52 37.39
CA GLU G 57 -20.48 53.63 38.32
C GLU G 57 -19.38 53.62 39.36
N LEU G 58 -19.05 52.43 39.90
CA LEU G 58 -17.96 52.34 40.86
C LEU G 58 -16.64 52.74 40.22
N LEU G 59 -16.41 52.32 38.98
CA LEU G 59 -15.18 52.72 38.30
C LEU G 59 -15.10 54.24 38.17
N HIS G 60 -16.19 54.86 37.72
CA HIS G 60 -16.24 56.32 37.62
C HIS G 60 -15.94 56.99 38.96
N ASN G 61 -16.52 56.47 40.04
CA ASN G 61 -16.32 57.08 41.35
C ASN G 61 -14.86 56.98 41.80
N HIS G 62 -14.26 55.80 41.62
CA HIS G 62 -12.88 55.60 42.07
C HIS G 62 -11.86 56.32 41.21
N GLY G 63 -12.29 56.94 40.11
CA GLY G 63 -11.36 57.62 39.22
C GLY G 63 -10.73 56.75 38.16
N THR G 64 -11.18 55.50 38.03
CA THR G 64 -10.66 54.60 37.01
C THR G 64 -11.25 54.98 35.65
N ASP G 65 -10.37 55.06 34.64
CA ASP G 65 -10.76 55.50 33.30
C ASP G 65 -10.95 54.33 32.34
N MET G 66 -10.22 53.24 32.51
CA MET G 66 -10.41 52.05 31.70
C MET G 66 -10.04 50.83 32.53
N GLN G 67 -10.70 49.70 32.25
CA GLN G 67 -10.46 48.47 32.99
C GLN G 67 -10.40 47.31 32.01
N LEU G 68 -9.38 46.47 32.15
CA LEU G 68 -9.29 45.23 31.39
C LEU G 68 -10.13 44.17 32.09
N ILE G 69 -11.14 43.65 31.42
CA ILE G 69 -12.08 42.70 32.02
C ILE G 69 -11.88 41.32 31.43
N SER G 70 -11.87 40.31 32.30
CA SER G 70 -11.72 38.91 31.94
C SER G 70 -12.87 38.13 32.57
N PRO G 71 -13.00 36.83 32.30
CA PRO G 71 -14.08 36.06 32.93
C PRO G 71 -13.96 36.10 34.44
N ARG G 72 -15.08 35.86 35.13
CA ARG G 72 -14.97 35.66 36.58
C ARG G 72 -14.34 34.27 36.74
N PRO G 73 -13.10 34.17 37.21
CA PRO G 73 -12.39 32.89 37.06
C PRO G 73 -13.02 31.71 37.79
N PHE G 74 -13.66 31.94 38.94
CA PHE G 74 -14.16 30.81 39.73
C PHE G 74 -15.38 30.15 39.10
N GLN G 75 -15.85 30.63 37.96
CA GLN G 75 -16.98 30.00 37.26
C GLN G 75 -16.54 29.12 36.10
N MET G 76 -15.25 29.09 35.76
CA MET G 76 -14.80 28.50 34.51
C MET G 76 -14.67 26.98 34.55
N MET G 77 -14.78 26.37 35.73
CA MET G 77 -14.94 24.92 35.87
C MET G 77 -14.01 24.13 34.95
N ASN G 78 -12.70 24.33 35.16
CA ASN G 78 -11.73 23.63 34.35
C ASN G 78 -11.65 22.14 34.66
N SER G 79 -12.17 21.70 35.80
CA SER G 79 -12.18 20.29 36.14
C SER G 79 -13.51 19.61 35.82
N ALA G 80 -14.45 20.34 35.26
CA ALA G 80 -15.75 19.76 34.95
C ALA G 80 -15.67 18.84 33.73
N LYS G 81 -16.61 17.92 33.66
CA LYS G 81 -16.73 16.99 32.55
C LYS G 81 -18.12 17.08 31.94
N PRO G 82 -18.27 16.79 30.63
CA PRO G 82 -17.21 16.45 29.67
C PRO G 82 -16.40 17.68 29.24
N ALA G 83 -15.28 17.45 28.56
CA ALA G 83 -14.39 18.56 28.19
C ALA G 83 -15.13 19.62 27.39
N ARG G 84 -16.08 19.20 26.54
CA ARG G 84 -16.66 20.13 25.59
C ARG G 84 -17.44 21.23 26.28
N VAL G 85 -17.99 20.99 27.48
CA VAL G 85 -18.73 22.05 28.15
C VAL G 85 -17.77 23.10 28.70
N VAL G 86 -16.60 22.68 29.17
CA VAL G 86 -15.57 23.64 29.55
C VAL G 86 -15.20 24.52 28.36
N HIS G 87 -14.89 23.87 27.23
CA HIS G 87 -14.52 24.63 26.03
C HIS G 87 -15.64 25.59 25.64
N TRP G 88 -16.87 25.08 25.55
CA TRP G 88 -17.99 25.90 25.09
C TRP G 88 -18.25 27.07 26.02
N PHE G 89 -18.22 26.84 27.33
CA PHE G 89 -18.51 27.94 28.25
C PHE G 89 -17.42 29.00 28.18
N CYS G 90 -16.15 28.58 28.08
CA CYS G 90 -15.08 29.55 27.91
C CYS G 90 -15.30 30.36 26.63
N GLU G 91 -15.65 29.68 25.54
CA GLU G 91 -15.88 30.38 24.27
C GLU G 91 -17.00 31.40 24.38
N GLU G 92 -18.11 31.02 25.04
CA GLU G 92 -19.23 31.95 25.16
C GLU G 92 -18.88 33.13 26.05
N VAL G 93 -18.18 32.90 27.17
CA VAL G 93 -17.79 34.01 28.02
C VAL G 93 -16.87 34.97 27.25
N ASN G 94 -15.96 34.43 26.45
CA ASN G 94 -15.08 35.29 25.67
C ASN G 94 -15.87 36.08 24.63
N THR G 95 -16.84 35.44 23.98
CA THR G 95 -17.67 36.15 23.01
C THR G 95 -18.45 37.28 23.68
N LEU G 96 -18.94 37.03 24.90
CA LEU G 96 -19.72 38.05 25.61
C LEU G 96 -18.84 39.22 26.04
N ILE G 97 -17.63 38.92 26.55
CA ILE G 97 -16.70 39.99 26.88
C ILE G 97 -16.38 40.81 25.63
N HIS G 98 -16.19 40.15 24.49
CA HIS G 98 -15.96 40.87 23.24
C HIS G 98 -17.12 41.81 22.93
N ARG G 99 -18.35 41.29 23.03
CA ARG G 99 -19.51 42.14 22.77
C ARG G 99 -19.54 43.34 23.70
N GLN G 100 -19.22 43.13 24.98
CA GLN G 100 -19.31 44.23 25.95
C GLN G 100 -18.24 45.28 25.69
N CYS G 101 -17.02 44.85 25.39
CA CYS G 101 -15.94 45.81 25.13
C CYS G 101 -16.13 46.52 23.79
N THR G 102 -16.81 45.89 22.83
CA THR G 102 -17.15 46.57 21.59
C THR G 102 -18.28 47.57 21.81
N LEU G 103 -19.23 47.23 22.68
CA LEU G 103 -20.35 48.14 22.97
C LEU G 103 -19.91 49.31 23.84
N ILE G 104 -18.93 49.09 24.71
CA ILE G 104 -18.51 50.10 25.68
C ILE G 104 -17.00 50.25 25.62
N PRO G 105 -16.44 50.75 24.51
CA PRO G 105 -14.98 50.88 24.42
C PRO G 105 -14.40 51.94 25.33
N GLU G 106 -15.22 52.83 25.90
CA GLU G 106 -14.69 53.89 26.74
C GLU G 106 -14.09 53.32 28.03
N MET G 107 -14.71 52.26 28.56
CA MET G 107 -14.37 51.72 29.86
C MET G 107 -13.56 50.43 29.78
N PHE G 108 -13.98 49.50 28.92
CA PHE G 108 -13.56 48.10 29.04
C PHE G 108 -12.64 47.67 27.92
N ILE G 109 -11.65 46.86 28.29
CA ILE G 109 -10.67 46.31 27.37
C ILE G 109 -10.70 44.79 27.50
N PRO G 110 -10.72 44.04 26.41
CA PRO G 110 -11.02 42.60 26.52
C PRO G 110 -9.78 41.78 26.88
N VAL G 111 -9.94 40.88 27.85
CA VAL G 111 -8.94 39.87 28.19
C VAL G 111 -9.63 38.52 28.22
N ALA G 112 -8.97 37.50 27.67
CA ALA G 112 -9.62 36.23 27.36
C ALA G 112 -9.34 35.18 28.41
N GLY G 113 -10.31 34.28 28.60
CA GLY G 113 -10.07 33.05 29.29
C GLY G 113 -9.56 31.98 28.34
N LEU G 114 -8.86 30.99 28.90
CA LEU G 114 -8.35 29.89 28.10
C LEU G 114 -9.20 28.65 28.37
N PRO G 115 -9.64 27.93 27.32
CA PRO G 115 -10.45 26.72 27.54
C PRO G 115 -9.61 25.56 28.04
N GLN G 116 -8.99 25.73 29.20
CA GLN G 116 -8.12 24.70 29.76
C GLN G 116 -8.97 23.61 30.40
N VAL G 117 -8.88 22.41 29.84
CA VAL G 117 -9.46 21.22 30.46
C VAL G 117 -8.34 20.49 31.18
N ALA G 118 -8.57 20.16 32.45
CA ALA G 118 -7.60 19.40 33.22
C ALA G 118 -7.18 18.14 32.48
N GLY G 119 -5.88 17.99 32.25
CA GLY G 119 -5.33 16.83 31.59
C GLY G 119 -5.22 16.95 30.07
N GLU G 120 -5.74 18.00 29.48
CA GLU G 120 -5.62 18.15 28.03
C GLU G 120 -4.29 18.83 27.69
N PRO G 121 -3.65 18.46 26.58
CA PRO G 121 -2.47 19.22 26.15
C PRO G 121 -2.80 20.68 25.92
N ILE G 122 -1.86 21.55 26.26
CA ILE G 122 -2.15 22.98 26.28
C ILE G 122 -2.49 23.48 24.89
N GLU G 123 -1.95 22.86 23.84
CA GLU G 123 -2.24 23.28 22.48
C GLU G 123 -3.72 23.32 22.18
N ASN G 124 -4.55 22.61 22.96
CA ASN G 124 -5.99 22.62 22.75
C ASN G 124 -6.63 23.97 23.02
N VAL G 125 -5.89 24.95 23.55
CA VAL G 125 -6.42 26.31 23.70
C VAL G 125 -6.04 27.21 22.52
N PHE G 126 -5.07 26.80 21.70
CA PHE G 126 -4.54 27.69 20.68
C PHE G 126 -5.66 28.22 19.77
N ALA G 127 -6.48 27.32 19.27
CA ALA G 127 -7.61 27.74 18.43
C ALA G 127 -8.33 28.92 19.08
N GLU G 128 -8.80 28.74 20.32
CA GLU G 128 -9.56 29.80 20.97
C GLU G 128 -8.73 31.07 21.08
N MET G 129 -7.45 30.94 21.46
CA MET G 129 -6.57 32.09 21.47
C MET G 129 -6.65 32.83 20.14
N ASP G 130 -6.44 32.10 19.03
CA ASP G 130 -6.51 32.74 17.73
C ASP G 130 -7.81 33.50 17.56
N ARG G 131 -8.93 32.86 17.87
CA ARG G 131 -10.21 33.55 17.70
C ARG G 131 -10.20 34.85 18.49
N CYS G 132 -9.77 34.77 19.75
CA CYS G 132 -9.75 35.96 20.59
C CYS G 132 -8.78 37.00 20.04
N VAL G 133 -7.67 36.56 19.47
CA VAL G 133 -6.73 37.51 18.90
C VAL G 133 -7.38 38.25 17.73
N SER G 134 -8.27 37.57 17.00
CA SER G 134 -8.98 38.23 15.91
C SER G 134 -10.07 39.17 16.40
N MET G 135 -10.46 39.05 17.67
CA MET G 135 -11.46 39.92 18.26
C MET G 135 -10.84 41.07 19.04
N GLY G 136 -9.51 41.19 19.03
CA GLY G 136 -8.84 42.29 19.69
C GLY G 136 -8.44 42.06 21.13
N PHE G 137 -8.53 40.83 21.62
CA PHE G 137 -8.18 40.58 23.01
C PHE G 137 -6.70 40.92 23.26
N LYS G 138 -6.42 41.37 24.47
CA LYS G 138 -5.11 41.92 24.81
C LYS G 138 -4.33 41.06 25.78
N GLY G 139 -4.87 39.91 26.20
CA GLY G 139 -4.17 39.04 27.12
C GLY G 139 -4.99 37.79 27.36
N PHE G 140 -4.42 36.89 28.17
CA PHE G 140 -5.10 35.65 28.51
C PHE G 140 -4.90 35.34 29.98
N LEU G 141 -5.95 34.89 30.63
CA LEU G 141 -5.86 34.35 31.99
C LEU G 141 -5.28 32.93 31.91
N LEU G 142 -4.18 32.71 32.61
CA LEU G 142 -3.50 31.41 32.62
C LEU G 142 -3.72 30.74 33.98
N ASN G 143 -4.42 29.62 33.99
CA ASN G 143 -4.75 28.93 35.22
C ASN G 143 -3.70 27.86 35.50
N PRO G 144 -2.87 28.00 36.54
CA PRO G 144 -1.86 26.95 36.80
C PRO G 144 -2.44 25.66 37.35
N ASP G 145 -3.68 25.66 37.82
CA ASP G 145 -4.30 24.47 38.42
C ASP G 145 -5.67 24.23 37.78
N PRO G 146 -5.70 23.81 36.51
CA PRO G 146 -6.98 23.42 35.90
C PRO G 146 -7.66 22.24 36.57
N TYR G 147 -6.98 21.51 37.45
CA TYR G 147 -7.62 20.47 38.24
C TYR G 147 -8.40 21.03 39.42
N GLU G 148 -8.31 22.33 39.69
CA GLU G 148 -9.12 23.01 40.68
C GLU G 148 -9.03 22.33 42.05
N ASN G 149 -7.80 22.23 42.56
CA ASN G 149 -7.55 21.70 43.90
C ASN G 149 -8.18 20.32 44.05
N GLY G 150 -7.84 19.43 43.14
CA GLY G 150 -8.36 18.08 43.14
C GLY G 150 -7.32 17.05 43.54
N ALA G 151 -7.68 15.79 43.33
CA ALA G 151 -6.78 14.69 43.65
C ALA G 151 -5.50 14.73 42.83
N GLU G 152 -5.55 15.34 41.65
CA GLU G 152 -4.41 15.46 40.76
C GLU G 152 -4.09 16.92 40.50
N GLU G 153 -2.91 17.16 39.92
CA GLU G 153 -2.50 18.51 39.59
C GLU G 153 -1.71 18.50 38.28
N ALA G 154 -1.70 19.63 37.62
CA ALA G 154 -1.00 19.79 36.36
C ALA G 154 0.51 19.90 36.62
N PRO G 155 1.32 19.88 35.57
CA PRO G 155 2.77 20.01 35.77
C PRO G 155 3.12 21.43 36.18
N PRO G 156 4.22 21.63 36.91
CA PRO G 156 4.63 23.00 37.26
C PRO G 156 4.87 23.83 36.00
N LEU G 157 4.74 25.15 36.15
CA LEU G 157 4.80 26.03 34.99
C LEU G 157 6.15 25.95 34.28
N GLY G 158 7.19 25.42 34.92
CA GLY G 158 8.46 25.24 34.23
C GLY G 158 8.52 24.01 33.36
N ASP G 159 7.57 23.09 33.54
CA ASP G 159 7.55 21.86 32.76
C ASP G 159 7.25 22.17 31.29
N ARG G 160 7.85 21.40 30.39
CA ARG G 160 7.69 21.68 28.96
C ARG G 160 6.27 21.45 28.46
N TYR G 161 5.41 20.81 29.28
CA TYR G 161 3.98 20.76 28.98
C TYR G 161 3.46 22.12 28.58
N TRP G 162 3.87 23.17 29.31
CA TRP G 162 3.42 24.53 29.07
C TRP G 162 4.24 25.26 28.01
N TYR G 163 5.37 24.70 27.59
CA TYR G 163 6.23 25.42 26.65
C TYR G 163 5.53 25.78 25.35
N PRO G 164 4.69 24.93 24.75
CA PRO G 164 3.96 25.36 23.55
C PRO G 164 3.19 26.65 23.75
N LEU G 165 2.68 26.89 24.96
CA LEU G 165 1.93 28.11 25.21
C LEU G 165 2.86 29.31 25.28
N TYR G 166 3.95 29.19 26.05
CA TYR G 166 4.92 30.28 26.10
C TYR G 166 5.33 30.69 24.68
N GLU G 167 5.69 29.71 23.84
CA GLU G 167 5.99 30.00 22.45
C GLU G 167 4.93 30.90 21.84
N LYS G 168 3.66 30.44 21.88
CA LYS G 168 2.61 31.19 21.23
C LYS G 168 2.50 32.59 21.81
N LEU G 169 2.59 32.71 23.14
CA LEU G 169 2.47 34.03 23.75
C LEU G 169 3.57 34.96 23.26
N CYS G 170 4.77 34.41 23.04
CA CYS G 170 5.84 35.22 22.48
C CYS G 170 5.61 35.48 21.00
N GLU G 171 5.02 34.51 20.28
CA GLU G 171 4.68 34.71 18.88
C GLU G 171 3.75 35.89 18.71
N LEU G 172 2.76 36.00 19.60
CA LEU G 172 1.79 37.10 19.60
C LEU G 172 2.27 38.31 20.39
N ASP G 173 3.40 38.19 21.08
CA ASP G 173 3.84 39.18 22.06
C ASP G 173 2.65 39.68 22.89
N LEU G 174 1.91 38.72 23.44
CA LEU G 174 0.82 39.00 24.34
C LEU G 174 1.09 38.36 25.69
N PRO G 175 0.49 38.88 26.76
CA PRO G 175 0.84 38.39 28.10
C PRO G 175 -0.09 37.31 28.62
N ALA G 176 0.42 36.52 29.55
CA ALA G 176 -0.40 35.66 30.38
C ALA G 176 -0.66 36.36 31.70
N HIS G 177 -1.87 36.24 32.20
CA HIS G 177 -2.27 36.82 33.48
C HIS G 177 -2.61 35.65 34.40
N ILE G 178 -1.66 35.32 35.28
CA ILE G 178 -1.80 34.17 36.17
C ILE G 178 -3.03 34.35 37.05
N HIS G 179 -3.93 33.35 37.03
CA HIS G 179 -5.14 33.40 37.84
C HIS G 179 -5.74 32.02 37.93
N ALA G 180 -5.88 31.50 39.14
CA ALA G 180 -6.56 30.22 39.33
C ALA G 180 -8.06 30.40 39.11
N THR G 181 -8.78 29.27 39.12
CA THR G 181 -10.22 29.29 38.95
C THR G 181 -10.92 28.76 40.21
N GLY G 182 -11.57 27.60 40.13
CA GLY G 182 -12.26 27.05 41.28
C GLY G 182 -11.35 26.22 42.19
N SER G 183 -11.92 25.82 43.33
CA SER G 183 -11.21 24.98 44.30
C SER G 183 -12.19 23.99 44.90
N GLN G 184 -11.89 22.70 44.79
CA GLN G 184 -12.73 21.65 45.33
C GLN G 184 -12.41 21.34 46.79
N SER G 185 -11.47 22.05 47.40
CA SER G 185 -11.04 21.73 48.76
C SER G 185 -12.03 22.25 49.78
N GLU G 186 -12.30 21.43 50.79
CA GLU G 186 -13.08 21.84 51.96
C GLU G 186 -12.25 22.66 52.94
N ARG G 187 -10.93 22.66 52.81
CA ARG G 187 -10.08 23.50 53.63
C ARG G 187 -9.82 24.86 53.02
N SER G 188 -9.72 24.93 51.69
CA SER G 188 -9.21 26.10 50.99
C SER G 188 -10.25 26.56 49.99
N PRO G 189 -11.12 27.51 50.35
CA PRO G 189 -12.07 28.06 49.37
C PRO G 189 -11.35 28.83 48.27
N TYR G 190 -12.10 29.07 47.19
CA TYR G 190 -11.49 29.57 45.95
C TYR G 190 -10.68 30.84 46.20
N SER G 191 -11.15 31.72 47.08
CA SER G 191 -10.49 33.01 47.25
C SER G 191 -9.11 32.87 47.88
N LEU G 192 -8.90 31.85 48.71
CA LEU G 192 -7.56 31.57 49.25
C LEU G 192 -6.73 30.75 48.25
N HIS G 193 -7.38 29.87 47.51
CA HIS G 193 -6.71 29.11 46.46
C HIS G 193 -6.07 30.04 45.44
N PHE G 194 -6.74 31.16 45.12
CA PHE G 194 -6.10 32.17 44.27
C PHE G 194 -4.69 32.48 44.75
N ILE G 195 -4.57 32.82 46.04
CA ILE G 195 -3.31 33.26 46.60
C ILE G 195 -2.28 32.15 46.54
N ASN G 196 -2.66 30.96 46.99
CA ASN G 196 -1.71 29.85 47.02
C ASN G 196 -1.23 29.50 45.61
N GLU G 197 -2.15 29.51 44.63
CA GLU G 197 -1.78 29.17 43.27
C GLU G 197 -0.86 30.22 42.67
N GLU G 198 -1.09 31.49 43.00
CA GLU G 198 -0.17 32.52 42.55
C GLU G 198 1.22 32.31 43.15
N THR G 199 1.29 31.95 44.42
CA THR G 199 2.57 31.64 45.05
C THR G 199 3.28 30.53 44.29
N ILE G 200 2.56 29.43 44.02
CA ILE G 200 3.16 28.28 43.36
C ILE G 200 3.61 28.62 41.95
N ALA G 201 2.76 29.33 41.20
CA ALA G 201 3.09 29.67 39.82
C ALA G 201 4.33 30.56 39.75
N THR G 202 4.37 31.58 40.63
CA THR G 202 5.54 32.45 40.67
C THR G 202 6.79 31.67 41.03
N TYR G 203 6.68 30.76 42.01
CA TYR G 203 7.82 29.95 42.40
C TYR G 203 8.33 29.11 41.24
N ASN G 204 7.42 28.40 40.56
CA ASN G 204 7.80 27.63 39.38
C ASN G 204 8.52 28.50 38.36
N LEU G 205 7.94 29.66 38.04
CA LEU G 205 8.54 30.51 37.01
C LEU G 205 9.89 31.05 37.43
N CYS G 206 10.12 31.20 38.74
CA CYS G 206 11.38 31.78 39.20
C CYS G 206 12.42 30.74 39.58
N THR G 207 12.08 29.46 39.55
CA THR G 207 13.04 28.39 39.81
C THR G 207 13.27 27.49 38.60
N SER G 208 12.70 27.82 37.46
CA SER G 208 12.91 27.06 36.23
C SER G 208 13.56 27.96 35.19
N SER G 209 13.87 27.38 34.03
CA SER G 209 14.54 28.09 32.95
C SER G 209 13.57 28.63 31.91
N VAL G 210 12.35 29.00 32.33
CA VAL G 210 11.36 29.50 31.39
C VAL G 210 11.83 30.79 30.73
N PHE G 211 12.38 31.70 31.53
CA PHE G 211 12.80 33.00 31.01
C PHE G 211 14.15 32.97 30.34
N ASP G 212 14.93 31.90 30.51
CA ASP G 212 16.11 31.69 29.67
C ASP G 212 15.69 31.27 28.26
N ASP G 213 14.59 30.53 28.15
CA ASP G 213 14.10 30.06 26.87
C ASP G 213 13.13 31.03 26.22
N PHE G 214 12.44 31.86 27.00
CA PHE G 214 11.49 32.84 26.48
C PHE G 214 11.76 34.18 27.16
N PRO G 215 12.84 34.88 26.76
CA PRO G 215 13.16 36.16 27.41
C PRO G 215 12.10 37.23 27.23
N GLN G 216 11.25 37.13 26.20
CA GLN G 216 10.26 38.16 25.90
C GLN G 216 8.87 37.83 26.43
N LEU G 217 8.70 36.66 27.05
CA LEU G 217 7.40 36.26 27.57
C LEU G 217 6.93 37.25 28.63
N LYS G 218 5.70 37.73 28.47
CA LYS G 218 5.10 38.67 29.41
C LYS G 218 4.16 37.93 30.34
N VAL G 219 4.36 38.07 31.65
CA VAL G 219 3.57 37.38 32.65
C VAL G 219 3.20 38.37 33.76
N VAL G 220 1.91 38.45 34.07
CA VAL G 220 1.40 39.28 35.13
C VAL G 220 0.84 38.36 36.20
N VAL G 221 1.34 38.47 37.42
CA VAL G 221 0.88 37.65 38.53
C VAL G 221 -0.16 38.43 39.32
N SER G 222 -1.29 37.78 39.62
CA SER G 222 -2.39 38.48 40.28
C SER G 222 -2.17 38.57 41.79
N HIS G 223 -2.83 39.55 42.38
CA HIS G 223 -2.88 39.72 43.83
C HIS G 223 -1.48 39.91 44.42
N GLY G 224 -0.71 40.81 43.79
CA GLY G 224 0.61 41.09 44.27
C GLY G 224 1.52 39.89 44.36
N GLY G 225 1.22 38.83 43.62
CA GLY G 225 2.06 37.64 43.64
C GLY G 225 1.78 36.69 44.77
N GLY G 226 0.54 36.62 45.24
CA GLY G 226 0.21 35.74 46.34
C GLY G 226 1.02 36.02 47.58
N ALA G 227 1.87 35.08 47.97
CA ALA G 227 2.71 35.23 49.15
C ALA G 227 4.13 35.71 48.85
N ILE G 228 4.49 35.82 47.57
CA ILE G 228 5.91 35.84 47.19
C ILE G 228 6.63 37.08 47.67
N PRO G 229 6.17 38.30 47.38
CA PRO G 229 6.92 39.47 47.84
C PRO G 229 7.09 39.49 49.35
N TYR G 230 6.15 38.88 50.07
CA TYR G 230 6.21 38.80 51.53
C TYR G 230 7.18 37.70 51.98
N GLN G 231 7.21 36.59 51.26
CA GLN G 231 8.05 35.44 51.59
C GLN G 231 9.29 35.36 50.70
N LEU G 232 9.68 36.47 50.07
CA LEU G 232 10.77 36.42 49.10
C LEU G 232 12.08 35.96 49.72
N GLY G 233 12.31 36.28 51.00
CA GLY G 233 13.61 36.02 51.60
C GLY G 233 14.00 34.55 51.55
N ARG G 234 13.10 33.67 52.00
CA ARG G 234 13.44 32.25 52.08
C ARG G 234 13.72 31.68 50.69
N PHE G 235 12.94 32.08 49.69
CA PHE G 235 13.13 31.56 48.35
C PHE G 235 14.40 32.09 47.70
N GLU G 236 14.73 33.36 47.97
CA GLU G 236 16.00 33.89 47.47
C GLU G 236 17.17 33.16 48.11
N SER G 237 17.13 32.98 49.43
CA SER G 237 18.20 32.27 50.12
C SER G 237 18.35 30.86 49.60
N GLN G 238 17.23 30.16 49.36
CA GLN G 238 17.31 28.81 48.80
C GLN G 238 17.87 28.82 47.39
N SER G 239 17.50 29.84 46.59
CA SER G 239 17.97 29.91 45.21
C SER G 239 19.46 30.20 45.14
N ARG G 240 20.02 30.85 46.17
CA ARG G 240 21.47 31.07 46.18
C ARG G 240 22.22 29.77 45.99
N ARG G 241 21.63 28.64 46.43
CA ARG G 241 22.26 27.33 46.30
C ARG G 241 22.13 26.76 44.89
N SER G 242 21.64 27.54 43.92
CA SER G 242 21.49 27.06 42.55
C SER G 242 22.28 27.95 41.59
N LYS G 243 21.96 27.86 40.29
CA LYS G 243 22.71 28.56 39.26
C LYS G 243 22.14 29.92 38.92
N HIS G 244 20.85 30.15 39.18
CA HIS G 244 20.21 31.43 38.91
C HIS G 244 19.42 31.85 40.15
N LEU G 245 19.61 33.09 40.58
CA LEU G 245 18.90 33.60 41.75
C LEU G 245 17.41 33.71 41.45
N PHE G 246 16.60 33.44 42.49
CA PHE G 246 15.16 33.68 42.41
C PHE G 246 14.88 35.10 41.93
N SER G 247 15.69 36.06 42.39
CA SER G 247 15.42 37.47 42.09
C SER G 247 15.64 37.77 40.61
N GLU G 248 16.63 37.13 39.97
CA GLU G 248 16.89 37.46 38.57
C GLU G 248 15.76 36.95 37.67
N ARG G 249 15.14 35.81 38.01
CA ARG G 249 13.97 35.38 37.27
C ARG G 249 12.76 36.25 37.60
N MET G 250 12.60 36.61 38.89
CA MET G 250 11.44 37.39 39.27
C MET G 250 11.47 38.80 38.66
N ALA G 251 12.66 39.32 38.38
CA ALA G 251 12.77 40.63 37.76
C ALA G 251 12.08 40.70 36.41
N LYS G 252 11.92 39.55 35.75
CA LYS G 252 11.20 39.48 34.47
C LYS G 252 9.69 39.51 34.63
N LEU G 253 9.19 39.31 35.84
CA LEU G 253 7.76 39.16 36.07
C LEU G 253 7.10 40.51 36.35
N TYR G 254 5.83 40.60 35.99
CA TYR G 254 4.97 41.72 36.38
C TYR G 254 3.95 41.23 37.39
N PHE G 255 3.47 42.15 38.22
CA PHE G 255 2.48 41.87 39.25
C PHE G 255 1.42 42.96 39.22
N ASP G 256 0.16 42.59 39.43
CA ASP G 256 -0.86 43.61 39.63
C ASP G 256 -0.99 43.93 41.12
N THR G 257 -1.67 45.04 41.41
CA THR G 257 -1.74 45.58 42.76
C THR G 257 -3.06 45.27 43.46
N VAL G 258 -3.66 44.12 43.18
CA VAL G 258 -4.91 43.76 43.84
C VAL G 258 -4.58 43.38 45.28
N LEU G 259 -4.35 44.40 46.11
CA LEU G 259 -4.12 44.24 47.54
C LEU G 259 -4.92 45.33 48.24
N TYR G 260 -5.64 44.97 49.30
CA TYR G 260 -6.59 45.88 49.92
C TYR G 260 -6.10 46.41 51.26
N THR G 261 -4.78 46.42 51.48
CA THR G 261 -4.17 47.12 52.60
C THR G 261 -3.03 47.98 52.09
N GLU G 262 -2.91 49.18 52.66
CA GLU G 262 -1.81 50.07 52.27
C GLU G 262 -0.47 49.40 52.48
N GLY G 263 -0.28 48.71 53.61
CA GLY G 263 1.02 48.14 53.92
C GLY G 263 1.47 47.12 52.88
N ALA G 264 0.54 46.27 52.43
CA ALA G 264 0.88 45.29 51.42
C ALA G 264 1.20 45.96 50.10
N LEU G 265 0.45 47.00 49.72
CA LEU G 265 0.76 47.75 48.52
C LEU G 265 2.18 48.30 48.58
N ARG G 266 2.50 48.94 49.72
CA ARG G 266 3.85 49.47 49.92
C ARG G 266 4.89 48.38 49.77
N LEU G 267 4.67 47.23 50.40
CA LEU G 267 5.66 46.15 50.35
C LEU G 267 5.85 45.66 48.93
N LEU G 268 4.76 45.44 48.20
CA LEU G 268 4.84 45.03 46.81
C LEU G 268 5.67 46.02 45.99
N ILE G 269 5.30 47.30 46.06
CA ILE G 269 5.93 48.28 45.18
C ILE G 269 7.40 48.45 45.54
N GLU G 270 7.74 48.35 46.83
CA GLU G 270 9.13 48.47 47.24
C GLU G 270 9.93 47.22 46.96
N THR G 271 9.28 46.06 46.83
CA THR G 271 10.00 44.82 46.56
C THR G 271 10.28 44.64 45.08
N VAL G 272 9.24 44.73 44.23
CA VAL G 272 9.44 44.47 42.82
C VAL G 272 9.72 45.73 42.01
N GLY G 273 9.37 46.90 42.53
CA GLY G 273 9.66 48.16 41.86
C GLY G 273 8.50 48.64 41.01
N PRO G 274 8.38 49.96 40.84
CA PRO G 274 7.27 50.49 40.03
C PRO G 274 7.35 50.12 38.56
N GLU G 275 8.52 49.71 38.08
CA GLU G 275 8.68 49.30 36.68
C GLU G 275 8.07 47.93 36.41
N ARG G 276 7.53 47.25 37.42
CA ARG G 276 6.98 45.92 37.22
C ARG G 276 5.63 45.76 37.90
N CYS G 277 4.95 46.87 38.22
CA CYS G 277 3.64 46.84 38.87
C CYS G 277 2.60 47.45 37.95
N LEU G 278 1.47 46.78 37.82
CA LEU G 278 0.32 47.30 37.07
C LEU G 278 -0.84 47.48 38.03
N PHE G 279 -1.43 48.68 38.04
CA PHE G 279 -2.55 48.93 38.94
C PHE G 279 -3.69 47.95 38.65
N GLY G 280 -4.30 47.46 39.71
CA GLY G 280 -5.45 46.57 39.59
C GLY G 280 -6.20 46.48 40.89
N SER G 281 -7.52 46.27 40.80
CA SER G 281 -8.37 46.34 41.98
C SER G 281 -9.44 45.25 42.08
N GLU G 282 -9.79 44.56 41.00
CA GLU G 282 -10.89 43.59 41.02
C GLU G 282 -12.19 44.22 41.48
N CYS G 283 -12.36 45.50 41.21
CA CYS G 283 -13.59 46.20 41.54
C CYS G 283 -14.56 46.10 40.37
N PRO G 284 -15.78 45.59 40.56
CA PRO G 284 -16.35 45.12 41.83
C PRO G 284 -16.06 43.65 42.12
N GLY G 285 -16.07 43.29 43.40
CA GLY G 285 -15.86 41.91 43.79
C GLY G 285 -15.51 41.75 45.26
N VAL G 286 -14.52 40.90 45.53
CA VAL G 286 -14.20 40.51 46.90
C VAL G 286 -13.92 41.73 47.77
N GLY G 287 -13.32 42.77 47.21
CA GLY G 287 -12.95 43.96 47.94
C GLY G 287 -13.98 45.07 47.95
N SER G 288 -15.18 44.82 47.44
CA SER G 288 -16.19 45.88 47.32
C SER G 288 -17.09 45.94 48.55
N THR G 289 -16.46 46.03 49.71
CA THR G 289 -17.15 46.24 50.98
C THR G 289 -16.73 47.58 51.54
N ILE G 290 -17.63 48.19 52.30
CA ILE G 290 -17.40 49.51 52.87
C ILE G 290 -16.78 49.32 54.25
N ASP G 291 -15.58 49.85 54.44
CA ASP G 291 -15.01 49.95 55.78
C ASP G 291 -15.99 50.76 56.63
N PRO G 292 -16.68 50.14 57.60
CA PRO G 292 -17.70 50.90 58.36
C PRO G 292 -17.13 52.05 59.15
N ALA G 293 -15.83 52.03 59.46
CA ALA G 293 -15.22 53.11 60.23
C ALA G 293 -14.81 54.28 59.34
N THR G 294 -13.98 54.01 58.33
CA THR G 294 -13.41 55.06 57.48
C THR G 294 -14.23 55.33 56.24
N GLY G 295 -15.39 54.69 56.08
CA GLY G 295 -16.36 55.10 55.08
C GLY G 295 -16.06 54.75 53.64
N LYS G 296 -14.82 54.43 53.31
CA LYS G 296 -14.44 54.19 51.92
C LYS G 296 -14.46 52.69 51.59
N GLN G 297 -14.47 52.40 50.30
CA GLN G 297 -14.55 51.02 49.82
C GLN G 297 -13.15 50.41 49.71
N MET G 298 -13.03 49.15 50.13
CA MET G 298 -11.71 48.55 50.32
C MET G 298 -10.93 48.41 49.02
N ASP G 299 -11.61 48.19 47.89
CA ASP G 299 -10.94 48.07 46.61
C ASP G 299 -10.70 49.42 45.94
N HIS G 300 -10.95 50.52 46.64
CA HIS G 300 -10.58 51.86 46.17
C HIS G 300 -9.17 52.15 46.69
N ILE G 301 -8.18 51.60 45.98
CA ILE G 301 -6.80 51.63 46.44
C ILE G 301 -5.91 52.56 45.64
N ALA G 302 -6.38 53.09 44.51
CA ALA G 302 -5.60 54.08 43.77
C ALA G 302 -5.06 55.18 44.68
N PRO G 303 -5.86 55.78 45.57
CA PRO G 303 -5.33 56.89 46.39
C PRO G 303 -4.12 56.50 47.23
N PHE G 304 -4.10 55.27 47.78
CA PHE G 304 -2.93 54.82 48.51
C PHE G 304 -1.67 54.99 47.68
N ILE G 305 -1.70 54.51 46.44
CA ILE G 305 -0.53 54.59 45.57
C ILE G 305 -0.23 56.03 45.19
N GLN G 306 -1.29 56.84 45.00
N GLN G 306 -1.28 56.84 44.99
CA GLN G 306 -1.10 58.25 44.68
CA GLN G 306 -1.05 58.25 44.66
C GLN G 306 -0.38 58.99 45.80
C GLN G 306 -0.35 58.98 45.81
N LYS G 307 -0.62 58.59 47.05
CA LYS G 307 -0.07 59.29 48.21
C LYS G 307 1.27 58.75 48.70
N PHE G 308 1.78 57.65 48.15
CA PHE G 308 3.09 57.16 48.57
C PHE G 308 4.16 58.19 48.23
N ASP G 309 4.86 58.66 49.27
CA ASP G 309 5.84 59.72 49.09
C ASP G 309 7.12 59.24 48.43
N PHE G 310 7.43 57.95 48.52
CA PHE G 310 8.67 57.43 47.93
C PHE G 310 8.55 57.17 46.43
N LEU G 311 7.38 57.40 45.83
CA LEU G 311 7.20 57.23 44.40
C LEU G 311 7.19 58.60 43.73
N SER G 312 7.95 58.71 42.63
CA SER G 312 7.87 59.90 41.79
C SER G 312 6.62 59.84 40.93
N ASP G 313 6.24 61.00 40.38
CA ASP G 313 5.06 61.05 39.52
C ASP G 313 5.25 60.17 38.28
N ALA G 314 6.48 60.01 37.81
CA ALA G 314 6.73 59.09 36.70
C ALA G 314 6.52 57.65 37.13
N ASP G 315 6.96 57.28 38.34
CA ASP G 315 6.69 55.94 38.85
C ASP G 315 5.19 55.68 38.93
N LYS G 316 4.43 56.67 39.39
CA LYS G 316 2.98 56.50 39.49
C LYS G 316 2.35 56.41 38.10
N LYS G 317 2.89 57.15 37.13
CA LYS G 317 2.42 57.01 35.75
C LYS G 317 2.67 55.60 35.24
N LEU G 318 3.84 55.03 35.55
CA LEU G 318 4.11 53.64 35.20
C LEU G 318 3.07 52.70 35.80
N ILE G 319 2.85 52.81 37.11
CA ILE G 319 1.93 51.90 37.79
C ILE G 319 0.52 52.05 37.20
N PHE G 320 0.11 53.28 36.90
CA PHE G 320 -1.29 53.55 36.58
C PHE G 320 -1.63 53.41 35.10
N GLU G 321 -0.66 53.42 34.19
CA GLU G 321 -1.02 53.25 32.79
C GLU G 321 0.08 52.65 31.92
N ASP G 322 1.31 53.17 32.01
CA ASP G 322 2.31 52.84 31.00
C ASP G 322 2.62 51.34 31.00
N ASN G 323 2.85 50.77 32.17
CA ASN G 323 3.10 49.33 32.22
C ASN G 323 1.97 48.55 31.57
N ALA G 324 0.72 48.95 31.82
CA ALA G 324 -0.41 48.26 31.22
C ALA G 324 -0.40 48.41 29.69
N ARG G 325 -0.07 49.60 29.19
CA ARG G 325 -0.03 49.82 27.76
C ARG G 325 1.05 48.96 27.10
N LYS G 326 2.20 48.84 27.76
CA LYS G 326 3.29 48.04 27.19
C LYS G 326 2.96 46.55 27.24
N VAL G 327 2.48 46.07 28.38
CA VAL G 327 2.28 44.64 28.58
C VAL G 327 1.10 44.13 27.76
N PHE G 328 -0.04 44.84 27.85
CA PHE G 328 -1.26 44.42 27.19
C PHE G 328 -1.46 45.07 25.82
N ASN G 329 -0.40 45.65 25.24
CA ASN G 329 -0.47 46.25 23.92
C ASN G 329 -1.73 47.10 23.74
N LEU G 330 -1.88 48.09 24.62
CA LEU G 330 -3.05 48.96 24.58
C LEU G 330 -2.85 50.06 23.53
N GLU G 331 -3.93 50.44 22.86
CA GLU G 331 -3.88 51.45 21.82
C GLU G 331 -3.80 52.84 22.45
N MET H 1 -51.63 10.07 -23.96
CA MET H 1 -50.54 11.02 -24.29
C MET H 1 -49.28 10.27 -24.70
N ILE H 2 -48.21 11.00 -24.97
CA ILE H 2 -46.93 10.41 -25.37
C ILE H 2 -45.88 10.86 -24.38
N ILE H 3 -45.31 9.90 -23.65
CA ILE H 3 -44.20 10.13 -22.73
C ILE H 3 -42.97 9.46 -23.31
N ASP H 4 -41.93 10.26 -23.56
CA ASP H 4 -40.67 9.77 -24.12
C ASP H 4 -39.72 9.50 -22.96
N CYS H 5 -39.38 8.24 -22.75
CA CYS H 5 -38.61 7.84 -21.57
C CYS H 5 -37.10 7.93 -21.78
N HIS H 6 -36.64 8.31 -22.97
CA HIS H 6 -35.20 8.36 -23.27
C HIS H 6 -34.91 9.69 -23.96
N GLY H 7 -34.62 10.71 -23.14
CA GLY H 7 -34.14 11.97 -23.66
C GLY H 7 -32.92 12.40 -22.86
N HIS H 8 -32.17 13.34 -23.43
CA HIS H 8 -30.98 13.86 -22.80
C HIS H 8 -30.99 15.38 -22.78
N VAL H 9 -30.53 15.93 -21.66
CA VAL H 9 -30.68 17.36 -21.40
C VAL H 9 -30.03 18.16 -22.50
N SER H 10 -30.74 19.18 -22.99
CA SER H 10 -30.15 20.28 -23.74
C SER H 10 -29.75 21.33 -22.72
N ALA H 11 -28.45 21.47 -22.49
CA ALA H 11 -27.94 22.27 -21.38
C ALA H 11 -27.23 23.51 -21.87
N PRO H 12 -27.16 24.55 -21.04
CA PRO H 12 -26.35 25.72 -21.41
C PRO H 12 -24.90 25.34 -21.59
N VAL H 13 -24.24 26.04 -22.50
CA VAL H 13 -22.85 25.81 -22.84
C VAL H 13 -21.97 25.87 -21.60
N GLU H 14 -22.43 26.54 -20.54
CA GLU H 14 -21.63 26.69 -19.32
C GLU H 14 -21.37 25.37 -18.61
N LEU H 15 -22.25 24.37 -18.80
CA LEU H 15 -22.06 23.07 -18.15
C LEU H 15 -20.86 22.34 -18.72
N TRP H 16 -20.74 22.31 -20.05
CA TRP H 16 -19.64 21.60 -20.68
C TRP H 16 -18.32 22.34 -20.46
N ALA H 17 -18.38 23.68 -20.44
CA ALA H 17 -17.20 24.44 -20.06
C ALA H 17 -16.78 24.13 -18.63
N TYR H 18 -17.76 23.91 -17.75
CA TYR H 18 -17.42 23.52 -16.39
C TYR H 18 -16.70 22.17 -16.36
N LYS H 19 -17.15 21.21 -17.17
CA LYS H 19 -16.41 19.95 -17.29
C LYS H 19 -14.97 20.19 -17.74
N ALA H 20 -14.81 21.01 -18.78
CA ALA H 20 -13.47 21.29 -19.31
C ALA H 20 -12.59 21.92 -18.22
N SER H 21 -13.14 22.83 -17.43
CA SER H 21 -12.33 23.48 -16.41
C SER H 21 -12.00 22.53 -15.27
N LEU H 22 -12.95 21.67 -14.88
CA LEU H 22 -12.65 20.64 -13.89
C LEU H 22 -11.48 19.77 -14.34
N LEU H 23 -11.47 19.39 -15.62
CA LEU H 23 -10.36 18.61 -16.14
C LEU H 23 -9.09 19.43 -16.22
N ALA H 24 -9.22 20.76 -16.38
CA ALA H 24 -8.05 21.60 -16.49
C ALA H 24 -7.32 21.73 -15.15
N HIS H 25 -8.04 22.11 -14.10
CA HIS H 25 -7.40 22.32 -12.80
C HIS H 25 -7.51 21.11 -11.87
N ARG H 26 -8.32 20.11 -12.23
CA ARG H 26 -8.33 18.82 -11.53
C ARG H 26 -8.57 18.96 -10.03
N GLY H 27 -9.31 19.99 -9.63
CA GLY H 27 -9.71 20.17 -8.26
C GLY H 27 -8.95 21.26 -7.51
N SER H 28 -7.79 21.70 -8.02
CA SER H 28 -7.01 22.70 -7.32
C SER H 28 -7.71 24.05 -7.22
N HIS H 29 -8.83 24.25 -7.91
CA HIS H 29 -9.65 25.44 -7.74
C HIS H 29 -10.85 25.20 -6.84
N GLY H 30 -10.94 24.03 -6.20
CA GLY H 30 -12.12 23.67 -5.44
C GLY H 30 -13.25 23.22 -6.34
N ARG H 31 -14.29 22.68 -5.70
CA ARG H 31 -15.41 22.12 -6.45
C ARG H 31 -16.06 23.17 -7.36
N GLY H 32 -16.11 24.42 -6.90
CA GLY H 32 -16.76 25.45 -7.69
C GLY H 32 -18.20 25.05 -7.97
N GLY H 33 -18.64 25.35 -9.18
CA GLY H 33 -20.00 25.01 -9.59
C GLY H 33 -20.41 25.77 -10.82
N VAL H 34 -21.43 25.24 -11.49
CA VAL H 34 -21.95 25.87 -12.69
C VAL H 34 -22.67 27.15 -12.32
N LYS H 35 -22.29 28.25 -12.95
CA LYS H 35 -22.88 29.57 -12.71
C LYS H 35 -23.71 29.93 -13.93
N VAL H 36 -25.00 29.59 -13.88
CA VAL H 36 -25.90 29.80 -15.01
C VAL H 36 -27.29 30.11 -14.46
N THR H 37 -27.97 31.06 -15.09
CA THR H 37 -29.27 31.50 -14.61
C THR H 37 -30.38 30.60 -15.12
N ASP H 38 -31.60 30.86 -14.66
CA ASP H 38 -32.76 30.12 -15.14
C ASP H 38 -33.07 30.47 -16.60
N GLU H 39 -32.92 31.75 -16.95
CA GLU H 39 -33.14 32.18 -18.32
C GLU H 39 -32.30 31.38 -19.30
N GLN H 40 -31.01 31.20 -18.98
CA GLN H 40 -30.12 30.50 -19.89
C GLN H 40 -30.47 29.03 -20.01
N ILE H 41 -30.93 28.41 -18.91
CA ILE H 41 -31.39 27.02 -18.99
C ILE H 41 -32.56 26.92 -19.95
N ILE H 42 -33.60 27.73 -19.72
CA ILE H 42 -34.76 27.70 -20.60
C ILE H 42 -34.34 27.94 -22.05
N ALA H 43 -33.45 28.92 -22.28
CA ALA H 43 -33.01 29.22 -23.63
C ALA H 43 -32.31 28.02 -24.27
N ALA H 44 -31.44 27.34 -23.52
CA ALA H 44 -30.82 26.12 -24.02
C ALA H 44 -31.88 25.13 -24.46
N ALA H 45 -32.98 25.03 -23.72
CA ALA H 45 -34.05 24.13 -24.12
C ALA H 45 -34.67 24.50 -25.46
N HIS H 46 -34.38 25.69 -26.00
CA HIS H 46 -34.92 26.12 -27.29
C HIS H 46 -33.86 26.33 -28.36
N HIS H 47 -32.60 26.55 -27.99
CA HIS H 47 -31.58 26.89 -28.97
C HIS H 47 -31.46 25.83 -30.05
N LYS H 48 -31.36 26.29 -31.30
CA LYS H 48 -31.30 25.37 -32.44
C LYS H 48 -30.06 24.48 -32.36
N GLU H 49 -28.89 25.10 -32.20
CA GLU H 49 -27.63 24.39 -32.08
C GLU H 49 -27.38 23.65 -33.39
N THR H 50 -27.24 22.32 -33.39
CA THR H 50 -26.96 21.53 -34.57
C THR H 50 -28.20 20.84 -35.13
N TRP H 51 -29.28 20.78 -34.37
CA TRP H 51 -30.48 20.10 -34.83
C TRP H 51 -31.27 21.03 -35.74
N PRO H 52 -32.21 20.48 -36.52
CA PRO H 52 -33.02 21.33 -37.41
C PRO H 52 -33.89 22.32 -36.68
N ASP H 53 -34.03 22.20 -35.37
CA ASP H 53 -34.87 23.10 -34.57
C ASP H 53 -34.52 22.86 -33.10
N GLY H 54 -35.22 23.56 -32.21
CA GLY H 54 -34.97 23.43 -30.79
C GLY H 54 -35.55 22.15 -30.21
N HIS H 55 -35.02 21.79 -29.03
CA HIS H 55 -35.45 20.60 -28.30
C HIS H 55 -36.98 20.56 -28.14
N ILE H 56 -37.52 21.59 -27.48
CA ILE H 56 -38.96 21.63 -27.22
C ILE H 56 -39.73 21.74 -28.52
N GLU H 57 -39.19 22.47 -29.50
CA GLU H 57 -39.87 22.62 -30.77
C GLU H 57 -40.02 21.28 -31.47
N LEU H 58 -38.94 20.49 -31.53
CA LEU H 58 -39.01 19.17 -32.16
C LEU H 58 -39.97 18.26 -31.40
N LEU H 59 -39.95 18.31 -30.07
CA LEU H 59 -40.92 17.50 -29.31
C LEU H 59 -42.35 17.89 -29.66
N HIS H 60 -42.63 19.21 -29.71
CA HIS H 60 -43.96 19.66 -30.11
C HIS H 60 -44.33 19.16 -31.50
N ASN H 61 -43.40 19.23 -32.44
CA ASN H 61 -43.69 18.80 -33.81
C ASN H 61 -44.01 17.31 -33.86
N HIS H 62 -43.29 16.51 -33.09
CA HIS H 62 -43.49 15.06 -33.14
C HIS H 62 -44.68 14.59 -32.34
N GLY H 63 -45.37 15.48 -31.63
CA GLY H 63 -46.51 15.08 -30.84
C GLY H 63 -46.17 14.54 -29.47
N THR H 64 -44.94 14.74 -29.01
CA THR H 64 -44.52 14.26 -27.70
C THR H 64 -44.89 15.29 -26.64
N ASP H 65 -45.67 14.85 -25.64
CA ASP H 65 -46.19 15.75 -24.61
C ASP H 65 -45.23 15.92 -23.45
N MET H 66 -44.47 14.88 -23.10
CA MET H 66 -43.53 14.95 -21.98
C MET H 66 -42.35 14.02 -22.24
N GLN H 67 -41.17 14.42 -21.78
CA GLN H 67 -39.96 13.64 -21.98
C GLN H 67 -39.17 13.55 -20.68
N LEU H 68 -38.65 12.37 -20.40
CA LEU H 68 -37.77 12.17 -19.25
C LEU H 68 -36.35 12.46 -19.72
N ILE H 69 -35.74 13.51 -19.16
CA ILE H 69 -34.41 13.95 -19.60
C ILE H 69 -33.39 13.54 -18.56
N SER H 70 -32.27 13.01 -19.05
CA SER H 70 -31.16 12.53 -18.25
C SER H 70 -29.87 13.15 -18.77
N PRO H 71 -28.75 12.94 -18.10
CA PRO H 71 -27.47 13.48 -18.60
C PRO H 71 -27.20 13.01 -20.03
N ARG H 72 -26.42 13.80 -20.76
CA ARG H 72 -25.85 13.28 -22.00
C ARG H 72 -24.78 12.28 -21.58
N PRO H 73 -24.98 10.97 -21.77
CA PRO H 73 -24.08 10.01 -21.10
C PRO H 73 -22.64 10.04 -21.57
N PHE H 74 -22.38 10.41 -22.83
CA PHE H 74 -21.00 10.34 -23.32
C PHE H 74 -20.12 11.44 -22.76
N GLN H 75 -20.66 12.34 -21.92
CA GLN H 75 -19.88 13.37 -21.25
C GLN H 75 -19.50 13.00 -19.82
N MET H 76 -20.10 11.96 -19.26
CA MET H 76 -19.98 11.71 -17.82
C MET H 76 -18.60 11.19 -17.41
N MET H 77 -17.75 10.83 -18.36
CA MET H 77 -16.33 10.60 -18.13
C MET H 77 -16.09 9.76 -16.86
N ASN H 78 -16.71 8.57 -16.84
CA ASN H 78 -16.63 7.71 -15.68
C ASN H 78 -15.25 7.09 -15.47
N SER H 79 -14.38 7.13 -16.49
CA SER H 79 -13.03 6.62 -16.34
C SER H 79 -12.01 7.73 -16.08
N ALA H 80 -12.48 8.95 -15.87
CA ALA H 80 -11.59 10.08 -15.69
C ALA H 80 -11.04 10.10 -14.27
N LYS H 81 -9.94 10.81 -14.11
CA LYS H 81 -9.30 11.00 -12.81
C LYS H 81 -9.07 12.48 -12.59
N PRO H 82 -9.08 12.94 -11.32
CA PRO H 82 -9.38 12.18 -10.10
C PRO H 82 -10.87 11.88 -9.96
N ALA H 83 -11.20 10.89 -9.12
CA ALA H 83 -12.60 10.49 -8.95
C ALA H 83 -13.49 11.65 -8.54
N ARG H 84 -12.95 12.61 -7.79
CA ARG H 84 -13.79 13.68 -7.27
C ARG H 84 -14.41 14.49 -8.40
N VAL H 85 -13.71 14.68 -9.52
CA VAL H 85 -14.30 15.46 -10.60
C VAL H 85 -15.43 14.68 -11.25
N VAL H 86 -15.33 13.36 -11.31
CA VAL H 86 -16.44 12.55 -11.80
C VAL H 86 -17.68 12.78 -10.93
N HIS H 87 -17.50 12.67 -9.61
CA HIS H 87 -18.63 12.90 -8.69
C HIS H 87 -19.18 14.31 -8.87
N TRP H 88 -18.29 15.30 -8.90
CA TRP H 88 -18.70 16.70 -8.96
C TRP H 88 -19.51 16.99 -10.21
N PHE H 89 -19.00 16.57 -11.37
CA PHE H 89 -19.70 16.87 -12.61
C PHE H 89 -21.01 16.13 -12.69
N CYS H 90 -21.06 14.88 -12.21
CA CYS H 90 -22.35 14.18 -12.16
C CYS H 90 -23.35 14.95 -11.30
N GLU H 91 -22.88 15.46 -10.15
CA GLU H 91 -23.78 16.19 -9.26
C GLU H 91 -24.27 17.49 -9.90
N GLU H 92 -23.38 18.19 -10.60
CA GLU H 92 -23.78 19.43 -11.25
C GLU H 92 -24.79 19.15 -12.36
N VAL H 93 -24.58 18.10 -13.14
CA VAL H 93 -25.54 17.77 -14.19
C VAL H 93 -26.89 17.44 -13.58
N ASN H 94 -26.91 16.66 -12.49
CA ASN H 94 -28.18 16.35 -11.85
C ASN H 94 -28.85 17.61 -11.31
N THR H 95 -28.07 18.52 -10.73
CA THR H 95 -28.63 19.78 -10.24
C THR H 95 -29.24 20.58 -11.38
N LEU H 96 -28.56 20.64 -12.51
CA LEU H 96 -29.05 21.41 -13.64
C LEU H 96 -30.30 20.78 -14.24
N ILE H 97 -30.35 19.45 -14.32
CA ILE H 97 -31.55 18.77 -14.78
C ILE H 97 -32.71 19.07 -13.85
N HIS H 98 -32.47 19.06 -12.54
CA HIS H 98 -33.50 19.42 -11.58
C HIS H 98 -34.01 20.84 -11.86
N ARG H 99 -33.08 21.78 -12.04
CA ARG H 99 -33.49 23.16 -12.29
C ARG H 99 -34.33 23.25 -13.56
N GLN H 100 -33.92 22.55 -14.62
CA GLN H 100 -34.63 22.66 -15.88
C GLN H 100 -36.02 22.03 -15.80
N CYS H 101 -36.16 20.91 -15.07
CA CYS H 101 -37.46 20.29 -14.93
C CYS H 101 -38.36 21.11 -13.99
N THR H 102 -37.77 21.87 -13.07
CA THR H 102 -38.55 22.77 -12.23
C THR H 102 -39.00 24.01 -13.01
N LEU H 103 -38.17 24.48 -13.95
CA LEU H 103 -38.51 25.65 -14.75
C LEU H 103 -39.44 25.32 -15.92
N ILE H 104 -39.44 24.08 -16.37
CA ILE H 104 -40.29 23.68 -17.51
C ILE H 104 -40.98 22.37 -17.13
N PRO H 105 -41.78 22.36 -16.05
CA PRO H 105 -42.33 21.08 -15.56
C PRO H 105 -43.36 20.46 -16.49
N GLU H 106 -43.93 21.21 -17.42
CA GLU H 106 -44.92 20.67 -18.33
C GLU H 106 -44.30 19.75 -19.37
N MET H 107 -42.99 19.87 -19.61
CA MET H 107 -42.31 19.18 -20.70
C MET H 107 -41.33 18.13 -20.25
N PHE H 108 -40.63 18.35 -19.13
CA PHE H 108 -39.49 17.54 -18.77
C PHE H 108 -39.68 16.89 -17.40
N ILE H 109 -39.19 15.66 -17.29
CA ILE H 109 -39.24 14.89 -16.05
C ILE H 109 -37.81 14.49 -15.72
N PRO H 110 -37.37 14.60 -14.46
CA PRO H 110 -35.94 14.41 -14.15
C PRO H 110 -35.58 12.93 -14.00
N VAL H 111 -34.47 12.56 -14.65
CA VAL H 111 -33.81 11.26 -14.47
C VAL H 111 -32.34 11.51 -14.20
N ALA H 112 -31.78 10.79 -13.24
CA ALA H 112 -30.48 11.12 -12.67
C ALA H 112 -29.37 10.26 -13.25
N GLY H 113 -28.16 10.82 -13.23
CA GLY H 113 -26.96 10.05 -13.49
C GLY H 113 -26.32 9.62 -12.18
N LEU H 114 -25.59 8.52 -12.22
CA LEU H 114 -24.90 8.03 -11.02
C LEU H 114 -23.43 8.37 -11.11
N PRO H 115 -22.84 8.96 -10.07
CA PRO H 115 -21.40 9.27 -10.13
C PRO H 115 -20.57 8.01 -10.03
N GLN H 116 -20.63 7.17 -11.06
CA GLN H 116 -19.93 5.89 -11.04
C GLN H 116 -18.48 6.12 -11.43
N VAL H 117 -17.58 6.03 -10.47
CA VAL H 117 -16.15 6.05 -10.75
C VAL H 117 -15.69 4.62 -10.96
N ALA H 118 -14.99 4.38 -12.05
CA ALA H 118 -14.48 3.04 -12.33
C ALA H 118 -13.61 2.56 -11.18
N GLY H 119 -13.91 1.37 -10.67
CA GLY H 119 -13.16 0.80 -9.56
C GLY H 119 -13.73 1.08 -8.19
N GLU H 120 -14.61 2.08 -8.05
CA GLU H 120 -15.18 2.38 -6.74
C GLU H 120 -16.36 1.45 -6.44
N PRO H 121 -16.53 1.03 -5.19
CA PRO H 121 -17.73 0.26 -4.84
C PRO H 121 -18.99 1.07 -5.10
N ILE H 122 -20.05 0.37 -5.50
CA ILE H 122 -21.25 1.02 -6.02
C ILE H 122 -21.92 1.85 -4.92
N GLU H 123 -21.75 1.49 -3.65
CA GLU H 123 -22.38 2.24 -2.58
C GLU H 123 -21.98 3.72 -2.59
N ASN H 124 -20.86 4.06 -3.24
CA ASN H 124 -20.43 5.45 -3.36
C ASN H 124 -21.35 6.30 -4.22
N VAL H 125 -22.39 5.74 -4.83
CA VAL H 125 -23.39 6.56 -5.50
C VAL H 125 -24.62 6.81 -4.62
N PHE H 126 -24.79 6.05 -3.54
CA PHE H 126 -26.04 6.10 -2.78
C PHE H 126 -26.33 7.52 -2.29
N ALA H 127 -25.34 8.16 -1.66
CA ALA H 127 -25.50 9.54 -1.23
C ALA H 127 -26.16 10.36 -2.34
N GLU H 128 -25.56 10.36 -3.53
CA GLU H 128 -26.10 11.16 -4.62
C GLU H 128 -27.51 10.70 -4.97
N MET H 129 -27.73 9.39 -5.05
CA MET H 129 -29.08 8.88 -5.24
C MET H 129 -30.03 9.54 -4.25
N ASP H 130 -29.68 9.51 -2.96
CA ASP H 130 -30.57 10.08 -1.95
C ASP H 130 -30.88 11.54 -2.27
N ARG H 131 -29.85 12.32 -2.61
CA ARG H 131 -30.09 13.72 -2.94
C ARG H 131 -31.08 13.82 -4.09
N CYS H 132 -30.86 13.03 -5.14
CA CYS H 132 -31.76 13.07 -6.29
C CYS H 132 -33.15 12.59 -5.92
N VAL H 133 -33.27 11.64 -4.98
CA VAL H 133 -34.60 11.22 -4.58
C VAL H 133 -35.33 12.39 -3.90
N SER H 134 -34.59 13.23 -3.17
CA SER H 134 -35.21 14.36 -2.50
C SER H 134 -35.63 15.46 -3.47
N MET H 135 -35.01 15.51 -4.65
CA MET H 135 -35.33 16.51 -5.65
C MET H 135 -36.43 16.05 -6.60
N GLY H 136 -36.97 14.85 -6.41
CA GLY H 136 -38.05 14.37 -7.24
C GLY H 136 -37.63 13.59 -8.47
N PHE H 137 -36.39 13.11 -8.52
CA PHE H 137 -35.95 12.33 -9.68
C PHE H 137 -36.68 11.00 -9.73
N LYS H 138 -36.90 10.51 -10.95
CA LYS H 138 -37.76 9.36 -11.18
C LYS H 138 -37.01 8.12 -11.64
N GLY H 139 -35.69 8.16 -11.69
CA GLY H 139 -34.93 7.01 -12.13
C GLY H 139 -33.47 7.37 -12.28
N PHE H 140 -32.66 6.35 -12.52
CA PHE H 140 -31.21 6.53 -12.60
C PHE H 140 -30.65 5.80 -13.80
N LEU H 141 -29.74 6.46 -14.50
CA LEU H 141 -28.96 5.79 -15.54
C LEU H 141 -27.92 4.90 -14.89
N LEU H 142 -27.85 3.64 -15.33
CA LEU H 142 -26.91 2.66 -14.80
C LEU H 142 -25.93 2.28 -15.89
N ASN H 143 -24.65 2.62 -15.69
CA ASN H 143 -23.60 2.35 -16.66
C ASN H 143 -22.96 1.01 -16.36
N PRO H 144 -23.08 0.01 -17.24
CA PRO H 144 -22.41 -1.27 -16.96
C PRO H 144 -20.92 -1.22 -17.16
N ASP H 145 -20.40 -0.20 -17.84
CA ASP H 145 -18.98 -0.10 -18.14
C ASP H 145 -18.49 1.31 -17.78
N PRO H 146 -18.27 1.58 -16.50
CA PRO H 146 -17.66 2.86 -16.11
C PRO H 146 -16.19 2.97 -16.49
N TYR H 147 -15.56 1.87 -16.94
CA TYR H 147 -14.22 1.94 -17.48
C TYR H 147 -14.17 2.48 -18.91
N GLU H 148 -15.32 2.64 -19.55
CA GLU H 148 -15.43 3.33 -20.84
C GLU H 148 -14.51 2.69 -21.89
N ASN H 149 -14.77 1.41 -22.14
CA ASN H 149 -14.03 0.62 -23.12
C ASN H 149 -12.53 0.79 -22.93
N GLY H 150 -12.07 0.45 -21.74
CA GLY H 150 -10.68 0.55 -21.37
C GLY H 150 -10.00 -0.80 -21.31
N ALA H 151 -8.82 -0.80 -20.71
CA ALA H 151 -8.06 -2.04 -20.54
C ALA H 151 -8.76 -2.97 -19.54
N GLU H 152 -9.36 -2.40 -18.50
CA GLU H 152 -10.10 -3.16 -17.51
C GLU H 152 -11.59 -3.02 -17.77
N GLU H 153 -12.37 -3.84 -17.06
CA GLU H 153 -13.82 -3.72 -17.13
C GLU H 153 -14.41 -4.07 -15.77
N ALA H 154 -15.61 -3.56 -15.53
CA ALA H 154 -16.30 -3.79 -14.27
C ALA H 154 -16.87 -5.21 -14.23
N PRO H 155 -17.26 -5.68 -13.06
CA PRO H 155 -17.89 -7.01 -12.97
C PRO H 155 -19.20 -7.03 -13.75
N PRO H 156 -19.64 -8.20 -14.20
CA PRO H 156 -20.94 -8.30 -14.85
C PRO H 156 -22.06 -7.92 -13.88
N LEU H 157 -23.22 -7.58 -14.44
CA LEU H 157 -24.33 -7.09 -13.63
C LEU H 157 -24.89 -8.15 -12.69
N GLY H 158 -24.55 -9.43 -12.88
CA GLY H 158 -24.96 -10.46 -11.95
C GLY H 158 -24.04 -10.62 -10.75
N ASP H 159 -22.85 -10.03 -10.83
CA ASP H 159 -21.90 -10.12 -9.72
C ASP H 159 -22.41 -9.33 -8.53
N ARG H 160 -22.19 -9.88 -7.34
CA ARG H 160 -22.64 -9.24 -6.10
C ARG H 160 -22.03 -7.85 -5.89
N TYR H 161 -21.10 -7.43 -6.76
CA TYR H 161 -20.65 -6.05 -6.75
C TYR H 161 -21.82 -5.09 -6.87
N TRP H 162 -22.80 -5.41 -7.73
CA TRP H 162 -23.94 -4.53 -7.99
C TRP H 162 -25.13 -4.78 -7.07
N TYR H 163 -25.09 -5.83 -6.24
CA TYR H 163 -26.25 -6.19 -5.43
C TYR H 163 -26.67 -5.09 -4.45
N PRO H 164 -25.76 -4.34 -3.83
CA PRO H 164 -26.22 -3.20 -3.01
C PRO H 164 -27.06 -2.21 -3.79
N LEU H 165 -26.71 -1.95 -5.05
CA LEU H 165 -27.49 -0.98 -5.83
C LEU H 165 -28.88 -1.51 -6.13
N TYR H 166 -29.00 -2.80 -6.46
CA TYR H 166 -30.32 -3.38 -6.69
C TYR H 166 -31.14 -3.35 -5.41
N GLU H 167 -30.50 -3.65 -4.27
CA GLU H 167 -31.17 -3.55 -2.98
C GLU H 167 -31.74 -2.15 -2.79
N LYS H 168 -30.93 -1.12 -3.05
CA LYS H 168 -31.40 0.25 -2.83
C LYS H 168 -32.48 0.64 -3.82
N LEU H 169 -32.36 0.18 -5.07
CA LEU H 169 -33.38 0.50 -6.07
C LEU H 169 -34.72 -0.11 -5.69
N CYS H 170 -34.72 -1.34 -5.20
CA CYS H 170 -35.97 -1.96 -4.75
C CYS H 170 -36.49 -1.30 -3.49
N GLU H 171 -35.60 -0.84 -2.60
CA GLU H 171 -36.06 -0.15 -1.41
C GLU H 171 -36.67 1.20 -1.75
N LEU H 172 -36.22 1.82 -2.84
CA LEU H 172 -36.83 3.03 -3.36
C LEU H 172 -37.95 2.74 -4.36
N ASP H 173 -37.97 1.53 -4.93
CA ASP H 173 -38.89 1.18 -6.00
C ASP H 173 -38.78 2.17 -7.16
N LEU H 174 -37.54 2.45 -7.54
CA LEU H 174 -37.22 3.28 -8.68
C LEU H 174 -36.38 2.48 -9.67
N PRO H 175 -36.40 2.84 -10.95
CA PRO H 175 -35.80 1.97 -11.96
C PRO H 175 -34.39 2.34 -12.35
N ALA H 176 -33.61 1.35 -12.76
CA ALA H 176 -32.36 1.59 -13.46
C ALA H 176 -32.65 1.68 -14.95
N HIS H 177 -31.90 2.54 -15.63
CA HIS H 177 -32.00 2.71 -17.07
C HIS H 177 -30.61 2.45 -17.64
N ILE H 178 -30.43 1.25 -18.23
CA ILE H 178 -29.12 0.84 -18.71
C ILE H 178 -28.67 1.77 -19.82
N HIS H 179 -27.47 2.31 -19.67
CA HIS H 179 -26.93 3.23 -20.67
C HIS H 179 -25.44 3.37 -20.43
N ALA H 180 -24.64 3.05 -21.44
CA ALA H 180 -23.20 3.26 -21.33
C ALA H 180 -22.88 4.74 -21.53
N THR H 181 -21.63 5.10 -21.29
CA THR H 181 -21.19 6.48 -21.42
C THR H 181 -20.21 6.61 -22.59
N GLY H 182 -18.95 6.98 -22.31
CA GLY H 182 -17.97 7.13 -23.37
C GLY H 182 -17.24 5.83 -23.69
N SER H 183 -16.48 5.87 -24.78
CA SER H 183 -15.68 4.74 -25.22
C SER H 183 -14.29 5.23 -25.62
N GLN H 184 -13.27 4.59 -25.07
CA GLN H 184 -11.89 4.92 -25.38
C GLN H 184 -11.33 4.14 -26.56
N SER H 185 -12.15 3.32 -27.22
CA SER H 185 -11.67 2.43 -28.26
C SER H 185 -11.69 3.13 -29.61
N GLU H 186 -10.58 3.03 -30.36
CA GLU H 186 -10.55 3.51 -31.73
C GLU H 186 -11.41 2.65 -32.65
N ARG H 187 -11.56 1.37 -32.33
CA ARG H 187 -12.42 0.50 -33.13
C ARG H 187 -13.89 0.87 -32.96
N SER H 188 -14.33 1.03 -31.71
CA SER H 188 -15.75 1.13 -31.38
C SER H 188 -16.06 2.50 -30.80
N PRO H 189 -16.60 3.42 -31.58
CA PRO H 189 -16.97 4.73 -31.03
C PRO H 189 -18.19 4.64 -30.13
N TYR H 190 -18.37 5.69 -29.32
CA TYR H 190 -19.30 5.63 -28.19
C TYR H 190 -20.70 5.20 -28.62
N SER H 191 -21.13 5.58 -29.84
CA SER H 191 -22.50 5.29 -30.23
C SER H 191 -22.70 3.80 -30.50
N LEU H 192 -21.69 3.11 -30.99
CA LEU H 192 -21.74 1.65 -31.13
C LEU H 192 -21.49 0.96 -29.80
N HIS H 193 -20.64 1.54 -28.95
CA HIS H 193 -20.42 1.02 -27.62
C HIS H 193 -21.71 0.99 -26.82
N PHE H 194 -22.59 1.98 -27.02
CA PHE H 194 -23.92 1.92 -26.42
C PHE H 194 -24.56 0.56 -26.68
N ILE H 195 -24.57 0.15 -27.96
CA ILE H 195 -25.28 -1.07 -28.36
C ILE H 195 -24.60 -2.29 -27.76
N ASN H 196 -23.29 -2.40 -27.89
CA ASN H 196 -22.61 -3.58 -27.37
C ASN H 196 -22.78 -3.70 -25.86
N GLU H 197 -22.74 -2.57 -25.15
CA GLU H 197 -22.87 -2.62 -23.70
C GLU H 197 -24.29 -2.97 -23.28
N GLU H 198 -25.29 -2.51 -24.03
CA GLU H 198 -26.66 -2.92 -23.74
C GLU H 198 -26.83 -4.41 -23.95
N THR H 199 -26.25 -4.95 -25.02
CA THR H 199 -26.29 -6.40 -25.25
C THR H 199 -25.66 -7.15 -24.07
N ILE H 200 -24.48 -6.69 -23.62
CA ILE H 200 -23.80 -7.37 -22.53
C ILE H 200 -24.61 -7.29 -21.24
N ALA H 201 -25.16 -6.10 -20.93
CA ALA H 201 -25.92 -5.94 -19.71
C ALA H 201 -27.15 -6.84 -19.71
N THR H 202 -27.88 -6.86 -20.83
CA THR H 202 -29.05 -7.72 -20.93
C THR H 202 -28.65 -9.19 -20.75
N TYR H 203 -27.57 -9.61 -21.43
CA TYR H 203 -27.12 -10.98 -21.30
C TYR H 203 -26.83 -11.32 -19.84
N ASN H 204 -26.06 -10.45 -19.15
CA ASN H 204 -25.75 -10.67 -17.75
C ASN H 204 -27.01 -10.84 -16.92
N LEU H 205 -27.96 -9.91 -17.08
CA LEU H 205 -29.17 -9.95 -16.27
C LEU H 205 -30.01 -11.19 -16.56
N CYS H 206 -29.99 -11.68 -17.79
CA CYS H 206 -30.82 -12.83 -18.15
C CYS H 206 -30.12 -14.17 -17.90
N THR H 207 -28.87 -14.16 -17.45
CA THR H 207 -28.14 -15.39 -17.18
C THR H 207 -27.62 -15.45 -15.74
N SER H 208 -28.07 -14.54 -14.87
CA SER H 208 -27.70 -14.53 -13.47
C SER H 208 -28.96 -14.61 -12.61
N SER H 209 -28.75 -14.67 -11.29
CA SER H 209 -29.82 -14.81 -10.32
C SER H 209 -30.40 -13.49 -9.85
N VAL H 210 -30.22 -12.42 -10.63
CA VAL H 210 -30.61 -11.09 -10.16
C VAL H 210 -32.11 -11.06 -9.87
N PHE H 211 -32.92 -11.53 -10.81
CA PHE H 211 -34.37 -11.44 -10.67
C PHE H 211 -34.95 -12.54 -9.80
N ASP H 212 -34.17 -13.56 -9.44
CA ASP H 212 -34.57 -14.44 -8.34
C ASP H 212 -34.32 -13.80 -6.99
N ASP H 213 -33.33 -12.89 -6.92
CA ASP H 213 -33.00 -12.22 -5.68
C ASP H 213 -33.70 -10.86 -5.54
N PHE H 214 -33.98 -10.17 -6.65
CA PHE H 214 -34.68 -8.89 -6.64
C PHE H 214 -35.85 -8.95 -7.61
N PRO H 215 -36.91 -9.69 -7.27
CA PRO H 215 -38.03 -9.85 -8.22
C PRO H 215 -38.67 -8.53 -8.63
N GLN H 216 -38.68 -7.53 -7.74
CA GLN H 216 -39.32 -6.24 -8.02
C GLN H 216 -38.38 -5.24 -8.68
N LEU H 217 -37.15 -5.64 -8.99
CA LEU H 217 -36.20 -4.71 -9.60
C LEU H 217 -36.70 -4.25 -10.96
N LYS H 218 -36.73 -2.94 -11.16
CA LYS H 218 -37.16 -2.34 -12.41
C LYS H 218 -35.94 -1.92 -13.22
N VAL H 219 -35.80 -2.50 -14.42
CA VAL H 219 -34.69 -2.18 -15.31
C VAL H 219 -35.23 -1.94 -16.70
N VAL H 220 -34.95 -0.77 -17.26
CA VAL H 220 -35.20 -0.46 -18.66
C VAL H 220 -33.87 -0.56 -19.39
N VAL H 221 -33.89 -1.19 -20.57
CA VAL H 221 -32.70 -1.34 -21.39
C VAL H 221 -32.82 -0.43 -22.60
N SER H 222 -31.79 0.37 -22.85
CA SER H 222 -31.85 1.39 -23.88
C SER H 222 -31.69 0.79 -25.27
N HIS H 223 -32.21 1.52 -26.26
CA HIS H 223 -32.04 1.21 -27.68
C HIS H 223 -32.57 -0.19 -28.01
N GLY H 224 -33.73 -0.52 -27.47
CA GLY H 224 -34.37 -1.78 -27.81
C GLY H 224 -33.56 -3.01 -27.46
N GLY H 225 -32.77 -2.94 -26.39
CA GLY H 225 -32.01 -4.10 -25.95
C GLY H 225 -30.73 -4.34 -26.71
N GLY H 226 -30.20 -3.33 -27.39
CA GLY H 226 -28.97 -3.50 -28.13
C GLY H 226 -29.14 -4.46 -29.28
N ALA H 227 -28.57 -5.65 -29.15
CA ALA H 227 -28.68 -6.68 -30.19
C ALA H 227 -29.60 -7.83 -29.80
N ILE H 228 -30.14 -7.82 -28.58
CA ILE H 228 -30.69 -9.03 -27.98
C ILE H 228 -31.97 -9.50 -28.68
N PRO H 229 -32.98 -8.65 -28.86
CA PRO H 229 -34.19 -9.12 -29.54
C PRO H 229 -33.90 -9.69 -30.93
N TYR H 230 -32.88 -9.17 -31.60
CA TYR H 230 -32.51 -9.65 -32.92
C TYR H 230 -31.73 -10.96 -32.82
N GLN H 231 -30.87 -11.09 -31.82
CA GLN H 231 -30.05 -12.28 -31.61
C GLN H 231 -30.60 -13.18 -30.52
N LEU H 232 -31.89 -13.05 -30.17
CA LEU H 232 -32.42 -13.75 -29.02
C LEU H 232 -32.34 -15.27 -29.18
N GLY H 233 -32.46 -15.76 -30.42
CA GLY H 233 -32.54 -17.20 -30.63
C GLY H 233 -31.35 -17.96 -30.06
N ARG H 234 -30.14 -17.48 -30.35
CA ARG H 234 -28.95 -18.20 -29.92
C ARG H 234 -28.84 -18.25 -28.40
N PHE H 235 -29.20 -17.17 -27.72
CA PHE H 235 -29.08 -17.13 -26.27
C PHE H 235 -30.17 -17.97 -25.60
N GLU H 236 -31.39 -17.96 -26.15
CA GLU H 236 -32.41 -18.88 -25.65
C GLU H 236 -31.96 -20.33 -25.83
N SER H 237 -31.46 -20.67 -27.02
CA SER H 237 -31.02 -22.04 -27.28
C SER H 237 -29.95 -22.46 -26.28
N GLN H 238 -28.95 -21.60 -26.07
CA GLN H 238 -27.91 -21.94 -25.11
C GLN H 238 -28.47 -22.09 -23.70
N SER H 239 -29.41 -21.22 -23.31
CA SER H 239 -29.98 -21.29 -21.98
C SER H 239 -30.78 -22.57 -21.78
N ARG H 240 -31.26 -23.19 -22.85
CA ARG H 240 -31.93 -24.49 -22.71
C ARG H 240 -31.02 -25.51 -22.04
N ARG H 241 -29.71 -25.44 -22.29
CA ARG H 241 -28.75 -26.32 -21.64
C ARG H 241 -28.43 -25.91 -20.21
N SER H 242 -29.31 -25.14 -19.57
CA SER H 242 -29.01 -24.52 -18.29
C SER H 242 -30.16 -24.72 -17.30
N LYS H 243 -30.09 -24.02 -16.18
CA LYS H 243 -31.10 -24.13 -15.13
C LYS H 243 -32.30 -23.21 -15.37
N HIS H 244 -32.13 -22.13 -16.12
CA HIS H 244 -33.20 -21.20 -16.41
C HIS H 244 -33.09 -20.74 -17.85
N LEU H 245 -34.24 -20.52 -18.48
CA LEU H 245 -34.26 -20.02 -19.84
C LEU H 245 -33.97 -18.53 -19.87
N PHE H 246 -33.28 -18.11 -20.94
CA PHE H 246 -33.05 -16.69 -21.17
C PHE H 246 -34.36 -15.92 -21.10
N SER H 247 -35.39 -16.44 -21.77
CA SER H 247 -36.69 -15.76 -21.83
C SER H 247 -37.30 -15.57 -20.44
N GLU H 248 -37.10 -16.53 -19.54
CA GLU H 248 -37.66 -16.41 -18.19
C GLU H 248 -37.22 -15.11 -17.53
N ARG H 249 -35.91 -14.85 -17.51
CA ARG H 249 -35.41 -13.60 -16.92
C ARG H 249 -35.75 -12.40 -17.81
N MET H 250 -35.68 -12.58 -19.12
CA MET H 250 -35.90 -11.45 -20.02
C MET H 250 -37.32 -10.90 -19.90
N ALA H 251 -38.28 -11.75 -19.51
CA ALA H 251 -39.65 -11.28 -19.31
C ALA H 251 -39.72 -10.19 -18.25
N LYS H 252 -38.80 -10.22 -17.28
CA LYS H 252 -38.76 -9.20 -16.23
C LYS H 252 -38.29 -7.85 -16.75
N LEU H 253 -37.55 -7.83 -17.85
CA LEU H 253 -36.92 -6.61 -18.32
C LEU H 253 -37.89 -5.74 -19.11
N TYR H 254 -37.69 -4.44 -19.00
CA TYR H 254 -38.33 -3.45 -19.85
C TYR H 254 -37.30 -2.92 -20.86
N PHE H 255 -37.80 -2.49 -22.02
CA PHE H 255 -36.96 -1.94 -23.07
C PHE H 255 -37.60 -0.66 -23.59
N ASP H 256 -36.76 0.29 -23.99
CA ASP H 256 -37.28 1.47 -24.66
C ASP H 256 -37.11 1.31 -26.17
N THR H 257 -37.83 2.14 -26.93
CA THR H 257 -37.98 1.95 -28.37
C THR H 257 -37.11 2.90 -29.18
N VAL H 258 -35.96 3.29 -28.65
CA VAL H 258 -35.06 4.16 -29.41
C VAL H 258 -34.46 3.32 -30.54
N LEU H 259 -35.24 3.13 -31.60
CA LEU H 259 -34.80 2.49 -32.83
C LEU H 259 -35.36 3.31 -33.99
N TYR H 260 -34.55 3.50 -35.04
CA TYR H 260 -34.88 4.46 -36.08
C TYR H 260 -35.24 3.79 -37.41
N THR H 261 -35.56 2.50 -37.39
CA THR H 261 -36.14 1.83 -38.55
C THR H 261 -37.43 1.13 -38.14
N GLU H 262 -38.41 1.13 -39.04
CA GLU H 262 -39.69 0.53 -38.75
C GLU H 262 -39.56 -0.97 -38.48
N GLY H 263 -38.73 -1.66 -39.27
CA GLY H 263 -38.57 -3.10 -39.07
C GLY H 263 -38.02 -3.43 -37.69
N ALA H 264 -37.05 -2.65 -37.21
CA ALA H 264 -36.51 -2.88 -35.87
C ALA H 264 -37.59 -2.68 -34.81
N LEU H 265 -38.38 -1.61 -34.93
CA LEU H 265 -39.46 -1.38 -33.98
C LEU H 265 -40.43 -2.57 -33.97
N ARG H 266 -40.82 -3.04 -35.16
CA ARG H 266 -41.72 -4.18 -35.24
C ARG H 266 -41.12 -5.39 -34.53
N LEU H 267 -39.84 -5.69 -34.79
CA LEU H 267 -39.23 -6.86 -34.18
C LEU H 267 -39.18 -6.73 -32.66
N LEU H 268 -38.75 -5.57 -32.16
CA LEU H 268 -38.73 -5.35 -30.72
C LEU H 268 -40.09 -5.62 -30.10
N ILE H 269 -41.14 -5.00 -30.64
CA ILE H 269 -42.45 -5.08 -30.01
C ILE H 269 -43.02 -6.49 -30.11
N GLU H 270 -42.82 -7.15 -31.25
CA GLU H 270 -43.30 -8.52 -31.39
C GLU H 270 -42.50 -9.50 -30.57
N THR H 271 -41.28 -9.14 -30.17
CA THR H 271 -40.40 -10.06 -29.45
C THR H 271 -40.58 -9.96 -27.93
N VAL H 272 -40.60 -8.75 -27.38
CA VAL H 272 -40.70 -8.60 -25.94
C VAL H 272 -42.10 -8.21 -25.47
N GLY H 273 -42.98 -7.78 -26.39
CA GLY H 273 -44.35 -7.49 -26.07
C GLY H 273 -44.59 -6.05 -25.66
N PRO H 274 -45.82 -5.56 -25.87
CA PRO H 274 -46.12 -4.16 -25.50
C PRO H 274 -46.11 -3.91 -24.00
N GLU H 275 -46.29 -4.96 -23.18
CA GLU H 275 -46.25 -4.79 -21.73
C GLU H 275 -44.85 -4.51 -21.19
N ARG H 276 -43.81 -4.68 -22.02
CA ARG H 276 -42.44 -4.46 -21.58
C ARG H 276 -41.72 -3.46 -22.49
N CYS H 277 -42.47 -2.62 -23.21
CA CYS H 277 -41.87 -1.60 -24.06
C CYS H 277 -42.30 -0.21 -23.59
N LEU H 278 -41.34 0.71 -23.55
CA LEU H 278 -41.59 2.12 -23.28
C LEU H 278 -41.14 2.94 -24.47
N PHE H 279 -42.00 3.85 -24.93
CA PHE H 279 -41.64 4.70 -26.07
C PHE H 279 -40.44 5.57 -25.72
N GLY H 280 -39.41 5.50 -26.56
CA GLY H 280 -38.28 6.40 -26.45
C GLY H 280 -37.78 6.79 -27.82
N SER H 281 -37.12 7.94 -27.88
CA SER H 281 -36.63 8.47 -29.15
C SER H 281 -35.26 9.14 -29.08
N GLU H 282 -34.80 9.58 -27.90
CA GLU H 282 -33.55 10.32 -27.78
C GLU H 282 -33.50 11.52 -28.72
N CYS H 283 -34.65 12.11 -28.96
CA CYS H 283 -34.72 13.34 -29.74
C CYS H 283 -34.55 14.55 -28.82
N PRO H 284 -33.65 15.50 -29.12
CA PRO H 284 -32.73 15.53 -30.26
C PRO H 284 -31.41 14.81 -29.99
N GLY H 285 -30.77 14.32 -31.04
CA GLY H 285 -29.52 13.61 -30.91
C GLY H 285 -29.09 12.89 -32.16
N VAL H 286 -28.71 11.63 -32.02
CA VAL H 286 -28.19 10.85 -33.15
C VAL H 286 -29.23 10.77 -34.26
N GLY H 287 -30.50 10.62 -33.89
CA GLY H 287 -31.57 10.43 -34.85
C GLY H 287 -32.17 11.69 -35.41
N SER H 288 -31.57 12.85 -35.15
CA SER H 288 -32.16 14.14 -35.58
C SER H 288 -31.60 14.59 -36.92
N THR H 289 -31.60 13.68 -37.90
CA THR H 289 -31.24 14.00 -39.28
C THR H 289 -32.45 13.81 -40.17
N ILE H 290 -32.39 14.39 -41.36
CA ILE H 290 -33.48 14.34 -42.33
C ILE H 290 -33.23 13.19 -43.30
N ASP H 291 -34.23 12.32 -43.45
CA ASP H 291 -34.20 11.30 -44.49
C ASP H 291 -34.83 11.89 -45.75
N PRO H 292 -34.04 12.23 -46.78
CA PRO H 292 -34.62 12.87 -47.97
C PRO H 292 -35.66 12.01 -48.69
N ALA H 293 -35.84 10.75 -48.30
CA ALA H 293 -36.89 9.92 -48.89
C ALA H 293 -38.25 10.37 -48.37
N THR H 294 -38.63 9.88 -47.18
CA THR H 294 -39.88 10.29 -46.56
C THR H 294 -39.87 11.75 -46.11
N GLY H 295 -38.73 12.43 -46.20
CA GLY H 295 -38.63 13.82 -45.81
C GLY H 295 -38.76 14.10 -44.34
N LYS H 296 -38.96 13.08 -43.50
CA LYS H 296 -39.17 13.26 -42.08
C LYS H 296 -37.89 12.98 -41.31
N GLN H 297 -37.89 13.40 -40.04
CA GLN H 297 -36.75 13.19 -39.16
C GLN H 297 -36.76 11.78 -38.60
N MET H 298 -35.58 11.16 -38.54
CA MET H 298 -35.52 9.72 -38.26
C MET H 298 -36.02 9.38 -36.86
N ASP H 299 -35.74 10.24 -35.88
CA ASP H 299 -36.19 9.98 -34.52
C ASP H 299 -37.66 10.31 -34.30
N HIS H 300 -38.38 10.71 -35.36
CA HIS H 300 -39.83 10.89 -35.29
C HIS H 300 -40.48 9.54 -35.61
N ILE H 301 -40.43 8.64 -34.62
CA ILE H 301 -40.80 7.24 -34.84
C ILE H 301 -42.16 6.89 -34.26
N ALA H 302 -42.76 7.76 -33.43
CA ALA H 302 -44.07 7.44 -32.86
C ALA H 302 -45.10 7.04 -33.91
N PRO H 303 -45.17 7.67 -35.08
CA PRO H 303 -46.18 7.25 -36.07
C PRO H 303 -46.02 5.80 -36.50
N PHE H 304 -44.79 5.28 -36.52
CA PHE H 304 -44.61 3.87 -36.85
C PHE H 304 -45.36 2.98 -35.86
N ILE H 305 -45.24 3.27 -34.57
CA ILE H 305 -45.92 2.45 -33.57
C ILE H 305 -47.42 2.71 -33.62
N GLN H 306 -47.83 3.94 -33.98
N GLN H 306 -47.83 3.94 -33.97
CA GLN H 306 -49.25 4.25 -34.09
CA GLN H 306 -49.26 4.23 -34.09
C GLN H 306 -49.89 3.50 -35.25
C GLN H 306 -49.89 3.46 -35.24
N LYS H 307 -49.15 3.22 -36.31
CA LYS H 307 -49.70 2.56 -37.50
C LYS H 307 -49.54 1.05 -37.48
N PHE H 308 -48.85 0.47 -36.48
CA PHE H 308 -48.71 -0.97 -36.44
C PHE H 308 -50.07 -1.63 -36.28
N ASP H 309 -50.52 -2.33 -37.33
CA ASP H 309 -51.85 -2.93 -37.35
C ASP H 309 -52.03 -4.03 -36.31
N PHE H 310 -50.93 -4.58 -35.79
CA PHE H 310 -51.02 -5.73 -34.89
C PHE H 310 -51.06 -5.34 -33.42
N LEU H 311 -51.14 -4.05 -33.10
CA LEU H 311 -51.23 -3.58 -31.73
C LEU H 311 -52.60 -2.94 -31.52
N SER H 312 -53.25 -3.28 -30.40
CA SER H 312 -54.50 -2.66 -30.03
C SER H 312 -54.25 -1.29 -29.41
N ASP H 313 -55.33 -0.50 -29.33
CA ASP H 313 -55.22 0.82 -28.71
C ASP H 313 -54.73 0.72 -27.27
N ALA H 314 -55.08 -0.36 -26.57
CA ALA H 314 -54.55 -0.57 -25.23
C ALA H 314 -53.05 -0.83 -25.25
N ASP H 315 -52.57 -1.67 -26.18
CA ASP H 315 -51.13 -1.90 -26.28
C ASP H 315 -50.40 -0.59 -26.61
N LYS H 316 -51.00 0.24 -27.46
CA LYS H 316 -50.37 1.51 -27.81
C LYS H 316 -50.35 2.45 -26.62
N LYS H 317 -51.42 2.48 -25.82
CA LYS H 317 -51.41 3.29 -24.61
C LYS H 317 -50.35 2.78 -23.63
N LEU H 318 -50.15 1.47 -23.58
CA LEU H 318 -49.07 0.92 -22.75
C LEU H 318 -47.72 1.44 -23.21
N ILE H 319 -47.42 1.29 -24.50
CA ILE H 319 -46.12 1.73 -25.01
C ILE H 319 -45.94 3.22 -24.78
N PHE H 320 -47.01 4.01 -24.95
CA PHE H 320 -46.86 5.46 -25.04
C PHE H 320 -46.95 6.18 -23.69
N GLU H 321 -47.49 5.55 -22.64
CA GLU H 321 -47.48 6.24 -21.35
C GLU H 321 -47.61 5.33 -20.14
N ASP H 322 -48.48 4.32 -20.18
CA ASP H 322 -48.78 3.58 -18.96
C ASP H 322 -47.54 2.90 -18.38
N ASN H 323 -46.77 2.23 -19.24
CA ASN H 323 -45.58 1.55 -18.74
C ASN H 323 -44.59 2.54 -18.14
N ALA H 324 -44.48 3.74 -18.72
CA ALA H 324 -43.61 4.75 -18.14
C ALA H 324 -44.14 5.23 -16.79
N ARG H 325 -45.45 5.49 -16.70
CA ARG H 325 -46.05 5.88 -15.44
C ARG H 325 -45.77 4.86 -14.34
N LYS H 326 -45.87 3.57 -14.67
CA LYS H 326 -45.66 2.54 -13.67
C LYS H 326 -44.19 2.43 -13.30
N VAL H 327 -43.31 2.37 -14.31
CA VAL H 327 -41.90 2.11 -14.07
C VAL H 327 -41.24 3.32 -13.41
N PHE H 328 -41.43 4.50 -13.97
CA PHE H 328 -40.81 5.72 -13.47
C PHE H 328 -41.68 6.45 -12.45
N ASN H 329 -42.73 5.80 -11.94
CA ASN H 329 -43.53 6.35 -10.85
C ASN H 329 -43.90 7.80 -11.11
N LEU H 330 -44.51 8.05 -12.27
CA LEU H 330 -44.87 9.40 -12.67
C LEU H 330 -46.18 9.81 -12.01
N GLU H 331 -46.24 11.04 -11.52
CA GLU H 331 -47.47 11.59 -10.94
C GLU H 331 -48.59 11.58 -11.95
N MET I 1 5.59 53.08 -23.87
CA MET I 1 4.37 52.23 -23.76
C MET I 1 4.72 50.96 -22.99
N ILE I 2 3.69 50.24 -22.52
CA ILE I 2 3.88 49.02 -21.75
C ILE I 2 3.32 47.84 -22.55
N ILE I 3 4.20 46.90 -22.88
CA ILE I 3 3.83 45.68 -23.60
C ILE I 3 3.93 44.52 -22.62
N ASP I 4 2.80 43.85 -22.38
CA ASP I 4 2.71 42.71 -21.48
C ASP I 4 2.88 41.44 -22.31
N CYS I 5 3.99 40.73 -22.12
CA CYS I 5 4.36 39.62 -22.97
C CYS I 5 3.79 38.28 -22.49
N HIS I 6 3.00 38.26 -21.42
CA HIS I 6 2.47 37.01 -20.87
C HIS I 6 1.01 37.24 -20.48
N GLY I 7 0.11 37.02 -21.43
CA GLY I 7 -1.31 37.00 -21.15
C GLY I 7 -1.95 35.80 -21.82
N HIS I 8 -3.12 35.44 -21.32
CA HIS I 8 -3.84 34.28 -21.82
C HIS I 8 -5.25 34.69 -22.25
N VAL I 9 -5.68 34.15 -23.38
CA VAL I 9 -6.93 34.59 -23.99
C VAL I 9 -8.09 34.42 -23.00
N SER I 10 -8.93 35.44 -22.95
CA SER I 10 -10.25 35.33 -22.30
C SER I 10 -11.23 34.97 -23.41
N ALA I 11 -11.53 33.70 -23.51
CA ALA I 11 -12.32 33.24 -24.65
C ALA I 11 -13.77 33.01 -24.24
N PRO I 12 -14.71 33.15 -25.18
CA PRO I 12 -16.10 32.82 -24.87
C PRO I 12 -16.21 31.37 -24.41
N VAL I 13 -17.24 31.12 -23.60
CA VAL I 13 -17.43 29.81 -22.99
C VAL I 13 -17.52 28.70 -24.03
N GLU I 14 -17.91 29.02 -25.27
CA GLU I 14 -18.10 27.99 -26.28
C GLU I 14 -16.83 27.20 -26.56
N LEU I 15 -15.66 27.84 -26.40
CA LEU I 15 -14.40 27.17 -26.67
C LEU I 15 -14.17 26.00 -25.71
N TRP I 16 -14.34 26.23 -24.42
CA TRP I 16 -14.12 25.19 -23.43
C TRP I 16 -15.14 24.06 -23.59
N ALA I 17 -16.39 24.42 -23.90
CA ALA I 17 -17.39 23.41 -24.21
C ALA I 17 -16.99 22.59 -25.43
N TYR I 18 -16.33 23.22 -26.42
CA TYR I 18 -15.83 22.46 -27.56
C TYR I 18 -14.80 21.44 -27.11
N LYS I 19 -13.90 21.84 -26.20
CA LYS I 19 -12.97 20.87 -25.63
C LYS I 19 -13.72 19.69 -25.02
N ALA I 20 -14.72 19.98 -24.19
CA ALA I 20 -15.45 18.91 -23.52
C ALA I 20 -16.12 17.98 -24.52
N SER I 21 -16.69 18.55 -25.59
CA SER I 21 -17.33 17.75 -26.63
C SER I 21 -16.33 16.86 -27.35
N LEU I 22 -15.16 17.42 -27.71
CA LEU I 22 -14.12 16.61 -28.33
C LEU I 22 -13.75 15.43 -27.43
N LEU I 23 -13.63 15.68 -26.14
CA LEU I 23 -13.32 14.58 -25.22
C LEU I 23 -14.47 13.59 -25.14
N ALA I 24 -15.70 14.05 -25.35
CA ALA I 24 -16.86 13.15 -25.24
C ALA I 24 -16.94 12.20 -26.44
N HIS I 25 -16.88 12.73 -27.66
CA HIS I 25 -17.00 11.88 -28.84
C HIS I 25 -15.65 11.45 -29.42
N ARG I 26 -14.54 11.99 -28.90
CA ARG I 26 -13.19 11.52 -29.23
C ARG I 26 -12.96 11.40 -30.74
N GLY I 27 -13.60 12.28 -31.51
CA GLY I 27 -13.39 12.36 -32.93
C GLY I 27 -14.44 11.72 -33.80
N SER I 28 -15.40 10.99 -33.22
CA SER I 28 -16.39 10.29 -34.03
C SER I 28 -17.44 11.22 -34.62
N HIS I 29 -17.43 12.50 -34.26
CA HIS I 29 -18.29 13.50 -34.88
C HIS I 29 -17.55 14.32 -35.92
N GLY I 30 -16.31 13.97 -36.24
CA GLY I 30 -15.49 14.79 -37.11
C GLY I 30 -14.84 15.93 -36.36
N ARG I 31 -14.00 16.67 -37.08
CA ARG I 31 -13.28 17.78 -36.47
C ARG I 31 -14.23 18.83 -35.93
N GLY I 32 -15.20 19.25 -36.75
CA GLY I 32 -16.11 20.29 -36.32
C GLY I 32 -15.38 21.61 -36.16
N GLY I 33 -15.69 22.31 -35.07
CA GLY I 33 -15.08 23.58 -34.80
C GLY I 33 -15.92 24.39 -33.84
N VAL I 34 -15.35 25.52 -33.42
CA VAL I 34 -16.00 26.39 -32.45
C VAL I 34 -16.89 27.39 -33.19
N LYS I 35 -18.18 27.38 -32.89
CA LYS I 35 -19.14 28.29 -33.50
C LYS I 35 -19.39 29.44 -32.54
N VAL I 36 -18.75 30.59 -32.81
CA VAL I 36 -18.95 31.79 -32.01
C VAL I 36 -18.92 33.01 -32.93
N THR I 37 -19.67 34.03 -32.53
CA THR I 37 -19.74 35.27 -33.29
C THR I 37 -18.63 36.22 -32.85
N ASP I 38 -18.37 37.22 -33.70
CA ASP I 38 -17.34 38.21 -33.37
C ASP I 38 -17.69 38.95 -32.09
N GLU I 39 -18.98 39.23 -31.88
CA GLU I 39 -19.37 39.97 -30.69
C GLU I 39 -19.22 39.14 -29.42
N GLN I 40 -19.46 37.82 -29.51
CA GLN I 40 -19.16 36.95 -28.37
C GLN I 40 -17.68 36.99 -28.04
N ILE I 41 -16.83 36.90 -29.05
CA ILE I 41 -15.38 36.96 -28.83
C ILE I 41 -15.00 38.26 -28.15
N ILE I 42 -15.51 39.39 -28.66
CA ILE I 42 -15.19 40.69 -28.08
C ILE I 42 -15.70 40.76 -26.65
N ALA I 43 -16.96 40.38 -26.42
CA ALA I 43 -17.55 40.46 -25.09
C ALA I 43 -16.73 39.67 -24.08
N ALA I 44 -16.19 38.51 -24.49
CA ALA I 44 -15.40 37.69 -23.59
C ALA I 44 -14.22 38.47 -23.02
N ALA I 45 -13.68 39.42 -23.79
CA ALA I 45 -12.55 40.22 -23.32
C ALA I 45 -12.96 41.36 -22.41
N HIS I 46 -14.26 41.55 -22.17
CA HIS I 46 -14.73 42.55 -21.23
C HIS I 46 -15.47 41.95 -20.03
N HIS I 47 -15.79 40.67 -20.04
CA HIS I 47 -16.66 40.13 -19.00
C HIS I 47 -15.93 40.03 -17.67
N LYS I 48 -16.61 40.48 -16.60
CA LYS I 48 -16.03 40.44 -15.27
C LYS I 48 -15.51 39.04 -14.93
N GLU I 49 -16.31 38.03 -15.21
CA GLU I 49 -15.92 36.64 -14.98
C GLU I 49 -15.64 36.51 -13.48
N THR I 50 -14.48 36.00 -13.08
CA THR I 50 -14.13 35.91 -11.66
C THR I 50 -13.25 37.07 -11.20
N TRP I 51 -12.82 37.94 -12.10
CA TRP I 51 -11.86 38.99 -11.79
C TRP I 51 -12.59 40.22 -11.25
N PRO I 52 -11.85 41.17 -10.69
CA PRO I 52 -12.48 42.43 -10.24
C PRO I 52 -13.09 43.23 -11.38
N ASP I 53 -12.65 43.02 -12.61
CA ASP I 53 -13.19 43.74 -13.77
C ASP I 53 -12.91 42.91 -15.01
N GLY I 54 -13.25 43.47 -16.17
CA GLY I 54 -12.98 42.79 -17.41
C GLY I 54 -11.50 42.78 -17.74
N HIS I 55 -11.15 41.88 -18.66
CA HIS I 55 -9.76 41.74 -19.10
C HIS I 55 -9.20 43.09 -19.57
N ILE I 56 -9.83 43.65 -20.61
CA ILE I 56 -9.34 44.91 -21.18
C ILE I 56 -9.40 46.03 -20.14
N GLU I 57 -10.47 46.04 -19.33
CA GLU I 57 -10.59 47.07 -18.30
C GLU I 57 -9.41 47.02 -17.33
N LEU I 58 -9.05 45.81 -16.88
CA LEU I 58 -7.92 45.67 -15.97
C LEU I 58 -6.64 46.16 -16.63
N LEU I 59 -6.41 45.77 -17.89
CA LEU I 59 -5.21 46.24 -18.57
C LEU I 59 -5.17 47.77 -18.64
N HIS I 60 -6.31 48.40 -18.92
CA HIS I 60 -6.36 49.86 -18.94
C HIS I 60 -6.02 50.43 -17.57
N ASN I 61 -6.67 49.90 -16.51
CA ASN I 61 -6.38 50.37 -15.16
C ASN I 61 -4.90 50.30 -14.85
N HIS I 62 -4.24 49.23 -15.28
CA HIS I 62 -2.83 49.04 -14.96
C HIS I 62 -1.89 49.83 -15.89
N GLY I 63 -2.41 50.45 -16.93
CA GLY I 63 -1.56 51.20 -17.84
C GLY I 63 -0.86 50.37 -18.88
N THR I 64 -1.28 49.12 -19.08
CA THR I 64 -0.71 48.28 -20.13
C THR I 64 -1.36 48.62 -21.46
N ASP I 65 -0.55 48.98 -22.44
CA ASP I 65 -1.08 49.41 -23.73
C ASP I 65 -1.43 48.23 -24.61
N MET I 66 -0.59 47.20 -24.63
CA MET I 66 -0.82 46.01 -25.45
C MET I 66 -0.35 44.78 -24.71
N GLN I 67 -0.97 43.64 -25.02
CA GLN I 67 -0.64 42.39 -24.38
C GLN I 67 -0.60 41.28 -25.43
N LEU I 68 0.43 40.43 -25.34
CA LEU I 68 0.53 39.23 -26.15
C LEU I 68 -0.25 38.11 -25.46
N ILE I 69 -1.30 37.62 -26.12
CA ILE I 69 -2.14 36.58 -25.53
C ILE I 69 -1.84 35.25 -26.19
N SER I 70 -1.78 34.22 -25.37
CA SER I 70 -1.57 32.84 -25.80
C SER I 70 -2.69 32.00 -25.22
N PRO I 71 -2.76 30.70 -25.56
CA PRO I 71 -3.79 29.85 -24.95
C PRO I 71 -3.65 29.85 -23.43
N ARG I 72 -4.76 29.54 -22.74
CA ARG I 72 -4.64 29.30 -21.30
C ARG I 72 -4.03 27.91 -21.18
N PRO I 73 -2.76 27.81 -20.77
CA PRO I 73 -2.02 26.55 -20.97
C PRO I 73 -2.61 25.34 -20.28
N PHE I 74 -3.26 25.51 -19.13
CA PHE I 74 -3.70 24.35 -18.36
C PHE I 74 -4.90 23.64 -18.98
N GLN I 75 -5.45 24.16 -20.08
CA GLN I 75 -6.52 23.51 -20.81
C GLN I 75 -6.04 22.67 -21.99
N MET I 76 -4.76 22.76 -22.35
CA MET I 76 -4.28 22.22 -23.61
C MET I 76 -4.11 20.70 -23.62
N MET I 77 -4.21 20.05 -22.46
CA MET I 77 -4.39 18.59 -22.35
C MET I 77 -3.48 17.83 -23.33
N ASN I 78 -2.17 18.11 -23.23
CA ASN I 78 -1.21 17.47 -24.12
C ASN I 78 -1.05 15.97 -23.85
N SER I 79 -1.47 15.49 -22.68
CA SER I 79 -1.42 14.07 -22.38
C SER I 79 -2.71 13.34 -22.74
N ALA I 80 -3.67 14.03 -23.34
CA ALA I 80 -4.96 13.44 -23.61
C ALA I 80 -4.89 12.51 -24.81
N LYS I 81 -5.82 11.56 -24.85
CA LYS I 81 -5.96 10.66 -25.98
C LYS I 81 -7.38 10.73 -26.51
N PRO I 82 -7.59 10.56 -27.83
CA PRO I 82 -6.58 10.32 -28.87
C PRO I 82 -5.86 11.60 -29.27
N ALA I 83 -4.75 11.45 -30.01
CA ALA I 83 -3.89 12.59 -30.32
C ALA I 83 -4.62 13.65 -31.15
N ARG I 84 -5.54 13.23 -32.01
CA ARG I 84 -6.15 14.18 -32.94
C ARG I 84 -6.99 15.22 -32.21
N VAL I 85 -7.56 14.90 -31.05
CA VAL I 85 -8.33 15.92 -30.33
C VAL I 85 -7.39 16.96 -29.75
N VAL I 86 -6.21 16.55 -29.29
CA VAL I 86 -5.19 17.53 -28.87
C VAL I 86 -4.87 18.45 -30.04
N HIS I 87 -4.53 17.88 -31.20
CA HIS I 87 -4.22 18.71 -32.35
C HIS I 87 -5.37 19.67 -32.67
N TRP I 88 -6.59 19.13 -32.79
CA TRP I 88 -7.74 19.93 -33.17
C TRP I 88 -7.99 21.07 -32.20
N PHE I 89 -7.97 20.76 -30.89
CA PHE I 89 -8.25 21.80 -29.91
C PHE I 89 -7.19 22.88 -29.96
N CYS I 90 -5.92 22.50 -30.09
CA CYS I 90 -4.88 23.53 -30.21
C CYS I 90 -5.15 24.41 -31.42
N GLU I 91 -5.52 23.80 -32.55
CA GLU I 91 -5.78 24.56 -33.77
C GLU I 91 -6.95 25.52 -33.57
N GLU I 92 -8.02 25.07 -32.90
CA GLU I 92 -9.18 25.92 -32.72
C GLU I 92 -8.88 27.06 -31.75
N VAL I 93 -8.11 26.78 -30.69
CA VAL I 93 -7.70 27.84 -29.77
C VAL I 93 -6.89 28.90 -30.52
N ASN I 94 -5.94 28.45 -31.36
CA ASN I 94 -5.13 29.40 -32.12
C ASN I 94 -5.99 30.23 -33.06
N THR I 95 -6.97 29.59 -33.71
CA THR I 95 -7.87 30.32 -34.60
C THR I 95 -8.67 31.37 -33.84
N LEU I 96 -9.15 31.02 -32.65
CA LEU I 96 -9.95 31.97 -31.88
C LEU I 96 -9.10 33.13 -31.38
N ILE I 97 -7.86 32.86 -30.98
CA ILE I 97 -6.94 33.93 -30.61
C ILE I 97 -6.71 34.85 -31.80
N HIS I 98 -6.53 34.29 -32.99
CA HIS I 98 -6.35 35.09 -34.19
C HIS I 98 -7.56 36.00 -34.41
N ARG I 99 -8.76 35.43 -34.33
CA ARG I 99 -9.97 36.24 -34.53
C ARG I 99 -10.06 37.37 -33.51
N GLN I 100 -9.76 37.08 -32.24
CA GLN I 100 -9.84 38.11 -31.22
C GLN I 100 -8.83 39.22 -31.48
N CYS I 101 -7.58 38.86 -31.79
CA CYS I 101 -6.57 39.87 -32.07
C CYS I 101 -6.94 40.69 -33.30
N THR I 102 -7.64 40.09 -34.25
CA THR I 102 -8.10 40.84 -35.42
C THR I 102 -9.23 41.79 -35.03
N LEU I 103 -10.10 41.36 -34.13
CA LEU I 103 -11.25 42.17 -33.71
C LEU I 103 -10.84 43.25 -32.72
N ILE I 104 -9.75 43.07 -31.99
CA ILE I 104 -9.32 44.00 -30.95
C ILE I 104 -7.84 44.31 -31.16
N PRO I 105 -7.45 44.80 -32.34
CA PRO I 105 -6.01 44.98 -32.62
C PRO I 105 -5.36 46.09 -31.83
N GLU I 106 -6.12 46.90 -31.10
CA GLU I 106 -5.53 48.00 -30.33
C GLU I 106 -4.81 47.52 -29.08
N MET I 107 -4.94 46.24 -28.70
CA MET I 107 -4.25 45.77 -27.50
C MET I 107 -3.69 44.35 -27.58
N PHE I 108 -4.25 43.46 -28.40
CA PHE I 108 -3.92 42.04 -28.32
C PHE I 108 -3.04 41.62 -29.48
N ILE I 109 -1.95 40.94 -29.16
CA ILE I 109 -1.01 40.39 -30.14
C ILE I 109 -1.07 38.87 -30.03
N PRO I 110 -1.10 38.13 -31.14
CA PRO I 110 -1.34 36.68 -31.05
C PRO I 110 -0.07 35.85 -30.85
N VAL I 111 -0.10 34.99 -29.83
CA VAL I 111 0.94 34.00 -29.59
C VAL I 111 0.27 32.63 -29.60
N ALA I 112 0.89 31.67 -30.29
CA ALA I 112 0.26 30.40 -30.62
C ALA I 112 0.62 29.31 -29.64
N GLY I 113 -0.26 28.31 -29.56
CA GLY I 113 0.04 27.06 -28.90
C GLY I 113 0.52 26.02 -29.90
N LEU I 114 1.30 25.06 -29.39
CA LEU I 114 1.79 23.97 -30.23
C LEU I 114 0.99 22.71 -29.97
N PRO I 115 0.48 22.02 -31.00
CA PRO I 115 -0.25 20.77 -30.75
C PRO I 115 0.69 19.66 -30.34
N GLN I 116 1.37 19.83 -29.21
CA GLN I 116 2.30 18.81 -28.72
C GLN I 116 1.51 17.67 -28.10
N VAL I 117 1.62 16.50 -28.70
CA VAL I 117 1.07 15.27 -28.14
C VAL I 117 2.22 14.53 -27.47
N ALA I 118 2.01 14.12 -26.22
CA ALA I 118 3.02 13.36 -25.50
C ALA I 118 3.46 12.17 -26.33
N GLY I 119 4.77 12.03 -26.52
CA GLY I 119 5.34 10.92 -27.27
C GLY I 119 5.48 11.15 -28.75
N GLU I 120 4.79 12.14 -29.31
CA GLU I 120 4.86 12.39 -30.74
C GLU I 120 6.16 13.13 -31.09
N PRO I 121 6.77 12.80 -32.24
CA PRO I 121 7.94 13.59 -32.68
C PRO I 121 7.56 15.04 -32.86
N ILE I 122 8.53 15.93 -32.59
CA ILE I 122 8.20 17.34 -32.48
C ILE I 122 7.82 17.92 -33.84
N GLU I 123 8.31 17.34 -34.93
CA GLU I 123 7.94 17.84 -36.25
C GLU I 123 6.44 17.86 -36.46
N ASN I 124 5.69 17.10 -35.66
CA ASN I 124 4.24 17.06 -35.78
C ASN I 124 3.56 18.38 -35.45
N VAL I 125 4.28 19.36 -34.89
CA VAL I 125 3.71 20.68 -34.69
C VAL I 125 4.00 21.62 -35.86
N PHE I 126 4.98 21.29 -36.70
CA PHE I 126 5.42 22.21 -37.75
C PHE I 126 4.25 22.75 -38.55
N ALA I 127 3.36 21.86 -38.99
CA ALA I 127 2.22 22.30 -39.81
C ALA I 127 1.48 23.44 -39.12
N GLU I 128 1.04 23.22 -37.87
CA GLU I 128 0.29 24.27 -37.18
C GLU I 128 1.14 25.53 -37.08
N MET I 129 2.43 25.39 -36.79
CA MET I 129 3.30 26.56 -36.74
C MET I 129 3.15 27.36 -38.03
N ASP I 130 3.27 26.67 -39.18
CA ASP I 130 3.14 27.37 -40.46
C ASP I 130 1.80 28.09 -40.55
N ARG I 131 0.71 27.40 -40.20
CA ARG I 131 -0.60 28.03 -40.30
C ARG I 131 -0.65 29.28 -39.44
N CYS I 132 0.01 29.25 -38.27
CA CYS I 132 0.02 30.41 -37.40
C CYS I 132 0.95 31.50 -37.91
N VAL I 133 2.03 31.12 -38.58
CA VAL I 133 2.96 32.12 -39.09
C VAL I 133 2.28 32.98 -40.13
N SER I 134 1.59 32.35 -41.07
CA SER I 134 0.86 33.10 -42.09
C SER I 134 -0.30 33.89 -41.51
N MET I 135 -0.67 33.64 -40.26
CA MET I 135 -1.72 34.42 -39.60
C MET I 135 -1.15 35.58 -38.79
N GLY I 136 0.16 35.75 -38.73
CA GLY I 136 0.78 36.84 -38.01
C GLY I 136 1.19 36.54 -36.58
N PHE I 137 1.14 35.28 -36.16
CA PHE I 137 1.53 34.94 -34.81
C PHE I 137 3.00 35.24 -34.58
N LYS I 138 3.33 35.62 -33.34
CA LYS I 138 4.61 36.24 -33.00
C LYS I 138 5.47 35.38 -32.08
N GLY I 139 5.03 34.15 -31.79
CA GLY I 139 5.77 33.29 -30.90
C GLY I 139 4.94 32.06 -30.57
N PHE I 140 5.59 31.11 -29.92
CA PHE I 140 4.97 29.82 -29.64
C PHE I 140 5.22 29.43 -28.19
N LEU I 141 4.18 28.99 -27.51
CA LEU I 141 4.35 28.40 -26.18
C LEU I 141 4.96 27.01 -26.32
N LEU I 142 6.05 26.76 -25.60
CA LEU I 142 6.75 25.48 -25.66
C LEU I 142 6.61 24.78 -24.31
N ASN I 143 5.97 23.62 -24.32
CA ASN I 143 5.72 22.86 -23.09
C ASN I 143 6.79 21.80 -22.92
N PRO I 144 7.64 21.88 -21.89
CA PRO I 144 8.66 20.82 -21.70
C PRO I 144 8.09 19.50 -21.24
N ASP I 145 6.87 19.48 -20.70
CA ASP I 145 6.27 18.26 -20.14
C ASP I 145 4.89 18.04 -20.76
N PRO I 146 4.83 17.62 -22.02
CA PRO I 146 3.54 17.24 -22.60
C PRO I 146 2.91 16.00 -21.97
N TYR I 147 3.66 15.25 -21.17
CA TYR I 147 3.08 14.16 -20.41
C TYR I 147 2.27 14.66 -19.22
N GLU I 148 2.44 15.91 -18.83
CA GLU I 148 1.62 16.56 -17.80
C GLU I 148 1.74 15.82 -16.46
N ASN I 149 2.98 15.75 -15.96
CA ASN I 149 3.29 15.15 -14.67
C ASN I 149 2.69 13.74 -14.58
N GLY I 150 2.96 12.94 -15.60
CA GLY I 150 2.46 11.58 -15.67
C GLY I 150 3.50 10.56 -15.27
N ALA I 151 3.18 9.29 -15.55
CA ALA I 151 4.13 8.22 -15.27
C ALA I 151 5.41 8.40 -16.08
N GLU I 152 5.29 8.85 -17.33
CA GLU I 152 6.43 9.07 -18.20
C GLU I 152 6.70 10.57 -18.34
N GLU I 153 7.83 10.88 -18.97
CA GLU I 153 8.20 12.26 -19.23
C GLU I 153 8.92 12.34 -20.56
N ALA I 154 8.88 13.52 -21.17
CA ALA I 154 9.56 13.77 -22.42
C ALA I 154 11.06 13.86 -22.19
N PRO I 155 11.87 13.84 -23.25
CA PRO I 155 13.31 14.05 -23.09
C PRO I 155 13.62 15.45 -22.61
N PRO I 156 14.76 15.66 -21.96
CA PRO I 156 15.13 17.03 -21.58
C PRO I 156 15.35 17.90 -22.81
N LEU I 157 15.26 19.22 -22.62
CA LEU I 157 15.31 20.13 -23.76
C LEU I 157 16.66 20.09 -24.48
N GLY I 158 17.69 19.53 -23.88
CA GLY I 158 18.96 19.38 -24.57
C GLY I 158 19.04 18.18 -25.48
N ASP I 159 18.04 17.30 -25.44
CA ASP I 159 18.03 16.08 -26.23
C ASP I 159 17.71 16.41 -27.70
N ARG I 160 18.31 15.64 -28.61
CA ARG I 160 18.11 15.86 -30.03
C ARG I 160 16.63 15.83 -30.42
N TYR I 161 15.78 15.20 -29.61
CA TYR I 161 14.36 15.14 -29.91
C TYR I 161 13.78 16.52 -30.21
N TRP I 162 14.27 17.56 -29.53
CA TRP I 162 13.76 18.91 -29.71
C TRP I 162 14.51 19.71 -30.78
N TYR I 163 15.67 19.23 -31.23
CA TYR I 163 16.47 20.02 -32.16
C TYR I 163 15.72 20.40 -33.43
N PRO I 164 14.87 19.56 -34.02
CA PRO I 164 14.11 20.02 -35.20
C PRO I 164 13.28 21.27 -34.93
N LEU I 165 12.71 21.38 -33.73
CA LEU I 165 11.93 22.57 -33.40
C LEU I 165 12.81 23.81 -33.32
N TYR I 166 13.90 23.72 -32.54
CA TYR I 166 14.81 24.85 -32.39
C TYR I 166 15.23 25.39 -33.74
N GLU I 167 15.77 24.52 -34.59
CA GLU I 167 16.18 24.94 -35.93
C GLU I 167 15.05 25.65 -36.66
N LYS I 168 13.85 25.08 -36.63
CA LYS I 168 12.74 25.73 -37.31
C LYS I 168 12.49 27.11 -36.71
N LEU I 169 12.52 27.20 -35.38
CA LEU I 169 12.37 28.49 -34.73
C LEU I 169 13.42 29.48 -35.22
N CYS I 170 14.65 29.01 -35.44
CA CYS I 170 15.68 29.91 -35.94
C CYS I 170 15.39 30.31 -37.38
N GLU I 171 14.81 29.41 -38.18
CA GLU I 171 14.47 29.76 -39.56
C GLU I 171 13.43 30.86 -39.60
N LEU I 172 12.39 30.74 -38.77
CA LEU I 172 11.40 31.79 -38.62
C LEU I 172 11.90 32.96 -37.78
N ASP I 173 13.06 32.81 -37.14
CA ASP I 173 13.53 33.76 -36.13
C ASP I 173 12.37 34.20 -35.24
N LEU I 174 11.68 33.22 -34.68
CA LEU I 174 10.60 33.46 -33.73
C LEU I 174 10.93 32.78 -32.40
N PRO I 175 10.40 33.29 -31.29
CA PRO I 175 10.79 32.79 -29.98
C PRO I 175 9.90 31.67 -29.47
N ALA I 176 10.47 30.87 -28.58
CA ALA I 176 9.74 29.87 -27.83
C ALA I 176 9.51 30.39 -26.41
N HIS I 177 8.25 30.42 -25.98
CA HIS I 177 7.89 30.85 -24.64
C HIS I 177 7.64 29.61 -23.79
N ILE I 178 8.60 29.29 -22.91
CA ILE I 178 8.53 28.10 -22.08
C ILE I 178 7.32 28.18 -21.17
N HIS I 179 6.41 27.22 -21.28
CA HIS I 179 5.23 27.21 -20.41
C HIS I 179 4.71 25.78 -20.31
N ALA I 180 4.62 25.26 -19.09
CA ALA I 180 4.01 23.96 -18.90
C ALA I 180 2.48 24.09 -18.98
N THR I 181 1.80 22.94 -19.04
CA THR I 181 0.35 22.94 -19.15
C THR I 181 -0.29 22.38 -17.88
N GLY I 182 -1.10 21.33 -18.01
CA GLY I 182 -1.73 20.73 -16.86
C GLY I 182 -0.80 19.79 -16.12
N SER I 183 -1.30 19.28 -14.99
CA SER I 183 -0.55 18.37 -14.15
C SER I 183 -1.48 17.33 -13.57
N GLN I 184 -1.13 16.06 -13.73
CA GLN I 184 -1.94 14.95 -13.22
C GLN I 184 -1.55 14.54 -11.80
N SER I 185 -0.75 15.35 -11.12
CA SER I 185 -0.25 15.00 -9.79
C SER I 185 -1.19 15.51 -8.71
N GLU I 186 -1.45 14.66 -7.71
CA GLU I 186 -2.15 15.09 -6.51
C GLU I 186 -1.26 15.93 -5.61
N ARG I 187 0.05 15.75 -5.68
CA ARG I 187 0.96 16.54 -4.85
C ARG I 187 1.14 17.93 -5.41
N SER I 188 1.35 18.04 -6.71
N SER I 188 1.36 18.03 -6.72
CA SER I 188 1.76 19.29 -7.36
CA SER I 188 1.76 19.29 -7.37
C SER I 188 0.70 19.74 -8.34
C SER I 188 0.69 19.72 -8.35
N PRO I 189 -0.18 20.67 -7.98
CA PRO I 189 -1.18 21.16 -8.93
C PRO I 189 -0.52 21.99 -10.03
N TYR I 190 -1.33 22.34 -11.03
CA TYR I 190 -0.77 22.89 -12.26
C TYR I 190 0.00 24.19 -12.03
N SER I 191 -0.50 25.03 -11.10
CA SER I 191 0.13 26.32 -10.88
C SER I 191 1.54 26.20 -10.31
N LEU I 192 1.78 25.17 -9.51
CA LEU I 192 3.12 24.89 -9.00
C LEU I 192 3.95 24.11 -10.01
N HIS I 193 3.29 23.25 -10.78
CA HIS I 193 3.98 22.51 -11.84
C HIS I 193 4.58 23.47 -12.87
N PHE I 194 3.90 24.59 -13.15
CA PHE I 194 4.51 25.63 -13.99
C PHE I 194 5.93 25.94 -13.51
N ILE I 195 6.07 26.22 -12.22
CA ILE I 195 7.35 26.66 -11.66
C ILE I 195 8.38 25.54 -11.76
N ASN I 196 7.98 24.33 -11.37
CA ASN I 196 8.94 23.22 -11.41
C ASN I 196 9.40 22.96 -12.84
N GLU I 197 8.48 23.05 -13.80
CA GLU I 197 8.84 22.77 -15.19
C GLU I 197 9.69 23.87 -15.77
N GLU I 198 9.45 25.12 -15.38
CA GLU I 198 10.34 26.19 -15.78
C GLU I 198 11.75 25.95 -15.26
N THR I 199 11.86 25.56 -13.99
CA THR I 199 13.18 25.27 -13.41
C THR I 199 13.87 24.16 -14.19
N ILE I 200 13.14 23.08 -14.50
CA ILE I 200 13.74 21.95 -15.21
C ILE I 200 14.15 22.36 -16.62
N ALA I 201 13.30 23.11 -17.32
CA ALA I 201 13.59 23.51 -18.69
C ALA I 201 14.82 24.41 -18.74
N THR I 202 14.88 25.38 -17.82
CA THR I 202 16.04 26.28 -17.80
C THR I 202 17.31 25.52 -17.45
N TYR I 203 17.24 24.61 -16.48
CA TYR I 203 18.39 23.79 -16.15
C TYR I 203 18.86 23.02 -17.38
N ASN I 204 17.93 22.35 -18.06
CA ASN I 204 18.29 21.62 -19.27
C ASN I 204 18.97 22.52 -20.28
N LEU I 205 18.39 23.68 -20.55
CA LEU I 205 18.94 24.57 -21.58
C LEU I 205 20.29 25.13 -21.18
N CYS I 206 20.62 25.18 -19.89
CA CYS I 206 21.89 25.76 -19.46
C CYS I 206 22.97 24.72 -19.15
N THR I 207 22.65 23.43 -19.23
CA THR I 207 23.65 22.37 -19.09
C THR I 207 23.73 21.51 -20.35
N SER I 208 23.39 22.08 -21.51
CA SER I 208 23.43 21.35 -22.77
C SER I 208 24.01 22.26 -23.85
N SER I 209 24.14 21.71 -25.05
CA SER I 209 24.76 22.40 -26.17
C SER I 209 23.75 23.14 -27.04
N VAL I 210 22.52 23.33 -26.56
CA VAL I 210 21.48 23.94 -27.40
C VAL I 210 21.97 25.25 -28.00
N PHE I 211 22.44 26.16 -27.16
CA PHE I 211 22.85 27.49 -27.64
C PHE I 211 24.18 27.48 -28.36
N ASP I 212 24.97 26.40 -28.24
CA ASP I 212 26.13 26.24 -29.12
C ASP I 212 25.69 25.94 -30.54
N ASP I 213 24.66 25.12 -30.70
CA ASP I 213 24.18 24.69 -32.01
C ASP I 213 23.16 25.64 -32.61
N PHE I 214 22.41 26.35 -31.77
CA PHE I 214 21.41 27.33 -32.21
C PHE I 214 21.63 28.64 -31.46
N PRO I 215 22.74 29.32 -31.74
CA PRO I 215 23.05 30.55 -30.98
C PRO I 215 22.04 31.67 -31.18
N GLN I 216 21.27 31.67 -32.28
CA GLN I 216 20.27 32.70 -32.53
C GLN I 216 18.87 32.32 -32.05
N LEU I 217 18.77 31.27 -31.23
CA LEU I 217 17.49 30.80 -30.73
C LEU I 217 17.00 31.68 -29.60
N LYS I 218 15.77 32.19 -29.73
CA LYS I 218 15.18 33.07 -28.72
C LYS I 218 14.26 32.25 -27.84
N VAL I 219 14.49 32.28 -26.52
CA VAL I 219 13.73 31.51 -25.55
C VAL I 219 13.37 32.41 -24.38
N VAL I 220 12.08 32.57 -24.12
CA VAL I 220 11.58 33.34 -22.99
C VAL I 220 11.04 32.35 -21.95
N VAL I 221 11.63 32.36 -20.76
CA VAL I 221 11.19 31.47 -19.68
C VAL I 221 10.16 32.19 -18.83
N SER I 222 9.04 31.52 -18.57
CA SER I 222 7.93 32.14 -17.84
C SER I 222 8.25 32.27 -16.35
N HIS I 223 7.49 33.17 -15.70
CA HIS I 223 7.53 33.34 -14.25
C HIS I 223 8.95 33.56 -13.74
N GLY I 224 9.71 34.38 -14.46
CA GLY I 224 11.06 34.73 -14.03
C GLY I 224 11.99 33.55 -13.86
N GLY I 225 11.82 32.51 -14.68
CA GLY I 225 12.73 31.38 -14.65
C GLY I 225 12.46 30.36 -13.55
N GLY I 226 11.23 30.29 -13.05
CA GLY I 226 10.90 29.32 -12.03
C GLY I 226 11.68 29.55 -10.76
N ALA I 227 12.63 28.66 -10.46
CA ALA I 227 13.45 28.77 -9.25
C ALA I 227 14.87 29.24 -9.55
N ILE I 228 15.25 29.32 -10.84
CA ILE I 228 16.67 29.41 -11.20
C ILE I 228 17.31 30.69 -10.69
N PRO I 229 16.78 31.88 -10.99
CA PRO I 229 17.46 33.10 -10.49
C PRO I 229 17.67 33.07 -8.99
N TYR I 230 16.74 32.46 -8.24
CA TYR I 230 16.85 32.36 -6.79
C TYR I 230 17.81 31.26 -6.37
N GLN I 231 17.84 30.15 -7.11
CA GLN I 231 18.68 28.99 -6.80
C GLN I 231 19.88 28.88 -7.72
N LEU I 232 20.35 30.01 -8.28
CA LEU I 232 21.38 29.97 -9.32
C LEU I 232 22.72 29.49 -8.79
N GLY I 233 23.06 29.80 -7.53
CA GLY I 233 24.40 29.57 -7.05
C GLY I 233 24.80 28.10 -7.07
N ARG I 234 23.89 27.22 -6.66
CA ARG I 234 24.22 25.79 -6.62
C ARG I 234 24.49 25.26 -8.02
N PHE I 235 23.73 25.73 -9.01
CA PHE I 235 23.91 25.25 -10.37
C PHE I 235 25.15 25.83 -11.03
N GLU I 236 25.51 27.08 -10.71
CA GLU I 236 26.78 27.62 -11.17
C GLU I 236 27.95 26.84 -10.57
N SER I 237 27.90 26.57 -9.26
CA SER I 237 28.95 25.81 -8.62
C SER I 237 29.09 24.43 -9.23
N GLN I 238 27.97 23.75 -9.48
CA GLN I 238 28.05 22.42 -10.09
C GLN I 238 28.51 22.51 -11.55
N SER I 239 28.17 23.59 -12.26
CA SER I 239 28.59 23.73 -13.64
C SER I 239 30.10 23.94 -13.74
N ARG I 240 30.71 24.50 -12.69
CA ARG I 240 32.16 24.66 -12.71
C ARG I 240 32.89 23.35 -13.00
N ARG I 241 32.30 22.22 -12.61
CA ARG I 241 32.90 20.91 -12.85
C ARG I 241 32.74 20.44 -14.29
N SER I 242 32.36 21.33 -15.22
CA SER I 242 32.18 20.96 -16.61
C SER I 242 32.94 21.94 -17.51
N LYS I 243 32.75 21.82 -18.83
CA LYS I 243 33.49 22.62 -19.81
C LYS I 243 32.66 23.77 -20.36
N HIS I 244 31.66 24.23 -19.59
CA HIS I 244 30.91 25.42 -19.94
C HIS I 244 29.98 25.79 -18.79
N LEU I 245 30.05 27.02 -18.32
CA LEU I 245 29.37 27.41 -17.08
C LEU I 245 27.87 27.60 -17.28
N PHE I 246 27.13 27.40 -16.19
CA PHE I 246 25.69 27.62 -16.21
C PHE I 246 25.37 29.04 -16.65
N SER I 247 26.10 30.02 -16.11
CA SER I 247 25.83 31.42 -16.43
C SER I 247 26.09 31.72 -17.90
N GLU I 248 27.07 31.05 -18.51
CA GLU I 248 27.33 31.25 -19.93
C GLU I 248 26.07 30.99 -20.76
N ARG I 249 25.48 29.79 -20.62
CA ARG I 249 24.26 29.49 -21.35
C ARG I 249 23.11 30.38 -20.89
N MET I 250 23.04 30.66 -19.59
CA MET I 250 21.90 31.40 -19.07
C MET I 250 21.87 32.84 -19.57
N ALA I 251 23.02 33.41 -19.93
CA ALA I 251 23.06 34.76 -20.46
C ALA I 251 22.38 34.88 -21.82
N LYS I 252 22.12 33.76 -22.49
CA LYS I 252 21.42 33.76 -23.77
C LYS I 252 19.90 33.79 -23.58
N LEU I 253 19.42 33.47 -22.39
CA LEU I 253 18.00 33.29 -22.14
C LEU I 253 17.32 34.61 -21.82
N TYR I 254 16.04 34.68 -22.19
CA TYR I 254 15.16 35.74 -21.74
C TYR I 254 14.20 35.21 -20.67
N PHE I 255 13.71 36.13 -19.85
CA PHE I 255 12.80 35.79 -18.75
C PHE I 255 11.72 36.85 -18.66
N ASP I 256 10.47 36.43 -18.53
CA ASP I 256 9.42 37.39 -18.28
C ASP I 256 9.33 37.67 -16.78
N THR I 257 8.65 38.77 -16.43
CA THR I 257 8.60 39.24 -15.06
C THR I 257 7.29 38.88 -14.36
N VAL I 258 6.67 37.77 -14.74
CA VAL I 258 5.44 37.37 -14.06
C VAL I 258 5.79 36.94 -12.64
N LEU I 259 6.07 37.93 -11.80
CA LEU I 259 6.34 37.75 -10.39
C LEU I 259 5.56 38.80 -9.62
N TYR I 260 4.98 38.43 -8.48
CA TYR I 260 4.03 39.28 -7.79
C TYR I 260 4.56 39.83 -6.47
N THR I 261 5.84 39.63 -6.16
CA THR I 261 6.48 40.31 -5.04
C THR I 261 7.56 41.22 -5.59
N GLU I 262 7.77 42.35 -4.90
CA GLU I 262 8.79 43.31 -5.33
C GLU I 262 10.18 42.72 -5.17
N GLY I 263 10.42 42.01 -4.06
CA GLY I 263 11.74 41.40 -3.86
C GLY I 263 12.11 40.43 -4.96
N ALA I 264 11.14 39.66 -5.45
CA ALA I 264 11.43 38.68 -6.49
C ALA I 264 11.70 39.37 -7.83
N LEU I 265 10.91 40.40 -8.16
CA LEU I 265 11.20 41.20 -9.35
C LEU I 265 12.61 41.79 -9.28
N ARG I 266 12.96 42.37 -8.12
CA ARG I 266 14.29 42.92 -7.93
C ARG I 266 15.34 41.86 -8.17
N LEU I 267 15.17 40.69 -7.56
CA LEU I 267 16.17 39.62 -7.68
C LEU I 267 16.34 39.21 -9.12
N LEU I 268 15.22 38.97 -9.82
CA LEU I 268 15.28 38.61 -11.24
C LEU I 268 16.09 39.64 -12.02
N ILE I 269 15.70 40.91 -11.91
CA ILE I 269 16.31 41.93 -12.77
C ILE I 269 17.79 42.09 -12.44
N GLU I 270 18.15 42.02 -11.16
CA GLU I 270 19.55 42.15 -10.78
C GLU I 270 20.37 40.92 -11.16
N THR I 271 19.73 39.77 -11.35
CA THR I 271 20.46 38.56 -11.70
C THR I 271 20.66 38.42 -13.21
N VAL I 272 19.61 38.59 -14.00
CA VAL I 272 19.74 38.40 -15.46
C VAL I 272 19.95 39.72 -16.20
N GLY I 273 19.72 40.86 -15.56
CA GLY I 273 19.95 42.15 -16.19
C GLY I 273 18.76 42.63 -16.98
N PRO I 274 18.61 43.96 -17.09
CA PRO I 274 17.45 44.50 -17.82
C PRO I 274 17.38 44.05 -19.27
N GLU I 275 18.52 43.71 -19.88
CA GLU I 275 18.53 43.36 -21.29
C GLU I 275 17.83 42.04 -21.58
N ARG I 276 17.61 41.20 -20.56
CA ARG I 276 17.03 39.88 -20.74
C ARG I 276 15.72 39.70 -20.00
N CYS I 277 15.05 40.80 -19.64
CA CYS I 277 13.79 40.77 -18.93
C CYS I 277 12.69 41.42 -19.76
N LEU I 278 11.61 40.69 -19.97
CA LEU I 278 10.43 41.19 -20.66
C LEU I 278 9.28 41.33 -19.67
N PHE I 279 8.57 42.45 -19.73
CA PHE I 279 7.48 42.68 -18.79
C PHE I 279 6.36 41.68 -19.04
N GLY I 280 5.88 41.06 -17.98
CA GLY I 280 4.74 40.17 -18.06
C GLY I 280 4.02 40.13 -16.73
N SER I 281 2.73 39.80 -16.79
CA SER I 281 1.90 39.82 -15.58
C SER I 281 0.84 38.74 -15.50
N GLU I 282 0.50 38.07 -16.60
CA GLU I 282 -0.56 37.05 -16.60
C GLU I 282 -1.88 37.61 -16.08
N CYS I 283 -2.10 38.91 -16.26
CA CYS I 283 -3.36 39.54 -15.88
C CYS I 283 -4.35 39.45 -17.05
N PRO I 284 -5.58 38.97 -16.83
CA PRO I 284 -6.14 38.46 -15.58
C PRO I 284 -5.81 36.98 -15.36
N GLY I 285 -5.70 36.58 -14.10
CA GLY I 285 -5.42 35.19 -13.79
C GLY I 285 -5.06 34.96 -12.33
N VAL I 286 -3.94 34.29 -12.09
CA VAL I 286 -3.58 33.87 -10.74
C VAL I 286 -3.45 35.08 -9.81
N GLY I 287 -2.85 36.16 -10.30
CA GLY I 287 -2.60 37.33 -9.49
C GLY I 287 -3.70 38.36 -9.41
N SER I 288 -4.86 38.10 -10.02
CA SER I 288 -5.91 39.13 -10.07
C SER I 288 -6.73 39.16 -8.79
N THR I 289 -6.04 39.31 -7.66
CA THR I 289 -6.68 39.41 -6.36
C THR I 289 -6.29 40.72 -5.70
N ILE I 290 -7.09 41.14 -4.74
CA ILE I 290 -6.92 42.43 -4.07
C ILE I 290 -6.20 42.22 -2.74
N ASP I 291 -5.19 43.05 -2.49
CA ASP I 291 -4.59 43.14 -1.17
C ASP I 291 -5.53 43.94 -0.27
N PRO I 292 -6.10 43.34 0.78
CA PRO I 292 -7.05 44.10 1.61
C PRO I 292 -6.48 45.40 2.17
N ALA I 293 -5.16 45.48 2.35
CA ALA I 293 -4.56 46.69 2.92
C ALA I 293 -4.43 47.78 1.86
N THR I 294 -3.50 47.58 0.92
CA THR I 294 -3.26 48.60 -0.10
C THR I 294 -4.50 48.85 -0.96
N GLY I 295 -5.24 47.78 -1.29
CA GLY I 295 -6.32 47.87 -2.23
C GLY I 295 -5.93 47.65 -3.68
N LYS I 296 -4.65 47.36 -3.96
CA LYS I 296 -4.22 47.17 -5.34
C LYS I 296 -4.16 45.68 -5.68
N GLN I 297 -4.28 45.42 -6.98
CA GLN I 297 -4.25 44.05 -7.49
C GLN I 297 -2.81 43.55 -7.58
N MET I 298 -2.61 42.28 -7.21
CA MET I 298 -1.25 41.75 -7.10
C MET I 298 -0.54 41.74 -8.45
N ASP I 299 -1.26 41.47 -9.53
CA ASP I 299 -0.63 41.38 -10.85
C ASP I 299 -0.46 42.75 -11.51
N HIS I 300 -0.74 43.84 -10.80
CA HIS I 300 -0.41 45.19 -11.26
C HIS I 300 0.99 45.51 -10.74
N ILE I 301 1.99 44.99 -11.43
CA ILE I 301 3.36 45.00 -10.94
C ILE I 301 4.24 46.01 -11.67
N ALA I 302 3.76 46.62 -12.75
CA ALA I 302 4.57 47.60 -13.47
C ALA I 302 5.11 48.70 -12.57
N PRO I 303 4.34 49.27 -11.64
CA PRO I 303 4.90 50.35 -10.80
C PRO I 303 6.14 49.93 -10.02
N PHE I 304 6.21 48.68 -9.56
CA PHE I 304 7.42 48.20 -8.92
C PHE I 304 8.64 48.46 -9.80
N ILE I 305 8.55 48.05 -11.06
CA ILE I 305 9.68 48.20 -11.96
C ILE I 305 9.91 49.67 -12.28
N GLN I 306 8.82 50.43 -12.46
CA GLN I 306 8.95 51.86 -12.74
C GLN I 306 9.62 52.61 -11.59
N LYS I 307 9.59 52.06 -10.37
CA LYS I 307 10.13 52.74 -9.21
C LYS I 307 11.47 52.18 -8.73
N PHE I 308 12.00 51.15 -9.38
CA PHE I 308 13.34 50.67 -9.04
C PHE I 308 14.35 51.75 -9.41
N ASP I 309 15.14 52.20 -8.43
CA ASP I 309 16.09 53.29 -8.65
C ASP I 309 17.40 52.81 -9.26
N PHE I 310 17.69 51.51 -9.22
CA PHE I 310 18.91 50.97 -9.81
C PHE I 310 18.78 50.77 -11.32
N LEU I 311 17.68 51.22 -11.92
CA LEU I 311 17.47 51.10 -13.35
C LEU I 311 17.39 52.48 -13.98
N SER I 312 18.01 52.62 -15.15
CA SER I 312 17.86 53.84 -15.92
C SER I 312 16.53 53.81 -16.66
N ASP I 313 16.16 54.97 -17.21
CA ASP I 313 14.99 55.02 -18.08
C ASP I 313 15.20 54.14 -19.30
N ALA I 314 16.45 53.99 -19.75
CA ALA I 314 16.75 53.09 -20.86
C ALA I 314 16.46 51.64 -20.46
N ASP I 315 16.91 51.22 -19.28
CA ASP I 315 16.64 49.85 -18.84
C ASP I 315 15.15 49.60 -18.68
N LYS I 316 14.43 50.58 -18.14
CA LYS I 316 12.99 50.44 -17.98
C LYS I 316 12.30 50.32 -19.34
N LYS I 317 12.75 51.09 -20.33
CA LYS I 317 12.21 50.97 -21.67
C LYS I 317 12.51 49.59 -22.25
N LEU I 318 13.71 49.08 -22.02
CA LEU I 318 14.04 47.72 -22.46
C LEU I 318 13.05 46.72 -21.86
N ILE I 319 12.75 46.85 -20.56
CA ILE I 319 11.90 45.88 -19.90
C ILE I 319 10.45 46.00 -20.39
N PHE I 320 9.96 47.24 -20.56
CA PHE I 320 8.55 47.45 -20.84
C PHE I 320 8.17 47.36 -22.31
N GLU I 321 9.11 47.55 -23.25
CA GLU I 321 8.72 47.42 -24.65
C GLU I 321 9.80 46.88 -25.58
N ASP I 322 11.02 47.43 -25.52
CA ASP I 322 11.98 47.15 -26.59
C ASP I 322 12.34 45.67 -26.66
N ASN I 323 12.53 45.03 -25.51
CA ASN I 323 12.91 43.61 -25.50
C ASN I 323 11.82 42.76 -26.16
N ALA I 324 10.55 42.99 -25.79
CA ALA I 324 9.47 42.25 -26.43
C ALA I 324 9.41 42.56 -27.92
N ARG I 325 9.65 43.82 -28.29
CA ARG I 325 9.58 44.20 -29.69
C ARG I 325 10.62 43.44 -30.51
N LYS I 326 11.82 43.26 -29.97
CA LYS I 326 12.85 42.53 -30.68
C LYS I 326 12.57 41.03 -30.67
N VAL I 327 12.18 40.49 -29.52
CA VAL I 327 12.07 39.05 -29.35
C VAL I 327 10.84 38.51 -30.08
N PHE I 328 9.70 39.18 -29.94
CA PHE I 328 8.47 38.76 -30.60
C PHE I 328 8.25 39.47 -31.95
N ASN I 329 9.30 40.04 -32.52
CA ASN I 329 9.24 40.69 -33.84
C ASN I 329 7.95 41.50 -33.98
N LEU I 330 7.76 42.42 -33.04
CA LEU I 330 6.55 43.21 -33.00
C LEU I 330 6.62 44.36 -34.01
N GLU I 331 5.44 44.86 -34.39
CA GLU I 331 5.32 45.92 -35.38
C GLU I 331 5.36 47.28 -34.68
N VAL I 332 6.03 48.24 -35.33
CA VAL I 332 6.06 49.62 -34.85
C VAL I 332 6.16 50.57 -36.03
ZN ZN J . 20.83 -10.43 49.67
C10 HVS K . 20.16 -7.64 56.21
C12 HVS K . 20.17 -7.01 57.63
C13 HVS K . 20.10 -7.76 58.82
C01 HVS K . 19.05 -6.63 52.72
C02 HVS K . 19.41 -7.55 53.82
C03 HVS K . 19.67 -8.85 53.51
C04 HVS K . 19.65 -9.50 52.17
C06 HVS K . 19.63 -11.01 52.02
C09 HVS K . 19.47 -7.02 55.19
C14 HVS K . 20.11 -7.16 60.07
C15 HVS K . 20.19 -5.78 60.23
C16 HVS K . 20.27 -5.03 59.07
C17 HVS K . 20.25 -5.62 57.79
O05 HVS K . 19.68 -8.84 51.14
O07 HVS K . 18.96 -11.69 52.86
O08 HVS K . 20.29 -11.54 51.08
O11 HVS K . 20.80 -8.70 56.16
H131 HVS K . 20.05 -8.68 58.76
H012 HVS K . 18.43 -7.01 52.13
H011 HVS K . 19.81 -6.39 52.21
H013 HVS K . 18.67 -5.83 53.04
H031 HVS K . 19.89 -9.44 54.19
H091 HVS K . 19.01 -6.23 55.35
H141 HVS K . 20.06 -7.67 60.84
H151 HVS K . 20.20 -5.39 61.07
H161 HVS K . 20.31 -4.10 59.15
H171 HVS K . 20.31 -5.06 57.05
ZN ZN L . 6.99 -35.86 -12.83
C10 HVS M . 6.02 -36.34 -19.83
C12 HVS M . 5.76 -36.55 -21.34
C13 HVS M . 6.76 -36.93 -22.24
C01 HVS M . 4.74 -34.06 -17.09
C02 HVS M . 5.75 -34.91 -17.78
C03 HVS M . 6.81 -35.38 -17.08
C04 HVS M . 7.15 -35.17 -15.64
C06 HVS M . 8.57 -35.49 -15.11
C09 HVS M . 5.54 -35.20 -19.21
C14 HVS M . 6.50 -37.12 -23.58
C15 HVS M . 5.23 -36.92 -24.13
C16 HVS M . 4.23 -36.54 -23.25
C17 HVS M . 4.48 -36.35 -21.89
O05 HVS M . 6.33 -34.75 -14.83
O07 HVS M . 8.73 -35.78 -13.89
O08 HVS M . 9.52 -35.47 -15.96
O11 HVS M . 6.67 -37.26 -19.33
H131 HVS M . 7.62 -37.08 -21.92
H012 HVS M . 5.11 -33.23 -16.87
H011 HVS M . 4.45 -34.45 -16.29
H013 HVS M . 3.99 -33.90 -17.62
H031 HVS M . 7.44 -35.91 -17.52
H091 HVS M . 5.05 -34.57 -19.69
H141 HVS M . 7.18 -37.37 -24.18
H151 HVS M . 5.06 -37.04 -25.04
H161 HVS M . 3.38 -36.41 -23.59
H171 HVS M . 3.77 -36.10 -21.34
ZN ZN N . 32.01 -16.91 -9.48
C10 HVS O . 31.33 -14.17 -3.05
C12 HVS O . 31.31 -13.58 -1.62
C13 HVS O . 31.34 -14.37 -0.47
C01 HVS O . 30.44 -13.06 -6.55
C02 HVS O . 30.61 -14.04 -5.44
C03 HVS O . 30.72 -15.35 -5.74
C04 HVS O . 30.71 -15.98 -7.08
C06 HVS O . 30.84 -17.51 -7.26
C09 HVS O . 30.65 -13.53 -4.06
C14 HVS O . 31.34 -13.82 0.80
C15 HVS O . 31.30 -12.45 1.01
C16 HVS O . 31.28 -11.64 -0.13
C17 HVS O . 31.28 -12.19 -1.41
O05 HVS O . 30.59 -15.32 -8.10
O07 HVS O . 30.39 -18.25 -6.32
O08 HVS O . 31.39 -17.98 -8.29
O11 HVS O . 31.98 -15.21 -3.11
H131 HVS O . 31.36 -15.29 -0.56
H012 HVS O . 29.72 -13.29 -7.11
H011 HVS O . 31.20 -13.00 -7.09
H013 HVS O . 30.26 -12.20 -6.23
H031 HVS O . 30.83 -15.96 -5.06
H091 HVS O . 30.18 -12.74 -3.90
H141 HVS O . 31.35 -14.35 1.56
H151 HVS O . 31.29 -12.07 1.86
H161 HVS O . 31.25 -10.72 -0.01
H171 HVS O . 31.27 -11.61 -2.14
ZN ZN P . 21.65 18.55 1.72
C10 HVS Q . 26.97 16.61 -2.45
C12 HVS Q . 28.21 16.14 -3.23
C13 HVS Q . 28.96 16.97 -4.08
C01 HVS Q . 23.81 14.99 -1.14
C02 HVS Q . 24.65 16.10 -1.66
C03 HVS Q . 24.24 17.38 -1.44
C04 HVS Q . 23.01 17.82 -0.73
C06 HVS Q . 22.52 19.28 -0.79
C09 HVS Q . 25.87 15.77 -2.37
C14 HVS Q . 30.06 16.51 -4.76
C15 HVS Q . 30.50 15.20 -4.67
C16 HVS Q . 29.77 14.35 -3.83
C17 HVS Q . 28.65 14.81 -3.13
O05 HVS Q . 22.34 17.04 -0.07
O07 HVS Q . 21.71 19.69 0.10
O08 HVS Q . 22.95 20.03 -1.72
O11 HVS Q . 27.11 17.73 -1.96
H131 HVS Q . 28.71 17.86 -4.17
H012 HVS Q . 22.90 15.11 -1.36
H011 HVS Q . 23.86 14.91 -0.21
H013 HVS Q . 24.07 14.16 -1.50
H031 HVS Q . 24.75 18.09 -1.75
H091 HVS Q . 25.90 14.94 -2.79
H141 HVS Q . 30.55 17.07 -5.32
H151 HVS Q . 31.25 14.88 -5.13
H161 HVS Q . 30.04 13.47 -3.76
H171 HVS Q . 28.19 14.21 -2.59
ZN ZN R . -19.62 -19.85 -36.09
C10 HVS S . -20.40 -24.39 -30.51
C12 HVS S . -20.58 -25.47 -29.43
C13 HVS S . -21.80 -25.74 -28.81
C01 HVS S . -17.54 -22.31 -31.95
C02 HVS S . -18.96 -22.64 -31.62
C03 HVS S . -19.95 -21.94 -32.23
C04 HVS S . -19.85 -20.84 -33.24
C06 HVS S . -21.08 -20.02 -33.65
C09 HVS S . -19.20 -23.70 -30.62
C14 HVS S . -21.93 -26.70 -27.84
C15 HVS S . -20.85 -27.48 -27.40
C16 HVS S . -19.61 -27.22 -28.01
C17 HVS S . -19.48 -26.25 -29.00
O05 HVS S . -18.79 -20.56 -33.77
O07 HVS S . -21.99 -19.87 -32.77
O08 HVS S . -21.17 -19.53 -34.81
O11 HVS S . -21.43 -24.26 -31.20
H131 HVS S . -22.55 -25.25 -29.05
H012 HVS S . -17.42 -21.39 -32.04
H011 HVS S . -17.28 -22.72 -32.75
H013 HVS S . -16.95 -22.61 -31.28
H031 HVS S . -20.84 -22.13 -32.01
H091 HVS S . -18.51 -23.89 -30.04
H141 HVS S . -22.75 -26.89 -27.43
H151 HVS S . -20.94 -28.13 -26.75
H161 HVS S . -18.88 -27.72 -27.74
H171 HVS S . -18.64 -26.10 -29.37
ZN ZN T . -30.71 -13.75 23.69
C10 HVS U . -31.61 -17.96 29.28
C12 HVS U . -31.82 -18.98 30.44
C13 HVS U . -33.00 -19.09 31.18
C01 HVS U . -28.83 -15.90 27.87
C02 HVS U . -30.25 -16.13 28.27
C03 HVS U . -31.24 -15.46 27.62
C04 HVS U . -31.10 -14.46 26.52
C06 HVS U . -32.33 -13.71 25.97
C09 HVS U . -30.53 -17.11 29.32
C14 HVS U . -33.14 -20.02 32.20
C15 HVS U . -32.12 -20.90 32.56
C16 HVS U . -30.93 -20.79 31.83
C17 HVS U . -30.78 -19.86 30.80
O05 HVS U . -30.02 -14.19 26.01
O07 HVS U . -33.33 -13.56 26.74
O08 HVS U . -32.32 -13.28 24.77
O11 HVS U . -32.49 -18.03 28.42
H131 HVS U . -33.72 -18.53 30.98
H012 HVS U . -28.54 -15.05 28.13
H011 HVS U . -28.71 -15.98 26.95
H013 HVS U . -28.26 -16.53 28.28
H031 HVS U . -32.12 -15.60 27.86
H091 HVS U . -29.93 -17.14 30.03
H141 HVS U . -33.93 -20.09 32.68
H151 HVS U . -32.21 -21.51 33.24
H161 HVS U . -30.23 -21.36 32.05
H171 HVS U . -29.98 -19.83 30.34
ZN ZN V . -9.53 38.01 39.82
C10 HVS W . -15.77 37.80 43.31
C12 HVS W . -17.20 37.84 43.89
C13 HVS W . -17.49 38.25 45.21
C01 HVS W . -13.82 35.35 41.09
C02 HVS W . -14.03 36.51 42.01
C03 HVS W . -13.00 37.35 42.25
C04 HVS W . -11.62 37.28 41.68
C06 HVS W . -10.44 37.96 42.37
C09 HVS W . -15.37 36.66 42.63
C14 HVS W . -18.79 38.27 45.69
C15 HVS W . -19.86 37.88 44.92
C16 HVS W . -19.59 37.47 43.62
C17 HVS W . -18.30 37.44 43.11
O05 HVS W . -11.39 36.68 40.63
O07 HVS W . -10.51 38.13 43.63
O08 HVS W . -9.46 38.35 41.68
O11 HVS W . -15.13 38.83 43.52
H131 HVS W . -16.79 38.52 45.76
H012 HVS W . -13.08 34.83 41.36
H011 HVS W . -13.66 35.65 40.22
H013 HVS W . -14.57 34.79 41.07
H031 HVS W . -13.12 38.07 42.81
H091 HVS W . -15.94 35.94 42.54
H141 HVS W . -18.96 38.55 46.56
H151 HVS W . -20.74 37.90 45.25
H161 HVS W . -20.31 37.21 43.09
H171 HVS W . -18.17 37.16 42.24
ZN ZN X . -29.09 7.98 -24.77
C10 HVS Y . -26.03 12.63 -28.97
C12 HVS Y . -25.41 13.72 -29.86
C13 HVS Y . -25.24 13.59 -31.25
C01 HVS Y . -25.24 10.81 -25.81
C02 HVS Y . -25.78 10.89 -27.19
C03 HVS Y . -26.78 10.05 -27.56
C04 HVS Y . -27.43 9.00 -26.74
C06 HVS Y . -28.27 7.89 -27.36
C09 HVS Y . -25.23 11.91 -28.09
C14 HVS Y . -24.69 14.59 -32.01
C15 HVS Y . -24.25 15.79 -31.46
C16 HVS Y . -24.41 15.93 -30.08
C17 HVS Y . -24.97 14.93 -29.30
O05 HVS Y . -27.33 9.00 -25.53
O07 HVS Y . -29.10 7.25 -26.65
O08 HVS Y . -28.12 7.66 -28.61
O11 HVS Y . -27.25 12.52 -29.13
H131 HVS Y . -25.53 12.81 -31.66
H012 HVS Y . -25.02 9.92 -25.58
H011 HVS Y . -25.86 11.12 -25.18
H013 HVS Y . -24.46 11.33 -25.71
H031 HVS Y . -27.12 10.10 -28.43
H091 HVS Y . -24.32 12.07 -28.05
H141 HVS Y . -24.59 14.50 -32.93
H151 HVS Y . -23.88 16.46 -31.98
H161 HVS Y . -24.12 16.73 -29.70
H171 HVS Y . -25.05 15.07 -28.39
ZN ZN Z . 0.87 31.68 -18.05
C10 HVS AA . -5.47 31.15 -14.70
C12 HVS AA . -6.71 31.18 -13.80
C13 HVS AA . -6.69 31.78 -12.53
C01 HVS AA . -3.74 29.13 -17.20
C02 HVS AA . -3.73 29.88 -15.92
C03 HVS AA . -2.59 30.49 -15.49
C04 HVS AA . -1.25 30.57 -16.13
C06 HVS AA . -0.09 31.28 -15.42
C09 HVS AA . -4.94 29.94 -15.10
C14 HVS AA . -7.79 31.80 -11.70
C15 HVS AA . -9.00 31.24 -12.07
C16 HVS AA . -9.06 30.64 -13.34
C17 HVS AA . -7.93 30.61 -14.18
O05 HVS AA . -1.03 30.08 -17.22
O07 HVS AA . -0.15 31.38 -14.15
O08 HVS AA . 0.87 31.75 -16.11
O11 HVS AA . -5.03 32.28 -14.94
H131 HVS AA . -5.90 32.15 -12.23
H012 HVS AA . -3.10 28.43 -17.20
H011 HVS AA . -3.54 29.69 -17.93
H013 HVS AA . -4.57 28.74 -17.37
H031 HVS AA . -2.61 30.95 -14.68
H091 HVS AA . -5.34 29.14 -14.87
H141 HVS AA . -7.75 32.20 -10.86
H151 HVS AA . -9.74 31.26 -11.52
H161 HVS AA . -9.86 30.26 -13.60
H171 HVS AA . -8.02 30.20 -15.01
#